data_4QFE
#
_entry.id   4QFE
#
_cell.length_a   78.290
_cell.length_b   86.580
_cell.length_c   106.160
_cell.angle_alpha   84.96
_cell.angle_beta   73.62
_cell.angle_gamma   83.18
#
_symmetry.space_group_name_H-M   'P 1'
#
loop_
_entity.id
_entity.type
_entity.pdbx_description
1 polymer 'Enoyl-CoA hydratase'
2 non-polymer 1,2-ETHANEDIOL
3 non-polymer 'SODIUM ION'
4 non-polymer ETHANOL
5 non-polymer 'PHOSPHATE ION'
6 water water
#
_entity_poly.entity_id   1
_entity_poly.type   'polypeptide(L)'
_entity_poly.pdbx_seq_one_letter_code
;GPGSMVSEPVRIERNGPVTTVIIDRPEARNAVNGPTAAALFAAFEEFDADDTASVAVLTGANGTFCAGADLKAFGTPEAN
QVHREGPGPMGPSRMDLSKPVIAAISGYAVAGGLELALWCDLRVVDEDATMGVFCRRWGVPLIDGGTVRLPRLIGHSRAM
DLILTGRAVDAAEAYAIGLANRVVPTGQARQAAEELAADLARLPQQCMRADRLSALHQWGESENAAMDFEFASISRVKDE
AMHGAGRFAAGAGRHGANA
;
_entity_poly.pdbx_strand_id   A,B,C,D,E,F,G,H,I,J,K,L
#
loop_
_chem_comp.id
_chem_comp.type
_chem_comp.name
_chem_comp.formula
EDO non-polymer 1,2-ETHANEDIOL 'C2 H6 O2'
EOH non-polymer ETHANOL 'C2 H6 O'
NA non-polymer 'SODIUM ION' 'Na 1'
PO4 non-polymer 'PHOSPHATE ION' 'O4 P -3'
#
# COMPACT_ATOMS: atom_id res chain seq x y z
N SER A 4 -14.62 23.10 17.40
CA SER A 4 -14.30 21.73 16.87
C SER A 4 -14.09 20.69 17.97
N MET A 5 -14.32 19.44 17.62
CA MET A 5 -14.15 18.33 18.56
C MET A 5 -12.69 17.88 18.57
N VAL A 6 -12.31 17.23 19.67
CA VAL A 6 -10.95 16.74 19.81
C VAL A 6 -10.72 15.58 18.85
N SER A 7 -9.48 15.41 18.45
CA SER A 7 -9.09 14.38 17.50
C SER A 7 -9.20 12.97 18.10
N GLU A 8 -9.96 12.11 17.43
CA GLU A 8 -10.01 10.66 17.71
C GLU A 8 -9.06 9.93 16.74
N PRO A 9 -8.00 9.30 17.26
CA PRO A 9 -7.11 8.60 16.34
C PRO A 9 -7.68 7.28 15.79
N VAL A 10 -8.73 6.77 16.44
CA VAL A 10 -9.44 5.57 16.01
C VAL A 10 -10.92 5.91 16.01
N ARG A 11 -11.57 5.72 14.87
CA ARG A 11 -13.02 5.91 14.76
C ARG A 11 -13.67 4.52 14.48
N ILE A 12 -14.83 4.31 15.07
CA ILE A 12 -15.59 3.06 14.93
C ILE A 12 -16.89 3.42 14.24
N GLU A 13 -17.20 2.73 13.15
CA GLU A 13 -18.49 2.91 12.48
C GLU A 13 -19.15 1.54 12.38
N ARG A 14 -20.45 1.46 12.65
CA ARG A 14 -21.16 0.21 12.52
C ARG A 14 -22.27 0.30 11.51
N ASN A 15 -22.47 -0.79 10.79
CA ASN A 15 -23.55 -0.90 9.84
CA ASN A 15 -23.53 -0.93 9.84
C ASN A 15 -24.10 -2.33 9.98
N GLY A 16 -25.18 -2.43 10.73
CA GLY A 16 -25.69 -3.71 11.18
C GLY A 16 -24.58 -4.53 11.88
N PRO A 17 -24.40 -5.78 11.46
CA PRO A 17 -23.47 -6.67 12.11
C PRO A 17 -21.99 -6.50 11.67
N VAL A 18 -21.68 -5.47 10.86
CA VAL A 18 -20.30 -5.17 10.46
C VAL A 18 -19.78 -3.92 11.15
N THR A 19 -18.67 -4.07 11.87
CA THR A 19 -18.03 -2.95 12.56
C THR A 19 -16.77 -2.56 11.81
N THR A 20 -16.63 -1.28 11.48
CA THR A 20 -15.42 -0.82 10.82
C THR A 20 -14.59 0.00 11.81
N VAL A 21 -13.34 -0.42 11.99
CA VAL A 21 -12.41 0.23 12.90
C VAL A 21 -11.38 0.98 12.04
N ILE A 22 -11.29 2.29 12.23
CA ILE A 22 -10.58 3.17 11.33
C ILE A 22 -9.47 3.91 12.00
N ILE A 23 -8.23 3.68 11.56
CA ILE A 23 -7.07 4.43 12.08
C ILE A 23 -7.12 5.76 11.32
N ASP A 24 -7.06 6.88 12.04
CA ASP A 24 -7.24 8.17 11.39
C ASP A 24 -6.31 9.24 11.96
N ARG A 25 -5.08 9.24 11.48
CA ARG A 25 -4.06 10.19 11.95
C ARG A 25 -3.38 10.71 10.70
N PRO A 26 -4.01 11.68 10.04
CA PRO A 26 -3.55 12.27 8.78
C PRO A 26 -2.09 12.74 8.77
N GLU A 27 -1.70 13.60 9.70
CA GLU A 27 -0.33 14.09 9.81
C GLU A 27 0.71 12.94 10.04
N ALA A 28 0.34 11.93 10.82
CA ALA A 28 1.27 10.81 11.16
C ALA A 28 1.10 9.64 10.20
N ARG A 29 0.34 9.83 9.12
CA ARG A 29 0.13 8.75 8.12
C ARG A 29 -0.33 7.47 8.78
N ASN A 30 -1.24 7.63 9.74
CA ASN A 30 -1.84 6.51 10.45
C ASN A 30 -0.86 5.65 11.28
N ALA A 31 0.29 6.20 11.61
CA ALA A 31 1.20 5.55 12.51
C ALA A 31 0.53 5.36 13.87
N VAL A 32 0.88 4.28 14.54
CA VAL A 32 0.20 3.89 15.75
C VAL A 32 1.09 4.19 16.92
N ASN A 33 0.66 5.15 17.73
CA ASN A 33 1.35 5.45 18.98
C ASN A 33 0.63 4.76 20.13
N GLY A 34 1.04 5.05 21.38
CA GLY A 34 0.45 4.43 22.55
C GLY A 34 -1.08 4.57 22.66
N PRO A 35 -1.59 5.81 22.67
CA PRO A 35 -3.05 6.07 22.74
C PRO A 35 -3.80 5.43 21.57
N THR A 36 -3.19 5.42 20.40
CA THR A 36 -3.81 4.76 19.25
C THR A 36 -3.92 3.27 19.45
N ALA A 37 -2.83 2.65 19.89
CA ALA A 37 -2.81 1.20 20.14
C ALA A 37 -3.86 0.85 21.20
N ALA A 38 -3.97 1.67 22.24
CA ALA A 38 -4.92 1.43 23.31
C ALA A 38 -6.34 1.50 22.75
N ALA A 39 -6.59 2.45 21.87
CA ALA A 39 -7.91 2.63 21.27
C ALA A 39 -8.25 1.48 20.35
N LEU A 40 -7.27 0.95 19.61
CA LEU A 40 -7.49 -0.21 18.77
C LEU A 40 -7.82 -1.43 19.60
N PHE A 41 -7.05 -1.65 20.66
CA PHE A 41 -7.31 -2.76 21.54
C PHE A 41 -8.74 -2.69 22.13
N ALA A 42 -9.13 -1.52 22.62
CA ALA A 42 -10.48 -1.32 23.17
C ALA A 42 -11.57 -1.55 22.11
N ALA A 43 -11.36 -1.03 20.89
CA ALA A 43 -12.33 -1.22 19.78
C ALA A 43 -12.56 -2.70 19.50
N PHE A 44 -11.48 -3.48 19.45
CA PHE A 44 -11.61 -4.92 19.23
C PHE A 44 -12.11 -5.73 20.44
N GLU A 45 -11.78 -5.30 21.65
CA GLU A 45 -12.40 -5.87 22.83
C GLU A 45 -13.93 -5.71 22.83
N GLU A 46 -14.37 -4.52 22.46
CA GLU A 46 -15.79 -4.19 22.37
C GLU A 46 -16.47 -5.02 21.26
N PHE A 47 -15.80 -5.10 20.11
CA PHE A 47 -16.28 -5.95 19.01
C PHE A 47 -16.44 -7.41 19.42
N ASP A 48 -15.42 -7.98 20.05
CA ASP A 48 -15.43 -9.36 20.40
C ASP A 48 -16.59 -9.70 21.35
N ALA A 49 -16.85 -8.80 22.27
CA ALA A 49 -17.87 -8.98 23.32
C ALA A 49 -19.28 -8.66 22.85
N ASP A 50 -19.42 -7.93 21.73
CA ASP A 50 -20.74 -7.51 21.27
C ASP A 50 -21.36 -8.60 20.36
N ASP A 51 -22.38 -9.30 20.88
CA ASP A 51 -23.01 -10.39 20.16
C ASP A 51 -23.82 -9.92 18.92
N THR A 52 -24.06 -8.62 18.79
CA THR A 52 -24.73 -8.08 17.60
C THR A 52 -23.74 -7.70 16.51
N ALA A 53 -22.44 -7.86 16.79
CA ALA A 53 -21.43 -7.60 15.76
C ALA A 53 -20.87 -8.92 15.30
N SER A 54 -20.85 -9.14 13.98
CA SER A 54 -20.43 -10.42 13.44
C SER A 54 -19.02 -10.40 12.85
N VAL A 55 -18.72 -9.33 12.11
CA VAL A 55 -17.46 -9.23 11.33
C VAL A 55 -16.94 -7.82 11.45
N ALA A 56 -15.63 -7.67 11.61
CA ALA A 56 -14.99 -6.34 11.67
C ALA A 56 -14.11 -6.10 10.43
N VAL A 57 -13.95 -4.83 10.11
CA VAL A 57 -13.07 -4.38 9.08
C VAL A 57 -12.09 -3.42 9.72
N LEU A 58 -10.79 -3.66 9.51
CA LEU A 58 -9.75 -2.74 9.96
C LEU A 58 -9.20 -1.98 8.76
N THR A 59 -9.19 -0.65 8.85
CA THR A 59 -8.75 0.14 7.76
C THR A 59 -8.06 1.41 8.27
N GLY A 60 -7.36 2.09 7.37
CA GLY A 60 -6.87 3.42 7.63
C GLY A 60 -7.53 4.49 6.76
N ALA A 61 -7.76 5.67 7.32
CA ALA A 61 -8.28 6.79 6.55
C ALA A 61 -7.13 7.43 5.72
N ASN A 62 -7.48 8.44 4.92
CA ASN A 62 -6.48 9.36 4.36
C ASN A 62 -5.66 8.73 3.26
N GLY A 63 -6.19 7.65 2.68
CA GLY A 63 -5.53 6.97 1.61
C GLY A 63 -4.35 6.07 1.97
N THR A 64 -4.19 5.73 3.24
CA THR A 64 -3.13 4.83 3.64
C THR A 64 -3.61 3.96 4.81
N PHE A 65 -2.90 2.85 5.05
CA PHE A 65 -3.38 1.89 6.04
C PHE A 65 -2.71 2.19 7.35
N CYS A 66 -1.40 1.95 7.41
CA CYS A 66 -0.65 2.16 8.65
C CYS A 66 0.83 2.08 8.34
N ALA A 67 1.51 3.17 8.66
CA ALA A 67 2.98 3.29 8.51
C ALA A 67 3.81 2.59 9.62
N GLY A 68 3.16 1.99 10.62
CA GLY A 68 3.86 1.21 11.65
C GLY A 68 3.78 1.97 12.95
N ALA A 69 4.63 1.57 13.88
CA ALA A 69 4.68 2.22 15.18
C ALA A 69 5.16 3.66 15.02
N ASP A 70 4.66 4.54 15.87
CA ASP A 70 4.94 5.97 15.77
C ASP A 70 6.33 6.28 16.37
N LEU A 71 7.36 6.27 15.50
CA LEU A 71 8.75 6.53 15.94
C LEU A 71 8.95 7.85 16.65
N LYS A 72 8.37 8.90 16.07
CA LYS A 72 8.39 10.23 16.64
C LYS A 72 7.91 10.31 18.09
N ALA A 73 7.08 9.36 18.52
CA ALA A 73 6.57 9.32 19.89
C ALA A 73 7.50 8.61 20.89
N PHE A 74 8.56 7.95 20.41
CA PHE A 74 9.50 7.26 21.31
C PHE A 74 10.06 8.24 22.34
N GLY A 75 10.07 7.84 23.60
CA GLY A 75 10.56 8.69 24.68
C GLY A 75 9.57 9.74 25.19
N THR A 76 8.35 9.73 24.70
CA THR A 76 7.31 10.67 25.13
C THR A 76 6.25 9.89 25.89
N PRO A 77 5.30 10.59 26.54
CA PRO A 77 4.17 9.89 27.18
C PRO A 77 3.29 9.12 26.20
N GLU A 78 3.34 9.49 24.92
CA GLU A 78 2.53 8.86 23.87
C GLU A 78 3.20 7.66 23.23
N ALA A 79 4.37 7.27 23.73
CA ALA A 79 5.14 6.18 23.10
C ALA A 79 4.35 4.88 23.11
N ASN A 80 4.64 4.00 22.16
CA ASN A 80 4.10 2.65 22.18
C ASN A 80 4.50 1.93 23.46
N GLN A 81 3.56 1.20 24.02
CA GLN A 81 3.80 0.44 25.24
C GLN A 81 4.29 -0.95 24.86
N VAL A 82 5.48 -1.28 25.35
CA VAL A 82 6.17 -2.54 24.99
C VAL A 82 6.35 -3.38 26.25
N HIS A 83 5.47 -4.36 26.43
CA HIS A 83 5.47 -5.21 27.63
C HIS A 83 5.20 -6.65 27.25
N ARG A 84 5.72 -7.57 28.05
CA ARG A 84 5.52 -9.00 27.81
C ARG A 84 4.06 -9.37 28.01
N GLU A 85 3.40 -8.73 28.97
CA GLU A 85 1.98 -8.99 29.25
C GLU A 85 1.08 -7.92 28.62
N GLY A 86 -0.20 -8.25 28.51
CA GLY A 86 -1.21 -7.30 28.04
C GLY A 86 -1.17 -7.11 26.53
N PRO A 87 -1.70 -6.00 26.04
CA PRO A 87 -1.73 -5.77 24.59
C PRO A 87 -0.34 -5.66 23.96
N GLY A 88 -0.24 -6.07 22.70
CA GLY A 88 0.96 -5.85 21.93
C GLY A 88 1.21 -4.39 21.61
N PRO A 89 2.43 -4.06 21.17
CA PRO A 89 2.82 -2.67 20.92
C PRO A 89 1.90 -1.96 19.95
N MET A 90 1.38 -2.68 18.96
CA MET A 90 0.47 -2.06 17.98
C MET A 90 -0.98 -2.05 18.43
N GLY A 91 -1.29 -2.74 19.53
CA GLY A 91 -2.62 -2.73 20.11
C GLY A 91 -3.31 -4.08 20.15
N PRO A 92 -3.98 -4.49 19.05
CA PRO A 92 -4.72 -5.74 19.01
C PRO A 92 -3.95 -6.99 18.54
N SER A 93 -2.65 -6.84 18.31
CA SER A 93 -1.85 -7.85 17.62
C SER A 93 -1.64 -9.19 18.36
N ARG A 94 -1.91 -9.22 19.66
CA ARG A 94 -1.89 -10.48 20.41
C ARG A 94 -3.27 -11.09 20.65
N MET A 95 -4.33 -10.41 20.24
CA MET A 95 -5.69 -10.86 20.50
C MET A 95 -6.07 -12.07 19.65
N ASP A 96 -6.78 -13.00 20.28
CA ASP A 96 -7.39 -14.13 19.58
C ASP A 96 -8.85 -13.92 19.62
N LEU A 97 -9.39 -13.28 18.59
CA LEU A 97 -10.80 -12.93 18.60
C LEU A 97 -11.66 -14.12 18.19
N SER A 98 -12.92 -14.09 18.65
CA SER A 98 -13.85 -15.19 18.43
C SER A 98 -14.54 -15.03 17.06
N LYS A 99 -14.31 -13.92 16.41
CA LYS A 99 -14.97 -13.54 15.16
C LYS A 99 -13.95 -12.89 14.22
N PRO A 100 -14.19 -12.97 12.89
CA PRO A 100 -13.19 -12.55 11.91
C PRO A 100 -13.08 -11.04 11.67
N VAL A 101 -11.92 -10.64 11.19
CA VAL A 101 -11.57 -9.26 10.87
C VAL A 101 -10.97 -9.23 9.46
N ILE A 102 -11.46 -8.32 8.62
CA ILE A 102 -10.92 -8.12 7.26
C ILE A 102 -10.09 -6.82 7.27
N ALA A 103 -8.83 -6.88 6.81
CA ALA A 103 -8.04 -5.69 6.56
C ALA A 103 -8.40 -5.06 5.21
N ALA A 104 -8.58 -3.76 5.19
CA ALA A 104 -8.87 -3.02 3.94
C ALA A 104 -7.72 -2.05 3.73
N ILE A 105 -6.81 -2.39 2.83
CA ILE A 105 -5.52 -1.72 2.71
C ILE A 105 -5.45 -0.79 1.50
N SER A 106 -5.30 0.51 1.79
CA SER A 106 -4.90 1.52 0.81
C SER A 106 -3.51 1.99 1.13
N GLY A 107 -2.80 2.53 0.12
CA GLY A 107 -1.46 3.10 0.33
C GLY A 107 -0.47 2.10 0.94
N TYR A 108 0.13 2.45 2.08
CA TYR A 108 1.13 1.63 2.71
C TYR A 108 0.65 0.86 3.94
N ALA A 109 1.04 -0.42 4.00
CA ALA A 109 0.88 -1.25 5.19
C ALA A 109 2.25 -1.82 5.42
N VAL A 110 2.99 -1.11 6.29
CA VAL A 110 4.40 -1.33 6.53
C VAL A 110 4.78 -1.57 7.96
N ALA A 111 5.78 -2.41 8.18
CA ALA A 111 6.33 -2.67 9.50
C ALA A 111 5.21 -3.11 10.43
N GLY A 112 5.01 -2.43 11.55
CA GLY A 112 3.89 -2.77 12.44
C GLY A 112 2.53 -2.70 11.80
N GLY A 113 2.39 -1.83 10.79
CA GLY A 113 1.19 -1.79 9.98
C GLY A 113 0.96 -3.06 9.18
N LEU A 114 2.02 -3.61 8.59
CA LEU A 114 1.87 -4.92 7.93
C LEU A 114 1.46 -6.00 8.94
N GLU A 115 2.06 -5.94 10.11
CA GLU A 115 1.73 -6.90 11.14
C GLU A 115 0.26 -6.86 11.53
N LEU A 116 -0.30 -5.67 11.64
CA LEU A 116 -1.76 -5.57 11.86
C LEU A 116 -2.55 -6.24 10.73
N ALA A 117 -2.10 -6.08 9.50
CA ALA A 117 -2.77 -6.72 8.35
C ALA A 117 -2.65 -8.28 8.36
N LEU A 118 -1.50 -8.78 8.80
CA LEU A 118 -1.29 -10.23 8.94
C LEU A 118 -2.15 -10.83 10.04
N TRP A 119 -2.44 -10.02 11.05
CA TRP A 119 -3.28 -10.45 12.17
C TRP A 119 -4.71 -10.66 11.78
N CYS A 120 -5.15 -9.88 10.78
CA CYS A 120 -6.49 -10.04 10.24
C CYS A 120 -6.63 -11.38 9.52
N ASP A 121 -7.89 -11.83 9.41
CA ASP A 121 -8.19 -13.06 8.69
C ASP A 121 -8.00 -12.97 7.17
N LEU A 122 -8.37 -11.86 6.58
CA LEU A 122 -8.31 -11.64 5.16
C LEU A 122 -7.81 -10.22 4.87
N ARG A 123 -7.18 -10.06 3.70
CA ARG A 123 -6.68 -8.78 3.28
C ARG A 123 -7.24 -8.41 1.92
N VAL A 124 -7.91 -7.28 1.87
CA VAL A 124 -8.44 -6.68 0.66
C VAL A 124 -7.62 -5.46 0.36
N VAL A 125 -6.99 -5.44 -0.80
CA VAL A 125 -5.92 -4.48 -1.06
C VAL A 125 -6.20 -3.66 -2.34
N ASP A 126 -5.95 -2.35 -2.28
CA ASP A 126 -6.03 -1.48 -3.46
C ASP A 126 -4.94 -1.86 -4.47
N GLU A 127 -5.21 -1.63 -5.75
CA GLU A 127 -4.27 -1.98 -6.83
C GLU A 127 -2.94 -1.24 -6.69
N ASP A 128 -2.93 -0.07 -6.07
CA ASP A 128 -1.72 0.70 -5.89
C ASP A 128 -1.09 0.62 -4.46
N ALA A 129 -1.59 -0.29 -3.62
CA ALA A 129 -1.09 -0.42 -2.27
C ALA A 129 0.25 -1.14 -2.23
N THR A 130 0.99 -0.89 -1.17
CA THR A 130 2.31 -1.44 -0.97
C THR A 130 2.37 -2.04 0.43
N MET A 131 2.90 -3.26 0.51
CA MET A 131 3.11 -3.92 1.79
C MET A 131 4.56 -4.27 1.96
N GLY A 132 5.03 -4.34 3.22
CA GLY A 132 6.40 -4.78 3.44
C GLY A 132 6.94 -4.53 4.81
N VAL A 133 8.06 -5.17 5.11
CA VAL A 133 8.69 -5.08 6.42
C VAL A 133 9.44 -3.71 6.53
N PHE A 134 10.27 -3.23 5.57
CA PHE A 134 10.91 -1.80 5.68
C PHE A 134 11.51 -1.66 7.10
N PRO A 141 12.54 -4.27 15.46
CA PRO A 141 12.18 -5.69 15.29
C PRO A 141 10.69 -5.93 15.16
N LEU A 142 10.34 -7.07 14.56
CA LEU A 142 8.96 -7.48 14.45
C LEU A 142 8.53 -8.10 15.76
N ILE A 143 7.71 -7.38 16.52
CA ILE A 143 7.23 -7.86 17.82
C ILE A 143 5.72 -7.77 17.95
N ASP A 144 5.02 -7.78 16.81
CA ASP A 144 3.58 -7.84 16.79
C ASP A 144 3.08 -9.01 15.90
N GLY A 145 3.87 -10.08 15.85
CA GLY A 145 3.48 -11.35 15.28
C GLY A 145 3.89 -11.62 13.85
N GLY A 146 4.58 -10.68 13.23
CA GLY A 146 4.99 -10.87 11.84
C GLY A 146 5.78 -12.13 11.57
N THR A 147 6.73 -12.46 12.46
CA THR A 147 7.63 -13.56 12.23
C THR A 147 6.89 -14.86 12.46
N VAL A 148 5.82 -14.79 13.26
CA VAL A 148 5.01 -15.95 13.53
C VAL A 148 4.01 -16.19 12.40
N ARG A 149 3.34 -15.12 11.96
CA ARG A 149 2.20 -15.26 11.06
C ARG A 149 2.58 -15.33 9.59
N LEU A 150 3.58 -14.59 9.17
CA LEU A 150 3.91 -14.58 7.75
C LEU A 150 4.24 -15.98 7.15
N PRO A 151 5.08 -16.77 7.83
CA PRO A 151 5.36 -18.07 7.25
C PRO A 151 4.14 -18.97 7.19
N ARG A 152 3.24 -18.81 8.17
CA ARG A 152 2.02 -19.61 8.24
C ARG A 152 1.08 -19.20 7.11
N LEU A 153 1.06 -17.91 6.83
CA LEU A 153 0.17 -17.35 5.81
C LEU A 153 0.55 -17.68 4.37
N ILE A 154 1.83 -17.53 4.01
CA ILE A 154 2.28 -17.69 2.63
C ILE A 154 3.42 -18.67 2.40
N GLY A 155 3.83 -19.39 3.45
CA GLY A 155 4.90 -20.35 3.35
C GLY A 155 6.26 -19.77 3.74
N HIS A 156 7.17 -20.63 4.20
CA HIS A 156 8.40 -20.18 4.75
C HIS A 156 9.28 -19.47 3.74
N SER A 157 9.31 -19.98 2.52
CA SER A 157 10.23 -19.45 1.51
C SER A 157 9.96 -17.96 1.23
N ARG A 158 8.72 -17.65 0.87
CA ARG A 158 8.37 -16.27 0.58
C ARG A 158 8.39 -15.39 1.83
N ALA A 159 7.99 -15.94 2.97
CA ALA A 159 8.07 -15.20 4.23
C ALA A 159 9.49 -14.76 4.50
N MET A 160 10.44 -15.68 4.36
CA MET A 160 11.87 -15.34 4.66
C MET A 160 12.44 -14.29 3.70
N ASP A 161 12.03 -14.34 2.41
CA ASP A 161 12.33 -13.28 1.45
C ASP A 161 11.91 -11.90 2.00
N LEU A 162 10.63 -11.78 2.32
CA LEU A 162 10.07 -10.51 2.78
C LEU A 162 10.68 -10.05 4.11
N ILE A 163 10.87 -10.98 5.03
CA ILE A 163 11.41 -10.66 6.34
C ILE A 163 12.89 -10.24 6.24
N LEU A 164 13.72 -11.00 5.52
CA LEU A 164 15.15 -10.67 5.41
C LEU A 164 15.39 -9.39 4.63
N THR A 165 14.80 -9.27 3.44
CA THR A 165 15.03 -8.12 2.60
C THR A 165 14.30 -6.84 3.05
N GLY A 166 13.14 -6.97 3.69
CA GLY A 166 12.32 -5.81 4.00
C GLY A 166 11.72 -5.18 2.77
N ARG A 167 11.71 -5.86 1.64
CA ARG A 167 11.34 -5.23 0.38
C ARG A 167 9.84 -4.94 0.30
N ALA A 168 9.52 -4.00 -0.56
CA ALA A 168 8.15 -3.65 -0.91
C ALA A 168 7.52 -4.74 -1.77
N VAL A 169 6.25 -5.04 -1.49
CA VAL A 169 5.46 -5.98 -2.29
C VAL A 169 4.25 -5.23 -2.83
N ASP A 170 4.17 -5.11 -4.14
CA ASP A 170 3.01 -4.44 -4.75
C ASP A 170 1.79 -5.36 -4.77
N ALA A 171 0.63 -4.83 -5.16
CA ALA A 171 -0.63 -5.58 -5.04
C ALA A 171 -0.64 -6.83 -5.90
N ALA A 172 -0.13 -6.73 -7.13
CA ALA A 172 -0.11 -7.88 -8.05
C ALA A 172 0.71 -9.03 -7.46
N GLU A 173 1.88 -8.72 -6.90
CA GLU A 173 2.71 -9.75 -6.27
C GLU A 173 2.05 -10.28 -4.98
N ALA A 174 1.51 -9.40 -4.15
CA ALA A 174 0.78 -9.80 -2.95
C ALA A 174 -0.36 -10.77 -3.28
N TYR A 175 -1.09 -10.48 -4.36
CA TYR A 175 -2.14 -11.38 -4.82
C TYR A 175 -1.58 -12.74 -5.30
N ALA A 176 -0.52 -12.68 -6.12
CA ALA A 176 0.07 -13.89 -6.67
C ALA A 176 0.57 -14.83 -5.57
N ILE A 177 1.02 -14.29 -4.43
CA ILE A 177 1.64 -15.12 -3.38
C ILE A 177 0.70 -15.48 -2.23
N GLY A 178 -0.53 -14.97 -2.30
CA GLY A 178 -1.53 -15.26 -1.32
C GLY A 178 -1.56 -14.34 -0.13
N LEU A 179 -0.82 -13.25 -0.18
CA LEU A 179 -0.85 -12.27 0.89
C LEU A 179 -2.08 -11.39 0.82
N ALA A 180 -2.37 -10.85 -0.37
CA ALA A 180 -3.62 -10.11 -0.64
C ALA A 180 -4.67 -11.14 -1.11
N ASN A 181 -5.79 -11.24 -0.39
CA ASN A 181 -6.84 -12.18 -0.81
C ASN A 181 -7.70 -11.59 -1.97
N ARG A 182 -7.83 -10.29 -1.99
CA ARG A 182 -8.55 -9.58 -3.04
C ARG A 182 -7.76 -8.34 -3.40
N VAL A 183 -7.83 -7.95 -4.68
CA VAL A 183 -7.23 -6.72 -5.14
C VAL A 183 -8.36 -5.95 -5.86
N VAL A 184 -8.55 -4.71 -5.47
CA VAL A 184 -9.61 -3.85 -6.00
C VAL A 184 -9.04 -2.53 -6.49
N PRO A 185 -9.84 -1.74 -7.27
CA PRO A 185 -9.33 -0.47 -7.73
C PRO A 185 -9.00 0.53 -6.59
N THR A 186 -8.07 1.44 -6.87
CA THR A 186 -7.60 2.42 -5.90
C THR A 186 -8.78 3.18 -5.28
N GLY A 187 -8.75 3.30 -3.97
CA GLY A 187 -9.82 3.91 -3.22
C GLY A 187 -10.96 3.00 -2.80
N GLN A 188 -10.98 1.74 -3.25
CA GLN A 188 -12.13 0.87 -2.99
CA GLN A 188 -12.13 0.88 -3.00
C GLN A 188 -11.94 -0.19 -1.92
N ALA A 189 -10.76 -0.24 -1.28
CA ALA A 189 -10.50 -1.36 -0.36
C ALA A 189 -11.55 -1.42 0.74
N ARG A 190 -11.82 -0.28 1.37
CA ARG A 190 -12.79 -0.23 2.46
C ARG A 190 -14.20 -0.70 2.06
N GLN A 191 -14.71 -0.16 0.95
CA GLN A 191 -16.03 -0.58 0.46
C GLN A 191 -16.06 -2.06 0.15
N ALA A 192 -15.03 -2.54 -0.52
CA ALA A 192 -15.01 -3.94 -0.92
C ALA A 192 -14.92 -4.84 0.34
N ALA A 193 -14.11 -4.42 1.32
CA ALA A 193 -14.00 -5.21 2.56
C ALA A 193 -15.28 -5.19 3.38
N GLU A 194 -15.93 -4.04 3.42
CA GLU A 194 -17.26 -3.97 4.07
C GLU A 194 -18.32 -4.83 3.37
N GLU A 195 -18.31 -4.88 2.06
CA GLU A 195 -19.23 -5.81 1.43
C GLU A 195 -18.92 -7.25 1.77
N LEU A 196 -17.65 -7.60 1.68
CA LEU A 196 -17.25 -8.98 1.96
C LEU A 196 -17.63 -9.33 3.40
N ALA A 197 -17.47 -8.37 4.31
CA ALA A 197 -17.87 -8.55 5.71
C ALA A 197 -19.37 -8.76 5.85
N ALA A 198 -20.15 -8.01 5.07
CA ALA A 198 -21.60 -8.18 5.09
C ALA A 198 -22.00 -9.58 4.52
N ASP A 199 -21.34 -9.99 3.44
CA ASP A 199 -21.56 -11.34 2.88
C ASP A 199 -21.29 -12.40 3.96
N LEU A 200 -20.15 -12.30 4.61
CA LEU A 200 -19.81 -13.24 5.71
C LEU A 200 -20.85 -13.20 6.84
N ALA A 201 -21.35 -12.01 7.16
CA ALA A 201 -22.35 -11.85 8.25
C ALA A 201 -23.67 -12.49 7.92
N ARG A 202 -23.97 -12.67 6.63
CA ARG A 202 -25.21 -13.34 6.19
C ARG A 202 -25.14 -14.86 6.26
N LEU A 203 -23.96 -15.45 6.38
CA LEU A 203 -23.82 -16.90 6.45
C LEU A 203 -24.21 -17.43 7.84
N PRO A 204 -24.46 -18.74 7.94
CA PRO A 204 -24.67 -19.35 9.24
C PRO A 204 -23.45 -19.19 10.15
N GLN A 205 -23.64 -18.43 11.22
CA GLN A 205 -22.52 -17.87 11.98
C GLN A 205 -21.78 -18.86 12.84
N GLN A 206 -22.49 -19.69 13.57
CA GLN A 206 -21.80 -20.58 14.53
C GLN A 206 -20.85 -21.51 13.81
N CYS A 207 -21.32 -22.05 12.69
CA CYS A 207 -20.57 -22.98 11.90
C CYS A 207 -19.32 -22.34 11.29
N MET A 208 -19.47 -21.16 10.72
CA MET A 208 -18.33 -20.42 10.16
C MET A 208 -17.31 -20.12 11.24
N ARG A 209 -17.79 -19.66 12.39
CA ARG A 209 -16.90 -19.28 13.49
C ARG A 209 -16.13 -20.47 14.05
N ALA A 210 -16.79 -21.61 14.13
CA ALA A 210 -16.15 -22.82 14.63
C ALA A 210 -15.08 -23.32 13.65
N ASP A 211 -15.41 -23.33 12.36
CA ASP A 211 -14.45 -23.68 11.31
C ASP A 211 -13.21 -22.76 11.31
N ARG A 212 -13.43 -21.45 11.44
CA ARG A 212 -12.32 -20.51 11.56
C ARG A 212 -11.45 -20.84 12.79
N LEU A 213 -12.07 -21.07 13.93
CA LEU A 213 -11.28 -21.30 15.16
C LEU A 213 -10.46 -22.58 15.08
N SER A 214 -10.98 -23.61 14.43
CA SER A 214 -10.22 -24.86 14.25
C SER A 214 -9.04 -24.65 13.28
N ALA A 215 -9.26 -23.92 12.18
CA ALA A 215 -8.20 -23.62 11.23
C ALA A 215 -7.08 -22.80 11.86
N LEU A 216 -7.43 -21.95 12.83
CA LEU A 216 -6.41 -21.23 13.61
C LEU A 216 -5.74 -22.14 14.64
N HIS A 217 -6.54 -22.87 15.37
CA HIS A 217 -6.03 -23.70 16.48
C HIS A 217 -5.08 -24.84 16.06
N GLN A 218 -5.28 -25.37 14.86
CA GLN A 218 -4.45 -26.48 14.37
C GLN A 218 -2.98 -26.18 14.20
N TRP A 219 -2.61 -24.90 14.07
CA TRP A 219 -1.19 -24.53 13.86
C TRP A 219 -0.35 -24.96 15.08
N GLY A 220 0.67 -25.76 14.82
CA GLY A 220 1.53 -26.29 15.87
C GLY A 220 1.10 -27.64 16.42
N GLU A 221 -0.04 -28.15 15.95
CA GLU A 221 -0.56 -29.42 16.44
C GLU A 221 -0.36 -30.55 15.44
N SER A 222 -0.24 -31.75 15.96
CA SER A 222 -0.19 -32.94 15.11
C SER A 222 -1.53 -33.07 14.41
N GLU A 223 -1.56 -33.86 13.34
CA GLU A 223 -2.81 -34.18 12.68
C GLU A 223 -3.85 -34.73 13.66
N ASN A 224 -3.46 -35.74 14.47
CA ASN A 224 -4.36 -36.37 15.45
C ASN A 224 -5.01 -35.35 16.41
N ALA A 225 -4.18 -34.54 17.06
CA ALA A 225 -4.69 -33.53 17.99
C ALA A 225 -5.58 -32.48 17.30
N ALA A 226 -5.16 -32.05 16.12
CA ALA A 226 -5.95 -31.03 15.36
C ALA A 226 -7.30 -31.58 14.92
N MET A 227 -7.33 -32.82 14.47
CA MET A 227 -8.58 -33.47 14.08
C MET A 227 -9.54 -33.59 15.29
N ASP A 228 -8.98 -33.96 16.44
CA ASP A 228 -9.73 -34.02 17.70
C ASP A 228 -10.43 -32.69 18.00
N PHE A 229 -9.67 -31.60 17.93
CA PHE A 229 -10.18 -30.27 18.21
C PHE A 229 -11.26 -29.89 17.20
N GLU A 230 -11.00 -30.17 15.92
CA GLU A 230 -11.99 -29.90 14.87
C GLU A 230 -13.31 -30.59 15.13
N PHE A 231 -13.26 -31.85 15.49
CA PHE A 231 -14.47 -32.60 15.74
C PHE A 231 -15.38 -31.97 16.83
N ALA A 232 -14.77 -31.28 17.81
CA ALA A 232 -15.56 -30.56 18.84
C ALA A 232 -16.46 -29.44 18.26
N SER A 233 -16.26 -29.07 17.00
CA SER A 233 -17.21 -28.19 16.27
C SER A 233 -18.65 -28.75 16.28
N ILE A 234 -18.74 -30.08 16.33
CA ILE A 234 -19.89 -30.85 16.81
C ILE A 234 -20.40 -31.63 15.60
N SER B 7 26.70 6.43 -17.07
CA SER B 7 25.33 6.95 -17.43
C SER B 7 25.43 8.27 -18.17
N GLU B 8 24.57 8.45 -19.15
CA GLU B 8 24.37 9.79 -19.73
C GLU B 8 23.72 10.56 -18.56
N PRO B 9 23.74 11.90 -18.50
CA PRO B 9 23.27 12.55 -17.27
C PRO B 9 21.76 12.52 -17.02
N VAL B 10 20.97 12.29 -18.05
CA VAL B 10 19.50 12.13 -17.95
C VAL B 10 19.10 10.83 -18.66
N ARG B 11 18.40 9.95 -17.95
CA ARG B 11 17.90 8.69 -18.52
C ARG B 11 16.38 8.75 -18.52
N ILE B 12 15.77 8.17 -19.56
CA ILE B 12 14.31 8.13 -19.70
C ILE B 12 13.89 6.66 -19.73
N GLU B 13 12.94 6.29 -18.88
CA GLU B 13 12.40 4.95 -18.89
C GLU B 13 10.90 5.06 -19.01
N ARG B 14 10.27 4.22 -19.80
CA ARG B 14 8.81 4.25 -19.95
C ARG B 14 8.18 2.93 -19.59
N ASN B 15 7.00 3.01 -19.00
CA ASN B 15 6.21 1.84 -18.67
C ASN B 15 4.78 2.20 -18.99
N GLY B 16 4.35 1.78 -20.17
CA GLY B 16 3.10 2.22 -20.73
C GLY B 16 3.03 3.74 -20.76
N PRO B 17 1.93 4.30 -20.27
CA PRO B 17 1.71 5.74 -20.38
C PRO B 17 2.45 6.58 -19.32
N VAL B 18 3.31 5.97 -18.51
CA VAL B 18 4.12 6.70 -17.51
C VAL B 18 5.58 6.75 -17.94
N THR B 19 6.10 7.96 -18.07
CA THR B 19 7.49 8.21 -18.45
C THR B 19 8.27 8.65 -17.20
N THR B 20 9.36 7.97 -16.90
CA THR B 20 10.22 8.38 -15.77
C THR B 20 11.49 9.05 -16.33
N VAL B 21 11.72 10.29 -15.90
CA VAL B 21 12.92 11.07 -16.28
C VAL B 21 13.86 11.08 -15.10
N ILE B 22 15.08 10.58 -15.30
CA ILE B 22 16.00 10.31 -14.19
C ILE B 22 17.30 11.12 -14.33
N ILE B 23 17.59 11.96 -13.34
CA ILE B 23 18.87 12.70 -13.31
C ILE B 23 19.87 11.74 -12.71
N ASP B 24 21.01 11.59 -13.35
CA ASP B 24 21.98 10.54 -12.95
C ASP B 24 23.42 11.03 -13.10
N ARG B 25 23.88 11.77 -12.09
CA ARG B 25 25.26 12.28 -12.04
C ARG B 25 25.86 12.02 -10.67
N PRO B 26 26.41 10.82 -10.47
CA PRO B 26 26.85 10.33 -9.15
C PRO B 26 27.88 11.25 -8.48
N GLU B 27 28.95 11.61 -9.19
CA GLU B 27 29.99 12.48 -8.62
C GLU B 27 29.49 13.87 -8.26
N ALA B 28 28.58 14.40 -9.07
CA ALA B 28 28.02 15.72 -8.83
C ALA B 28 26.74 15.71 -7.96
N ARG B 29 26.39 14.57 -7.37
CA ARG B 29 25.17 14.43 -6.57
C ARG B 29 23.94 14.95 -7.29
N ASN B 30 23.85 14.62 -8.57
CA ASN B 30 22.74 15.01 -9.42
C ASN B 30 22.54 16.50 -9.59
N ALA B 31 23.59 17.28 -9.37
CA ALA B 31 23.57 18.68 -9.76
C ALA B 31 23.35 18.82 -11.28
N VAL B 32 22.66 19.89 -11.66
CA VAL B 32 22.29 20.10 -13.06
C VAL B 32 23.19 21.17 -13.68
N ASN B 33 24.02 20.75 -14.63
CA ASN B 33 24.84 21.67 -15.41
C ASN B 33 24.12 21.97 -16.73
N GLY B 34 24.78 22.68 -17.63
CA GLY B 34 24.21 23.05 -18.95
C GLY B 34 23.70 21.87 -19.78
N PRO B 35 24.55 20.89 -20.06
CA PRO B 35 24.11 19.71 -20.80
C PRO B 35 22.96 18.94 -20.12
N THR B 36 23.03 18.81 -18.80
CA THR B 36 21.98 18.13 -18.06
C THR B 36 20.66 18.89 -18.20
N ALA B 37 20.71 20.21 -18.10
CA ALA B 37 19.50 21.03 -18.22
C ALA B 37 18.90 20.88 -19.60
N ALA B 38 19.77 20.87 -20.62
CA ALA B 38 19.33 20.72 -22.01
C ALA B 38 18.67 19.36 -22.21
N ALA B 39 19.24 18.32 -21.61
CA ALA B 39 18.67 16.96 -21.69
C ALA B 39 17.31 16.87 -20.96
N LEU B 40 17.18 17.55 -19.83
CA LEU B 40 15.89 17.57 -19.11
C LEU B 40 14.82 18.29 -19.93
N PHE B 41 15.17 19.43 -20.49
CA PHE B 41 14.27 20.17 -21.35
C PHE B 41 13.80 19.31 -22.52
N ALA B 42 14.74 18.65 -23.19
CA ALA B 42 14.40 17.78 -24.32
C ALA B 42 13.50 16.61 -23.89
N ALA B 43 13.81 15.98 -22.76
CA ALA B 43 13.01 14.85 -22.24
C ALA B 43 11.56 15.28 -22.05
N PHE B 44 11.36 16.46 -21.48
CA PHE B 44 10.01 16.96 -21.23
C PHE B 44 9.29 17.51 -22.47
N GLU B 45 10.05 18.06 -23.41
CA GLU B 45 9.51 18.39 -24.72
C GLU B 45 8.96 17.14 -25.42
N GLU B 46 9.73 16.05 -25.36
CA GLU B 46 9.34 14.77 -25.99
C GLU B 46 8.13 14.15 -25.30
N PHE B 47 8.13 14.18 -23.96
CA PHE B 47 6.97 13.79 -23.17
C PHE B 47 5.71 14.55 -23.56
N ASP B 48 5.81 15.88 -23.61
CA ASP B 48 4.64 16.72 -23.85
C ASP B 48 4.01 16.42 -25.21
N ALA B 49 4.86 16.16 -26.19
CA ALA B 49 4.44 15.90 -27.56
C ALA B 49 3.99 14.45 -27.83
N ASP B 50 4.35 13.51 -26.95
CA ASP B 50 4.04 12.11 -27.17
C ASP B 50 2.65 11.78 -26.62
N ASP B 51 1.70 11.53 -27.52
CA ASP B 51 0.31 11.24 -27.12
C ASP B 51 0.13 9.91 -26.44
N THR B 52 1.13 9.02 -26.51
CA THR B 52 1.06 7.76 -25.77
C THR B 52 1.63 7.87 -24.35
N ALA B 53 2.13 9.05 -23.98
CA ALA B 53 2.60 9.29 -22.61
C ALA B 53 1.60 10.18 -21.89
N SER B 54 1.14 9.74 -20.73
CA SER B 54 0.11 10.46 -19.97
C SER B 54 0.64 11.24 -18.77
N VAL B 55 1.59 10.65 -18.06
CA VAL B 55 2.09 11.23 -16.78
C VAL B 55 3.59 10.97 -16.75
N ALA B 56 4.35 11.96 -16.29
CA ALA B 56 5.78 11.80 -16.09
C ALA B 56 6.14 11.80 -14.59
N VAL B 57 7.25 11.13 -14.30
CA VAL B 57 7.83 11.13 -12.98
C VAL B 57 9.25 11.68 -13.15
N LEU B 58 9.60 12.68 -12.34
CA LEU B 58 10.95 13.22 -12.29
C LEU B 58 11.63 12.73 -11.04
N THR B 59 12.81 12.16 -11.16
CA THR B 59 13.53 11.59 -10.01
C THR B 59 15.02 11.63 -10.22
N GLY B 60 15.77 11.34 -9.16
CA GLY B 60 17.25 11.30 -9.24
C GLY B 60 17.76 9.91 -8.86
N ALA B 61 18.84 9.49 -9.50
CA ALA B 61 19.49 8.24 -9.14
C ALA B 61 20.45 8.46 -7.97
N ASN B 62 21.09 7.40 -7.52
CA ASN B 62 22.21 7.49 -6.56
C ASN B 62 21.74 7.89 -5.14
N GLY B 63 20.48 7.67 -4.82
CA GLY B 63 19.94 8.02 -3.53
C GLY B 63 19.72 9.51 -3.21
N THR B 64 19.69 10.36 -4.24
CA THR B 64 19.39 11.75 -4.02
C THR B 64 18.60 12.30 -5.22
N PHE B 65 18.02 13.47 -5.06
CA PHE B 65 17.17 14.03 -6.09
C PHE B 65 17.98 15.00 -6.95
N CYS B 66 18.32 16.16 -6.39
CA CYS B 66 19.07 17.16 -7.11
C CYS B 66 19.59 18.21 -6.15
N ALA B 67 20.90 18.41 -6.17
CA ALA B 67 21.59 19.34 -5.32
C ALA B 67 21.48 20.79 -5.80
N GLY B 68 20.91 21.03 -6.98
CA GLY B 68 20.82 22.35 -7.55
C GLY B 68 21.67 22.52 -8.79
N ALA B 69 21.89 23.78 -9.18
CA ALA B 69 22.74 24.08 -10.33
C ALA B 69 24.17 23.66 -10.02
N ASP B 70 24.88 23.24 -11.04
CA ASP B 70 26.25 22.76 -10.86
C ASP B 70 27.22 23.93 -10.74
N LEU B 71 27.49 24.34 -9.49
CA LEU B 71 28.38 25.47 -9.18
C LEU B 71 29.79 25.31 -9.77
N LYS B 72 30.34 24.11 -9.60
CA LYS B 72 31.65 23.76 -10.15
C LYS B 72 31.79 23.99 -11.66
N ALA B 73 30.68 23.99 -12.40
CA ALA B 73 30.69 24.19 -13.83
C ALA B 73 30.66 25.66 -14.26
N PHE B 74 30.44 26.58 -13.33
CA PHE B 74 30.47 28.00 -13.64
C PHE B 74 31.79 28.38 -14.29
N GLY B 75 31.73 29.13 -15.39
CA GLY B 75 32.92 29.53 -16.12
C GLY B 75 33.52 28.47 -17.05
N THR B 76 32.85 27.33 -17.21
CA THR B 76 33.29 26.27 -18.13
C THR B 76 32.30 26.16 -19.28
N PRO B 77 32.62 25.36 -20.31
CA PRO B 77 31.65 25.14 -21.39
C PRO B 77 30.37 24.43 -20.95
N GLU B 78 30.44 23.73 -19.82
CA GLU B 78 29.32 22.98 -19.26
C GLU B 78 28.44 23.81 -18.31
N ALA B 79 28.73 25.11 -18.17
CA ALA B 79 27.99 25.97 -17.24
C ALA B 79 26.51 26.04 -17.59
N ASN B 80 25.69 26.30 -16.59
CA ASN B 80 24.25 26.50 -16.79
C ASN B 80 24.04 27.70 -17.68
N GLN B 81 23.08 27.59 -18.58
CA GLN B 81 22.77 28.66 -19.52
C GLN B 81 21.71 29.54 -18.89
N VAL B 82 22.05 30.82 -18.71
CA VAL B 82 21.21 31.77 -18.02
C VAL B 82 20.80 32.87 -19.00
N HIS B 83 19.58 32.76 -19.52
CA HIS B 83 19.05 33.71 -20.51
C HIS B 83 17.60 34.05 -20.21
N ARG B 84 17.18 35.25 -20.59
CA ARG B 84 15.80 35.67 -20.39
C ARG B 84 14.84 34.86 -21.28
N GLU B 85 15.29 34.45 -22.46
CA GLU B 85 14.49 33.60 -23.37
C GLU B 85 14.88 32.12 -23.28
N GLY B 86 14.00 31.27 -23.78
CA GLY B 86 14.28 29.83 -23.90
C GLY B 86 14.20 29.12 -22.55
N PRO B 87 14.82 27.94 -22.46
CA PRO B 87 14.76 27.17 -21.21
C PRO B 87 15.36 27.88 -20.02
N GLY B 88 14.80 27.64 -18.84
CA GLY B 88 15.38 28.11 -17.60
C GLY B 88 16.73 27.46 -17.32
N PRO B 89 17.52 28.09 -16.44
CA PRO B 89 18.83 27.54 -16.04
C PRO B 89 18.83 26.06 -15.67
N MET B 90 17.77 25.57 -14.99
CA MET B 90 17.71 24.15 -14.56
C MET B 90 17.15 23.24 -15.64
N GLY B 91 16.61 23.83 -16.71
CA GLY B 91 16.14 23.08 -17.86
C GLY B 91 14.66 23.26 -18.13
N PRO B 92 13.80 22.46 -17.45
CA PRO B 92 12.36 22.49 -17.74
C PRO B 92 11.54 23.49 -16.90
N SER B 93 12.21 24.30 -16.08
CA SER B 93 11.55 25.09 -15.02
C SER B 93 10.61 26.19 -15.50
N ARG B 94 10.70 26.57 -16.77
CA ARG B 94 9.77 27.54 -17.35
C ARG B 94 8.65 26.90 -18.17
N MET B 95 8.70 25.58 -18.36
CA MET B 95 7.76 24.90 -19.22
C MET B 95 6.37 24.83 -18.59
N ASP B 96 5.36 25.05 -19.43
CA ASP B 96 3.98 24.83 -19.05
C ASP B 96 3.52 23.61 -19.81
N LEU B 97 3.65 22.43 -19.20
CA LEU B 97 3.31 21.20 -19.90
C LEU B 97 1.80 21.00 -19.93
N SER B 98 1.35 20.24 -20.91
CA SER B 98 -0.07 19.93 -21.08
C SER B 98 -0.50 18.73 -20.24
N LYS B 99 0.46 18.07 -19.58
CA LYS B 99 0.22 16.87 -18.79
C LYS B 99 1.06 16.91 -17.50
N PRO B 100 0.64 16.17 -16.47
CA PRO B 100 1.27 16.31 -15.16
C PRO B 100 2.57 15.57 -14.96
N VAL B 101 3.37 16.04 -14.01
CA VAL B 101 4.65 15.46 -13.63
C VAL B 101 4.68 15.31 -12.09
N ILE B 102 5.10 14.15 -11.64
CA ILE B 102 5.26 13.88 -10.21
C ILE B 102 6.75 13.85 -9.87
N ALA B 103 7.18 14.61 -8.88
CA ALA B 103 8.53 14.50 -8.32
C ALA B 103 8.65 13.34 -7.33
N ALA B 104 9.72 12.57 -7.45
CA ALA B 104 9.98 11.44 -6.55
C ALA B 104 11.30 11.76 -5.90
N ILE B 105 11.23 12.22 -4.66
CA ILE B 105 12.39 12.75 -3.98
C ILE B 105 13.01 11.82 -2.93
N SER B 106 14.26 11.43 -3.20
CA SER B 106 15.14 10.77 -2.20
CA SER B 106 15.13 10.84 -2.19
C SER B 106 16.25 11.79 -1.85
N GLY B 107 16.84 11.63 -0.66
CA GLY B 107 17.98 12.44 -0.27
C GLY B 107 17.66 13.93 -0.30
N TYR B 108 18.47 14.72 -1.01
CA TYR B 108 18.32 16.13 -1.06
C TYR B 108 17.59 16.64 -2.31
N ALA B 109 16.62 17.52 -2.11
CA ALA B 109 16.09 18.38 -3.19
C ALA B 109 16.27 19.80 -2.69
N VAL B 110 17.39 20.39 -3.07
CA VAL B 110 17.79 21.68 -2.55
C VAL B 110 18.13 22.68 -3.65
N ALA B 111 17.88 23.95 -3.35
CA ALA B 111 18.21 25.05 -4.25
C ALA B 111 17.51 24.83 -5.58
N GLY B 112 18.23 24.85 -6.71
CA GLY B 112 17.60 24.63 -7.99
C GLY B 112 16.87 23.30 -8.04
N GLY B 113 17.33 22.33 -7.25
CA GLY B 113 16.70 21.03 -7.16
C GLY B 113 15.34 21.08 -6.46
N LEU B 114 15.22 21.91 -5.43
CA LEU B 114 13.91 22.22 -4.85
C LEU B 114 13.01 22.87 -5.90
N GLU B 115 13.55 23.81 -6.66
CA GLU B 115 12.77 24.50 -7.72
C GLU B 115 12.21 23.54 -8.77
N LEU B 116 12.98 22.54 -9.18
CA LEU B 116 12.45 21.50 -10.04
C LEU B 116 11.30 20.75 -9.37
N ALA B 117 11.43 20.43 -8.07
CA ALA B 117 10.36 19.77 -7.37
C ALA B 117 9.09 20.62 -7.28
N LEU B 118 9.25 21.94 -7.14
CA LEU B 118 8.11 22.85 -7.02
C LEU B 118 7.39 23.01 -8.37
N TRP B 119 8.14 22.85 -9.44
CA TRP B 119 7.62 22.93 -10.81
C TRP B 119 6.75 21.73 -11.12
N CYS B 120 7.05 20.59 -10.48
CA CYS B 120 6.20 19.41 -10.61
C CYS B 120 4.83 19.63 -9.94
N ASP B 121 3.85 18.89 -10.46
CA ASP B 121 2.46 18.98 -9.90
C ASP B 121 2.34 18.42 -8.47
N LEU B 122 3.06 17.35 -8.19
CA LEU B 122 2.98 16.66 -6.91
C LEU B 122 4.36 16.22 -6.51
N ARG B 123 4.56 16.09 -5.21
CA ARG B 123 5.85 15.66 -4.67
CA ARG B 123 5.85 15.66 -4.67
C ARG B 123 5.65 14.46 -3.75
N VAL B 124 6.33 13.37 -4.11
CA VAL B 124 6.37 12.18 -3.30
C VAL B 124 7.74 12.08 -2.68
N VAL B 125 7.83 11.98 -1.35
CA VAL B 125 9.09 12.19 -0.69
C VAL B 125 9.44 11.02 0.26
N ASP B 126 10.68 10.55 0.19
CA ASP B 126 11.18 9.58 1.17
C ASP B 126 11.16 10.16 2.59
N GLU B 127 10.95 9.30 3.57
CA GLU B 127 10.95 9.75 4.98
C GLU B 127 12.22 10.45 5.44
N ASP B 128 13.35 10.12 4.83
CA ASP B 128 14.63 10.71 5.22
C ASP B 128 15.11 11.80 4.25
N ALA B 129 14.26 12.22 3.34
CA ALA B 129 14.62 13.28 2.40
C ALA B 129 14.64 14.67 3.07
N THR B 130 15.42 15.56 2.48
CA THR B 130 15.59 16.95 2.96
C THR B 130 15.36 17.90 1.82
N MET B 131 14.55 18.94 2.07
CA MET B 131 14.25 19.95 1.07
C MET B 131 14.64 21.30 1.63
N GLY B 132 15.00 22.24 0.77
CA GLY B 132 15.31 23.58 1.24
C GLY B 132 16.01 24.47 0.25
N VAL B 133 16.01 25.78 0.58
CA VAL B 133 16.56 26.81 -0.32
C VAL B 133 18.00 26.99 0.11
N PHE B 134 18.81 25.96 -0.12
CA PHE B 134 20.21 25.98 0.35
C PHE B 134 21.08 27.00 -0.39
N CYS B 135 20.61 27.46 -1.55
CA CYS B 135 21.31 28.51 -2.30
C CYS B 135 21.37 29.84 -1.55
N ARG B 136 20.48 30.02 -0.55
CA ARG B 136 20.58 31.14 0.36
C ARG B 136 21.97 31.26 0.95
N ARG B 137 22.51 30.14 1.45
CA ARG B 137 23.80 30.13 2.09
C ARG B 137 24.96 30.40 1.10
N TRP B 138 24.83 29.93 -0.14
CA TRP B 138 25.85 30.12 -1.19
C TRP B 138 25.73 31.48 -1.88
N GLY B 139 24.61 32.20 -1.69
CA GLY B 139 24.40 33.50 -2.36
C GLY B 139 24.08 33.40 -3.85
N VAL B 140 23.41 32.33 -4.25
CA VAL B 140 22.94 32.15 -5.63
C VAL B 140 21.44 32.37 -5.63
N PRO B 141 20.94 33.19 -6.55
CA PRO B 141 19.51 33.49 -6.47
C PRO B 141 18.61 32.40 -6.98
N LEU B 142 17.34 32.47 -6.55
CA LEU B 142 16.28 31.62 -7.11
C LEU B 142 15.78 32.21 -8.43
N ILE B 143 16.17 31.59 -9.54
CA ILE B 143 15.78 32.05 -10.87
C ILE B 143 15.16 30.91 -11.72
N ASP B 144 14.63 29.89 -11.05
CA ASP B 144 13.91 28.81 -11.72
C ASP B 144 12.52 28.62 -11.11
N GLY B 145 11.98 29.70 -10.62
CA GLY B 145 10.57 29.80 -10.23
C GLY B 145 10.24 29.63 -8.76
N GLY B 146 11.25 29.37 -7.94
CA GLY B 146 11.02 29.15 -6.53
C GLY B 146 10.29 30.28 -5.81
N THR B 147 10.62 31.52 -6.16
CA THR B 147 9.99 32.67 -5.49
C THR B 147 8.56 32.83 -5.96
N VAL B 148 8.29 32.32 -7.16
CA VAL B 148 6.95 32.44 -7.72
C VAL B 148 6.06 31.32 -7.17
N ARG B 149 6.58 30.09 -7.18
CA ARG B 149 5.78 28.92 -6.93
C ARG B 149 5.61 28.61 -5.46
N LEU B 150 6.64 28.82 -4.65
CA LEU B 150 6.52 28.43 -3.24
C LEU B 150 5.34 29.13 -2.48
N PRO B 151 5.19 30.46 -2.64
CA PRO B 151 4.06 31.10 -1.95
C PRO B 151 2.70 30.61 -2.42
N ARG B 152 2.62 30.27 -3.71
CA ARG B 152 1.38 29.74 -4.28
C ARG B 152 1.09 28.33 -3.78
N LEU B 153 2.16 27.55 -3.65
CA LEU B 153 2.05 26.18 -3.18
C LEU B 153 1.65 26.02 -1.71
N ILE B 154 2.27 26.80 -0.81
CA ILE B 154 2.13 26.57 0.63
C ILE B 154 1.80 27.85 1.44
N GLY B 155 1.55 28.95 0.72
CA GLY B 155 1.16 30.20 1.35
C GLY B 155 2.38 31.10 1.54
N HIS B 156 2.13 32.40 1.68
CA HIS B 156 3.20 33.36 1.77
C HIS B 156 4.04 33.21 3.06
N SER B 157 3.38 32.96 4.18
CA SER B 157 4.05 32.95 5.45
C SER B 157 5.16 31.90 5.45
N ARG B 158 4.80 30.65 5.19
CA ARG B 158 5.78 29.58 5.28
C ARG B 158 6.78 29.70 4.14
N ALA B 159 6.35 30.16 2.98
CA ALA B 159 7.25 30.38 1.84
C ALA B 159 8.33 31.37 2.20
N MET B 160 7.95 32.46 2.81
CA MET B 160 8.93 33.48 3.20
C MET B 160 9.92 32.98 4.27
N ASP B 161 9.45 32.18 5.21
CA ASP B 161 10.34 31.47 6.15
C ASP B 161 11.44 30.71 5.40
N LEU B 162 11.02 29.77 4.56
CA LEU B 162 11.95 28.92 3.82
C LEU B 162 12.89 29.74 2.92
N ILE B 163 12.35 30.74 2.24
CA ILE B 163 13.12 31.55 1.32
C ILE B 163 14.14 32.44 2.02
N LEU B 164 13.75 33.12 3.08
CA LEU B 164 14.70 33.95 3.83
C LEU B 164 15.78 33.16 4.56
N THR B 165 15.36 32.15 5.31
CA THR B 165 16.30 31.39 6.15
C THR B 165 17.17 30.42 5.34
N GLY B 166 16.67 29.91 4.24
CA GLY B 166 17.32 28.80 3.58
C GLY B 166 17.38 27.49 4.38
N ARG B 167 16.53 27.34 5.38
CA ARG B 167 16.63 26.23 6.29
C ARG B 167 16.14 24.90 5.65
N ALA B 168 16.61 23.81 6.24
CA ALA B 168 16.26 22.45 5.84
C ALA B 168 14.88 22.11 6.35
N VAL B 169 14.12 21.43 5.54
CA VAL B 169 12.77 20.98 5.90
C VAL B 169 12.80 19.48 5.77
N ASP B 170 12.62 18.77 6.88
CA ASP B 170 12.53 17.32 6.81
C ASP B 170 11.16 16.85 6.29
N ALA B 171 11.02 15.54 6.05
CA ALA B 171 9.81 15.00 5.37
C ALA B 171 8.52 15.22 6.18
N ALA B 172 8.61 15.04 7.49
CA ALA B 172 7.46 15.25 8.36
C ALA B 172 6.96 16.72 8.28
N GLU B 173 7.87 17.68 8.38
CA GLU B 173 7.47 19.07 8.26
C GLU B 173 7.00 19.42 6.86
N ALA B 174 7.68 18.91 5.85
CA ALA B 174 7.19 19.08 4.46
C ALA B 174 5.78 18.59 4.28
N TYR B 175 5.48 17.45 4.88
CA TYR B 175 4.13 16.88 4.76
C TYR B 175 3.10 17.75 5.54
N ALA B 176 3.48 18.15 6.75
CA ALA B 176 2.60 19.01 7.57
C ALA B 176 2.24 20.33 6.91
N ILE B 177 3.16 20.90 6.13
CA ILE B 177 2.93 22.21 5.51
C ILE B 177 2.42 22.17 4.07
N GLY B 178 2.27 20.95 3.52
CA GLY B 178 1.71 20.74 2.19
C GLY B 178 2.71 20.74 1.08
N LEU B 179 3.99 20.76 1.42
CA LEU B 179 5.05 20.78 0.42
C LEU B 179 5.27 19.36 -0.16
N ALA B 180 5.37 18.36 0.71
CA ALA B 180 5.35 16.97 0.32
C ALA B 180 3.87 16.51 0.28
N ASN B 181 3.38 16.04 -0.90
CA ASN B 181 2.04 15.46 -0.98
C ASN B 181 1.93 14.04 -0.43
N ARG B 182 2.99 13.26 -0.55
CA ARG B 182 3.09 11.96 0.04
C ARG B 182 4.45 11.77 0.69
N VAL B 183 4.48 11.03 1.78
CA VAL B 183 5.73 10.62 2.43
C VAL B 183 5.73 9.08 2.51
N VAL B 184 6.82 8.48 2.00
CA VAL B 184 6.93 7.04 1.90
C VAL B 184 8.26 6.56 2.50
N PRO B 185 8.38 5.25 2.76
CA PRO B 185 9.61 4.79 3.36
C PRO B 185 10.84 5.05 2.49
N THR B 186 11.99 5.18 3.12
CA THR B 186 13.25 5.41 2.42
C THR B 186 13.48 4.41 1.30
N GLY B 187 13.87 4.91 0.14
CA GLY B 187 14.05 4.08 -1.04
C GLY B 187 12.82 3.85 -1.89
N GLN B 188 11.65 4.32 -1.46
CA GLN B 188 10.41 4.05 -2.18
C GLN B 188 9.81 5.18 -3.00
N ALA B 189 10.44 6.36 -3.00
CA ALA B 189 9.82 7.53 -3.64
C ALA B 189 9.50 7.27 -5.10
N ARG B 190 10.47 6.70 -5.83
CA ARG B 190 10.28 6.43 -7.23
C ARG B 190 9.12 5.44 -7.50
N GLN B 191 9.12 4.31 -6.78
CA GLN B 191 8.07 3.31 -6.94
C GLN B 191 6.69 3.88 -6.61
N ALA B 192 6.62 4.64 -5.53
CA ALA B 192 5.35 5.21 -5.12
C ALA B 192 4.86 6.25 -6.13
N ALA B 193 5.77 7.06 -6.63
CA ALA B 193 5.41 8.06 -7.60
C ALA B 193 4.95 7.39 -8.91
N GLU B 194 5.62 6.31 -9.29
CA GLU B 194 5.22 5.58 -10.48
C GLU B 194 3.83 4.92 -10.31
N GLU B 195 3.51 4.41 -9.12
CA GLU B 195 2.18 3.89 -8.81
C GLU B 195 1.11 4.97 -8.92
N LEU B 196 1.41 6.12 -8.33
CA LEU B 196 0.49 7.23 -8.38
C LEU B 196 0.30 7.73 -9.82
N ALA B 197 1.38 7.81 -10.57
CA ALA B 197 1.32 8.17 -11.97
C ALA B 197 0.43 7.20 -12.77
N ALA B 198 0.55 5.92 -12.50
CA ALA B 198 -0.24 4.90 -13.19
C ALA B 198 -1.70 5.02 -12.81
N ASP B 199 -1.99 5.34 -11.55
CA ASP B 199 -3.39 5.65 -11.10
C ASP B 199 -3.94 6.83 -11.90
N LEU B 200 -3.18 7.91 -11.99
CA LEU B 200 -3.61 9.05 -12.73
C LEU B 200 -3.82 8.73 -14.23
N ALA B 201 -2.91 7.93 -14.81
CA ALA B 201 -3.03 7.54 -16.22
C ALA B 201 -4.28 6.72 -16.53
N ARG B 202 -4.82 6.03 -15.52
CA ARG B 202 -6.05 5.23 -15.69
C ARG B 202 -7.34 6.05 -15.67
N LEU B 203 -7.26 7.30 -15.23
CA LEU B 203 -8.44 8.13 -15.15
C LEU B 203 -8.80 8.71 -16.52
N PRO B 204 -10.04 9.22 -16.68
CA PRO B 204 -10.41 9.91 -17.93
C PRO B 204 -9.54 11.14 -18.16
N GLN B 205 -8.73 11.08 -19.21
CA GLN B 205 -7.59 11.96 -19.37
C GLN B 205 -7.92 13.40 -19.73
N GLN B 206 -8.81 13.60 -20.71
CA GLN B 206 -9.10 14.94 -21.20
C GLN B 206 -9.61 15.84 -20.05
N CYS B 207 -10.48 15.26 -19.26
CA CYS B 207 -11.10 15.95 -18.17
C CYS B 207 -10.07 16.34 -17.07
N MET B 208 -9.26 15.36 -16.68
CA MET B 208 -8.23 15.62 -15.66
C MET B 208 -7.29 16.71 -16.13
N ARG B 209 -6.89 16.63 -17.39
CA ARG B 209 -5.93 17.58 -17.97
C ARG B 209 -6.51 18.98 -18.05
N ALA B 210 -7.79 19.08 -18.38
CA ALA B 210 -8.43 20.39 -18.46
C ALA B 210 -8.55 21.02 -17.05
N ASP B 211 -8.93 20.20 -16.06
CA ASP B 211 -9.04 20.68 -14.68
C ASP B 211 -7.69 21.17 -14.20
N ARG B 212 -6.64 20.39 -14.44
CA ARG B 212 -5.28 20.81 -14.08
C ARG B 212 -4.93 22.15 -14.70
N LEU B 213 -5.17 22.30 -16.01
CA LEU B 213 -4.78 23.55 -16.70
C LEU B 213 -5.52 24.77 -16.19
N SER B 214 -6.79 24.61 -15.80
CA SER B 214 -7.55 25.72 -15.21
C SER B 214 -7.01 26.05 -13.80
N ALA B 215 -6.74 25.04 -12.99
CA ALA B 215 -6.17 25.28 -11.66
C ALA B 215 -4.80 25.98 -11.72
N LEU B 216 -4.02 25.71 -12.75
CA LEU B 216 -2.79 26.47 -13.00
C LEU B 216 -3.05 27.88 -13.53
N HIS B 217 -3.92 27.98 -14.51
CA HIS B 217 -4.17 29.26 -15.17
C HIS B 217 -4.76 30.34 -14.27
N GLN B 218 -5.58 29.94 -13.30
CA GLN B 218 -6.29 30.89 -12.46
C GLN B 218 -5.39 31.79 -11.59
N TRP B 219 -4.14 31.34 -11.32
CA TRP B 219 -3.22 32.14 -10.52
C TRP B 219 -2.95 33.51 -11.14
N GLY B 220 -3.22 34.56 -10.37
CA GLY B 220 -3.08 35.93 -10.83
C GLY B 220 -4.33 36.54 -11.46
N GLU B 221 -5.37 35.73 -11.64
CA GLU B 221 -6.60 36.21 -12.26
C GLU B 221 -7.68 36.52 -11.23
N SER B 222 -8.57 37.44 -11.56
CA SER B 222 -9.76 37.69 -10.75
C SER B 222 -10.62 36.44 -10.76
N GLU B 223 -11.52 36.33 -9.79
CA GLU B 223 -12.49 35.25 -9.78
C GLU B 223 -13.25 35.17 -11.09
N ASN B 224 -13.80 36.31 -11.55
CA ASN B 224 -14.58 36.30 -12.80
C ASN B 224 -13.81 35.76 -14.00
N ALA B 225 -12.61 36.27 -14.25
CA ALA B 225 -11.80 35.81 -15.38
C ALA B 225 -11.45 34.33 -15.25
N ALA B 226 -11.12 33.89 -14.02
CA ALA B 226 -10.74 32.50 -13.80
C ALA B 226 -11.91 31.56 -14.04
N MET B 227 -13.09 31.95 -13.58
CA MET B 227 -14.33 31.16 -13.78
C MET B 227 -14.65 31.06 -15.27
N ASP B 228 -14.47 32.15 -16.00
CA ASP B 228 -14.59 32.16 -17.47
C ASP B 228 -13.69 31.13 -18.13
N PHE B 229 -12.40 31.15 -17.77
CA PHE B 229 -11.44 30.20 -18.35
C PHE B 229 -11.81 28.77 -17.98
N GLU B 230 -12.17 28.55 -16.72
CA GLU B 230 -12.58 27.21 -16.27
C GLU B 230 -13.72 26.66 -17.12
N PHE B 231 -14.74 27.48 -17.34
CA PHE B 231 -15.91 27.03 -18.06
C PHE B 231 -15.55 26.50 -19.46
N ALA B 232 -14.52 27.04 -20.08
CA ALA B 232 -14.04 26.54 -21.39
C ALA B 232 -13.59 25.06 -21.37
N SER B 233 -13.42 24.46 -20.19
CA SER B 233 -13.24 23.00 -20.05
C SER B 233 -14.38 22.16 -20.66
N ILE B 234 -15.61 22.71 -20.61
CA ILE B 234 -16.76 22.16 -21.34
C ILE B 234 -16.61 22.50 -22.83
N SER C 7 -63.13 -62.28 -25.70
CA SER C 7 -62.59 -61.25 -24.74
C SER C 7 -63.29 -59.90 -24.98
N GLU C 8 -63.67 -59.23 -23.86
CA GLU C 8 -64.38 -57.96 -23.84
C GLU C 8 -63.55 -56.95 -22.99
N PRO C 9 -62.65 -56.22 -23.66
CA PRO C 9 -61.74 -55.32 -22.95
C PRO C 9 -62.41 -54.05 -22.45
N VAL C 10 -63.59 -53.73 -22.97
CA VAL C 10 -64.37 -52.59 -22.53
C VAL C 10 -65.81 -53.10 -22.28
N ARG C 11 -66.33 -52.84 -21.09
CA ARG C 11 -67.72 -53.15 -20.75
C ARG C 11 -68.49 -51.87 -20.48
N ILE C 12 -69.76 -51.84 -20.89
CA ILE C 12 -70.63 -50.69 -20.71
C ILE C 12 -71.78 -51.11 -19.82
N GLU C 13 -72.03 -50.36 -18.76
CA GLU C 13 -73.17 -50.63 -17.89
C GLU C 13 -73.96 -49.33 -17.77
N ARG C 14 -75.27 -49.42 -17.82
CA ARG C 14 -76.11 -48.22 -17.68
C ARG C 14 -77.04 -48.32 -16.51
N ASN C 15 -77.26 -47.19 -15.85
CA ASN C 15 -78.20 -47.07 -14.75
C ASN C 15 -78.94 -45.78 -14.99
N GLY C 16 -80.10 -45.89 -15.61
CA GLY C 16 -80.83 -44.71 -16.06
C GLY C 16 -79.92 -43.86 -16.94
N PRO C 17 -79.82 -42.56 -16.65
CA PRO C 17 -79.13 -41.64 -17.52
C PRO C 17 -77.61 -41.60 -17.30
N VAL C 18 -77.08 -42.51 -16.48
CA VAL C 18 -75.65 -42.60 -16.24
C VAL C 18 -75.07 -43.85 -16.89
N THR C 19 -74.10 -43.65 -17.78
CA THR C 19 -73.44 -44.74 -18.48
C THR C 19 -72.03 -44.93 -17.94
N THR C 20 -71.71 -46.13 -17.51
CA THR C 20 -70.38 -46.41 -16.98
C THR C 20 -69.63 -47.20 -18.05
N VAL C 21 -68.48 -46.66 -18.44
CA VAL C 21 -67.57 -47.32 -19.39
C VAL C 21 -66.37 -47.87 -18.63
N ILE C 22 -66.13 -49.17 -18.75
CA ILE C 22 -65.21 -49.88 -17.89
C ILE C 22 -64.11 -50.54 -18.69
N ILE C 23 -62.87 -50.12 -18.47
CA ILE C 23 -61.70 -50.80 -19.06
C ILE C 23 -61.42 -52.04 -18.23
N ASP C 24 -61.33 -53.20 -18.88
CA ASP C 24 -61.28 -54.47 -18.14
C ASP C 24 -60.29 -55.43 -18.82
N ARG C 25 -59.01 -55.24 -18.51
CA ARG C 25 -57.96 -56.15 -18.98
C ARG C 25 -57.05 -56.53 -17.84
N PRO C 26 -57.46 -57.54 -17.06
CA PRO C 26 -56.76 -57.95 -15.84
C PRO C 26 -55.25 -58.22 -15.99
N GLU C 27 -54.89 -59.08 -16.94
CA GLU C 27 -53.47 -59.45 -17.18
C GLU C 27 -52.62 -58.23 -17.60
N ALA C 28 -53.21 -57.32 -18.37
CA ALA C 28 -52.52 -56.13 -18.85
C ALA C 28 -52.68 -54.90 -17.94
N ARG C 29 -53.28 -55.08 -16.75
CA ARG C 29 -53.53 -53.97 -15.83
CA ARG C 29 -53.54 -53.97 -15.83
C ARG C 29 -54.23 -52.81 -16.50
N ASN C 30 -55.21 -53.14 -17.33
CA ASN C 30 -56.04 -52.18 -18.02
C ASN C 30 -55.29 -51.27 -18.99
N ALA C 31 -54.12 -51.72 -19.44
CA ALA C 31 -53.46 -51.05 -20.54
C ALA C 31 -54.33 -51.06 -21.78
N VAL C 32 -54.25 -50.01 -22.56
CA VAL C 32 -55.09 -49.86 -23.72
C VAL C 32 -54.31 -50.17 -25.00
N ASN C 33 -54.70 -51.25 -25.68
CA ASN C 33 -54.16 -51.58 -26.97
C ASN C 33 -55.09 -51.08 -28.05
N GLY C 34 -54.82 -51.44 -29.29
CA GLY C 34 -55.65 -51.01 -30.45
C GLY C 34 -57.15 -51.34 -30.32
N PRO C 35 -57.48 -52.62 -30.15
CA PRO C 35 -58.88 -53.01 -30.00
C PRO C 35 -59.57 -52.32 -28.82
N THR C 36 -58.85 -52.18 -27.71
CA THR C 36 -59.40 -51.51 -26.54
C THR C 36 -59.70 -50.05 -26.84
N ALA C 37 -58.76 -49.37 -27.51
CA ALA C 37 -58.98 -47.98 -27.87
C ALA C 37 -60.19 -47.83 -28.78
N ALA C 38 -60.32 -48.75 -29.75
CA ALA C 38 -61.43 -48.71 -30.68
C ALA C 38 -62.76 -48.89 -29.91
N ALA C 39 -62.75 -49.78 -28.91
CA ALA C 39 -63.95 -50.05 -28.11
C ALA C 39 -64.32 -48.86 -27.21
N LEU C 40 -63.31 -48.17 -26.69
CA LEU C 40 -63.56 -46.93 -25.92
C LEU C 40 -64.13 -45.83 -26.78
N PHE C 41 -63.55 -45.63 -27.96
CA PHE C 41 -64.06 -44.65 -28.88
C PHE C 41 -65.52 -44.94 -29.23
N ALA C 42 -65.83 -46.19 -29.54
CA ALA C 42 -67.21 -46.55 -29.91
C ALA C 42 -68.17 -46.35 -28.74
N ALA C 43 -67.75 -46.74 -27.53
CA ALA C 43 -68.59 -46.55 -26.31
C ALA C 43 -68.95 -45.08 -26.13
N PHE C 44 -67.97 -44.19 -26.31
CA PHE C 44 -68.23 -42.76 -26.14
C PHE C 44 -68.96 -42.11 -27.32
N GLU C 45 -68.75 -42.62 -28.52
CA GLU C 45 -69.60 -42.23 -29.67
C GLU C 45 -71.06 -42.56 -29.44
N GLU C 46 -71.31 -43.75 -28.94
CA GLU C 46 -72.68 -44.13 -28.61
C GLU C 46 -73.27 -43.30 -27.49
N PHE C 47 -72.50 -43.09 -26.44
CA PHE C 47 -72.92 -42.22 -25.32
C PHE C 47 -73.31 -40.85 -25.83
N ASP C 48 -72.46 -40.24 -26.65
CA ASP C 48 -72.70 -38.88 -27.11
C ASP C 48 -73.99 -38.78 -27.91
N ALA C 49 -74.27 -39.82 -28.71
CA ALA C 49 -75.43 -39.85 -29.57
C ALA C 49 -76.73 -40.27 -28.87
N ASP C 50 -76.62 -40.89 -27.69
CA ASP C 50 -77.78 -41.44 -27.01
C ASP C 50 -78.44 -40.39 -26.13
N ASP C 51 -79.61 -39.91 -26.55
CA ASP C 51 -80.33 -38.86 -25.83
C ASP C 51 -80.88 -39.29 -24.47
N THR C 52 -80.91 -40.59 -24.20
CA THR C 52 -81.28 -41.07 -22.87
C THR C 52 -80.10 -41.20 -21.90
N ALA C 53 -78.89 -40.92 -22.36
CA ALA C 53 -77.72 -40.90 -21.49
C ALA C 53 -77.31 -39.45 -21.24
N SER C 54 -77.17 -39.08 -19.97
CA SER C 54 -76.83 -37.70 -19.59
C SER C 54 -75.34 -37.50 -19.19
N VAL C 55 -74.80 -38.47 -18.48
CA VAL C 55 -73.46 -38.36 -17.87
C VAL C 55 -72.82 -39.73 -17.96
N ALA C 56 -71.52 -39.75 -18.27
CA ALA C 56 -70.76 -40.99 -18.30
C ALA C 56 -69.71 -41.00 -17.18
N VAL C 57 -69.34 -42.20 -16.78
CA VAL C 57 -68.30 -42.47 -15.83
C VAL C 57 -67.31 -43.38 -16.57
N LEU C 58 -66.05 -42.99 -16.57
CA LEU C 58 -64.97 -43.83 -17.11
C LEU C 58 -64.18 -44.41 -15.94
N THR C 59 -64.00 -45.73 -15.94
CA THR C 59 -63.34 -46.39 -14.83
C THR C 59 -62.64 -47.65 -15.30
N GLY C 60 -61.83 -48.22 -14.44
CA GLY C 60 -61.14 -49.47 -14.72
C GLY C 60 -61.54 -50.54 -13.73
N ALA C 61 -61.61 -51.78 -14.18
CA ALA C 61 -61.86 -52.89 -13.29
C ALA C 61 -60.55 -53.38 -12.66
N ASN C 62 -60.64 -54.40 -11.81
CA ASN C 62 -59.46 -55.10 -11.31
C ASN C 62 -58.60 -54.24 -10.35
N GLY C 63 -59.22 -53.25 -9.73
CA GLY C 63 -58.52 -52.40 -8.76
C GLY C 63 -57.53 -51.39 -9.32
N THR C 64 -57.62 -51.10 -10.61
CA THR C 64 -56.78 -50.08 -11.20
C THR C 64 -57.53 -49.35 -12.30
N PHE C 65 -57.00 -48.23 -12.73
CA PHE C 65 -57.66 -47.42 -13.76
C PHE C 65 -57.11 -47.75 -15.13
N CYS C 66 -55.87 -47.34 -15.39
CA CYS C 66 -55.26 -47.59 -16.70
C CYS C 66 -53.80 -47.30 -16.64
N ALA C 67 -53.02 -48.29 -17.03
CA ALA C 67 -51.57 -48.22 -17.02
C ALA C 67 -50.97 -47.50 -18.22
N GLY C 68 -51.79 -47.10 -19.18
CA GLY C 68 -51.33 -46.43 -20.37
C GLY C 68 -51.48 -47.28 -21.61
N ALA C 69 -50.78 -46.89 -22.67
CA ALA C 69 -50.82 -47.65 -23.91
C ALA C 69 -50.14 -48.99 -23.71
N ASP C 70 -50.60 -50.00 -24.44
CA ASP C 70 -50.11 -51.36 -24.26
C ASP C 70 -48.80 -51.53 -25.05
N LEU C 71 -47.69 -51.30 -24.37
CA LEU C 71 -46.34 -51.38 -24.95
C LEU C 71 -46.03 -52.76 -25.56
N LYS C 72 -46.38 -53.81 -24.83
CA LYS C 72 -46.24 -55.19 -25.30
C LYS C 72 -46.90 -55.49 -26.64
N ALA C 73 -47.92 -54.72 -27.00
CA ALA C 73 -48.62 -54.89 -28.28
C ALA C 73 -47.94 -54.19 -29.46
N PHE C 74 -46.92 -53.37 -29.20
CA PHE C 74 -46.19 -52.67 -30.29
C PHE C 74 -45.66 -53.69 -31.29
N GLY C 75 -45.87 -53.42 -32.57
CA GLY C 75 -45.43 -54.34 -33.62
C GLY C 75 -46.32 -55.55 -33.88
N THR C 76 -47.48 -55.62 -33.22
CA THR C 76 -48.43 -56.72 -33.40
C THR C 76 -49.68 -56.14 -34.08
N PRO C 77 -50.60 -57.00 -34.54
CA PRO C 77 -51.87 -56.49 -35.08
C PRO C 77 -52.71 -55.71 -34.05
N GLU C 78 -52.46 -55.95 -32.77
CA GLU C 78 -53.23 -55.33 -31.67
C GLU C 78 -52.62 -54.00 -31.22
N ALA C 79 -51.58 -53.54 -31.91
CA ALA C 79 -50.88 -52.31 -31.52
C ALA C 79 -51.81 -51.10 -31.55
N ASN C 80 -51.51 -50.11 -30.71
CA ASN C 80 -52.24 -48.85 -30.74
C ASN C 80 -52.11 -48.23 -32.13
N GLN C 81 -53.19 -47.66 -32.59
CA GLN C 81 -53.23 -47.01 -33.89
C GLN C 81 -52.87 -45.55 -33.70
N VAL C 82 -51.80 -45.13 -34.37
CA VAL C 82 -51.24 -43.79 -34.21
C VAL C 82 -51.34 -43.07 -35.56
N HIS C 83 -52.35 -42.21 -35.70
CA HIS C 83 -52.59 -41.48 -36.95
C HIS C 83 -52.98 -40.04 -36.63
N ARG C 84 -52.67 -39.14 -37.57
CA ARG C 84 -53.02 -37.73 -37.41
C ARG C 84 -54.54 -37.54 -37.46
N GLU C 85 -55.24 -38.35 -38.26
CA GLU C 85 -56.72 -38.31 -38.36
C GLU C 85 -57.39 -39.39 -37.51
N GLY C 86 -58.67 -39.18 -37.22
CA GLY C 86 -59.48 -40.18 -36.53
C GLY C 86 -59.20 -40.22 -35.04
N PRO C 87 -59.55 -41.34 -34.38
CA PRO C 87 -59.34 -41.43 -32.94
C PRO C 87 -57.89 -41.34 -32.50
N GLY C 88 -57.67 -40.78 -31.33
CA GLY C 88 -56.34 -40.77 -30.71
C GLY C 88 -55.88 -42.17 -30.32
N PRO C 89 -54.57 -42.33 -30.11
CA PRO C 89 -53.99 -43.63 -29.74
C PRO C 89 -54.65 -44.35 -28.57
N MET C 90 -55.15 -43.60 -27.57
CA MET C 90 -55.85 -44.18 -26.43
C MET C 90 -57.34 -44.39 -26.66
N GLY C 91 -57.89 -43.83 -27.75
CA GLY C 91 -59.27 -44.06 -28.14
C GLY C 91 -60.11 -42.80 -28.19
N PRO C 92 -60.66 -42.37 -27.06
CA PRO C 92 -61.54 -41.21 -27.02
C PRO C 92 -60.86 -39.85 -26.76
N SER C 93 -59.53 -39.84 -26.71
CA SER C 93 -58.77 -38.68 -26.21
C SER C 93 -58.84 -37.41 -27.06
N ARG C 94 -59.29 -37.53 -28.31
CA ARG C 94 -59.50 -36.35 -29.16
C ARG C 94 -60.97 -35.91 -29.23
N MET C 95 -61.87 -36.64 -28.58
CA MET C 95 -63.30 -36.36 -28.72
C MET C 95 -63.72 -35.13 -27.93
N ASP C 96 -64.60 -34.35 -28.53
CA ASP C 96 -65.24 -33.22 -27.87
C ASP C 96 -66.68 -33.60 -27.67
N LEU C 97 -67.00 -34.20 -26.51
CA LEU C 97 -68.35 -34.70 -26.29
C LEU C 97 -69.28 -33.59 -25.87
N SER C 98 -70.57 -33.78 -26.14
CA SER C 98 -71.60 -32.80 -25.84
C SER C 98 -72.08 -32.89 -24.41
N LYS C 99 -71.63 -33.90 -23.69
CA LYS C 99 -72.07 -34.21 -22.34
C LYS C 99 -70.87 -34.65 -21.49
N PRO C 100 -70.96 -34.51 -20.16
CA PRO C 100 -69.78 -34.70 -19.30
C PRO C 100 -69.46 -36.14 -18.94
N VAL C 101 -68.18 -36.37 -18.61
CA VAL C 101 -67.63 -37.66 -18.22
C VAL C 101 -66.87 -37.48 -16.91
N ILE C 102 -67.09 -38.38 -15.95
CA ILE C 102 -66.38 -38.37 -14.68
C ILE C 102 -65.43 -39.55 -14.64
N ALA C 103 -64.15 -39.32 -14.38
CA ALA C 103 -63.20 -40.41 -14.17
C ALA C 103 -63.32 -40.92 -12.77
N ALA C 104 -63.35 -42.24 -12.61
CA ALA C 104 -63.36 -42.86 -11.31
C ALA C 104 -62.08 -43.69 -11.21
N ILE C 105 -61.11 -43.18 -10.46
CA ILE C 105 -59.77 -43.72 -10.45
C ILE C 105 -59.45 -44.54 -9.18
N SER C 106 -59.18 -45.84 -9.39
CA SER C 106 -58.56 -46.71 -8.39
C SER C 106 -57.17 -47.07 -8.88
N GLY C 107 -56.30 -47.46 -7.95
CA GLY C 107 -54.95 -47.87 -8.31
C GLY C 107 -54.19 -46.84 -9.13
N TYR C 108 -53.71 -47.23 -10.31
CA TYR C 108 -52.90 -46.34 -11.16
C TYR C 108 -53.67 -45.74 -12.31
N ALA C 109 -53.49 -44.42 -12.50
CA ALA C 109 -53.85 -43.74 -13.73
C ALA C 109 -52.57 -43.07 -14.21
N VAL C 110 -51.85 -43.76 -15.07
CA VAL C 110 -50.52 -43.32 -15.47
C VAL C 110 -50.30 -43.31 -16.97
N ALA C 111 -49.44 -42.41 -17.40
CA ALA C 111 -49.11 -42.24 -18.81
C ALA C 111 -50.39 -42.00 -19.62
N GLY C 112 -50.64 -42.78 -20.67
CA GLY C 112 -51.86 -42.60 -21.46
C GLY C 112 -53.11 -42.73 -20.60
N GLY C 113 -53.00 -43.47 -19.49
CA GLY C 113 -54.11 -43.60 -18.55
C GLY C 113 -54.38 -42.30 -17.83
N LEU C 114 -53.33 -41.58 -17.45
CA LEU C 114 -53.52 -40.23 -16.89
C LEU C 114 -54.18 -39.34 -17.91
N GLU C 115 -53.73 -39.43 -19.15
CA GLU C 115 -54.33 -38.64 -20.24
C GLU C 115 -55.83 -38.85 -20.41
N LEU C 116 -56.28 -40.09 -20.28
CA LEU C 116 -57.70 -40.34 -20.30
C LEU C 116 -58.40 -39.67 -19.14
N ALA C 117 -57.80 -39.71 -17.97
CA ALA C 117 -58.38 -39.01 -16.79
C ALA C 117 -58.43 -37.50 -16.96
N LEU C 118 -57.42 -36.91 -17.62
CA LEU C 118 -57.40 -35.48 -17.89
C LEU C 118 -58.46 -35.06 -18.91
N TRP C 119 -58.78 -35.98 -19.83
CA TRP C 119 -59.79 -35.74 -20.87
C TRP C 119 -61.20 -35.66 -20.24
N CYS C 120 -61.40 -36.36 -19.13
CA CYS C 120 -62.66 -36.28 -18.42
C CYS C 120 -62.85 -34.91 -17.78
N ASP C 121 -64.10 -34.55 -17.54
CA ASP C 121 -64.44 -33.30 -16.89
C ASP C 121 -64.06 -33.25 -15.41
N LEU C 122 -64.19 -34.36 -14.71
CA LEU C 122 -63.93 -34.41 -13.26
C LEU C 122 -63.27 -35.71 -12.92
N ARG C 123 -62.52 -35.71 -11.82
CA ARG C 123 -61.79 -36.90 -11.40
C ARG C 123 -62.09 -37.20 -9.96
N VAL C 124 -62.62 -38.39 -9.72
CA VAL C 124 -62.89 -38.88 -8.39
C VAL C 124 -61.90 -39.98 -8.13
N VAL C 125 -61.17 -39.88 -7.01
CA VAL C 125 -59.99 -40.68 -6.85
C VAL C 125 -59.99 -41.39 -5.49
N ASP C 126 -59.63 -42.66 -5.50
CA ASP C 126 -59.43 -43.42 -4.26
C ASP C 126 -58.26 -42.81 -3.46
N GLU C 127 -58.35 -42.90 -2.13
CA GLU C 127 -57.29 -42.41 -1.22
C GLU C 127 -55.91 -43.03 -1.51
N ASP C 128 -55.86 -44.25 -1.99
CA ASP C 128 -54.59 -44.92 -2.29
C ASP C 128 -54.19 -44.92 -3.78
N ALA C 129 -54.91 -44.15 -4.61
CA ALA C 129 -54.59 -44.10 -6.03
C ALA C 129 -53.34 -43.30 -6.31
N THR C 130 -52.71 -43.58 -7.45
CA THR C 130 -51.51 -42.93 -7.89
C THR C 130 -51.70 -42.43 -9.36
N MET C 131 -51.33 -41.18 -9.60
CA MET C 131 -51.41 -40.60 -10.93
C MET C 131 -50.04 -40.10 -11.33
N GLY C 132 -49.76 -40.07 -12.63
CA GLY C 132 -48.47 -39.56 -13.07
C GLY C 132 -48.12 -39.85 -14.50
N VAL C 133 -47.12 -39.10 -15.02
CA VAL C 133 -46.69 -39.21 -16.40
C VAL C 133 -45.56 -40.25 -16.45
N PHE C 134 -45.90 -41.51 -16.19
CA PHE C 134 -44.88 -42.56 -16.07
C PHE C 134 -44.23 -42.92 -17.42
N CYS C 135 -44.84 -42.49 -18.52
CA CYS C 135 -44.23 -42.63 -19.85
C CYS C 135 -42.91 -41.85 -20.01
N ARG C 136 -42.71 -40.85 -19.15
CA ARG C 136 -41.42 -40.14 -19.07
C ARG C 136 -40.29 -41.13 -18.92
N ARG C 137 -40.44 -42.09 -17.99
CA ARG C 137 -39.42 -43.06 -17.68
C ARG C 137 -39.16 -44.01 -18.87
N TRP C 138 -40.21 -44.36 -19.62
CA TRP C 138 -40.12 -45.31 -20.74
C TRP C 138 -39.74 -44.61 -22.06
N GLY C 139 -39.79 -43.27 -22.10
CA GLY C 139 -39.50 -42.54 -23.33
C GLY C 139 -40.59 -42.58 -24.39
N VAL C 140 -41.85 -42.68 -23.96
CA VAL C 140 -43.00 -42.66 -24.88
C VAL C 140 -43.70 -41.30 -24.72
N PRO C 141 -43.96 -40.60 -25.82
CA PRO C 141 -44.45 -39.24 -25.70
C PRO C 141 -45.93 -39.16 -25.34
N LEU C 142 -46.32 -38.02 -24.78
CA LEU C 142 -47.71 -37.70 -24.53
C LEU C 142 -48.36 -37.20 -25.82
N ILE C 143 -49.19 -38.07 -26.41
CA ILE C 143 -49.85 -37.75 -27.68
C ILE C 143 -51.37 -38.01 -27.60
N ASP C 144 -51.90 -37.98 -26.38
CA ASP C 144 -53.34 -38.07 -26.14
C ASP C 144 -53.81 -36.90 -25.27
N GLY C 145 -53.13 -35.77 -25.45
CA GLY C 145 -53.60 -34.48 -24.93
C GLY C 145 -53.05 -34.03 -23.60
N GLY C 146 -52.19 -34.86 -22.97
CA GLY C 146 -51.66 -34.51 -21.68
C GLY C 146 -50.95 -33.17 -21.63
N THR C 147 -50.16 -32.87 -22.67
CA THR C 147 -49.39 -31.62 -22.69
C THR C 147 -50.31 -30.41 -22.93
N VAL C 148 -51.46 -30.67 -23.55
CA VAL C 148 -52.42 -29.60 -23.82
C VAL C 148 -53.32 -29.36 -22.58
N ARG C 149 -53.80 -30.44 -21.98
CA ARG C 149 -54.80 -30.34 -20.95
C ARG C 149 -54.24 -30.08 -19.54
N LEU C 150 -53.10 -30.68 -19.21
CA LEU C 150 -52.59 -30.51 -17.84
C LEU C 150 -52.34 -29.05 -17.44
N PRO C 151 -51.67 -28.25 -18.31
CA PRO C 151 -51.46 -26.86 -17.91
C PRO C 151 -52.77 -26.07 -17.74
N ARG C 152 -53.77 -26.43 -18.54
CA ARG C 152 -55.09 -25.79 -18.48
C ARG C 152 -55.85 -26.19 -17.23
N LEU C 153 -55.66 -27.44 -16.82
CA LEU C 153 -56.31 -27.99 -15.66
C LEU C 153 -55.80 -27.46 -14.34
N ILE C 154 -54.47 -27.43 -14.17
CA ILE C 154 -53.86 -27.12 -12.87
C ILE C 154 -52.80 -26.01 -12.89
N GLY C 155 -52.65 -25.35 -14.03
CA GLY C 155 -51.66 -24.29 -14.20
C GLY C 155 -50.38 -24.82 -14.82
N HIS C 156 -49.63 -23.93 -15.45
CA HIS C 156 -48.38 -24.31 -16.09
C HIS C 156 -47.30 -24.80 -15.12
N SER C 157 -47.19 -24.18 -13.95
CA SER C 157 -46.09 -24.51 -13.05
C SER C 157 -46.15 -25.95 -12.59
N ARG C 158 -47.26 -26.33 -12.01
CA ARG C 158 -47.43 -27.71 -11.56
C ARG C 158 -47.50 -28.71 -12.70
N ALA C 159 -48.10 -28.30 -13.82
CA ALA C 159 -48.10 -29.18 -15.00
C ALA C 159 -46.68 -29.51 -15.46
N MET C 160 -45.83 -28.52 -15.54
CA MET C 160 -44.46 -28.75 -16.00
C MET C 160 -43.68 -29.66 -15.03
N ASP C 161 -43.92 -29.53 -13.74
CA ASP C 161 -43.33 -30.43 -12.72
C ASP C 161 -43.66 -31.89 -13.04
N LEU C 162 -44.96 -32.17 -13.15
CA LEU C 162 -45.42 -33.52 -13.47
C LEU C 162 -44.95 -34.05 -14.80
N ILE C 163 -44.99 -33.19 -15.83
CA ILE C 163 -44.57 -33.57 -17.15
C ILE C 163 -43.07 -33.84 -17.25
N LEU C 164 -42.24 -32.96 -16.72
CA LEU C 164 -40.80 -33.15 -16.80
C LEU C 164 -40.31 -34.33 -15.96
N THR C 165 -40.73 -34.36 -14.70
CA THR C 165 -40.22 -35.38 -13.76
C THR C 165 -40.86 -36.77 -13.99
N GLY C 166 -42.08 -36.81 -14.48
CA GLY C 166 -42.81 -38.09 -14.54
C GLY C 166 -43.17 -38.67 -13.18
N ARG C 167 -43.09 -37.86 -12.13
CA ARG C 167 -43.23 -38.37 -10.79
C ARG C 167 -44.67 -38.78 -10.44
N ALA C 168 -44.76 -39.66 -9.45
CA ALA C 168 -46.02 -40.14 -8.91
C ALA C 168 -46.66 -39.07 -8.03
N VAL C 169 -47.97 -38.93 -8.16
CA VAL C 169 -48.73 -37.99 -7.37
C VAL C 169 -49.77 -38.82 -6.61
N ASP C 170 -49.70 -38.77 -5.30
CA ASP C 170 -50.70 -39.46 -4.49
C ASP C 170 -52.00 -38.66 -4.41
N ALA C 171 -53.01 -39.25 -3.80
CA ALA C 171 -54.36 -38.64 -3.80
C ALA C 171 -54.43 -37.31 -3.06
N ALA C 172 -53.77 -37.25 -1.92
CA ALA C 172 -53.73 -36.01 -1.14
C ALA C 172 -53.13 -34.87 -1.93
N GLU C 173 -52.01 -35.11 -2.60
CA GLU C 173 -51.39 -34.09 -3.41
C GLU C 173 -52.28 -33.74 -4.64
N ALA C 174 -52.83 -34.76 -5.29
CA ALA C 174 -53.71 -34.55 -6.43
C ALA C 174 -54.90 -33.65 -6.04
N TYR C 175 -55.40 -33.87 -4.83
CA TYR C 175 -56.51 -33.05 -4.30
C TYR C 175 -56.04 -31.60 -4.01
N ALA C 176 -54.89 -31.47 -3.38
CA ALA C 176 -54.33 -30.15 -3.03
C ALA C 176 -54.05 -29.29 -4.26
N ILE C 177 -53.69 -29.91 -5.39
CA ILE C 177 -53.36 -29.16 -6.61
C ILE C 177 -54.49 -29.00 -7.62
N GLY C 178 -55.65 -29.58 -7.31
CA GLY C 178 -56.81 -29.48 -8.14
C GLY C 178 -56.92 -30.54 -9.24
N LEU C 179 -56.03 -31.53 -9.24
CA LEU C 179 -56.07 -32.62 -10.20
C LEU C 179 -57.22 -33.60 -9.88
N ALA C 180 -57.30 -34.04 -8.63
CA ALA C 180 -58.39 -34.84 -8.13
C ALA C 180 -59.47 -33.91 -7.61
N ASN C 181 -60.69 -34.01 -8.13
CA ASN C 181 -61.76 -33.15 -7.63
C ASN C 181 -62.42 -33.70 -6.36
N ARG C 182 -62.42 -35.02 -6.23
CA ARG C 182 -62.86 -35.67 -5.01
C ARG C 182 -61.88 -36.77 -4.65
N VAL C 183 -61.72 -37.00 -3.35
CA VAL C 183 -60.95 -38.14 -2.82
C VAL C 183 -61.85 -38.93 -1.89
N VAL C 184 -61.96 -40.23 -2.16
CA VAL C 184 -62.85 -41.12 -1.44
C VAL C 184 -62.09 -42.34 -0.91
N PRO C 185 -62.68 -43.09 0.04
CA PRO C 185 -61.99 -44.26 0.53
C PRO C 185 -61.71 -45.32 -0.56
N THR C 186 -60.66 -46.10 -0.33
CA THR C 186 -60.24 -47.12 -1.27
C THR C 186 -61.39 -48.03 -1.65
N GLY C 187 -61.54 -48.31 -2.94
CA GLY C 187 -62.62 -49.14 -3.43
C GLY C 187 -63.91 -48.40 -3.73
N GLN C 188 -63.99 -47.10 -3.43
CA GLN C 188 -65.23 -46.36 -3.61
C GLN C 188 -65.33 -45.42 -4.81
N ALA C 189 -64.30 -45.33 -5.62
CA ALA C 189 -64.25 -44.30 -6.64
C ALA C 189 -65.41 -44.45 -7.61
N ARG C 190 -65.64 -45.66 -8.09
CA ARG C 190 -66.70 -45.91 -9.02
C ARG C 190 -68.10 -45.53 -8.46
N GLN C 191 -68.39 -45.99 -7.25
CA GLN C 191 -69.67 -45.69 -6.63
C GLN C 191 -69.84 -44.18 -6.43
N ALA C 192 -68.79 -43.50 -5.96
CA ALA C 192 -68.88 -42.10 -5.67
C ALA C 192 -69.06 -41.32 -6.99
N ALA C 193 -68.37 -41.74 -8.04
CA ALA C 193 -68.48 -41.09 -9.33
C ALA C 193 -69.87 -41.31 -9.90
N GLU C 194 -70.42 -42.51 -9.72
CA GLU C 194 -71.75 -42.78 -10.20
C GLU C 194 -72.82 -41.98 -9.44
N GLU C 195 -72.66 -41.81 -8.14
CA GLU C 195 -73.51 -40.93 -7.35
C GLU C 195 -73.46 -39.49 -7.83
N LEU C 196 -72.24 -39.01 -8.04
CA LEU C 196 -72.06 -37.66 -8.54
C LEU C 196 -72.68 -37.50 -9.94
N ALA C 197 -72.49 -38.50 -10.80
CA ALA C 197 -73.08 -38.50 -12.14
C ALA C 197 -74.61 -38.42 -12.06
N ALA C 198 -75.20 -39.16 -11.12
CA ALA C 198 -76.65 -39.18 -10.95
C ALA C 198 -77.17 -37.82 -10.43
N ASP C 199 -76.41 -37.19 -9.51
CA ASP C 199 -76.70 -35.83 -9.07
C ASP C 199 -76.71 -34.89 -10.29
N LEU C 200 -75.66 -34.95 -11.09
CA LEU C 200 -75.60 -34.10 -12.28
C LEU C 200 -76.76 -34.34 -13.23
N ALA C 201 -77.13 -35.61 -13.41
CA ALA C 201 -78.20 -35.98 -14.32
C ALA C 201 -79.55 -35.46 -13.86
N ARG C 202 -79.71 -35.20 -12.57
CA ARG C 202 -80.96 -34.64 -12.02
C ARG C 202 -81.09 -33.14 -12.23
N LEU C 203 -80.01 -32.45 -12.58
CA LEU C 203 -80.06 -31.00 -12.76
C LEU C 203 -80.67 -30.64 -14.11
N PRO C 204 -81.11 -29.38 -14.26
CA PRO C 204 -81.55 -28.92 -15.60
C PRO C 204 -80.44 -29.06 -16.66
N GLN C 205 -80.66 -29.94 -17.61
CA GLN C 205 -79.60 -30.43 -18.48
C GLN C 205 -79.07 -29.43 -19.50
N GLN C 206 -79.99 -28.77 -20.21
CA GLN C 206 -79.61 -27.92 -21.34
C GLN C 206 -78.65 -26.80 -20.85
N CYS C 207 -79.02 -26.24 -19.72
CA CYS C 207 -78.28 -25.18 -19.12
C CYS C 207 -76.88 -25.62 -18.65
N MET C 208 -76.81 -26.74 -17.94
CA MET C 208 -75.53 -27.29 -17.49
C MET C 208 -74.60 -27.63 -18.65
N ARG C 209 -75.19 -28.24 -19.70
CA ARG C 209 -74.41 -28.60 -20.86
C ARG C 209 -73.89 -27.38 -21.63
N ALA C 210 -74.70 -26.32 -21.73
CA ALA C 210 -74.28 -25.11 -22.43
C ALA C 210 -73.14 -24.42 -21.66
N ASP C 211 -73.30 -24.33 -20.34
CA ASP C 211 -72.24 -23.76 -19.48
C ASP C 211 -70.93 -24.54 -19.64
N ARG C 212 -71.02 -25.87 -19.61
CA ARG C 212 -69.83 -26.71 -19.80
C ARG C 212 -69.16 -26.42 -21.13
N LEU C 213 -69.96 -26.36 -22.21
CA LEU C 213 -69.37 -26.19 -23.53
C LEU C 213 -68.70 -24.82 -23.68
N SER C 214 -69.25 -23.78 -23.04
CA SER C 214 -68.61 -22.47 -23.07
C SER C 214 -67.30 -22.45 -22.27
N ALA C 215 -67.28 -23.10 -21.10
CA ALA C 215 -66.06 -23.19 -20.31
C ALA C 215 -64.95 -23.94 -21.01
N LEU C 216 -65.32 -24.91 -21.85
CA LEU C 216 -64.35 -25.56 -22.71
C LEU C 216 -63.93 -24.69 -23.88
N HIS C 217 -64.91 -24.10 -24.56
CA HIS C 217 -64.64 -23.40 -25.80
C HIS C 217 -63.77 -22.16 -25.61
N GLN C 218 -63.89 -21.51 -24.46
CA GLN C 218 -63.15 -20.28 -24.20
C GLN C 218 -61.63 -20.39 -24.22
N TRP C 219 -61.09 -21.60 -24.00
CA TRP C 219 -59.66 -21.80 -24.01
C TRP C 219 -59.03 -21.43 -25.34
N GLY C 220 -58.06 -20.51 -25.28
CA GLY C 220 -57.40 -20.00 -26.47
C GLY C 220 -58.06 -18.76 -27.09
N GLU C 221 -59.21 -18.34 -26.54
CA GLU C 221 -59.93 -17.19 -27.07
C GLU C 221 -59.72 -15.95 -26.24
N SER C 222 -59.83 -14.81 -26.89
CA SER C 222 -59.80 -13.54 -26.18
C SER C 222 -61.03 -13.47 -25.30
N GLU C 223 -61.00 -12.60 -24.31
CA GLU C 223 -62.17 -12.35 -23.47
C GLU C 223 -63.40 -12.00 -24.32
N ASN C 224 -63.24 -11.08 -25.25
CA ASN C 224 -64.37 -10.67 -26.08
C ASN C 224 -65.01 -11.83 -26.86
N ALA C 225 -64.19 -12.61 -27.57
CA ALA C 225 -64.72 -13.73 -28.35
C ALA C 225 -65.36 -14.80 -27.46
N ALA C 226 -64.74 -15.07 -26.30
CA ALA C 226 -65.28 -16.04 -25.37
C ALA C 226 -66.61 -15.58 -24.78
N MET C 227 -66.73 -14.30 -24.45
CA MET C 227 -67.99 -13.72 -23.91
C MET C 227 -69.10 -13.81 -24.95
N ASP C 228 -68.76 -13.52 -26.19
CA ASP C 228 -69.74 -13.68 -27.28
C ASP C 228 -70.25 -15.09 -27.42
N PHE C 229 -69.35 -16.08 -27.38
CA PHE C 229 -69.77 -17.47 -27.46
C PHE C 229 -70.64 -17.84 -26.27
N GLU C 230 -70.23 -17.41 -25.08
CA GLU C 230 -71.01 -17.69 -23.86
C GLU C 230 -72.44 -17.16 -23.95
N PHE C 231 -72.59 -15.95 -24.41
CA PHE C 231 -73.90 -15.35 -24.53
C PHE C 231 -74.86 -16.17 -25.42
N ALA C 232 -74.35 -16.87 -26.44
CA ALA C 232 -75.18 -17.79 -27.24
C ALA C 232 -75.86 -18.93 -26.46
N SER C 233 -75.44 -19.17 -25.20
CA SER C 233 -76.17 -20.06 -24.28
C SER C 233 -77.63 -19.66 -24.05
N ILE C 234 -77.94 -18.36 -24.11
CA ILE C 234 -79.34 -17.89 -24.10
C ILE C 234 -80.20 -18.56 -25.22
N SER C 235 -79.58 -18.86 -26.35
CA SER C 235 -80.21 -19.65 -27.44
C SER C 235 -80.56 -21.06 -26.96
N SER D 7 -25.64 -50.06 -9.44
CA SER D 7 -24.29 -50.08 -8.76
C SER D 7 -24.44 -50.15 -7.25
N GLU D 8 -23.53 -50.87 -6.61
CA GLU D 8 -23.32 -50.74 -5.16
C GLU D 8 -22.77 -49.31 -5.02
N PRO D 9 -22.81 -48.68 -3.83
CA PRO D 9 -22.38 -47.27 -3.82
C PRO D 9 -20.87 -47.00 -3.97
N VAL D 10 -20.04 -48.02 -3.70
CA VAL D 10 -18.59 -47.92 -3.86
C VAL D 10 -18.14 -49.13 -4.69
N ARG D 11 -17.43 -48.88 -5.79
CA ARG D 11 -16.88 -49.94 -6.63
C ARG D 11 -15.36 -49.86 -6.59
N ILE D 12 -14.71 -51.01 -6.62
CA ILE D 12 -13.25 -51.12 -6.56
C ILE D 12 -12.77 -51.81 -7.83
N GLU D 13 -11.84 -51.19 -8.55
CA GLU D 13 -11.29 -51.80 -9.75
C GLU D 13 -9.79 -51.80 -9.58
N ARG D 14 -9.13 -52.89 -9.94
CA ARG D 14 -7.69 -52.96 -9.87
C ARG D 14 -7.04 -53.22 -11.21
N ASN D 15 -5.88 -52.62 -11.41
CA ASN D 15 -5.08 -52.83 -12.60
C ASN D 15 -3.63 -52.90 -12.14
N GLY D 16 -3.18 -54.13 -11.95
CA GLY D 16 -1.91 -54.39 -11.30
C GLY D 16 -1.87 -53.72 -9.93
N PRO D 17 -0.81 -52.97 -9.66
CA PRO D 17 -0.62 -52.39 -8.33
C PRO D 17 -1.40 -51.08 -8.08
N VAL D 18 -2.27 -50.69 -8.98
CA VAL D 18 -3.11 -49.49 -8.81
C VAL D 18 -4.58 -49.90 -8.58
N THR D 19 -5.11 -49.49 -7.46
CA THR D 19 -6.48 -49.74 -7.08
C THR D 19 -7.30 -48.45 -7.26
N THR D 20 -8.39 -48.53 -7.98
CA THR D 20 -9.30 -47.37 -8.15
C THR D 20 -10.56 -47.61 -7.31
N VAL D 21 -10.82 -46.69 -6.40
CA VAL D 21 -12.01 -46.69 -5.54
C VAL D 21 -13.01 -45.65 -6.08
N ILE D 22 -14.20 -46.10 -6.43
CA ILE D 22 -15.17 -45.27 -7.20
C ILE D 22 -16.49 -45.07 -6.42
N ILE D 23 -16.82 -43.83 -6.09
CA ILE D 23 -18.10 -43.50 -5.47
C ILE D 23 -19.10 -43.43 -6.60
N ASP D 24 -20.24 -44.10 -6.45
CA ASP D 24 -21.17 -44.26 -7.55
C ASP D 24 -22.60 -44.22 -7.06
N ARG D 25 -23.12 -43.01 -6.86
CA ARG D 25 -24.49 -42.81 -6.42
C ARG D 25 -25.13 -41.72 -7.29
N PRO D 26 -25.61 -42.10 -8.45
CA PRO D 26 -26.10 -41.17 -9.48
C PRO D 26 -27.15 -40.20 -8.96
N GLU D 27 -28.20 -40.69 -8.34
CA GLU D 27 -29.28 -39.80 -7.86
C GLU D 27 -28.82 -38.84 -6.80
N ALA D 28 -27.93 -39.30 -5.92
CA ALA D 28 -27.41 -38.47 -4.85
C ALA D 28 -26.16 -37.66 -5.25
N ARG D 29 -25.79 -37.64 -6.52
CA ARG D 29 -24.60 -36.95 -7.02
C ARG D 29 -23.34 -37.32 -6.22
N ASN D 30 -23.22 -38.59 -5.93
CA ASN D 30 -22.09 -39.15 -5.18
C ASN D 30 -21.93 -38.60 -3.77
N ALA D 31 -23.01 -38.10 -3.19
CA ALA D 31 -23.01 -37.80 -1.76
C ALA D 31 -22.74 -39.07 -0.94
N VAL D 32 -22.08 -38.91 0.18
CA VAL D 32 -21.66 -40.03 1.01
C VAL D 32 -22.56 -40.13 2.24
N ASN D 33 -23.35 -41.21 2.29
CA ASN D 33 -24.16 -41.49 3.46
C ASN D 33 -23.41 -42.51 4.32
N GLY D 34 -24.08 -43.01 5.36
CA GLY D 34 -23.46 -43.98 6.30
C GLY D 34 -22.91 -45.23 5.66
N PRO D 35 -23.74 -45.97 4.92
CA PRO D 35 -23.24 -47.17 4.21
C PRO D 35 -22.10 -46.87 3.23
N THR D 36 -22.21 -45.76 2.52
CA THR D 36 -21.16 -45.38 1.57
C THR D 36 -19.84 -45.12 2.30
N ALA D 37 -19.92 -44.41 3.42
CA ALA D 37 -18.72 -44.09 4.19
C ALA D 37 -18.10 -45.39 4.72
N ALA D 38 -18.93 -46.30 5.18
CA ALA D 38 -18.46 -47.59 5.68
C ALA D 38 -17.77 -48.38 4.57
N ALA D 39 -18.34 -48.34 3.39
CA ALA D 39 -17.72 -49.00 2.22
C ALA D 39 -16.36 -48.35 1.82
N LEU D 40 -16.28 -47.02 1.86
CA LEU D 40 -15.02 -46.34 1.55
C LEU D 40 -13.97 -46.72 2.57
N PHE D 41 -14.33 -46.71 3.84
CA PHE D 41 -13.40 -47.08 4.90
C PHE D 41 -12.90 -48.49 4.68
N ALA D 42 -13.80 -49.42 4.38
CA ALA D 42 -13.40 -50.82 4.13
C ALA D 42 -12.51 -50.97 2.89
N ALA D 43 -12.84 -50.28 1.80
CA ALA D 43 -12.02 -50.27 0.58
C ALA D 43 -10.59 -49.86 0.89
N PHE D 44 -10.42 -48.78 1.66
CA PHE D 44 -9.10 -48.28 1.98
C PHE D 44 -8.36 -49.12 3.03
N GLU D 45 -9.10 -49.73 3.96
CA GLU D 45 -8.53 -50.71 4.85
C GLU D 45 -7.93 -51.89 4.08
N GLU D 46 -8.68 -52.37 3.10
CA GLU D 46 -8.26 -53.52 2.26
C GLU D 46 -7.05 -53.13 1.40
N PHE D 47 -7.10 -51.93 0.80
CA PHE D 47 -5.94 -51.37 0.09
C PHE D 47 -4.69 -51.34 0.96
N ASP D 48 -4.82 -50.77 2.15
CA ASP D 48 -3.64 -50.55 3.01
C ASP D 48 -2.97 -51.86 3.37
N ALA D 49 -3.80 -52.88 3.60
CA ALA D 49 -3.32 -54.21 4.01
C ALA D 49 -2.83 -55.08 2.83
N ASP D 50 -3.20 -54.75 1.60
CA ASP D 50 -2.86 -55.57 0.45
C ASP D 50 -1.48 -55.21 -0.11
N ASP D 51 -0.50 -56.10 0.09
CA ASP D 51 0.86 -55.84 -0.36
C ASP D 51 1.04 -55.85 -1.88
N THR D 52 0.04 -56.36 -2.62
CA THR D 52 0.08 -56.27 -4.09
C THR D 52 -0.50 -54.95 -4.61
N ALA D 53 -1.03 -54.09 -3.73
CA ALA D 53 -1.52 -52.77 -4.15
C ALA D 53 -0.55 -51.68 -3.68
N SER D 54 -0.15 -50.81 -4.59
CA SER D 54 0.88 -49.79 -4.29
C SER D 54 0.31 -48.38 -4.15
N VAL D 55 -0.64 -48.03 -5.01
CA VAL D 55 -1.19 -46.68 -5.09
C VAL D 55 -2.67 -46.81 -5.36
N ALA D 56 -3.46 -45.97 -4.72
CA ALA D 56 -4.90 -45.93 -4.95
C ALA D 56 -5.30 -44.63 -5.62
N VAL D 57 -6.41 -44.71 -6.37
CA VAL D 57 -7.04 -43.55 -6.97
C VAL D 57 -8.44 -43.51 -6.37
N LEU D 58 -8.83 -42.36 -5.86
CA LEU D 58 -10.20 -42.12 -5.42
C LEU D 58 -10.90 -41.24 -6.48
N THR D 59 -12.07 -41.67 -6.92
CA THR D 59 -12.83 -40.92 -7.95
C THR D 59 -14.30 -41.14 -7.83
N GLY D 60 -15.09 -40.36 -8.58
CA GLY D 60 -16.53 -40.49 -8.56
C GLY D 60 -17.06 -40.77 -9.96
N ALA D 61 -18.13 -41.55 -10.05
CA ALA D 61 -18.74 -41.84 -11.35
C ALA D 61 -19.74 -40.74 -11.68
N ASN D 62 -20.37 -40.84 -12.84
CA ASN D 62 -21.50 -39.99 -13.19
C ASN D 62 -21.07 -38.54 -13.44
N GLY D 63 -19.80 -38.32 -13.77
CA GLY D 63 -19.31 -36.97 -14.08
C GLY D 63 -19.14 -36.01 -12.91
N THR D 64 -19.08 -36.54 -11.69
CA THR D 64 -18.84 -35.72 -10.54
C THR D 64 -18.05 -36.50 -9.50
N PHE D 65 -17.48 -35.80 -8.54
CA PHE D 65 -16.60 -36.44 -7.57
C PHE D 65 -17.41 -36.77 -6.33
N CYS D 66 -17.79 -35.75 -5.56
CA CYS D 66 -18.56 -35.97 -4.34
C CYS D 66 -19.11 -34.66 -3.83
N ALA D 67 -20.44 -34.63 -3.64
CA ALA D 67 -21.16 -33.44 -3.22
C ALA D 67 -21.08 -33.21 -1.70
N GLY D 68 -20.48 -34.15 -0.96
CA GLY D 68 -20.40 -34.05 0.48
C GLY D 68 -21.21 -35.12 1.20
N ALA D 69 -21.46 -34.88 2.49
CA ALA D 69 -22.26 -35.80 3.29
C ALA D 69 -23.69 -35.76 2.81
N ASP D 70 -24.37 -36.90 2.89
CA ASP D 70 -25.72 -37.01 2.36
C ASP D 70 -26.70 -36.38 3.35
N LEU D 71 -27.02 -35.10 3.14
CA LEU D 71 -27.96 -34.33 4.00
C LEU D 71 -29.34 -35.00 4.11
N LYS D 72 -29.87 -35.42 2.97
CA LYS D 72 -31.16 -36.10 2.90
C LYS D 72 -31.26 -37.32 3.80
N ALA D 73 -30.13 -37.94 4.12
CA ALA D 73 -30.10 -39.14 4.97
C ALA D 73 -30.08 -38.85 6.46
N PHE D 74 -29.93 -37.60 6.85
CA PHE D 74 -29.97 -37.23 8.26
C PHE D 74 -31.28 -37.69 8.88
N GLY D 75 -31.20 -38.32 10.05
CA GLY D 75 -32.37 -38.85 10.74
C GLY D 75 -32.92 -40.17 10.23
N THR D 76 -32.23 -40.82 9.29
CA THR D 76 -32.63 -42.13 8.76
C THR D 76 -31.59 -43.16 9.19
N PRO D 77 -31.88 -44.46 8.95
CA PRO D 77 -30.87 -45.50 9.25
C PRO D 77 -29.58 -45.34 8.43
N GLU D 78 -29.68 -44.64 7.29
CA GLU D 78 -28.56 -44.46 6.36
C GLU D 78 -27.74 -43.22 6.67
N ALA D 79 -28.05 -42.52 7.76
CA ALA D 79 -27.34 -41.28 8.12
C ALA D 79 -25.86 -41.51 8.33
N ASN D 80 -25.07 -40.46 8.10
CA ASN D 80 -23.62 -40.51 8.39
C ASN D 80 -23.42 -40.75 9.88
N GLN D 81 -22.43 -41.57 10.19
CA GLN D 81 -22.08 -41.90 11.56
C GLN D 81 -21.03 -40.91 12.08
N VAL D 82 -21.39 -40.19 13.13
CA VAL D 82 -20.60 -39.11 13.66
C VAL D 82 -20.15 -39.50 15.09
N HIS D 83 -18.91 -39.95 15.24
CA HIS D 83 -18.35 -40.36 16.54
C HIS D 83 -16.91 -39.84 16.69
N ARG D 84 -16.49 -39.57 17.92
CA ARG D 84 -15.12 -39.09 18.18
C ARG D 84 -14.11 -40.17 17.85
N GLU D 85 -14.49 -41.41 18.07
CA GLU D 85 -13.64 -42.56 17.78
C GLU D 85 -14.02 -43.26 16.44
N GLY D 86 -13.10 -44.03 15.86
CA GLY D 86 -13.40 -44.85 14.65
C GLY D 86 -13.35 -44.03 13.38
N PRO D 87 -13.95 -44.52 12.29
CA PRO D 87 -13.97 -43.74 11.04
C PRO D 87 -14.64 -42.38 11.13
N GLY D 88 -14.11 -41.43 10.35
CA GLY D 88 -14.75 -40.13 10.20
C GLY D 88 -16.08 -40.22 9.48
N PRO D 89 -16.90 -39.20 9.65
CA PRO D 89 -18.21 -39.16 8.98
C PRO D 89 -18.20 -39.52 7.50
N MET D 90 -17.18 -39.09 6.76
CA MET D 90 -17.10 -39.35 5.31
C MET D 90 -16.48 -40.70 4.99
N GLY D 91 -15.92 -41.36 5.99
CA GLY D 91 -15.42 -42.72 5.85
C GLY D 91 -13.94 -42.84 6.14
N PRO D 92 -13.10 -42.55 5.13
CA PRO D 92 -11.65 -42.73 5.30
C PRO D 92 -10.87 -41.49 5.78
N SER D 93 -11.58 -40.43 6.15
CA SER D 93 -10.96 -39.09 6.33
C SER D 93 -10.02 -38.98 7.52
N ARG D 94 -10.08 -39.95 8.44
CA ARG D 94 -9.12 -39.97 9.58
C ARG D 94 -7.97 -40.94 9.38
N MET D 95 -7.99 -41.70 8.29
CA MET D 95 -7.04 -42.77 8.12
C MET D 95 -5.67 -42.19 7.77
N ASP D 96 -4.65 -42.80 8.37
CA ASP D 96 -3.28 -42.53 7.99
C ASP D 96 -2.79 -43.75 7.28
N LEU D 97 -2.91 -43.77 5.95
CA LEU D 97 -2.53 -44.93 5.19
C LEU D 97 -1.02 -44.99 5.01
N SER D 98 -0.52 -46.20 4.79
CA SER D 98 0.88 -46.42 4.63
C SER D 98 1.33 -46.18 3.18
N LYS D 99 0.38 -45.93 2.27
CA LYS D 99 0.63 -45.81 0.85
C LYS D 99 -0.25 -44.68 0.30
N PRO D 100 0.17 -44.07 -0.81
CA PRO D 100 -0.53 -42.88 -1.33
C PRO D 100 -1.84 -43.12 -2.09
N VAL D 101 -2.68 -42.06 -2.12
CA VAL D 101 -3.96 -42.00 -2.82
C VAL D 101 -4.04 -40.73 -3.64
N ILE D 102 -4.44 -40.86 -4.90
CA ILE D 102 -4.61 -39.74 -5.80
C ILE D 102 -6.10 -39.50 -6.06
N ALA D 103 -6.57 -38.26 -5.81
CA ALA D 103 -7.93 -37.86 -6.13
C ALA D 103 -8.03 -37.54 -7.60
N ALA D 104 -9.06 -38.09 -8.25
CA ALA D 104 -9.33 -37.79 -9.65
C ALA D 104 -10.69 -37.10 -9.67
N ILE D 105 -10.66 -35.78 -9.81
CA ILE D 105 -11.85 -34.98 -9.66
C ILE D 105 -12.47 -34.51 -10.99
N SER D 106 -13.72 -34.93 -11.22
CA SER D 106 -14.61 -34.37 -12.27
CA SER D 106 -14.59 -34.37 -12.25
C SER D 106 -15.76 -33.66 -11.54
N GLY D 107 -16.38 -32.71 -12.21
CA GLY D 107 -17.54 -32.01 -11.65
C GLY D 107 -17.24 -31.36 -10.30
N TYR D 108 -18.05 -31.66 -9.28
CA TYR D 108 -17.91 -31.04 -8.00
C TYR D 108 -17.15 -31.92 -7.01
N ALA D 109 -16.23 -31.29 -6.30
CA ALA D 109 -15.68 -31.82 -5.03
C ALA D 109 -15.91 -30.74 -3.97
N VAL D 110 -17.02 -30.86 -3.27
CA VAL D 110 -17.47 -29.80 -2.37
C VAL D 110 -17.79 -30.35 -0.98
N ALA D 111 -17.59 -29.49 0.01
CA ALA D 111 -17.94 -29.79 1.40
C ALA D 111 -17.19 -31.06 1.78
N GLY D 112 -17.88 -32.07 2.29
CA GLY D 112 -17.18 -33.30 2.71
C GLY D 112 -16.42 -33.94 1.56
N GLY D 113 -16.91 -33.69 0.34
CA GLY D 113 -16.25 -34.16 -0.85
C GLY D 113 -14.93 -33.48 -1.09
N LEU D 114 -14.86 -32.17 -0.83
CA LEU D 114 -13.59 -31.50 -0.86
C LEU D 114 -12.67 -32.12 0.20
N GLU D 115 -13.19 -32.34 1.40
CA GLU D 115 -12.37 -32.92 2.48
C GLU D 115 -11.77 -34.26 2.11
N LEU D 116 -12.53 -35.10 1.40
CA LEU D 116 -11.94 -36.34 0.89
C LEU D 116 -10.79 -36.06 -0.07
N ALA D 117 -10.94 -35.06 -0.94
CA ALA D 117 -9.88 -34.68 -1.86
C ALA D 117 -8.66 -34.15 -1.15
N LEU D 118 -8.85 -33.45 -0.05
CA LEU D 118 -7.73 -32.87 0.75
C LEU D 118 -6.97 -33.98 1.51
N TRP D 119 -7.71 -35.03 1.87
CA TRP D 119 -7.13 -36.20 2.55
C TRP D 119 -6.20 -36.98 1.60
N CYS D 120 -6.48 -36.95 0.31
CA CYS D 120 -5.61 -37.57 -0.67
C CYS D 120 -4.30 -36.83 -0.81
N ASP D 121 -3.27 -37.61 -1.18
CA ASP D 121 -1.93 -37.05 -1.37
C ASP D 121 -1.84 -36.02 -2.50
N LEU D 122 -2.52 -36.28 -3.61
CA LEU D 122 -2.46 -35.46 -4.76
C LEU D 122 -3.85 -35.31 -5.34
N ARG D 123 -4.08 -34.23 -6.08
CA ARG D 123 -5.36 -34.01 -6.72
C ARG D 123 -5.15 -33.75 -8.23
N VAL D 124 -5.78 -34.59 -9.06
CA VAL D 124 -5.81 -34.42 -10.50
C VAL D 124 -7.22 -33.96 -10.85
N VAL D 125 -7.35 -32.80 -11.51
CA VAL D 125 -8.65 -32.16 -11.63
C VAL D 125 -8.98 -31.86 -13.12
N ASP D 126 -10.21 -32.18 -13.53
CA ASP D 126 -10.71 -31.78 -14.85
C ASP D 126 -10.74 -30.25 -14.98
N GLU D 127 -10.56 -29.77 -16.19
CA GLU D 127 -10.61 -28.33 -16.43
C GLU D 127 -11.90 -27.68 -15.99
N ASP D 128 -12.99 -28.41 -16.03
CA ASP D 128 -14.27 -27.89 -15.63
C ASP D 128 -14.71 -28.14 -14.23
N ALA D 129 -13.88 -28.78 -13.44
CA ALA D 129 -14.24 -29.13 -12.09
C ALA D 129 -14.30 -27.92 -11.17
N THR D 130 -15.09 -28.05 -10.13
CA THR D 130 -15.31 -27.01 -9.14
C THR D 130 -15.04 -27.59 -7.74
N MET D 131 -14.28 -26.85 -6.93
CA MET D 131 -14.00 -27.26 -5.57
C MET D 131 -14.43 -26.15 -4.62
N GLY D 132 -14.79 -26.50 -3.39
CA GLY D 132 -15.15 -25.47 -2.43
C GLY D 132 -15.83 -25.97 -1.19
N VAL D 133 -15.83 -25.11 -0.16
CA VAL D 133 -16.41 -25.44 1.14
C VAL D 133 -17.87 -25.04 1.11
N PHE D 134 -18.65 -25.71 0.27
CA PHE D 134 -20.07 -25.37 0.10
C PHE D 134 -20.96 -25.62 1.34
N CYS D 135 -20.47 -26.41 2.28
CA CYS D 135 -21.15 -26.60 3.55
C CYS D 135 -21.25 -25.32 4.39
N ARG D 136 -20.41 -24.34 4.08
CA ARG D 136 -20.55 -22.98 4.66
C ARG D 136 -21.95 -22.47 4.50
N ARG D 137 -22.48 -22.56 3.29
CA ARG D 137 -23.80 -22.01 3.01
C ARG D 137 -24.92 -22.81 3.71
N TRP D 138 -24.73 -24.12 3.85
CA TRP D 138 -25.73 -25.01 4.47
C TRP D 138 -25.65 -25.01 6.00
N GLY D 139 -24.56 -24.46 6.55
CA GLY D 139 -24.36 -24.49 8.01
C GLY D 139 -24.00 -25.84 8.60
N VAL D 140 -23.30 -26.65 7.83
CA VAL D 140 -22.77 -27.92 8.31
C VAL D 140 -21.27 -27.75 8.52
N PRO D 141 -20.75 -28.11 9.71
CA PRO D 141 -19.34 -27.90 9.95
C PRO D 141 -18.39 -28.86 9.22
N LEU D 142 -17.15 -28.41 9.06
CA LEU D 142 -16.07 -29.26 8.56
C LEU D 142 -15.55 -30.14 9.70
N ILE D 143 -15.89 -31.41 9.64
CA ILE D 143 -15.49 -32.39 10.62
C ILE D 143 -14.85 -33.64 9.98
N ASP D 144 -14.29 -33.48 8.79
CA ASP D 144 -13.51 -34.54 8.16
C ASP D 144 -12.13 -34.03 7.71
N GLY D 145 -11.63 -33.05 8.45
CA GLY D 145 -10.23 -32.62 8.38
C GLY D 145 -9.94 -31.36 7.57
N GLY D 146 -10.97 -30.80 6.96
CA GLY D 146 -10.79 -29.65 6.09
C GLY D 146 -10.10 -28.46 6.76
N THR D 147 -10.44 -28.20 8.03
CA THR D 147 -9.86 -27.07 8.75
C THR D 147 -8.41 -27.38 9.13
N VAL D 148 -8.08 -28.66 9.23
CA VAL D 148 -6.71 -29.08 9.56
C VAL D 148 -5.83 -29.09 8.34
N ARG D 149 -6.34 -29.65 7.24
CA ARG D 149 -5.52 -29.94 6.09
C ARG D 149 -5.37 -28.78 5.12
N LEU D 150 -6.43 -27.99 4.94
CA LEU D 150 -6.35 -26.92 3.96
C LEU D 150 -5.23 -25.87 4.25
N PRO D 151 -5.10 -25.38 5.50
CA PRO D 151 -4.01 -24.44 5.75
C PRO D 151 -2.63 -25.05 5.52
N ARG D 152 -2.50 -26.34 5.78
CA ARG D 152 -1.22 -27.04 5.59
C ARG D 152 -0.93 -27.21 4.09
N LEU D 153 -1.97 -27.44 3.32
CA LEU D 153 -1.87 -27.69 1.91
C LEU D 153 -1.54 -26.46 1.07
N ILE D 154 -2.18 -25.34 1.36
CA ILE D 154 -2.06 -24.15 0.54
C ILE D 154 -1.79 -22.84 1.30
N GLY D 155 -1.50 -22.95 2.60
CA GLY D 155 -1.16 -21.80 3.42
C GLY D 155 -2.39 -21.22 4.10
N HIS D 156 -2.18 -20.50 5.21
CA HIS D 156 -3.25 -20.08 6.03
C HIS D 156 -4.13 -19.02 5.31
N SER D 157 -3.51 -18.12 4.57
CA SER D 157 -4.20 -17.01 4.00
C SER D 157 -5.29 -17.52 3.03
N ARG D 158 -4.91 -18.31 2.04
CA ARG D 158 -5.85 -18.82 1.06
C ARG D 158 -6.82 -19.82 1.68
N ALA D 159 -6.37 -20.59 2.66
CA ALA D 159 -7.26 -21.52 3.35
C ALA D 159 -8.39 -20.78 4.05
N MET D 160 -8.05 -19.70 4.74
CA MET D 160 -9.06 -18.94 5.48
C MET D 160 -10.05 -18.28 4.55
N ASP D 161 -9.59 -17.80 3.41
CA ASP D 161 -10.50 -17.31 2.34
C ASP D 161 -11.55 -18.37 1.99
N LEU D 162 -11.09 -19.53 1.55
CA LEU D 162 -11.99 -20.60 1.13
C LEU D 162 -12.93 -21.02 2.29
N ILE D 163 -12.38 -21.16 3.48
CA ILE D 163 -13.14 -21.67 4.63
C ILE D 163 -14.19 -20.67 5.06
N LEU D 164 -13.85 -19.38 5.17
CA LEU D 164 -14.83 -18.40 5.59
C LEU D 164 -15.91 -18.15 4.55
N THR D 165 -15.48 -17.92 3.33
CA THR D 165 -16.44 -17.55 2.25
C THR D 165 -17.25 -18.75 1.76
N GLY D 166 -16.70 -19.96 1.84
CA GLY D 166 -17.33 -21.09 1.15
C GLY D 166 -17.39 -20.98 -0.39
N ARG D 167 -16.57 -20.13 -0.98
CA ARG D 167 -16.65 -19.85 -2.42
C ARG D 167 -16.09 -20.97 -3.31
N ALA D 168 -16.55 -20.96 -4.56
CA ALA D 168 -16.18 -21.96 -5.57
C ALA D 168 -14.81 -21.59 -6.06
N VAL D 169 -13.99 -22.59 -6.29
CA VAL D 169 -12.67 -22.44 -6.85
C VAL D 169 -12.65 -23.26 -8.15
N ASP D 170 -12.47 -22.60 -9.29
CA ASP D 170 -12.38 -23.32 -10.56
C ASP D 170 -10.99 -23.96 -10.72
N ALA D 171 -10.80 -24.73 -11.78
CA ALA D 171 -9.57 -25.53 -11.94
C ALA D 171 -8.32 -24.68 -12.13
N ALA D 172 -8.44 -23.59 -12.90
CA ALA D 172 -7.34 -22.66 -13.12
C ALA D 172 -6.87 -22.04 -11.78
N GLU D 173 -7.81 -21.58 -10.96
CA GLU D 173 -7.43 -21.03 -9.63
C GLU D 173 -6.88 -22.13 -8.71
N ALA D 174 -7.52 -23.29 -8.71
CA ALA D 174 -7.04 -24.40 -7.88
C ALA D 174 -5.58 -24.73 -8.25
N TYR D 175 -5.27 -24.69 -9.52
CA TYR D 175 -3.92 -25.00 -9.98
C TYR D 175 -2.94 -23.87 -9.56
N ALA D 176 -3.38 -22.62 -9.74
CA ALA D 176 -2.55 -21.49 -9.38
C ALA D 176 -2.18 -21.47 -7.88
N ILE D 177 -3.08 -21.94 -7.02
CA ILE D 177 -2.87 -21.86 -5.57
C ILE D 177 -2.28 -23.14 -4.95
N GLY D 178 -2.09 -24.16 -5.77
CA GLY D 178 -1.52 -25.42 -5.35
C GLY D 178 -2.49 -26.44 -4.85
N LEU D 179 -3.78 -26.17 -4.94
CA LEU D 179 -4.81 -27.11 -4.51
C LEU D 179 -4.96 -28.30 -5.51
N ALA D 180 -5.04 -27.98 -6.82
CA ALA D 180 -5.02 -28.98 -7.88
C ALA D 180 -3.56 -29.18 -8.28
N ASN D 181 -3.03 -30.42 -8.16
CA ASN D 181 -1.67 -30.69 -8.60
C ASN D 181 -1.51 -30.86 -10.10
N ARG D 182 -2.54 -31.39 -10.73
CA ARG D 182 -2.63 -31.46 -12.19
C ARG D 182 -4.01 -31.00 -12.65
N VAL D 183 -4.07 -30.39 -13.83
CA VAL D 183 -5.33 -30.03 -14.49
C VAL D 183 -5.31 -30.63 -15.88
N VAL D 184 -6.34 -31.41 -16.19
CA VAL D 184 -6.44 -32.17 -17.43
C VAL D 184 -7.76 -31.89 -18.14
N PRO D 185 -7.88 -32.28 -19.42
CA PRO D 185 -9.13 -31.98 -20.14
C PRO D 185 -10.32 -32.70 -19.54
N THR D 186 -11.49 -32.11 -19.72
CA THR D 186 -12.71 -32.66 -19.16
C THR D 186 -12.89 -34.14 -19.55
N GLY D 187 -13.28 -34.96 -18.57
CA GLY D 187 -13.43 -36.38 -18.77
C GLY D 187 -12.13 -37.19 -18.60
N GLN D 188 -10.99 -36.53 -18.40
CA GLN D 188 -9.72 -37.26 -18.28
C GLN D 188 -9.13 -37.45 -16.88
N ALA D 189 -9.79 -36.93 -15.84
CA ALA D 189 -9.16 -36.95 -14.50
C ALA D 189 -8.81 -38.36 -14.07
N ARG D 190 -9.75 -39.29 -14.22
CA ARG D 190 -9.51 -40.65 -13.80
C ARG D 190 -8.32 -41.29 -14.53
N GLN D 191 -8.31 -41.17 -15.85
CA GLN D 191 -7.25 -41.75 -16.68
C GLN D 191 -5.88 -41.15 -16.31
N ALA D 192 -5.85 -39.83 -16.14
CA ALA D 192 -4.62 -39.15 -15.83
C ALA D 192 -4.11 -39.53 -14.43
N ALA D 193 -5.03 -39.67 -13.48
CA ALA D 193 -4.68 -40.10 -12.16
C ALA D 193 -4.15 -41.54 -12.17
N GLU D 194 -4.79 -42.41 -12.96
CA GLU D 194 -4.35 -43.78 -13.06
C GLU D 194 -2.96 -43.89 -13.71
N GLU D 195 -2.67 -43.05 -14.70
CA GLU D 195 -1.33 -42.96 -15.29
C GLU D 195 -0.27 -42.51 -14.26
N LEU D 196 -0.60 -41.47 -13.52
CA LEU D 196 0.26 -41.00 -12.48
C LEU D 196 0.49 -42.07 -11.39
N ALA D 197 -0.59 -42.76 -11.00
CA ALA D 197 -0.51 -43.80 -9.99
C ALA D 197 0.42 -44.92 -10.47
N ALA D 198 0.31 -45.28 -11.75
CA ALA D 198 1.16 -46.32 -12.32
C ALA D 198 2.62 -45.86 -12.36
N ASP D 199 2.87 -44.59 -12.69
CA ASP D 199 4.23 -44.01 -12.62
C ASP D 199 4.80 -44.18 -11.19
N LEU D 200 3.99 -43.81 -10.20
CA LEU D 200 4.41 -43.93 -8.81
C LEU D 200 4.65 -45.39 -8.39
N ALA D 201 3.81 -46.30 -8.87
CA ALA D 201 3.98 -47.72 -8.60
C ALA D 201 5.23 -48.33 -9.21
N ARG D 202 5.77 -47.74 -10.28
CA ARG D 202 7.03 -48.21 -10.88
C ARG D 202 8.31 -47.75 -10.13
N LEU D 203 8.20 -46.79 -9.23
CA LEU D 203 9.36 -46.30 -8.50
C LEU D 203 9.75 -47.26 -7.36
N PRO D 204 10.96 -47.13 -6.82
CA PRO D 204 11.37 -47.90 -5.62
C PRO D 204 10.46 -47.57 -4.43
N GLN D 205 9.68 -48.55 -4.03
CA GLN D 205 8.52 -48.32 -3.18
C GLN D 205 8.83 -47.96 -1.73
N GLN D 206 9.75 -48.69 -1.10
CA GLN D 206 9.99 -48.45 0.33
C GLN D 206 10.44 -47.03 0.57
N CYS D 207 11.33 -46.58 -0.28
CA CYS D 207 11.91 -45.28 -0.15
C CYS D 207 10.85 -44.17 -0.34
N MET D 208 10.05 -44.31 -1.37
CA MET D 208 8.99 -43.33 -1.63
C MET D 208 8.02 -43.28 -0.46
N ARG D 209 7.66 -44.46 0.04
CA ARG D 209 6.69 -44.54 1.14
C ARG D 209 7.24 -43.92 2.43
N ALA D 210 8.53 -44.09 2.67
CA ALA D 210 9.16 -43.53 3.89
C ALA D 210 9.22 -42.00 3.79
N ASP D 211 9.61 -41.51 2.64
CA ASP D 211 9.65 -40.06 2.39
C ASP D 211 8.26 -39.43 2.55
N ARG D 212 7.24 -40.04 1.98
CA ARG D 212 5.86 -39.59 2.16
C ARG D 212 5.47 -39.55 3.63
N LEU D 213 5.75 -40.62 4.38
CA LEU D 213 5.36 -40.65 5.79
C LEU D 213 6.05 -39.57 6.62
N SER D 214 7.30 -39.27 6.31
CA SER D 214 8.02 -38.20 7.01
C SER D 214 7.46 -36.82 6.68
N ALA D 215 7.16 -36.59 5.41
CA ALA D 215 6.55 -35.33 5.01
C ALA D 215 5.18 -35.11 5.64
N LEU D 216 4.42 -36.18 5.89
CA LEU D 216 3.20 -36.08 6.67
C LEU D 216 3.44 -35.88 8.16
N HIS D 217 4.34 -36.68 8.71
CA HIS D 217 4.58 -36.65 10.14
C HIS D 217 5.14 -35.33 10.70
N GLN D 218 5.93 -34.63 9.91
CA GLN D 218 6.58 -33.41 10.35
C GLN D 218 5.64 -32.28 10.74
N TRP D 219 4.40 -32.29 10.21
CA TRP D 219 3.45 -31.25 10.56
C TRP D 219 3.18 -31.17 12.07
N GLY D 220 3.40 -29.98 12.62
CA GLY D 220 3.22 -29.75 14.05
C GLY D 220 4.48 -30.00 14.87
N GLU D 221 5.55 -30.49 14.24
CA GLU D 221 6.79 -30.77 14.96
C GLU D 221 7.84 -29.66 14.75
N SER D 222 8.69 -29.50 15.75
CA SER D 222 9.83 -28.62 15.61
C SER D 222 10.76 -29.19 14.51
N GLU D 223 11.64 -28.35 13.99
CA GLU D 223 12.64 -28.78 13.02
C GLU D 223 13.44 -29.96 13.57
N ASN D 224 13.95 -29.84 14.79
CA ASN D 224 14.76 -30.92 15.37
C ASN D 224 14.03 -32.25 15.44
N ALA D 225 12.81 -32.25 16.00
CA ALA D 225 12.06 -33.50 16.12
C ALA D 225 11.72 -34.09 14.73
N ALA D 226 11.37 -33.21 13.78
CA ALA D 226 11.03 -33.67 12.42
C ALA D 226 12.23 -34.25 11.68
N MET D 227 13.39 -33.63 11.83
CA MET D 227 14.64 -34.14 11.25
C MET D 227 15.00 -35.51 11.84
N ASP D 228 14.82 -35.65 13.13
CA ASP D 228 15.02 -36.95 13.79
C ASP D 228 14.14 -38.04 13.25
N PHE D 229 12.83 -37.75 13.08
CA PHE D 229 11.90 -38.72 12.48
C PHE D 229 12.30 -39.07 11.06
N GLU D 230 12.65 -38.06 10.28
CA GLU D 230 13.07 -38.27 8.89
C GLU D 230 14.26 -39.24 8.81
N PHE D 231 15.27 -39.00 9.65
CA PHE D 231 16.46 -39.80 9.60
C PHE D 231 16.15 -41.30 9.78
N ALA D 232 15.12 -41.63 10.57
CA ALA D 232 14.68 -43.04 10.72
C ALA D 232 14.31 -43.77 9.40
N SER D 233 14.10 -43.01 8.32
CA SER D 233 13.94 -43.58 6.97
C SER D 233 15.11 -44.47 6.53
N ILE D 234 16.32 -44.17 7.00
CA ILE D 234 17.46 -45.09 6.74
C ILE D 234 17.21 -46.54 7.20
N SER D 235 16.40 -46.71 8.23
CA SER D 235 16.03 -48.05 8.73
C SER D 235 15.04 -48.75 7.86
N ARG D 236 14.24 -47.99 7.10
CA ARG D 236 13.36 -48.54 6.10
C ARG D 236 14.15 -48.72 4.81
N VAL E 6 10.69 62.50 29.44
CA VAL E 6 9.64 62.73 28.37
C VAL E 6 9.43 61.38 27.69
N SER E 7 8.21 60.84 27.77
CA SER E 7 7.93 59.49 27.30
C SER E 7 7.95 59.35 25.77
N GLU E 8 8.74 58.38 25.28
CA GLU E 8 8.79 57.99 23.88
C GLU E 8 7.87 56.77 23.67
N PRO E 9 6.82 56.92 22.86
CA PRO E 9 5.99 55.73 22.58
C PRO E 9 6.64 54.66 21.69
N VAL E 10 7.68 55.03 20.97
CA VAL E 10 8.43 54.11 20.14
C VAL E 10 9.90 54.28 20.47
N ARG E 11 10.58 53.18 20.83
CA ARG E 11 12.01 53.20 21.08
C ARG E 11 12.72 52.33 20.03
N ILE E 12 13.90 52.76 19.63
CA ILE E 12 14.67 52.10 18.59
C ILE E 12 15.97 51.67 19.24
N GLU E 13 16.31 50.41 19.15
CA GLU E 13 17.59 49.93 19.68
C GLU E 13 18.30 49.21 18.54
N ARG E 14 19.59 49.42 18.39
CA ARG E 14 20.34 48.75 17.36
C ARG E 14 21.46 47.91 17.93
N ASN E 15 21.69 46.78 17.30
CA ASN E 15 22.78 45.91 17.66
C ASN E 15 23.35 45.42 16.34
N GLY E 16 24.41 46.09 15.92
CA GLY E 16 24.99 45.87 14.60
C GLY E 16 23.93 46.08 13.53
N PRO E 17 23.77 45.10 12.62
CA PRO E 17 22.88 45.26 11.48
C PRO E 17 21.41 44.94 11.78
N VAL E 18 21.08 44.69 13.05
CA VAL E 18 19.70 44.45 13.47
C VAL E 18 19.15 45.66 14.25
N THR E 19 18.04 46.22 13.74
CA THR E 19 17.34 47.29 14.39
C THR E 19 16.07 46.78 15.05
N THR E 20 15.87 47.08 16.32
CA THR E 20 14.66 46.67 17.03
C THR E 20 13.78 47.88 17.28
N VAL E 21 12.55 47.85 16.73
CA VAL E 21 11.60 48.91 16.88
C VAL E 21 10.58 48.47 17.91
N ILE E 22 10.46 49.24 18.98
CA ILE E 22 9.70 48.82 20.16
C ILE E 22 8.53 49.77 20.43
N ILE E 23 7.31 49.24 20.42
CA ILE E 23 6.14 50.00 20.84
C ILE E 23 6.17 49.94 22.38
N ASP E 24 6.08 51.10 23.03
CA ASP E 24 6.22 51.14 24.50
C ASP E 24 5.27 52.10 25.14
N ARG E 25 4.03 51.65 25.31
CA ARG E 25 2.97 52.50 25.94
C ARG E 25 2.27 51.63 26.98
N PRO E 26 2.88 51.52 28.16
CA PRO E 26 2.41 50.64 29.24
C PRO E 26 0.94 50.81 29.60
N GLU E 27 0.51 52.02 29.90
CA GLU E 27 -0.89 52.24 30.25
C GLU E 27 -1.85 51.87 29.14
N ALA E 28 -1.49 52.17 27.90
CA ALA E 28 -2.40 51.94 26.74
C ALA E 28 -2.19 50.54 26.16
N ARG E 29 -1.42 49.70 26.85
CA ARG E 29 -1.14 48.32 26.35
C ARG E 29 -0.63 48.29 24.93
N ASN E 30 0.25 49.25 24.64
CA ASN E 30 0.87 49.38 23.33
C ASN E 30 -0.09 49.68 22.18
N ALA E 31 -1.26 50.21 22.50
CA ALA E 31 -2.14 50.70 21.47
C ALA E 31 -1.47 51.82 20.70
N VAL E 32 -1.79 51.90 19.42
CA VAL E 32 -1.13 52.85 18.54
C VAL E 32 -2.07 54.01 18.26
N ASN E 33 -1.69 55.18 18.77
CA ASN E 33 -2.40 56.41 18.42
C ASN E 33 -1.66 57.12 17.29
N GLY E 34 -2.07 58.36 16.99
CA GLY E 34 -1.47 59.14 15.89
C GLY E 34 0.03 59.34 16.00
N PRO E 35 0.50 59.94 17.11
CA PRO E 35 1.95 60.13 17.34
C PRO E 35 2.73 58.83 17.31
N THR E 36 2.15 57.77 17.85
CA THR E 36 2.81 56.45 17.83
C THR E 36 2.94 55.91 16.40
N ALA E 37 1.89 56.03 15.63
CA ALA E 37 1.91 55.60 14.21
C ALA E 37 2.93 56.38 13.43
N ALA E 38 2.99 57.69 13.67
CA ALA E 38 3.97 58.53 13.01
C ALA E 38 5.40 58.09 13.36
N ALA E 39 5.61 57.75 14.63
CA ALA E 39 6.93 57.37 15.10
C ALA E 39 7.35 56.02 14.51
N LEU E 40 6.39 55.11 14.36
CA LEU E 40 6.66 53.82 13.73
C LEU E 40 7.02 54.01 12.27
N PHE E 41 6.24 54.85 11.57
CA PHE E 41 6.53 55.12 10.16
C PHE E 41 7.92 55.71 9.99
N ALA E 42 8.26 56.69 10.82
CA ALA E 42 9.61 57.29 10.77
C ALA E 42 10.72 56.28 11.08
N ALA E 43 10.52 55.43 12.09
CA ALA E 43 11.52 54.39 12.46
C ALA E 43 11.81 53.48 11.27
N PHE E 44 10.75 53.03 10.59
CA PHE E 44 10.92 52.16 9.43
C PHE E 44 11.43 52.87 8.17
N GLU E 45 11.10 54.15 8.01
CA GLU E 45 11.71 54.97 6.97
C GLU E 45 13.23 55.04 7.16
N GLU E 46 13.65 55.29 8.40
CA GLU E 46 15.06 55.39 8.77
C GLU E 46 15.78 54.03 8.59
N PHE E 47 15.13 52.97 9.04
CA PHE E 47 15.62 51.61 8.78
C PHE E 47 15.85 51.30 7.29
N ASP E 48 14.83 51.56 6.48
CA ASP E 48 14.90 51.24 5.06
C ASP E 48 16.05 51.97 4.37
N ALA E 49 16.27 53.21 4.77
CA ALA E 49 17.29 54.08 4.15
C ALA E 49 18.71 53.84 4.70
N ASP E 50 18.82 53.18 5.85
CA ASP E 50 20.13 52.97 6.48
C ASP E 50 20.82 51.71 5.98
N ASP E 51 21.86 51.87 5.15
CA ASP E 51 22.54 50.72 4.55
CA ASP E 51 22.54 50.72 4.53
C ASP E 51 23.31 49.85 5.54
N THR E 52 23.52 50.34 6.75
CA THR E 52 24.17 49.56 7.78
C THR E 52 23.16 48.74 8.60
N ALA E 53 21.87 48.87 8.31
CA ALA E 53 20.85 48.06 8.95
C ALA E 53 20.35 47.03 7.96
N SER E 54 20.37 45.78 8.36
CA SER E 54 19.99 44.66 7.45
C SER E 54 18.58 44.11 7.70
N VAL E 55 18.24 43.94 8.97
CA VAL E 55 16.98 43.26 9.38
C VAL E 55 16.42 44.02 10.57
N ALA E 56 15.10 44.22 10.59
CA ALA E 56 14.41 44.87 11.72
C ALA E 56 13.54 43.86 12.48
N VAL E 57 13.36 44.13 13.77
CA VAL E 57 12.46 43.40 14.61
C VAL E 57 11.44 44.42 15.11
N LEU E 58 10.17 44.09 14.97
CA LEU E 58 9.08 44.88 15.54
C LEU E 58 8.50 44.16 16.74
N THR E 59 8.46 44.84 17.88
CA THR E 59 8.00 44.23 19.08
C THR E 59 7.29 45.25 19.98
N GLY E 60 6.62 44.75 21.01
CA GLY E 60 6.04 45.57 22.02
C GLY E 60 6.66 45.31 23.38
N ALA E 61 6.80 46.36 24.18
CA ALA E 61 7.31 46.20 25.52
C ALA E 61 6.17 45.75 26.45
N ASN E 62 6.50 45.51 27.72
CA ASN E 62 5.47 45.43 28.79
C ASN E 62 4.69 44.13 28.72
N GLY E 63 5.25 43.16 28.02
CA GLY E 63 4.60 41.86 27.89
C GLY E 63 3.47 41.73 26.90
N THR E 64 3.32 42.68 25.99
CA THR E 64 2.29 42.60 24.99
C THR E 64 2.77 43.26 23.70
N PHE E 65 2.10 42.93 22.58
CA PHE E 65 2.61 43.37 21.28
C PHE E 65 1.90 44.66 20.90
N CYS E 66 0.61 44.56 20.62
CA CYS E 66 -0.16 45.77 20.26
C CYS E 66 -1.65 45.43 20.28
N ALA E 67 -2.39 46.22 21.06
CA ALA E 67 -3.83 46.08 21.22
C ALA E 67 -4.64 46.72 20.09
N GLY E 68 -3.98 47.34 19.12
CA GLY E 68 -4.68 47.92 17.94
C GLY E 68 -4.65 49.41 18.04
N ALA E 69 -5.51 50.05 17.25
CA ALA E 69 -5.59 51.49 17.21
C ALA E 69 -6.12 52.00 18.54
N ASP E 70 -5.68 53.19 18.94
CA ASP E 70 -5.98 53.72 20.26
C ASP E 70 -7.36 54.35 20.24
N LEU E 71 -8.38 53.56 20.58
CA LEU E 71 -9.77 54.03 20.56
C LEU E 71 -10.02 55.26 21.42
N LYS E 72 -9.48 55.24 22.62
CA LYS E 72 -9.57 56.35 23.55
C LYS E 72 -9.11 57.69 22.97
N ALA E 73 -8.26 57.66 21.95
CA ALA E 73 -7.75 58.87 21.32
C ALA E 73 -8.66 59.41 20.22
N PHE E 74 -9.70 58.66 19.81
CA PHE E 74 -10.61 59.13 18.77
C PHE E 74 -11.19 60.47 19.19
N GLY E 75 -11.21 61.42 18.25
CA GLY E 75 -11.75 62.75 18.52
C GLY E 75 -10.81 63.70 19.26
N THR E 76 -9.56 63.29 19.49
CA THR E 76 -8.56 64.13 20.15
C THR E 76 -7.48 64.46 19.15
N PRO E 77 -6.56 65.38 19.50
CA PRO E 77 -5.41 65.67 18.61
C PRO E 77 -4.49 64.46 18.39
N GLU E 78 -4.51 63.50 19.31
CA GLU E 78 -3.64 62.32 19.27
C GLU E 78 -4.32 61.19 18.43
N ALA E 79 -5.49 61.43 17.81
CA ALA E 79 -6.22 60.34 17.12
C ALA E 79 -5.41 59.77 15.97
N ASN E 80 -5.69 58.52 15.60
CA ASN E 80 -5.08 57.93 14.39
C ASN E 80 -5.46 58.73 13.17
N GLN E 81 -4.51 58.90 12.27
CA GLN E 81 -4.72 59.64 11.04
C GLN E 81 -5.15 58.66 9.95
N VAL E 82 -6.33 58.91 9.39
CA VAL E 82 -6.96 58.00 8.43
C VAL E 82 -7.14 58.74 7.10
N HIS E 83 -6.22 58.49 6.16
CA HIS E 83 -6.21 59.15 4.87
C HIS E 83 -5.89 58.16 3.77
N ARG E 84 -6.39 58.43 2.56
CA ARG E 84 -6.13 57.56 1.43
C ARG E 84 -4.65 57.60 1.04
N GLU E 85 -4.02 58.76 1.20
CA GLU E 85 -2.60 58.93 0.87
C GLU E 85 -1.74 58.87 2.13
N GLY E 86 -0.45 58.65 1.93
CA GLY E 86 0.54 58.70 3.02
C GLY E 86 0.49 57.45 3.89
N PRO E 87 0.96 57.54 5.13
CA PRO E 87 1.02 56.34 6.00
C PRO E 87 -0.33 55.80 6.36
N GLY E 88 -0.41 54.49 6.54
CA GLY E 88 -1.62 53.88 7.04
C GLY E 88 -1.92 54.26 8.46
N PRO E 89 -3.15 54.00 8.91
CA PRO E 89 -3.58 54.40 10.26
C PRO E 89 -2.69 53.89 11.37
N MET E 90 -2.15 52.69 11.19
CA MET E 90 -1.24 52.10 12.22
C MET E 90 0.21 52.51 12.06
N GLY E 91 0.53 53.15 10.92
CA GLY E 91 1.86 53.75 10.73
C GLY E 91 2.58 53.18 9.54
N PRO E 92 3.28 52.04 9.72
CA PRO E 92 4.07 51.46 8.62
C PRO E 92 3.35 50.46 7.71
N SER E 93 2.04 50.29 7.90
CA SER E 93 1.28 49.18 7.30
C SER E 93 1.14 49.20 5.77
N ARG E 94 1.40 50.36 5.16
CA ARG E 94 1.39 50.46 3.69
C ARG E 94 2.78 50.40 3.07
N MET E 95 3.80 50.37 3.89
CA MET E 95 5.18 50.45 3.40
C MET E 95 5.62 49.15 2.74
N ASP E 96 6.33 49.29 1.63
CA ASP E 96 6.98 48.18 0.97
C ASP E 96 8.46 48.36 1.20
N LEU E 97 8.97 47.74 2.25
CA LEU E 97 10.38 47.92 2.58
C LEU E 97 11.28 47.06 1.71
N SER E 98 12.53 47.49 1.58
CA SER E 98 13.52 46.78 0.76
C SER E 98 14.19 45.64 1.52
N LYS E 99 13.94 45.59 2.82
CA LYS E 99 14.61 44.68 3.75
C LYS E 99 13.58 44.12 4.71
N PRO E 100 13.85 42.93 5.28
CA PRO E 100 12.83 42.21 6.07
C PRO E 100 12.67 42.69 7.51
N VAL E 101 11.48 42.43 8.06
CA VAL E 101 11.10 42.76 9.41
C VAL E 101 10.51 41.52 10.07
N ILE E 102 10.96 41.20 11.28
CA ILE E 102 10.44 40.07 12.05
C ILE E 102 9.58 40.62 13.20
N ALA E 103 8.34 40.16 13.31
CA ALA E 103 7.52 40.46 14.46
C ALA E 103 7.87 39.57 15.61
N ALA E 104 7.99 40.16 16.80
CA ALA E 104 8.26 39.40 18.03
C ALA E 104 7.06 39.65 18.94
N ILE E 105 6.17 38.66 19.03
CA ILE E 105 4.87 38.83 19.65
C ILE E 105 4.76 38.18 21.02
N SER E 106 4.55 39.04 22.02
CA SER E 106 4.16 38.62 23.39
C SER E 106 2.75 39.08 23.63
N GLY E 107 2.05 38.43 24.56
CA GLY E 107 0.67 38.84 24.94
C GLY E 107 -0.30 38.89 23.76
N TYR E 108 -0.91 40.05 23.53
CA TYR E 108 -1.90 40.21 22.48
C TYR E 108 -1.39 40.96 21.25
N ALA E 109 -1.69 40.41 20.08
CA ALA E 109 -1.55 41.09 18.81
C ALA E 109 -2.92 41.01 18.17
N VAL E 110 -3.68 42.09 18.37
CA VAL E 110 -5.08 42.18 18.01
C VAL E 110 -5.45 43.34 17.13
N ALA E 111 -6.42 43.13 16.25
CA ALA E 111 -6.99 44.18 15.41
C ALA E 111 -5.86 44.82 14.62
N GLY E 112 -5.66 46.13 14.75
CA GLY E 112 -4.58 46.78 14.04
C GLY E 112 -3.24 46.23 14.42
N GLY E 113 -3.12 45.73 15.64
CA GLY E 113 -1.91 45.07 16.08
C GLY E 113 -1.62 43.81 15.31
N LEU E 114 -2.64 43.02 15.08
CA LEU E 114 -2.47 41.83 14.22
C LEU E 114 -2.03 42.24 12.85
N GLU E 115 -2.65 43.30 12.32
CA GLU E 115 -2.28 43.80 11.01
C GLU E 115 -0.81 44.19 10.91
N LEU E 116 -0.26 44.83 11.94
CA LEU E 116 1.18 45.09 11.96
C LEU E 116 2.00 43.80 11.91
N ALA E 117 1.57 42.79 12.65
CA ALA E 117 2.24 41.47 12.59
C ALA E 117 2.18 40.78 11.21
N LEU E 118 1.04 40.95 10.51
CA LEU E 118 0.87 40.41 9.14
C LEU E 118 1.71 41.12 8.12
N TRP E 119 1.99 42.38 8.39
CA TRP E 119 2.83 43.17 7.52
C TRP E 119 4.29 42.74 7.56
N CYS E 120 4.71 42.21 8.72
CA CYS E 120 6.06 41.71 8.86
C CYS E 120 6.25 40.47 8.01
N ASP E 121 7.51 40.19 7.68
CA ASP E 121 7.85 38.99 6.92
C ASP E 121 7.69 37.69 7.69
N LEU E 122 8.00 37.70 8.98
CA LEU E 122 7.94 36.50 9.81
C LEU E 122 7.41 36.88 11.16
N ARG E 123 6.80 35.89 11.84
CA ARG E 123 6.26 36.09 13.17
C ARG E 123 6.82 35.09 14.13
N VAL E 124 7.45 35.58 15.19
CA VAL E 124 7.98 34.80 16.29
C VAL E 124 7.12 35.07 17.50
N VAL E 125 6.50 34.03 18.02
CA VAL E 125 5.40 34.20 18.95
C VAL E 125 5.68 33.45 20.27
N ASP E 126 5.41 34.13 21.37
CA ASP E 126 5.45 33.47 22.71
C ASP E 126 4.36 32.37 22.81
N GLU E 127 4.64 31.32 23.59
CA GLU E 127 3.71 30.20 23.76
CA GLU E 127 3.74 30.21 23.79
C GLU E 127 2.36 30.64 24.33
N ASP E 128 2.33 31.72 25.10
CA ASP E 128 1.08 32.23 25.68
C ASP E 128 0.47 33.45 24.95
N ALA E 129 0.98 33.78 23.76
CA ALA E 129 0.47 34.90 22.99
C ALA E 129 -0.86 34.58 22.30
N THR E 130 -1.63 35.62 22.04
CA THR E 130 -2.93 35.50 21.41
C THR E 130 -2.99 36.47 20.23
N MET E 131 -3.50 35.99 19.12
CA MET E 131 -3.67 36.82 17.93
C MET E 131 -5.13 36.77 17.49
N GLY E 132 -5.61 37.84 16.86
CA GLY E 132 -6.98 37.82 16.32
C GLY E 132 -7.53 39.15 15.89
N VAL E 133 -8.60 39.10 15.14
CA VAL E 133 -9.25 40.27 14.62
C VAL E 133 -10.04 40.98 15.77
N PHE E 134 -10.91 40.33 16.59
CA PHE E 134 -11.64 41.03 17.77
C PHE E 134 -12.64 42.20 17.40
N CYS E 135 -13.39 42.24 16.27
CA CYS E 135 -14.06 43.52 15.89
C CYS E 135 -15.05 44.14 16.96
N ARG E 136 -15.60 45.32 16.63
CA ARG E 136 -16.53 46.11 17.48
C ARG E 136 -16.74 47.46 16.85
N PRO E 141 -13.02 48.03 11.55
CA PRO E 141 -12.81 47.85 10.09
C PRO E 141 -11.30 47.67 9.81
N LEU E 142 -10.93 46.62 9.07
CA LEU E 142 -9.52 46.34 8.80
C LEU E 142 -9.05 47.20 7.67
N ILE E 143 -8.27 48.23 7.99
CA ILE E 143 -7.79 49.18 6.98
C ILE E 143 -6.29 49.37 7.03
N ASP E 144 -5.59 48.35 7.55
CA ASP E 144 -4.14 48.34 7.52
C ASP E 144 -3.59 47.06 6.90
N GLY E 145 -4.36 46.50 5.96
CA GLY E 145 -3.91 45.43 5.12
C GLY E 145 -4.29 44.01 5.55
N GLY E 146 -5.02 43.87 6.64
CA GLY E 146 -5.41 42.55 7.09
C GLY E 146 -6.16 41.70 6.06
N THR E 147 -7.09 42.32 5.35
CA THR E 147 -7.95 41.63 4.44
C THR E 147 -7.17 41.27 3.19
N VAL E 148 -6.13 42.02 2.92
CA VAL E 148 -5.28 41.74 1.80
C VAL E 148 -4.27 40.63 2.15
N ARG E 149 -3.63 40.76 3.30
CA ARG E 149 -2.46 39.92 3.60
C ARG E 149 -2.82 38.56 4.19
N LEU E 150 -3.85 38.49 5.04
CA LEU E 150 -4.17 37.23 5.68
C LEU E 150 -4.48 36.07 4.68
N PRO E 151 -5.29 36.30 3.66
CA PRO E 151 -5.53 35.19 2.71
C PRO E 151 -4.28 34.76 1.99
N ARG E 152 -3.42 35.71 1.69
CA ARG E 152 -2.17 35.43 0.98
C ARG E 152 -1.21 34.63 1.89
N LEU E 153 -1.23 34.97 3.16
CA LEU E 153 -0.35 34.33 4.15
C LEU E 153 -0.71 32.91 4.48
N ILE E 154 -1.98 32.63 4.74
CA ILE E 154 -2.41 31.32 5.28
C ILE E 154 -3.55 30.64 4.49
N GLY E 155 -3.92 31.23 3.36
CA GLY E 155 -4.94 30.69 2.50
C GLY E 155 -6.29 31.32 2.79
N HIS E 156 -7.15 31.33 1.76
CA HIS E 156 -8.43 31.95 1.90
C HIS E 156 -9.33 31.34 2.98
N SER E 157 -9.34 30.02 3.08
CA SER E 157 -10.26 29.36 3.98
C SER E 157 -10.04 29.80 5.42
N ARG E 158 -8.84 29.63 5.92
CA ARG E 158 -8.55 29.99 7.30
C ARG E 158 -8.59 31.50 7.53
N ALA E 159 -8.14 32.27 6.53
CA ALA E 159 -8.25 33.72 6.61
C ALA E 159 -9.70 34.14 6.83
N MET E 160 -10.62 33.58 6.05
CA MET E 160 -12.05 33.97 6.17
C MET E 160 -12.66 33.58 7.53
N ASP E 161 -12.22 32.46 8.09
CA ASP E 161 -12.57 32.09 9.45
C ASP E 161 -12.18 33.23 10.42
N LEU E 162 -10.91 33.57 10.44
CA LEU E 162 -10.39 34.56 11.38
C LEU E 162 -11.05 35.93 11.17
N ILE E 163 -11.22 36.32 9.91
CA ILE E 163 -11.78 37.62 9.56
C ILE E 163 -13.27 37.71 9.92
N LEU E 164 -14.07 36.70 9.53
CA LEU E 164 -15.51 36.72 9.87
C LEU E 164 -15.77 36.61 11.38
N THR E 165 -15.18 35.62 12.02
CA THR E 165 -15.45 35.37 13.44
C THR E 165 -14.75 36.35 14.42
N GLY E 166 -13.59 36.90 14.05
CA GLY E 166 -12.83 37.73 14.98
C GLY E 166 -12.23 36.94 16.12
N ARG E 167 -12.20 35.62 16.01
CA ARG E 167 -11.84 34.79 17.16
C ARG E 167 -10.35 34.86 17.51
N ALA E 168 -10.06 34.55 18.75
CA ALA E 168 -8.71 34.45 19.26
C ALA E 168 -8.04 33.19 18.70
N VAL E 169 -6.77 33.31 18.33
CA VAL E 169 -5.96 32.19 17.87
C VAL E 169 -4.77 32.08 18.81
N ASP E 170 -4.65 30.95 19.51
CA ASP E 170 -3.52 30.77 20.44
C ASP E 170 -2.25 30.36 19.65
N ALA E 171 -1.12 30.26 20.33
CA ALA E 171 0.19 30.09 19.66
C ALA E 171 0.27 28.74 18.94
N ALA E 172 -0.22 27.68 19.59
CA ALA E 172 -0.23 26.33 18.98
C ALA E 172 -1.02 26.32 17.66
N GLU E 173 -2.20 26.94 17.66
CA GLU E 173 -2.99 27.01 16.42
C GLU E 173 -2.34 27.91 15.37
N ALA E 174 -1.84 29.07 15.80
CA ALA E 174 -1.13 29.96 14.91
C ALA E 174 0.03 29.25 14.22
N TYR E 175 0.73 28.43 14.98
CA TYR E 175 1.84 27.64 14.41
C TYR E 175 1.35 26.58 13.45
N ALA E 176 0.28 25.87 13.84
CA ALA E 176 -0.27 24.83 13.00
C ALA E 176 -0.75 25.36 11.64
N ILE E 177 -1.24 26.60 11.60
CA ILE E 177 -1.85 27.14 10.36
C ILE E 177 -0.88 28.04 9.55
N GLY E 178 0.34 28.19 10.06
CA GLY E 178 1.35 28.95 9.36
C GLY E 178 1.35 30.42 9.62
N LEU E 179 0.55 30.86 10.58
CA LEU E 179 0.54 32.29 10.99
C LEU E 179 1.75 32.65 11.84
N ALA E 180 2.03 31.85 12.86
CA ALA E 180 3.25 31.96 13.69
C ALA E 180 4.35 31.10 13.04
N ASN E 181 5.46 31.72 12.65
CA ASN E 181 6.53 30.95 12.03
C ASN E 181 7.36 30.20 13.10
N ARG E 182 7.45 30.78 14.28
CA ARG E 182 8.17 30.18 15.40
C ARG E 182 7.38 30.41 16.66
N VAL E 183 7.45 29.47 17.60
CA VAL E 183 6.82 29.58 18.89
C VAL E 183 7.91 29.30 19.93
N VAL E 184 8.05 30.23 20.86
CA VAL E 184 9.09 30.18 21.89
C VAL E 184 8.49 30.36 23.28
N PRO E 185 9.26 30.03 24.35
CA PRO E 185 8.71 30.18 25.67
C PRO E 185 8.31 31.66 26.00
N THR E 186 7.36 31.82 26.92
CA THR E 186 6.88 33.12 27.32
C THR E 186 8.05 34.04 27.72
N GLY E 187 8.00 35.27 27.23
CA GLY E 187 9.05 36.25 27.47
C GLY E 187 10.20 36.23 26.49
N GLN E 188 10.26 35.24 25.61
CA GLN E 188 11.45 35.08 24.76
C GLN E 188 11.31 35.57 23.32
N ALA E 189 10.14 36.05 22.94
CA ALA E 189 9.89 36.34 21.52
C ALA E 189 10.91 37.32 21.02
N ARG E 190 11.12 38.43 21.75
CA ARG E 190 12.09 39.43 21.31
C ARG E 190 13.52 38.88 21.11
N GLN E 191 14.02 38.16 22.10
CA GLN E 191 15.36 37.56 22.00
C GLN E 191 15.45 36.60 20.82
N ALA E 192 14.44 35.76 20.66
CA ALA E 192 14.48 34.77 19.61
C ALA E 192 14.44 35.50 18.26
N ALA E 193 13.61 36.53 18.17
CA ALA E 193 13.47 37.26 16.87
C ALA E 193 14.77 38.02 16.56
N GLU E 194 15.41 38.54 17.58
CA GLU E 194 16.71 39.22 17.39
C GLU E 194 17.81 38.23 16.99
N GLU E 195 17.81 37.04 17.54
CA GLU E 195 18.74 36.05 17.01
C GLU E 195 18.47 35.67 15.59
N LEU E 196 17.21 35.44 15.27
CA LEU E 196 16.86 35.05 13.91
C LEU E 196 17.26 36.19 12.98
N ALA E 197 17.05 37.43 13.39
CA ALA E 197 17.43 38.60 12.59
C ALA E 197 18.94 38.65 12.38
N ALA E 198 19.70 38.31 13.42
CA ALA E 198 21.17 38.27 13.31
C ALA E 198 21.63 37.15 12.36
N ASP E 199 20.97 35.98 12.43
CA ASP E 199 21.24 34.89 11.49
C ASP E 199 21.00 35.36 10.06
N LEU E 200 19.84 35.95 9.82
CA LEU E 200 19.54 36.48 8.47
C LEU E 200 20.59 37.51 8.02
N ALA E 201 21.04 38.37 8.96
CA ALA E 201 21.97 39.45 8.61
C ALA E 201 23.33 38.89 8.20
N ARG E 202 23.66 37.67 8.66
CA ARG E 202 24.93 37.01 8.32
C ARG E 202 24.92 36.35 6.95
N LEU E 203 23.76 36.18 6.34
CA LEU E 203 23.68 35.59 5.02
C LEU E 203 24.08 36.58 3.92
N PRO E 204 24.34 36.08 2.70
CA PRO E 204 24.58 36.96 1.56
C PRO E 204 23.32 37.81 1.26
N GLN E 205 23.47 39.11 1.44
CA GLN E 205 22.32 39.99 1.55
C GLN E 205 21.60 40.23 0.26
N GLN E 206 22.33 40.55 -0.81
CA GLN E 206 21.67 41.01 -2.05
C GLN E 206 20.77 39.92 -2.58
N CYS E 207 21.27 38.71 -2.53
CA CYS E 207 20.55 37.56 -3.00
C CYS E 207 19.27 37.28 -2.18
N MET E 208 19.40 37.31 -0.85
CA MET E 208 18.25 37.14 0.02
C MET E 208 17.18 38.20 -0.24
N ARG E 209 17.62 39.44 -0.36
CA ARG E 209 16.72 40.57 -0.52
C ARG E 209 16.02 40.51 -1.86
N ALA E 210 16.71 40.06 -2.88
CA ALA E 210 16.10 39.96 -4.21
C ALA E 210 15.05 38.84 -4.23
N ASP E 211 15.39 37.69 -3.64
CA ASP E 211 14.45 36.57 -3.53
C ASP E 211 13.19 36.98 -2.75
N ARG E 212 13.37 37.65 -1.61
CA ARG E 212 12.23 38.19 -0.87
C ARG E 212 11.37 39.07 -1.77
N LEU E 213 11.99 40.03 -2.47
CA LEU E 213 11.19 41.02 -3.23
C LEU E 213 10.43 40.35 -4.38
N SER E 214 10.98 39.31 -4.98
CA SER E 214 10.26 38.56 -5.99
C SER E 214 9.08 37.78 -5.39
N ALA E 215 9.28 37.15 -4.22
CA ALA E 215 8.20 36.41 -3.58
C ALA E 215 7.08 37.33 -3.19
N LEU E 216 7.39 38.57 -2.85
CA LEU E 216 6.34 39.57 -2.60
C LEU E 216 5.68 40.05 -3.89
N HIS E 217 6.51 40.38 -4.87
CA HIS E 217 6.03 41.01 -6.12
C HIS E 217 5.11 40.10 -6.98
N GLN E 218 5.33 38.79 -6.89
CA GLN E 218 4.56 37.84 -7.69
C GLN E 218 3.06 37.79 -7.36
N TRP E 219 2.67 38.24 -6.17
CA TRP E 219 1.25 38.22 -5.79
C TRP E 219 0.40 39.08 -6.76
N GLY E 220 -0.60 38.45 -7.36
CA GLY E 220 -1.47 39.11 -8.34
C GLY E 220 -1.01 38.98 -9.78
N GLU E 221 0.18 38.40 -9.99
CA GLU E 221 0.73 38.27 -11.34
C GLU E 221 0.55 36.87 -11.90
N SER E 222 0.45 36.79 -13.22
CA SER E 222 0.47 35.51 -13.89
C SER E 222 1.84 34.85 -13.66
N GLU E 223 1.90 33.55 -13.88
CA GLU E 223 3.16 32.83 -13.81
C GLU E 223 4.21 33.46 -14.71
N ASN E 224 3.86 33.70 -15.98
CA ASN E 224 4.80 34.31 -16.91
C ASN E 224 5.39 35.65 -16.46
N ALA E 225 4.54 36.58 -16.05
CA ALA E 225 5.01 37.87 -15.60
C ALA E 225 5.85 37.75 -14.33
N ALA E 226 5.42 36.90 -13.40
CA ALA E 226 6.17 36.69 -12.15
C ALA E 226 7.55 36.10 -12.43
N MET E 227 7.63 35.12 -13.34
CA MET E 227 8.91 34.48 -13.71
C MET E 227 9.86 35.51 -14.33
N ASP E 228 9.33 36.37 -15.19
CA ASP E 228 10.06 37.48 -15.78
C ASP E 228 10.70 38.40 -14.73
N PHE E 229 9.90 38.81 -13.75
CA PHE E 229 10.39 39.64 -12.66
C PHE E 229 11.45 38.92 -11.82
N GLU E 230 11.20 37.64 -11.49
CA GLU E 230 12.17 36.85 -10.75
C GLU E 230 13.53 36.77 -11.44
N PHE E 231 13.51 36.53 -12.74
CA PHE E 231 14.76 36.43 -13.48
C PHE E 231 15.62 37.71 -13.36
N ALA E 232 15.01 38.88 -13.21
CA ALA E 232 15.78 40.14 -12.99
C ALA E 232 16.65 40.14 -11.72
N SER E 233 16.44 39.19 -10.82
CA SER E 233 17.38 38.93 -9.70
C SER E 233 18.83 38.63 -10.13
N ILE E 234 19.00 37.98 -11.29
CA ILE E 234 20.27 37.83 -11.99
C ILE E 234 20.68 39.17 -12.61
N PRO F 9 37.77 -29.90 -2.66
CA PRO F 9 36.37 -30.04 -3.12
C PRO F 9 35.44 -28.90 -2.69
N VAL F 10 35.84 -28.13 -1.68
CA VAL F 10 35.11 -26.97 -1.19
C VAL F 10 36.08 -25.79 -1.12
N ARG F 11 35.74 -24.70 -1.79
CA ARG F 11 36.51 -23.47 -1.75
C ARG F 11 35.69 -22.37 -1.07
N ILE F 12 36.37 -21.51 -0.33
CA ILE F 12 35.74 -20.41 0.38
C ILE F 12 36.32 -19.12 -0.17
N GLU F 13 35.48 -18.18 -0.59
CA GLU F 13 35.91 -16.89 -1.10
C GLU F 13 35.16 -15.83 -0.26
N ARG F 14 35.84 -14.78 0.22
CA ARG F 14 35.17 -13.73 1.00
C ARG F 14 35.33 -12.37 0.35
N ASN F 15 34.27 -11.58 0.46
CA ASN F 15 34.27 -10.22 -0.03
C ASN F 15 33.53 -9.40 1.02
N GLY F 16 34.33 -8.78 1.88
CA GLY F 16 33.80 -8.11 3.07
C GLY F 16 32.97 -9.08 3.89
N PRO F 17 31.74 -8.68 4.24
CA PRO F 17 30.92 -9.47 5.14
C PRO F 17 30.13 -10.61 4.44
N VAL F 18 30.41 -10.86 3.17
CA VAL F 18 29.77 -11.95 2.42
C VAL F 18 30.78 -13.07 2.14
N THR F 19 30.46 -14.26 2.62
CA THR F 19 31.30 -15.45 2.42
C THR F 19 30.65 -16.35 1.38
N THR F 20 31.40 -16.73 0.35
CA THR F 20 30.91 -17.64 -0.64
C THR F 20 31.55 -19.02 -0.45
N VAL F 21 30.72 -20.03 -0.24
CA VAL F 21 31.14 -21.41 -0.08
C VAL F 21 30.85 -22.18 -1.38
N ILE F 22 31.88 -22.73 -2.00
CA ILE F 22 31.77 -23.25 -3.38
C ILE F 22 32.08 -24.75 -3.42
N ILE F 23 31.12 -25.56 -3.87
CA ILE F 23 31.36 -26.98 -4.11
C ILE F 23 32.03 -27.10 -5.46
N ASP F 24 33.14 -27.81 -5.54
CA ASP F 24 33.93 -27.84 -6.77
C ASP F 24 34.51 -29.22 -7.06
N ARG F 25 33.69 -30.09 -7.64
CA ARG F 25 34.10 -31.44 -8.02
C ARG F 25 33.63 -31.71 -9.43
N PRO F 26 34.41 -31.26 -10.41
CA PRO F 26 34.03 -31.30 -11.83
C PRO F 26 33.62 -32.71 -12.32
N GLU F 27 34.46 -33.72 -12.08
CA GLU F 27 34.14 -35.07 -12.58
C GLU F 27 32.89 -35.62 -11.93
N ALA F 28 32.69 -35.33 -10.65
CA ALA F 28 31.55 -35.86 -9.92
C ALA F 28 30.30 -34.96 -10.04
N ARG F 29 30.36 -33.94 -10.89
CA ARG F 29 29.26 -32.96 -11.01
C ARG F 29 28.82 -32.41 -9.65
N ASN F 30 29.81 -32.09 -8.82
CA ASN F 30 29.61 -31.49 -7.51
C ASN F 30 28.82 -32.36 -6.54
N ALA F 31 28.80 -33.67 -6.79
CA ALA F 31 28.26 -34.60 -5.80
C ALA F 31 29.05 -34.53 -4.52
N VAL F 32 28.38 -34.75 -3.41
CA VAL F 32 28.97 -34.55 -2.09
C VAL F 32 29.26 -35.89 -1.48
N ASN F 33 30.55 -36.19 -1.35
CA ASN F 33 30.99 -37.40 -0.63
C ASN F 33 31.33 -37.02 0.81
N GLY F 34 31.90 -37.96 1.57
CA GLY F 34 32.27 -37.74 2.97
C GLY F 34 33.17 -36.55 3.23
N PRO F 35 34.35 -36.53 2.59
CA PRO F 35 35.27 -35.38 2.74
C PRO F 35 34.63 -34.05 2.35
N THR F 36 33.84 -34.06 1.28
CA THR F 36 33.18 -32.84 0.86
C THR F 36 32.20 -32.37 1.92
N ALA F 37 31.40 -33.29 2.44
CA ALA F 37 30.41 -32.94 3.45
C ALA F 37 31.12 -32.38 4.69
N ALA F 38 32.24 -33.00 5.07
CA ALA F 38 33.00 -32.53 6.22
C ALA F 38 33.53 -31.12 5.98
N ALA F 39 33.97 -30.84 4.75
CA ALA F 39 34.48 -29.51 4.38
C ALA F 39 33.36 -28.45 4.36
N LEU F 40 32.18 -28.83 3.91
CA LEU F 40 31.03 -27.91 3.96
C LEU F 40 30.63 -27.60 5.39
N PHE F 41 30.55 -28.63 6.23
CA PHE F 41 30.23 -28.43 7.63
C PHE F 41 31.24 -27.47 8.28
N ALA F 42 32.52 -27.70 8.05
CA ALA F 42 33.57 -26.84 8.63
C ALA F 42 33.48 -25.40 8.11
N ALA F 43 33.24 -25.24 6.81
CA ALA F 43 33.08 -23.89 6.20
C ALA F 43 31.95 -23.12 6.90
N PHE F 44 30.82 -23.79 7.12
CA PHE F 44 29.68 -23.12 7.76
C PHE F 44 29.85 -22.92 9.27
N GLU F 45 30.57 -23.83 9.93
CA GLU F 45 30.96 -23.61 11.32
C GLU F 45 31.79 -22.33 11.45
N GLU F 46 32.74 -22.17 10.56
CA GLU F 46 33.65 -21.03 10.55
C GLU F 46 32.88 -19.74 10.27
N PHE F 47 32.00 -19.80 9.27
CA PHE F 47 31.10 -18.68 8.97
C PHE F 47 30.26 -18.26 10.17
N ASP F 48 29.62 -19.23 10.82
CA ASP F 48 28.73 -18.93 11.93
C ASP F 48 29.48 -18.21 13.07
N ALA F 49 30.71 -18.65 13.31
CA ALA F 49 31.53 -18.14 14.42
C ALA F 49 32.23 -16.82 14.10
N ASP F 50 32.33 -16.46 12.82
CA ASP F 50 33.10 -15.29 12.41
C ASP F 50 32.23 -14.05 12.43
N ASP F 51 32.48 -13.16 13.39
CA ASP F 51 31.65 -11.96 13.55
C ASP F 51 31.83 -10.96 12.43
N THR F 52 32.86 -11.10 11.61
CA THR F 52 33.04 -10.22 10.46
C THR F 52 32.35 -10.75 9.21
N ALA F 53 31.72 -11.92 9.30
CA ALA F 53 30.89 -12.44 8.20
C ALA F 53 29.42 -12.32 8.54
N SER F 54 28.64 -11.71 7.64
CA SER F 54 27.23 -11.44 7.88
C SER F 54 26.30 -12.42 7.15
N VAL F 55 26.64 -12.72 5.90
CA VAL F 55 25.77 -13.52 5.00
C VAL F 55 26.66 -14.43 4.21
N ALA F 56 26.18 -15.66 3.99
CA ALA F 56 26.89 -16.62 3.16
C ALA F 56 26.12 -16.91 1.89
N VAL F 57 26.86 -17.29 0.85
CA VAL F 57 26.31 -17.79 -0.38
C VAL F 57 26.86 -19.20 -0.60
N LEU F 58 25.96 -20.16 -0.86
CA LEU F 58 26.34 -21.52 -1.19
C LEU F 58 26.12 -21.72 -2.69
N THR F 59 27.15 -22.21 -3.38
CA THR F 59 27.06 -22.38 -4.81
C THR F 59 27.96 -23.49 -5.29
N GLY F 60 27.81 -23.87 -6.55
CA GLY F 60 28.62 -24.93 -7.15
C GLY F 60 29.39 -24.38 -8.33
N ALA F 61 30.59 -24.88 -8.55
CA ALA F 61 31.38 -24.51 -9.72
C ALA F 61 30.98 -25.37 -10.91
N ASN F 62 31.59 -25.11 -12.07
CA ASN F 62 31.50 -26.02 -13.21
C ASN F 62 30.12 -25.99 -13.88
N GLY F 63 29.35 -24.93 -13.65
CA GLY F 63 28.02 -24.78 -14.25
C GLY F 63 26.89 -25.61 -13.63
N THR F 64 27.11 -26.16 -12.44
CA THR F 64 26.09 -26.91 -11.77
C THR F 64 26.15 -26.67 -10.28
N PHE F 65 25.10 -27.02 -9.56
CA PHE F 65 25.04 -26.77 -8.13
C PHE F 65 25.50 -28.03 -7.38
N CYS F 66 24.69 -29.08 -7.39
CA CYS F 66 24.98 -30.28 -6.65
C CYS F 66 24.05 -31.41 -7.05
N ALA F 67 24.63 -32.50 -7.50
CA ALA F 67 23.90 -33.66 -7.98
C ALA F 67 23.39 -34.56 -6.83
N GLY F 68 23.76 -34.25 -5.59
CA GLY F 68 23.36 -35.07 -4.47
C GLY F 68 24.53 -35.76 -3.79
N ALA F 69 24.21 -36.75 -2.98
CA ALA F 69 25.23 -37.57 -2.33
C ALA F 69 26.00 -38.38 -3.37
N ASP F 70 27.27 -38.63 -3.10
CA ASP F 70 28.12 -39.31 -4.05
C ASP F 70 27.90 -40.82 -3.91
N LEU F 71 26.98 -41.34 -4.71
CA LEU F 71 26.65 -42.79 -4.75
C LEU F 71 27.86 -43.69 -5.01
N LYS F 72 28.67 -43.31 -6.00
CA LYS F 72 29.89 -44.05 -6.35
C LYS F 72 30.86 -44.25 -5.19
N ALA F 73 30.78 -43.39 -4.17
CA ALA F 73 31.65 -43.49 -3.01
C ALA F 73 31.15 -44.47 -1.94
N PHE F 74 29.93 -44.98 -2.08
CA PHE F 74 29.37 -45.93 -1.10
C PHE F 74 30.29 -47.12 -0.97
N GLY F 75 30.58 -47.52 0.27
CA GLY F 75 31.48 -48.63 0.53
C GLY F 75 32.99 -48.33 0.47
N THR F 76 33.36 -47.06 0.27
CA THR F 76 34.75 -46.65 0.20
C THR F 76 35.05 -45.80 1.44
N PRO F 77 36.32 -45.48 1.69
CA PRO F 77 36.65 -44.55 2.78
C PRO F 77 36.06 -43.15 2.61
N GLU F 78 35.72 -42.79 1.38
CA GLU F 78 35.18 -41.46 1.04
C GLU F 78 33.66 -41.39 1.13
N ALA F 79 33.02 -42.47 1.58
CA ALA F 79 31.55 -42.55 1.62
C ALA F 79 30.96 -41.48 2.52
N ASN F 80 29.74 -41.04 2.20
CA ASN F 80 29.03 -40.16 3.08
C ASN F 80 28.89 -40.80 4.46
N GLN F 81 29.03 -39.99 5.49
CA GLN F 81 28.86 -40.45 6.85
C GLN F 81 27.38 -40.29 7.26
N VAL F 82 26.73 -41.40 7.60
CA VAL F 82 25.33 -41.45 7.92
C VAL F 82 25.17 -41.86 9.40
N HIS F 83 24.94 -40.88 10.27
CA HIS F 83 24.79 -41.12 11.70
C HIS F 83 23.64 -40.27 12.25
N ARG F 84 22.99 -40.76 13.30
CA ARG F 84 21.91 -40.01 13.93
C ARG F 84 22.43 -38.76 14.66
N GLU F 85 23.67 -38.81 15.14
CA GLU F 85 24.32 -37.66 15.78
C GLU F 85 25.30 -36.93 14.82
N GLY F 86 25.62 -35.67 15.12
CA GLY F 86 26.65 -34.94 14.37
C GLY F 86 26.12 -34.43 13.03
N PRO F 87 27.03 -34.12 12.08
CA PRO F 87 26.59 -33.52 10.82
C PRO F 87 25.73 -34.48 10.01
N GLY F 88 24.80 -33.93 9.25
CA GLY F 88 24.04 -34.71 8.31
C GLY F 88 24.90 -35.27 7.20
N PRO F 89 24.36 -36.26 6.45
CA PRO F 89 25.08 -36.87 5.37
C PRO F 89 25.65 -35.90 4.33
N MET F 90 24.92 -34.80 4.04
CA MET F 90 25.37 -33.82 3.04
C MET F 90 26.29 -32.77 3.64
N GLY F 91 26.41 -32.75 4.97
CA GLY F 91 27.34 -31.85 5.67
C GLY F 91 26.64 -30.88 6.58
N PRO F 92 26.14 -29.74 6.03
CA PRO F 92 25.60 -28.68 6.89
C PRO F 92 24.09 -28.74 7.09
N SER F 93 23.46 -29.81 6.61
CA SER F 93 21.98 -29.88 6.49
C SER F 93 21.21 -29.91 7.83
N ARG F 94 21.91 -30.21 8.94
CA ARG F 94 21.27 -30.16 10.26
C ARG F 94 21.58 -28.88 11.03
N MET F 95 22.45 -28.04 10.49
CA MET F 95 22.89 -26.86 11.23
C MET F 95 21.79 -25.81 11.33
N ASP F 96 21.72 -25.19 12.50
CA ASP F 96 20.86 -24.03 12.71
C ASP F 96 21.77 -22.84 12.86
N LEU F 97 22.08 -22.16 11.76
CA LEU F 97 23.03 -21.07 11.79
C LEU F 97 22.37 -19.79 12.32
N SER F 98 23.20 -18.91 12.88
CA SER F 98 22.74 -17.68 13.49
C SER F 98 22.57 -16.58 12.44
N LYS F 99 23.00 -16.85 11.21
CA LYS F 99 23.02 -15.87 10.16
C LYS F 99 22.56 -16.55 8.87
N PRO F 100 22.03 -15.77 7.93
CA PRO F 100 21.48 -16.37 6.69
C PRO F 100 22.46 -16.84 5.60
N VAL F 101 21.99 -17.77 4.77
CA VAL F 101 22.72 -18.34 3.65
C VAL F 101 21.81 -18.28 2.39
N ILE F 102 22.35 -17.81 1.27
CA ILE F 102 21.64 -17.77 -0.03
C ILE F 102 22.21 -18.85 -0.95
N ALA F 103 21.36 -19.74 -1.47
CA ALA F 103 21.77 -20.67 -2.50
C ALA F 103 21.81 -20.01 -3.86
N ALA F 104 22.87 -20.24 -4.60
CA ALA F 104 23.01 -19.70 -5.94
C ALA F 104 23.09 -20.93 -6.85
N ILE F 105 22.00 -21.21 -7.54
CA ILE F 105 21.86 -22.45 -8.28
C ILE F 105 22.02 -22.25 -9.79
N SER F 106 23.05 -22.88 -10.34
CA SER F 106 23.21 -23.15 -11.78
C SER F 106 23.05 -24.63 -12.03
N GLY F 107 22.71 -24.99 -13.26
CA GLY F 107 22.54 -26.41 -13.64
C GLY F 107 21.59 -27.14 -12.69
N TYR F 108 22.06 -28.23 -12.09
CA TYR F 108 21.19 -29.13 -11.32
C TYR F 108 21.37 -28.92 -9.84
N ALA F 109 20.25 -28.84 -9.13
CA ALA F 109 20.21 -28.99 -7.68
C ALA F 109 19.18 -30.10 -7.41
N VAL F 110 19.69 -31.32 -7.30
CA VAL F 110 18.86 -32.49 -7.24
C VAL F 110 19.21 -33.39 -6.05
N ALA F 111 18.20 -34.06 -5.55
CA ALA F 111 18.34 -35.04 -4.47
C ALA F 111 18.97 -34.35 -3.28
N GLY F 112 20.06 -34.86 -2.74
CA GLY F 112 20.71 -34.18 -1.61
C GLY F 112 21.11 -32.75 -1.93
N GLY F 113 21.37 -32.49 -3.20
CA GLY F 113 21.68 -31.15 -3.66
C GLY F 113 20.50 -30.21 -3.54
N LEU F 114 19.31 -30.70 -3.85
CA LEU F 114 18.09 -29.91 -3.60
C LEU F 114 17.96 -29.67 -2.10
N GLU F 115 18.21 -30.71 -1.31
CA GLU F 115 18.13 -30.56 0.16
C GLU F 115 19.06 -29.49 0.74
N LEU F 116 20.26 -29.36 0.19
CA LEU F 116 21.10 -28.25 0.56
C LEU F 116 20.49 -26.90 0.19
N ALA F 117 19.90 -26.80 -1.00
CA ALA F 117 19.23 -25.56 -1.40
C ALA F 117 18.04 -25.22 -0.50
N LEU F 118 17.29 -26.24 -0.06
CA LEU F 118 16.15 -26.01 0.85
C LEU F 118 16.59 -25.55 2.23
N TRP F 119 17.80 -25.98 2.63
CA TRP F 119 18.37 -25.61 3.94
C TRP F 119 18.74 -24.13 3.98
N CYS F 120 19.10 -23.60 2.81
CA CYS F 120 19.39 -22.19 2.70
C CYS F 120 18.09 -21.34 2.90
N ASP F 121 18.30 -20.11 3.32
CA ASP F 121 17.21 -19.19 3.52
C ASP F 121 16.52 -18.73 2.24
N LEU F 122 17.30 -18.53 1.20
CA LEU F 122 16.79 -18.07 -0.08
C LEU F 122 17.46 -18.82 -1.19
N ARG F 123 16.77 -18.90 -2.33
CA ARG F 123 17.33 -19.53 -3.51
C ARG F 123 17.29 -18.60 -4.71
N VAL F 124 18.46 -18.36 -5.30
CA VAL F 124 18.61 -17.56 -6.53
C VAL F 124 18.98 -18.54 -7.63
N VAL F 125 18.21 -18.58 -8.71
CA VAL F 125 18.33 -19.69 -9.68
C VAL F 125 18.50 -19.19 -11.09
N ASP F 126 19.42 -19.80 -11.81
CA ASP F 126 19.57 -19.52 -13.25
C ASP F 126 18.31 -19.92 -14.00
N GLU F 127 18.01 -19.21 -15.08
CA GLU F 127 16.83 -19.50 -15.89
C GLU F 127 16.81 -20.93 -16.46
N ASP F 128 17.98 -21.54 -16.68
CA ASP F 128 18.06 -22.90 -17.19
C ASP F 128 18.36 -23.97 -16.11
N ALA F 129 18.27 -23.61 -14.84
CA ALA F 129 18.52 -24.58 -13.77
C ALA F 129 17.36 -25.55 -13.59
N THR F 130 17.67 -26.70 -13.02
CA THR F 130 16.69 -27.76 -12.79
C THR F 130 16.79 -28.20 -11.33
N MET F 131 15.65 -28.32 -10.67
CA MET F 131 15.59 -28.80 -9.30
C MET F 131 14.68 -30.01 -9.22
N GLY F 132 14.93 -30.91 -8.28
CA GLY F 132 14.05 -32.02 -8.07
C GLY F 132 14.58 -33.09 -7.12
N VAL F 133 13.67 -33.97 -6.69
CA VAL F 133 13.96 -35.07 -5.80
C VAL F 133 14.35 -36.29 -6.63
N PHE F 134 15.48 -36.20 -7.32
CA PHE F 134 15.86 -37.24 -8.28
C PHE F 134 16.27 -38.56 -7.58
N CYS F 135 16.52 -38.49 -6.28
CA CYS F 135 16.78 -39.71 -5.49
C CYS F 135 15.58 -40.66 -5.43
N ARG F 136 14.38 -40.13 -5.70
CA ARG F 136 13.19 -40.96 -5.88
C ARG F 136 13.46 -42.10 -6.87
N ARG F 137 14.06 -41.75 -8.00
CA ARG F 137 14.32 -42.72 -9.08
C ARG F 137 15.34 -43.78 -8.63
N TRP F 138 16.33 -43.36 -7.87
CA TRP F 138 17.45 -44.24 -7.43
C TRP F 138 17.08 -45.06 -6.19
N GLY F 139 16.00 -44.70 -5.51
CA GLY F 139 15.63 -45.34 -4.25
C GLY F 139 16.50 -44.99 -3.03
N VAL F 140 17.04 -43.79 -3.00
CA VAL F 140 17.81 -43.29 -1.84
C VAL F 140 16.91 -42.29 -1.08
N PRO F 141 16.77 -42.47 0.25
CA PRO F 141 15.81 -41.63 0.98
C PRO F 141 16.30 -40.22 1.26
N LEU F 142 15.35 -39.32 1.46
CA LEU F 142 15.66 -37.95 1.83
C LEU F 142 15.96 -37.94 3.32
N ILE F 143 17.21 -37.75 3.65
CA ILE F 143 17.64 -37.74 5.04
C ILE F 143 18.51 -36.51 5.36
N ASP F 144 18.32 -35.45 4.59
CA ASP F 144 18.97 -34.17 4.85
C ASP F 144 17.94 -33.03 4.86
N GLY F 145 16.73 -33.37 5.29
CA GLY F 145 15.75 -32.42 5.70
C GLY F 145 14.74 -32.08 4.64
N GLY F 146 14.84 -32.69 3.46
CA GLY F 146 13.88 -32.43 2.39
C GLY F 146 12.42 -32.62 2.76
N THR F 147 12.12 -33.68 3.48
CA THR F 147 10.73 -34.01 3.82
C THR F 147 10.24 -33.04 4.85
N VAL F 148 11.16 -32.47 5.60
CA VAL F 148 10.79 -31.55 6.67
C VAL F 148 10.60 -30.17 6.11
N ARG F 149 11.53 -29.74 5.27
CA ARG F 149 11.59 -28.36 4.86
C ARG F 149 10.70 -28.04 3.63
N LEU F 150 10.60 -28.96 2.69
CA LEU F 150 9.81 -28.67 1.48
C LEU F 150 8.34 -28.31 1.79
N PRO F 151 7.64 -29.08 2.66
CA PRO F 151 6.26 -28.70 2.93
C PRO F 151 6.11 -27.35 3.65
N ARG F 152 7.07 -27.02 4.51
CA ARG F 152 7.13 -25.74 5.18
C ARG F 152 7.38 -24.58 4.19
N LEU F 153 8.24 -24.83 3.22
CA LEU F 153 8.65 -23.82 2.28
C LEU F 153 7.55 -23.44 1.29
N ILE F 154 6.88 -24.44 0.73
CA ILE F 154 5.98 -24.23 -0.40
C ILE F 154 4.58 -24.83 -0.23
N GLY F 155 4.28 -25.37 0.95
CA GLY F 155 3.01 -25.98 1.25
C GLY F 155 3.02 -27.49 0.99
N HIS F 156 2.14 -28.19 1.69
CA HIS F 156 2.11 -29.61 1.63
C HIS F 156 1.78 -30.15 0.25
N SER F 157 0.83 -29.51 -0.43
CA SER F 157 0.34 -30.03 -1.69
C SER F 157 1.47 -30.13 -2.70
N ARG F 158 2.14 -29.02 -2.98
CA ARG F 158 3.20 -29.01 -3.98
C ARG F 158 4.41 -29.81 -3.52
N ALA F 159 4.66 -29.82 -2.20
CA ALA F 159 5.75 -30.61 -1.69
C ALA F 159 5.54 -32.08 -1.97
N MET F 160 4.35 -32.58 -1.69
CA MET F 160 4.07 -34.00 -1.89
C MET F 160 4.17 -34.39 -3.36
N ASP F 161 3.71 -33.52 -4.26
CA ASP F 161 3.93 -33.72 -5.70
C ASP F 161 5.40 -33.98 -6.04
N LEU F 162 6.24 -33.03 -5.68
CA LEU F 162 7.67 -33.14 -5.94
C LEU F 162 8.32 -34.35 -5.25
N ILE F 163 7.95 -34.61 -3.99
CA ILE F 163 8.51 -35.71 -3.23
C ILE F 163 8.08 -37.05 -3.81
N LEU F 164 6.80 -37.24 -4.11
CA LEU F 164 6.33 -38.55 -4.62
C LEU F 164 6.90 -38.82 -6.00
N THR F 165 6.78 -37.86 -6.90
CA THR F 165 7.09 -38.08 -8.29
C THR F 165 8.56 -38.02 -8.58
N GLY F 166 9.31 -37.23 -7.82
CA GLY F 166 10.69 -37.01 -8.13
C GLY F 166 10.91 -36.24 -9.41
N ARG F 167 9.88 -35.57 -9.89
CA ARG F 167 9.97 -34.89 -11.17
C ARG F 167 10.90 -33.64 -11.13
N ALA F 168 11.35 -33.28 -12.32
CA ALA F 168 12.17 -32.09 -12.55
C ALA F 168 11.29 -30.82 -12.51
N VAL F 169 11.79 -29.76 -11.91
CA VAL F 169 11.13 -28.48 -11.84
C VAL F 169 12.07 -27.48 -12.48
N ASP F 170 11.63 -26.78 -13.51
CA ASP F 170 12.45 -25.76 -14.09
C ASP F 170 12.35 -24.43 -13.29
N ALA F 171 13.12 -23.43 -13.70
CA ALA F 171 13.21 -22.19 -12.97
C ALA F 171 11.87 -21.44 -12.94
N ALA F 172 11.18 -21.37 -14.07
CA ALA F 172 9.89 -20.68 -14.13
C ALA F 172 8.90 -21.29 -13.14
N GLU F 173 8.80 -22.60 -13.13
CA GLU F 173 7.88 -23.26 -12.20
C GLU F 173 8.33 -23.07 -10.75
N ALA F 174 9.63 -23.22 -10.51
CA ALA F 174 10.19 -22.99 -9.20
C ALA F 174 9.85 -21.60 -8.68
N TYR F 175 9.90 -20.62 -9.56
CA TYR F 175 9.56 -19.26 -9.20
C TYR F 175 8.05 -19.12 -8.91
N ALA F 176 7.24 -19.71 -9.75
CA ALA F 176 5.77 -19.64 -9.61
C ALA F 176 5.30 -20.26 -8.31
N ILE F 177 5.99 -21.28 -7.82
CA ILE F 177 5.55 -21.99 -6.61
C ILE F 177 6.23 -21.54 -5.31
N GLY F 178 7.17 -20.61 -5.42
CA GLY F 178 7.84 -20.07 -4.29
C GLY F 178 9.11 -20.81 -3.87
N LEU F 179 9.55 -21.77 -4.67
CA LEU F 179 10.78 -22.49 -4.41
C LEU F 179 12.02 -21.65 -4.76
N ALA F 180 12.02 -21.05 -5.95
CA ALA F 180 13.06 -20.12 -6.35
C ALA F 180 12.61 -18.71 -5.94
N ASN F 181 13.41 -18.00 -5.13
CA ASN F 181 13.05 -16.64 -4.74
C ASN F 181 13.40 -15.61 -5.82
N ARG F 182 14.46 -15.87 -6.56
CA ARG F 182 14.83 -15.06 -7.72
C ARG F 182 15.23 -15.97 -8.88
N VAL F 183 14.98 -15.48 -10.09
CA VAL F 183 15.43 -16.14 -11.30
C VAL F 183 16.22 -15.13 -12.08
N VAL F 184 17.44 -15.51 -12.47
CA VAL F 184 18.35 -14.67 -13.23
C VAL F 184 18.87 -15.36 -14.52
N PRO F 185 19.50 -14.61 -15.44
CA PRO F 185 19.99 -15.23 -16.65
C PRO F 185 21.07 -16.27 -16.39
N THR F 186 21.19 -17.22 -17.30
CA THR F 186 22.14 -18.32 -17.16
C THR F 186 23.54 -17.78 -16.90
N GLY F 187 24.23 -18.37 -15.94
CA GLY F 187 25.55 -17.94 -15.55
C GLY F 187 25.60 -16.86 -14.49
N GLN F 188 24.46 -16.30 -14.12
N GLN F 188 24.46 -16.30 -14.12
CA GLN F 188 24.45 -15.16 -13.18
CA GLN F 188 24.45 -15.16 -13.18
C GLN F 188 24.03 -15.45 -11.74
C GLN F 188 24.03 -15.45 -11.74
N ALA F 189 23.70 -16.70 -11.41
CA ALA F 189 23.17 -17.01 -10.07
C ALA F 189 24.12 -16.56 -8.99
N ARG F 190 25.39 -16.92 -9.12
CA ARG F 190 26.37 -16.58 -8.09
C ARG F 190 26.54 -15.07 -7.88
N GLN F 191 26.68 -14.33 -8.98
CA GLN F 191 26.78 -12.89 -8.89
C GLN F 191 25.54 -12.26 -8.28
N ALA F 192 24.36 -12.70 -8.69
CA ALA F 192 23.13 -12.14 -8.20
C ALA F 192 22.94 -12.43 -6.72
N ALA F 193 23.30 -13.65 -6.33
CA ALA F 193 23.22 -14.02 -4.93
C ALA F 193 24.19 -13.22 -4.08
N GLU F 194 25.39 -12.98 -4.60
CA GLU F 194 26.38 -12.17 -3.88
C GLU F 194 25.93 -10.72 -3.74
N GLU F 195 25.30 -10.15 -4.76
CA GLU F 195 24.68 -8.85 -4.67
C GLU F 195 23.59 -8.79 -3.62
N LEU F 196 22.72 -9.77 -3.63
CA LEU F 196 21.65 -9.85 -2.64
C LEU F 196 22.21 -10.02 -1.23
N ALA F 197 23.23 -10.84 -1.09
CA ALA F 197 23.92 -11.01 0.20
C ALA F 197 24.51 -9.69 0.71
N ALA F 198 25.08 -8.91 -0.20
CA ALA F 198 25.68 -7.62 0.18
C ALA F 198 24.59 -6.63 0.60
N ASP F 199 23.45 -6.64 -0.10
CA ASP F 199 22.29 -5.85 0.27
C ASP F 199 21.85 -6.21 1.69
N LEU F 200 21.68 -7.50 1.95
CA LEU F 200 21.34 -7.93 3.29
C LEU F 200 22.37 -7.51 4.34
N ALA F 201 23.66 -7.60 4.00
CA ALA F 201 24.74 -7.24 4.93
C ALA F 201 24.74 -5.75 5.29
N ARG F 202 24.16 -4.91 4.42
CA ARG F 202 24.06 -3.47 4.67
C ARG F 202 22.89 -3.09 5.60
N LEU F 203 21.95 -3.99 5.84
CA LEU F 203 20.84 -3.70 6.71
C LEU F 203 21.23 -3.80 8.18
N PRO F 204 20.38 -3.24 9.09
CA PRO F 204 20.66 -3.38 10.52
C PRO F 204 20.63 -4.83 10.94
N GLN F 205 21.77 -5.35 11.36
CA GLN F 205 22.00 -6.78 11.44
C GLN F 205 21.25 -7.47 12.58
N GLN F 206 21.31 -6.90 13.79
CA GLN F 206 20.77 -7.56 14.98
C GLN F 206 19.26 -7.82 14.81
N CYS F 207 18.59 -6.82 14.27
CA CYS F 207 17.19 -6.89 14.02
C CYS F 207 16.79 -7.93 12.95
N MET F 208 17.46 -7.89 11.80
CA MET F 208 17.22 -8.86 10.75
C MET F 208 17.45 -10.29 11.26
N ARG F 209 18.54 -10.48 11.98
CA ARG F 209 18.88 -11.82 12.47
C ARG F 209 17.87 -12.33 13.49
N ALA F 210 17.41 -11.45 14.36
CA ALA F 210 16.43 -11.85 15.38
C ALA F 210 15.09 -12.22 14.71
N ASP F 211 14.66 -11.40 13.75
CA ASP F 211 13.45 -11.67 12.99
C ASP F 211 13.53 -13.02 12.25
N ARG F 212 14.67 -13.26 11.60
CA ARG F 212 14.91 -14.55 10.96
C ARG F 212 14.79 -15.71 11.95
N LEU F 213 15.45 -15.59 13.11
CA LEU F 213 15.44 -16.71 14.04
C LEU F 213 14.05 -17.00 14.59
N SER F 214 13.23 -15.96 14.78
CA SER F 214 11.87 -16.15 15.25
C SER F 214 11.01 -16.84 14.16
N ALA F 215 11.19 -16.43 12.91
CA ALA F 215 10.43 -17.01 11.79
C ALA F 215 10.80 -18.50 11.61
N LEU F 216 12.04 -18.86 11.93
CA LEU F 216 12.44 -20.27 11.96
C LEU F 216 11.88 -20.98 13.16
N HIS F 217 12.03 -20.37 14.33
CA HIS F 217 11.71 -21.05 15.61
C HIS F 217 10.21 -21.35 15.78
N GLN F 218 9.35 -20.50 15.18
CA GLN F 218 7.91 -20.68 15.34
C GLN F 218 7.35 -21.97 14.76
N TRP F 219 8.04 -22.59 13.80
CA TRP F 219 7.54 -23.83 13.17
C TRP F 219 7.37 -24.91 14.25
N GLY F 220 6.15 -25.43 14.34
CA GLY F 220 5.80 -26.49 15.29
C GLY F 220 5.22 -25.95 16.60
N GLU F 221 5.23 -24.62 16.77
CA GLU F 221 4.76 -24.03 18.01
C GLU F 221 3.37 -23.45 17.86
N SER F 222 2.64 -23.44 18.96
CA SER F 222 1.37 -22.78 19.01
C SER F 222 1.60 -21.29 18.78
N GLU F 223 0.53 -20.59 18.42
CA GLU F 223 0.60 -19.13 18.29
C GLU F 223 1.14 -18.48 19.56
N ASN F 224 0.58 -18.86 20.71
CA ASN F 224 1.01 -18.26 21.98
C ASN F 224 2.51 -18.44 22.25
N ALA F 225 3.01 -19.66 22.15
CA ALA F 225 4.43 -19.93 22.41
C ALA F 225 5.33 -19.20 21.40
N ALA F 226 4.93 -19.17 20.13
CA ALA F 226 5.70 -18.51 19.11
C ALA F 226 5.75 -17.01 19.33
N MET F 227 4.62 -16.41 19.73
CA MET F 227 4.56 -14.98 20.04
C MET F 227 5.47 -14.62 21.21
N ASP F 228 5.44 -15.47 22.23
CA ASP F 228 6.36 -15.35 23.40
C ASP F 228 7.82 -15.31 22.99
N PHE F 229 8.23 -16.26 22.16
CA PHE F 229 9.58 -16.28 21.67
C PHE F 229 9.93 -15.04 20.84
N GLU F 230 9.01 -14.65 19.93
CA GLU F 230 9.24 -13.47 19.11
C GLU F 230 9.50 -12.23 19.98
N PHE F 231 8.68 -12.03 20.99
CA PHE F 231 8.81 -10.87 21.86
C PHE F 231 10.21 -10.78 22.51
N ALA F 232 10.88 -11.91 22.75
CA ALA F 232 12.29 -11.90 23.23
C ALA F 232 13.33 -11.26 22.26
N SER F 233 12.95 -11.01 21.01
CA SER F 233 13.71 -10.11 20.09
C SER F 233 13.96 -8.69 20.63
N ILE F 234 13.00 -8.13 21.36
CA ILE F 234 13.17 -6.82 22.00
C ILE F 234 13.63 -6.98 23.45
N GLU G 8 16.40 20.99 19.13
CA GLU G 8 17.38 19.98 18.71
C GLU G 8 18.77 20.60 18.44
N PRO G 9 19.70 20.47 19.39
CA PRO G 9 21.01 21.11 19.19
C PRO G 9 21.89 20.35 18.18
N VAL G 10 21.53 19.11 17.88
CA VAL G 10 22.21 18.29 16.86
C VAL G 10 21.18 17.69 15.91
N ARG G 11 21.32 17.92 14.61
CA ARG G 11 20.44 17.37 13.60
C ARG G 11 21.25 16.43 12.70
N ILE G 12 20.60 15.37 12.24
CA ILE G 12 21.23 14.38 11.38
C ILE G 12 20.45 14.40 10.07
N GLU G 13 21.16 14.52 8.95
CA GLU G 13 20.55 14.37 7.63
C GLU G 13 21.34 13.31 6.82
N ARG G 14 20.64 12.45 6.11
CA ARG G 14 21.32 11.37 5.38
C ARG G 14 21.00 11.46 3.92
N ASN G 15 21.95 11.03 3.11
CA ASN G 15 21.72 10.92 1.69
C ASN G 15 22.53 9.71 1.20
N GLY G 16 21.81 8.60 1.06
CA GLY G 16 22.41 7.31 0.85
C GLY G 16 23.42 6.96 1.93
N PRO G 17 24.62 6.55 1.51
CA PRO G 17 25.65 6.16 2.45
C PRO G 17 26.42 7.32 3.15
N VAL G 18 26.00 8.57 2.93
CA VAL G 18 26.62 9.74 3.61
C VAL G 18 25.67 10.30 4.68
N THR G 19 26.14 10.33 5.92
CA THR G 19 25.41 10.92 7.03
C THR G 19 26.01 12.29 7.40
N THR G 20 25.18 13.32 7.46
CA THR G 20 25.65 14.65 7.88
C THR G 20 25.15 14.90 9.30
N VAL G 21 26.08 15.20 10.20
CA VAL G 21 25.77 15.56 11.57
C VAL G 21 25.97 17.05 11.74
N ILE G 22 24.91 17.75 12.15
CA ILE G 22 24.90 19.20 12.16
C ILE G 22 24.72 19.76 13.58
N ILE G 23 25.68 20.57 14.04
CA ILE G 23 25.52 21.28 15.31
C ILE G 23 24.70 22.53 15.01
N ASP G 24 23.65 22.78 15.80
CA ASP G 24 22.71 23.85 15.48
C ASP G 24 22.23 24.59 16.74
N ARG G 25 23.05 25.54 17.20
CA ARG G 25 22.71 26.37 18.36
C ARG G 25 23.00 27.83 18.05
N PRO G 26 22.03 28.51 17.42
CA PRO G 26 22.23 29.85 16.86
C PRO G 26 22.73 30.84 17.91
N GLU G 27 22.02 30.95 19.05
CA GLU G 27 22.40 31.97 20.07
C GLU G 27 23.77 31.69 20.62
N ALA G 28 24.11 30.41 20.76
CA ALA G 28 25.39 30.04 21.37
C ALA G 28 26.51 29.90 20.32
N ARG G 29 26.24 30.30 19.07
CA ARG G 29 27.21 30.14 17.97
C ARG G 29 27.77 28.71 17.87
N ASN G 30 26.89 27.74 18.04
CA ASN G 30 27.21 26.30 17.96
C ASN G 30 28.18 25.82 19.03
N ALA G 31 28.29 26.55 20.13
CA ALA G 31 29.05 26.05 21.28
C ALA G 31 28.42 24.74 21.77
N VAL G 32 29.26 23.86 22.28
CA VAL G 32 28.82 22.57 22.71
C VAL G 32 28.73 22.54 24.23
N ASN G 33 27.51 22.40 24.72
CA ASN G 33 27.28 22.15 26.14
C ASN G 33 27.10 20.64 26.37
N GLY G 34 26.73 20.26 27.61
CA GLY G 34 26.53 18.84 27.98
C GLY G 34 25.56 18.08 27.09
N PRO G 35 24.32 18.56 26.97
CA PRO G 35 23.34 17.88 26.11
C PRO G 35 23.78 17.79 24.65
N THR G 36 24.42 18.85 24.15
CA THR G 36 24.91 18.84 22.78
C THR G 36 25.99 17.78 22.60
N ALA G 37 26.92 17.71 23.54
CA ALA G 37 27.98 16.71 23.47
C ALA G 37 27.42 15.30 23.51
N ALA G 38 26.41 15.09 24.34
CA ALA G 38 25.75 13.80 24.43
C ALA G 38 25.08 13.45 23.10
N ALA G 39 24.43 14.43 22.47
CA ALA G 39 23.78 14.21 21.17
C ALA G 39 24.80 13.91 20.05
N LEU G 40 25.94 14.57 20.08
CA LEU G 40 27.01 14.28 19.09
C LEU G 40 27.58 12.89 19.28
N PHE G 41 27.85 12.52 20.53
CA PHE G 41 28.31 11.18 20.81
C PHE G 41 27.32 10.12 20.30
N ALA G 42 26.05 10.32 20.58
CA ALA G 42 25.02 9.37 20.13
C ALA G 42 24.91 9.31 18.60
N ALA G 43 24.97 10.48 17.94
CA ALA G 43 24.92 10.55 16.46
C ALA G 43 26.06 9.71 15.86
N PHE G 44 27.25 9.85 16.41
CA PHE G 44 28.41 9.09 15.89
C PHE G 44 28.42 7.62 16.28
N GLU G 45 27.87 7.29 17.44
CA GLU G 45 27.64 5.89 17.81
C GLU G 45 26.74 5.21 16.81
N GLU G 46 25.66 5.91 16.45
CA GLU G 46 24.67 5.41 15.50
C GLU G 46 25.29 5.26 14.12
N PHE G 47 26.04 6.28 13.70
CA PHE G 47 26.80 6.22 12.43
C PHE G 47 27.74 5.00 12.36
N ASP G 48 28.54 4.82 13.40
CA ASP G 48 29.50 3.77 13.42
C ASP G 48 28.84 2.38 13.28
N ALA G 49 27.68 2.20 13.92
CA ALA G 49 26.98 0.94 13.97
C ALA G 49 26.11 0.69 12.73
N ASP G 50 25.84 1.73 11.96
CA ASP G 50 24.91 1.61 10.84
C ASP G 50 25.65 1.18 9.57
N ASP G 51 25.42 -0.06 9.14
CA ASP G 51 26.14 -0.61 7.99
C ASP G 51 25.72 0.01 6.67
N THR G 52 24.61 0.76 6.66
CA THR G 52 24.22 1.48 5.45
C THR G 52 24.85 2.87 5.36
N ALA G 53 25.58 3.29 6.39
CA ALA G 53 26.30 4.55 6.34
C ALA G 53 27.81 4.28 6.16
N SER G 54 28.40 4.95 5.18
CA SER G 54 29.82 4.75 4.85
C SER G 54 30.74 5.88 5.36
N VAL G 55 30.27 7.13 5.25
CA VAL G 55 31.06 8.30 5.51
C VAL G 55 30.17 9.31 6.19
N ALA G 56 30.71 10.00 7.19
CA ALA G 56 29.97 11.08 7.85
C ALA G 56 30.59 12.42 7.54
N VAL G 57 29.76 13.44 7.61
CA VAL G 57 30.20 14.85 7.53
C VAL G 57 29.77 15.53 8.82
N LEU G 58 30.71 16.22 9.49
CA LEU G 58 30.40 17.02 10.65
C LEU G 58 30.44 18.48 10.24
N THR G 59 29.40 19.23 10.60
CA THR G 59 29.29 20.62 10.21
C THR G 59 28.43 21.39 11.21
N GLY G 60 28.45 22.70 11.08
CA GLY G 60 27.64 23.57 11.97
C GLY G 60 26.66 24.37 11.11
N ALA G 61 25.48 24.64 11.66
CA ALA G 61 24.51 25.52 11.01
C ALA G 61 24.82 26.98 11.35
N ASN G 62 24.03 27.89 10.78
CA ASN G 62 24.09 29.31 11.16
C ASN G 62 25.39 30.00 10.70
N GLY G 63 26.09 29.43 9.71
CA GLY G 63 27.30 30.06 9.15
C GLY G 63 28.55 29.91 9.98
N THR G 64 28.55 28.98 10.93
CA THR G 64 29.75 28.74 11.75
C THR G 64 29.85 27.27 12.10
N PHE G 65 31.02 26.84 12.56
CA PHE G 65 31.25 25.45 12.83
C PHE G 65 31.01 25.17 14.30
N CYS G 66 31.90 25.64 15.15
CA CYS G 66 31.77 25.42 16.58
C CYS G 66 32.76 26.32 17.35
N ALA G 67 32.21 27.09 18.28
CA ALA G 67 32.95 28.03 19.07
C ALA G 67 33.67 27.39 20.25
N GLY G 68 33.47 26.10 20.48
CA GLY G 68 34.08 25.42 21.58
C GLY G 68 33.09 25.00 22.64
N ALA G 69 33.59 24.65 23.81
CA ALA G 69 32.74 24.27 24.92
C ALA G 69 31.91 25.48 25.36
N ASP G 70 30.70 25.22 25.84
CA ASP G 70 29.77 26.30 26.21
C ASP G 70 30.11 26.86 27.62
N LEU G 71 30.95 27.90 27.65
CA LEU G 71 31.44 28.52 28.92
C LEU G 71 30.30 29.02 29.81
N LYS G 72 29.33 29.65 29.17
CA LYS G 72 28.11 30.13 29.83
C LYS G 72 27.32 29.04 30.61
N ALA G 73 27.49 27.77 30.22
CA ALA G 73 26.83 26.65 30.89
C ALA G 73 27.59 26.08 32.09
N PHE G 74 28.83 26.53 32.32
CA PHE G 74 29.59 26.06 33.50
C PHE G 74 28.79 26.33 34.77
N GLY G 75 28.73 25.35 35.66
CA GLY G 75 28.00 25.48 36.92
C GLY G 75 26.48 25.31 36.81
N THR G 76 25.98 24.93 35.64
CA THR G 76 24.55 24.68 35.44
C THR G 76 24.35 23.18 35.19
N PRO G 77 23.09 22.72 35.18
CA PRO G 77 22.84 21.32 34.79
C PRO G 77 23.26 20.97 33.34
N GLU G 78 23.37 21.99 32.50
CA GLU G 78 23.68 21.82 31.09
C GLU G 78 25.22 21.90 30.83
N ALA G 79 26.03 21.97 31.89
CA ALA G 79 27.49 22.07 31.76
C ALA G 79 28.09 20.85 31.03
N ASN G 80 29.23 21.06 30.38
CA ASN G 80 29.97 19.96 29.80
C ASN G 80 30.34 18.96 30.88
N GLN G 81 30.25 17.69 30.53
CA GLN G 81 30.62 16.62 31.44
C GLN G 81 32.09 16.28 31.24
N VAL G 82 32.86 16.40 32.33
CA VAL G 82 34.31 16.25 32.30
C VAL G 82 34.69 15.06 33.18
N HIS G 83 34.93 13.91 32.57
CA HIS G 83 35.24 12.68 33.30
C HIS G 83 36.34 11.89 32.59
N ARG G 84 37.11 11.12 33.35
CA ARG G 84 38.19 10.32 32.79
C ARG G 84 37.64 9.20 31.92
N GLU G 85 36.47 8.67 32.29
CA GLU G 85 35.77 7.61 31.53
C GLU G 85 34.66 8.16 30.66
N GLY G 86 34.29 7.36 29.65
CA GLY G 86 33.18 7.70 28.77
C GLY G 86 33.52 8.78 27.75
N PRO G 87 32.50 9.47 27.24
CA PRO G 87 32.72 10.47 26.20
C PRO G 87 33.55 11.66 26.67
N GLY G 88 34.33 12.24 25.74
CA GLY G 88 35.06 13.46 26.02
C GLY G 88 34.12 14.65 26.22
N PRO G 89 34.64 15.73 26.79
CA PRO G 89 33.83 16.90 27.09
C PRO G 89 33.06 17.46 25.89
N MET G 90 33.65 17.37 24.69
CA MET G 90 32.99 17.87 23.49
C MET G 90 32.04 16.82 22.86
N GLY G 91 32.13 15.58 23.33
CA GLY G 91 31.21 14.52 22.89
C GLY G 91 31.93 13.37 22.22
N PRO G 92 32.24 13.48 20.91
CA PRO G 92 32.81 12.33 20.18
C PRO G 92 34.35 12.28 20.13
N SER G 93 35.01 13.18 20.86
CA SER G 93 36.43 13.46 20.68
C SER G 93 37.37 12.32 21.09
N ARG G 94 36.86 11.36 21.86
CA ARG G 94 37.64 10.18 22.23
C ARG G 94 37.33 8.96 21.37
N MET G 95 36.36 9.06 20.48
CA MET G 95 35.89 7.89 19.72
C MET G 95 36.91 7.51 18.64
N ASP G 96 37.08 6.21 18.46
CA ASP G 96 37.84 5.66 17.37
C ASP G 96 36.85 4.98 16.47
N LEU G 97 36.36 5.70 15.48
CA LEU G 97 35.33 5.17 14.60
C LEU G 97 35.93 4.26 13.54
N SER G 98 35.12 3.33 13.05
CA SER G 98 35.54 2.36 12.10
C SER G 98 35.45 2.92 10.66
N LYS G 99 34.87 4.12 10.52
CA LYS G 99 34.63 4.75 9.24
C LYS G 99 34.94 6.25 9.34
N PRO G 100 35.24 6.90 8.20
CA PRO G 100 35.76 8.25 8.23
C PRO G 100 34.70 9.34 8.36
N VAL G 101 35.15 10.50 8.84
CA VAL G 101 34.33 11.68 9.06
C VAL G 101 35.07 12.88 8.43
N ILE G 102 34.34 13.67 7.64
CA ILE G 102 34.85 14.91 7.04
C ILE G 102 34.24 16.12 7.78
N ALA G 103 35.10 17.00 8.28
CA ALA G 103 34.64 18.25 8.81
C ALA G 103 34.37 19.22 7.65
N ALA G 104 33.24 19.91 7.74
CA ALA G 104 32.89 20.98 6.80
C ALA G 104 32.80 22.30 7.58
N ILE G 105 33.80 23.12 7.44
CA ILE G 105 33.99 24.28 8.33
C ILE G 105 33.67 25.60 7.66
N SER G 106 32.68 26.27 8.22
CA SER G 106 32.38 27.66 7.95
C SER G 106 32.67 28.46 9.17
N GLY G 107 32.84 29.76 9.00
CA GLY G 107 32.99 30.67 10.14
C GLY G 107 34.10 30.16 11.05
N TYR G 108 33.80 29.94 12.32
CA TYR G 108 34.82 29.63 13.31
C TYR G 108 34.83 28.16 13.66
N ALA G 109 36.02 27.57 13.69
CA ALA G 109 36.27 26.31 14.37
C ALA G 109 37.38 26.57 15.37
N VAL G 110 36.98 26.88 16.59
CA VAL G 110 37.94 27.35 17.60
C VAL G 110 37.82 26.58 18.93
N ALA G 111 38.95 26.48 19.62
CA ALA G 111 39.03 25.84 20.94
C ALA G 111 38.51 24.41 20.81
N GLY G 112 37.51 24.01 21.60
CA GLY G 112 36.97 22.67 21.49
C GLY G 112 36.40 22.38 20.12
N GLY G 113 35.98 23.43 19.41
CA GLY G 113 35.51 23.31 18.05
C GLY G 113 36.61 22.98 17.06
N LEU G 114 37.78 23.56 17.23
CA LEU G 114 38.96 23.10 16.50
C LEU G 114 39.29 21.64 16.80
N GLU G 115 39.27 21.27 18.09
CA GLU G 115 39.49 19.89 18.46
C GLU G 115 38.54 18.89 17.82
N LEU G 116 37.26 19.22 17.69
CA LEU G 116 36.35 18.38 16.90
C LEU G 116 36.76 18.27 15.42
N ALA G 117 37.22 19.37 14.83
CA ALA G 117 37.76 19.33 13.46
C ALA G 117 39.01 18.47 13.31
N LEU G 118 39.89 18.49 14.30
CA LEU G 118 41.11 17.69 14.29
C LEU G 118 40.84 16.19 14.43
N TRP G 119 39.76 15.87 15.16
CA TRP G 119 39.31 14.50 15.35
C TRP G 119 38.76 13.89 14.07
N CYS G 120 38.23 14.72 13.19
CA CYS G 120 37.83 14.26 11.88
C CYS G 120 39.04 13.86 11.03
N ASP G 121 38.78 12.99 10.06
CA ASP G 121 39.81 12.55 9.12
C ASP G 121 40.30 13.62 8.15
N LEU G 122 39.38 14.43 7.65
CA LEU G 122 39.70 15.47 6.70
C LEU G 122 38.93 16.75 7.05
N ARG G 123 39.47 17.88 6.63
CA ARG G 123 38.84 19.17 6.85
C ARG G 123 38.66 19.93 5.53
N VAL G 124 37.41 20.27 5.24
CA VAL G 124 37.05 21.10 4.10
C VAL G 124 36.62 22.44 4.64
N VAL G 125 37.27 23.51 4.19
CA VAL G 125 37.14 24.79 4.85
C VAL G 125 36.72 25.92 3.86
N ASP G 126 35.74 26.74 4.27
CA ASP G 126 35.39 27.93 3.54
C ASP G 126 36.57 28.91 3.50
N GLU G 127 36.66 29.68 2.41
CA GLU G 127 37.76 30.63 2.23
C GLU G 127 37.83 31.67 3.35
N ASP G 128 36.71 32.00 3.96
CA ASP G 128 36.68 32.99 5.04
C ASP G 128 36.62 32.39 6.45
N ALA G 129 36.82 31.09 6.57
CA ALA G 129 36.77 30.45 7.88
C ALA G 129 38.00 30.74 8.69
N THR G 130 37.85 30.64 10.00
CA THR G 130 38.95 30.89 10.94
C THR G 130 39.07 29.70 11.91
N MET G 131 40.29 29.22 12.09
CA MET G 131 40.56 28.14 13.01
C MET G 131 41.58 28.60 14.03
N GLY G 132 41.55 28.02 15.22
CA GLY G 132 42.54 28.37 16.24
C GLY G 132 42.22 27.90 17.62
N VAL G 133 43.24 27.92 18.48
CA VAL G 133 43.16 27.50 19.86
C VAL G 133 42.80 28.72 20.72
N PHE G 134 41.58 29.23 20.54
CA PHE G 134 41.15 30.45 21.21
C PHE G 134 40.99 30.29 22.72
N CYS G 135 40.91 29.04 23.18
CA CYS G 135 40.83 28.75 24.63
C CYS G 135 42.09 29.18 25.37
N ARG G 136 43.19 29.34 24.63
CA ARG G 136 44.41 29.93 25.18
C ARG G 136 44.09 31.24 25.88
N ARG G 137 43.32 32.11 25.22
CA ARG G 137 42.97 33.44 25.75
C ARG G 137 42.13 33.33 27.03
N TRP G 138 41.21 32.35 27.06
CA TRP G 138 40.25 32.19 28.16
C TRP G 138 40.86 31.37 29.31
N GLY G 139 41.98 30.70 29.07
CA GLY G 139 42.59 29.85 30.10
C GLY G 139 41.88 28.52 30.33
N VAL G 140 41.26 27.98 29.30
CA VAL G 140 40.59 26.68 29.37
C VAL G 140 41.47 25.67 28.61
N PRO G 141 41.79 24.54 29.24
CA PRO G 141 42.77 23.66 28.62
C PRO G 141 42.21 22.84 27.48
N LEU G 142 43.11 22.38 26.62
CA LEU G 142 42.76 21.43 25.56
C LEU G 142 42.66 20.04 26.16
N ILE G 143 41.44 19.54 26.32
CA ILE G 143 41.21 18.19 26.87
C ILE G 143 40.29 17.35 25.97
N ASP G 144 40.27 17.67 24.67
CA ASP G 144 39.55 16.86 23.68
C ASP G 144 40.45 16.46 22.53
N GLY G 145 41.73 16.31 22.85
CA GLY G 145 42.71 15.72 21.95
C GLY G 145 43.56 16.67 21.11
N GLY G 146 43.37 17.98 21.27
CA GLY G 146 44.12 18.94 20.50
C GLY G 146 45.64 18.85 20.63
N THR G 147 46.13 18.63 21.85
CA THR G 147 47.54 18.56 22.10
C THR G 147 48.11 17.26 21.55
N VAL G 148 47.27 16.25 21.44
CA VAL G 148 47.71 14.96 20.90
C VAL G 148 47.68 14.99 19.39
N ARG G 149 46.60 15.51 18.80
CA ARG G 149 46.37 15.38 17.37
C ARG G 149 47.05 16.44 16.53
N LEU G 150 47.13 17.68 17.02
CA LEU G 150 47.73 18.75 16.18
C LEU G 150 49.19 18.50 15.78
N PRO G 151 50.06 18.03 16.70
CA PRO G 151 51.44 17.77 16.28
C PRO G 151 51.53 16.62 15.28
N ARG G 152 50.64 15.64 15.41
CA ARG G 152 50.60 14.48 14.51
C ARG G 152 50.08 14.88 13.10
N LEU G 153 49.15 15.80 13.09
CA LEU G 153 48.51 16.29 11.84
C LEU G 153 49.41 17.19 11.00
N ILE G 154 50.08 18.17 11.64
CA ILE G 154 50.85 19.20 10.92
C ILE G 154 52.31 19.39 11.36
N GLY G 155 52.79 18.53 12.26
CA GLY G 155 54.16 18.60 12.76
C GLY G 155 54.25 19.40 14.05
N HIS G 156 55.29 19.12 14.83
CA HIS G 156 55.41 19.73 16.12
C HIS G 156 55.59 21.24 16.05
N SER G 157 56.37 21.70 15.09
CA SER G 157 56.74 23.10 15.06
C SER G 157 55.51 23.99 14.90
N ARG G 158 54.71 23.73 13.86
CA ARG G 158 53.54 24.53 13.64
C ARG G 158 52.49 24.29 14.71
N ALA G 159 52.39 23.06 15.20
CA ALA G 159 51.45 22.77 16.28
C ALA G 159 51.75 23.62 17.49
N MET G 160 53.03 23.69 17.89
CA MET G 160 53.40 24.46 19.08
C MET G 160 53.14 25.97 18.93
N ASP G 161 53.34 26.50 17.74
CA ASP G 161 52.95 27.86 17.40
C ASP G 161 51.47 28.09 17.72
N LEU G 162 50.60 27.30 17.09
CA LEU G 162 49.15 27.44 17.27
C LEU G 162 48.72 27.23 18.71
N ILE G 163 49.31 26.22 19.37
CA ILE G 163 48.95 25.91 20.77
C ILE G 163 49.40 27.01 21.73
N LEU G 164 50.65 27.46 21.62
CA LEU G 164 51.15 28.49 22.56
C LEU G 164 50.47 29.83 22.34
N THR G 165 50.43 30.29 21.10
CA THR G 165 49.89 31.60 20.83
C THR G 165 48.35 31.71 20.90
N GLY G 166 47.66 30.63 20.59
CA GLY G 166 46.22 30.69 20.44
C GLY G 166 45.77 31.54 19.25
N ARG G 167 46.66 31.79 18.30
CA ARG G 167 46.34 32.69 17.21
C ARG G 167 45.34 32.12 16.21
N ALA G 168 44.70 33.04 15.49
CA ALA G 168 43.81 32.71 14.39
C ALA G 168 44.59 32.25 13.16
N VAL G 169 44.09 31.21 12.47
CA VAL G 169 44.66 30.71 11.24
C VAL G 169 43.59 30.83 10.19
N ASP G 170 43.84 31.61 9.16
CA ASP G 170 42.84 31.72 8.07
C ASP G 170 42.89 30.47 7.15
N ALA G 171 42.00 30.40 6.18
CA ALA G 171 41.90 29.25 5.29
C ALA G 171 43.12 29.05 4.41
N ALA G 172 43.64 30.12 3.83
CA ALA G 172 44.86 30.01 3.03
C ALA G 172 46.00 29.39 3.84
N GLU G 173 46.21 29.89 5.04
CA GLU G 173 47.33 29.39 5.86
C GLU G 173 47.04 27.94 6.26
N ALA G 174 45.81 27.66 6.66
CA ALA G 174 45.42 26.33 7.04
C ALA G 174 45.70 25.35 5.92
N TYR G 175 45.43 25.77 4.68
CA TYR G 175 45.72 24.95 3.52
C TYR G 175 47.23 24.78 3.28
N ALA G 176 47.99 25.87 3.37
CA ALA G 176 49.43 25.82 3.20
C ALA G 176 50.12 24.89 4.20
N ILE G 177 49.60 24.79 5.43
CA ILE G 177 50.27 24.00 6.50
C ILE G 177 49.73 22.58 6.64
N GLY G 178 48.71 22.24 5.85
CA GLY G 178 48.13 20.92 5.85
C GLY G 178 47.00 20.70 6.87
N LEU G 179 46.53 21.78 7.50
CA LEU G 179 45.42 21.69 8.43
C LEU G 179 44.09 21.56 7.67
N ALA G 180 43.88 22.41 6.66
CA ALA G 180 42.71 22.34 5.78
C ALA G 180 43.10 21.49 4.58
N ASN G 181 42.36 20.43 4.33
CA ASN G 181 42.67 19.57 3.18
C ASN G 181 42.11 20.18 1.88
N ARG G 182 40.99 20.90 2.00
CA ARG G 182 40.39 21.59 0.86
C ARG G 182 39.94 22.95 1.31
N VAL G 183 40.02 23.91 0.39
CA VAL G 183 39.47 25.25 0.62
C VAL G 183 38.52 25.58 -0.52
N VAL G 184 37.32 26.02 -0.16
CA VAL G 184 36.25 26.27 -1.11
C VAL G 184 35.66 27.66 -0.87
N PRO G 185 34.93 28.18 -1.84
CA PRO G 185 34.26 29.46 -1.63
C PRO G 185 33.32 29.49 -0.42
N THR G 186 33.18 30.69 0.16
CA THR G 186 32.31 30.89 1.28
C THR G 186 30.92 30.35 1.06
N GLY G 187 30.40 29.64 2.05
CA GLY G 187 29.08 29.00 1.92
C GLY G 187 29.07 27.63 1.28
N GLN G 188 30.20 27.13 0.79
CA GLN G 188 30.26 25.84 0.10
C GLN G 188 30.90 24.67 0.84
N ALA G 189 31.38 24.88 2.06
CA ALA G 189 32.06 23.79 2.77
C ALA G 189 31.22 22.54 2.86
N ARG G 190 29.97 22.69 3.32
CA ARG G 190 29.12 21.51 3.49
C ARG G 190 28.92 20.73 2.19
N GLN G 191 28.57 21.45 1.11
CA GLN G 191 28.33 20.82 -0.17
C GLN G 191 29.57 20.12 -0.70
N ALA G 192 30.72 20.78 -0.57
CA ALA G 192 31.98 20.20 -1.01
C ALA G 192 32.38 18.98 -0.17
N ALA G 193 32.13 19.04 1.14
CA ALA G 193 32.39 17.89 2.00
C ALA G 193 31.46 16.72 1.67
N GLU G 194 30.21 17.02 1.40
CA GLU G 194 29.25 15.95 1.05
CA GLU G 194 29.26 15.95 1.04
C GLU G 194 29.60 15.29 -0.29
N GLU G 195 30.07 16.08 -1.26
CA GLU G 195 30.58 15.56 -2.54
C GLU G 195 31.78 14.64 -2.32
N LEU G 196 32.73 15.10 -1.51
CA LEU G 196 33.90 14.31 -1.19
C LEU G 196 33.52 13.04 -0.45
N ALA G 197 32.57 13.13 0.47
CA ALA G 197 32.09 11.97 1.20
C ALA G 197 31.47 10.95 0.25
N ALA G 198 30.70 11.43 -0.72
CA ALA G 198 30.07 10.55 -1.69
C ALA G 198 31.12 9.86 -2.55
N ASP G 199 32.15 10.61 -2.96
CA ASP G 199 33.28 10.04 -3.71
C ASP G 199 33.91 8.91 -2.93
N LEU G 200 34.18 9.16 -1.65
CA LEU G 200 34.74 8.13 -0.80
C LEU G 200 33.82 6.91 -0.65
N ALA G 201 32.51 7.16 -0.53
CA ALA G 201 31.54 6.08 -0.41
C ALA G 201 31.45 5.18 -1.66
N ARG G 202 31.80 5.71 -2.82
CA ARG G 202 31.80 4.95 -4.06
C ARG G 202 33.04 4.04 -4.23
N LEU G 203 34.07 4.23 -3.41
CA LEU G 203 35.28 3.41 -3.52
C LEU G 203 35.11 2.05 -2.84
N PRO G 204 35.98 1.09 -3.15
CA PRO G 204 35.93 -0.19 -2.44
C PRO G 204 36.16 0.02 -0.95
N GLN G 205 35.15 -0.30 -0.15
CA GLN G 205 35.08 0.16 1.24
C GLN G 205 36.01 -0.56 2.21
N GLN G 206 36.08 -1.88 2.14
CA GLN G 206 36.85 -2.63 3.14
C GLN G 206 38.31 -2.23 3.10
N CYS G 207 38.80 -2.08 1.89
CA CYS G 207 40.19 -1.75 1.66
C CYS G 207 40.52 -0.33 2.16
N MET G 208 39.66 0.64 1.83
CA MET G 208 39.83 2.00 2.28
C MET G 208 39.80 2.09 3.80
N ARG G 209 38.86 1.39 4.40
CA ARG G 209 38.72 1.39 5.84
C ARG G 209 39.89 0.74 6.56
N ALA G 210 40.44 -0.34 6.00
CA ALA G 210 41.57 -1.01 6.62
C ALA G 210 42.82 -0.12 6.53
N ASP G 211 43.04 0.50 5.36
CA ASP G 211 44.17 1.41 5.17
C ASP G 211 44.07 2.59 6.15
N ARG G 212 42.88 3.19 6.28
CA ARG G 212 42.67 4.24 7.26
C ARG G 212 43.02 3.77 8.69
N LEU G 213 42.53 2.61 9.10
CA LEU G 213 42.76 2.15 10.49
C LEU G 213 44.22 1.86 10.77
N SER G 214 44.97 1.37 9.78
CA SER G 214 46.43 1.19 9.93
C SER G 214 47.17 2.54 10.03
N ALA G 215 46.82 3.51 9.20
CA ALA G 215 47.42 4.83 9.27
C ALA G 215 47.16 5.53 10.61
N LEU G 216 46.00 5.27 11.22
CA LEU G 216 45.73 5.74 12.58
C LEU G 216 46.51 4.95 13.64
N HIS G 217 46.50 3.63 13.51
CA HIS G 217 47.08 2.76 14.54
C HIS G 217 48.61 2.88 14.69
N GLN G 218 49.28 3.18 13.58
CA GLN G 218 50.75 3.27 13.59
C GLN G 218 51.34 4.36 14.51
N TRP G 219 50.56 5.38 14.86
CA TRP G 219 51.06 6.45 15.70
C TRP G 219 51.50 5.91 17.04
N GLY G 220 52.76 6.17 17.38
CA GLY G 220 53.35 5.73 18.64
C GLY G 220 54.07 4.40 18.54
N GLU G 221 53.97 3.75 17.39
CA GLU G 221 54.57 2.43 17.21
C GLU G 221 55.87 2.51 16.44
N SER G 222 56.76 1.56 16.72
CA SER G 222 57.97 1.40 15.91
C SER G 222 57.56 1.03 14.49
N GLU G 223 58.49 1.20 13.55
CA GLU G 223 58.26 0.78 12.17
C GLU G 223 57.88 -0.69 12.13
N ASN G 224 58.63 -1.53 12.83
CA ASN G 224 58.37 -3.00 12.83
C ASN G 224 56.95 -3.36 13.29
N ALA G 225 56.54 -2.84 14.45
CA ALA G 225 55.20 -3.12 14.97
C ALA G 225 54.10 -2.57 14.05
N ALA G 226 54.32 -1.37 13.49
CA ALA G 226 53.34 -0.75 12.59
C ALA G 226 53.17 -1.51 11.26
N MET G 227 54.29 -1.98 10.71
CA MET G 227 54.29 -2.82 9.51
C MET G 227 53.56 -4.14 9.75
N ASP G 228 53.79 -4.75 10.91
CA ASP G 228 53.06 -5.95 11.35
C ASP G 228 51.54 -5.74 11.36
N PHE G 229 51.11 -4.65 11.98
CA PHE G 229 49.68 -4.35 12.05
C PHE G 229 49.11 -4.09 10.64
N GLU G 230 49.83 -3.33 9.83
CA GLU G 230 49.39 -3.05 8.46
C GLU G 230 49.15 -4.32 7.68
N PHE G 231 50.11 -5.24 7.77
CA PHE G 231 50.00 -6.49 7.02
C PHE G 231 48.73 -7.28 7.34
N ALA G 232 48.21 -7.17 8.55
CA ALA G 232 46.88 -7.77 8.90
C ALA G 232 45.67 -7.25 8.07
N SER G 233 45.84 -6.13 7.34
CA SER G 233 44.86 -5.71 6.30
C SER G 233 44.61 -6.82 5.23
N ILE G 234 45.64 -7.63 4.91
CA ILE G 234 45.53 -8.82 4.01
C ILE G 234 44.85 -10.00 4.67
N GLU H 8 -40.56 19.45 -3.19
CA GLU H 8 -39.63 20.60 -3.04
C GLU H 8 -38.19 20.12 -2.89
N PRO H 9 -37.40 20.19 -3.98
CA PRO H 9 -36.01 19.75 -3.85
C PRO H 9 -35.12 20.68 -3.02
N VAL H 10 -35.55 21.92 -2.81
CA VAL H 10 -34.87 22.91 -1.97
C VAL H 10 -35.86 23.49 -0.99
N ARG H 11 -35.55 23.41 0.30
CA ARG H 11 -36.38 24.00 1.35
C ARG H 11 -35.59 25.12 2.02
N ILE H 12 -36.30 26.16 2.42
CA ILE H 12 -35.71 27.32 3.06
C ILE H 12 -36.33 27.44 4.44
N GLU H 13 -35.50 27.52 5.49
CA GLU H 13 -36.00 27.74 6.84
C GLU H 13 -35.27 28.93 7.42
N ARG H 14 -35.99 29.80 8.11
CA ARG H 14 -35.36 30.98 8.71
C ARG H 14 -35.54 30.99 10.20
N ASN H 15 -34.51 31.49 10.88
CA ASN H 15 -34.55 31.69 12.31
C ASN H 15 -33.86 33.03 12.57
N GLY H 16 -34.67 34.07 12.70
CA GLY H 16 -34.19 35.43 12.75
C GLY H 16 -33.33 35.71 11.53
N PRO H 17 -32.12 36.26 11.75
CA PRO H 17 -31.28 36.71 10.65
C PRO H 17 -30.47 35.59 9.97
N VAL H 18 -30.72 34.32 10.34
CA VAL H 18 -30.04 33.17 9.73
C VAL H 18 -31.01 32.36 8.86
N THR H 19 -30.66 32.26 7.59
CA THR H 19 -31.45 31.53 6.63
C THR H 19 -30.75 30.20 6.35
N THR H 20 -31.48 29.09 6.49
CA THR H 20 -30.95 27.78 6.13
C THR H 20 -31.57 27.29 4.81
N VAL H 21 -30.71 27.03 3.82
CA VAL H 21 -31.10 26.54 2.52
C VAL H 21 -30.76 25.06 2.47
N ILE H 22 -31.77 24.22 2.22
CA ILE H 22 -31.63 22.77 2.39
C ILE H 22 -31.89 22.05 1.08
N ILE H 23 -30.89 21.30 0.60
CA ILE H 23 -31.08 20.40 -0.55
C ILE H 23 -31.72 19.13 -0.03
N ASP H 24 -32.82 18.69 -0.66
CA ASP H 24 -33.60 17.60 -0.13
C ASP H 24 -34.13 16.70 -1.25
N ARG H 25 -33.29 15.78 -1.71
CA ARG H 25 -33.65 14.81 -2.73
C ARG H 25 -33.16 13.43 -2.29
N PRO H 26 -33.93 12.77 -1.44
CA PRO H 26 -33.57 11.50 -0.83
C PRO H 26 -33.10 10.43 -1.83
N GLU H 27 -33.91 10.13 -2.85
CA GLU H 27 -33.55 9.08 -3.82
C GLU H 27 -32.30 9.42 -4.58
N ALA H 28 -32.11 10.70 -4.90
CA ALA H 28 -30.95 11.14 -5.69
C ALA H 28 -29.73 11.47 -4.81
N ARG H 29 -29.81 11.19 -3.51
CA ARG H 29 -28.75 11.56 -2.55
C ARG H 29 -28.34 13.03 -2.66
N ASN H 30 -29.34 13.90 -2.80
CA ASN H 30 -29.15 15.34 -2.90
C ASN H 30 -28.34 15.81 -4.09
N ALA H 31 -28.29 14.98 -5.14
CA ALA H 31 -27.74 15.43 -6.41
C ALA H 31 -28.55 16.61 -6.96
N VAL H 32 -27.88 17.51 -7.65
CA VAL H 32 -28.51 18.74 -8.11
C VAL H 32 -28.76 18.63 -9.60
N ASN H 33 -30.04 18.59 -9.96
CA ASN H 33 -30.44 18.65 -11.36
C ASN H 33 -30.82 20.09 -11.71
N GLY H 34 -31.36 20.31 -12.91
CA GLY H 34 -31.75 21.65 -13.38
C GLY H 34 -32.70 22.42 -12.48
N PRO H 35 -33.88 21.84 -12.19
CA PRO H 35 -34.82 22.49 -11.26
C PRO H 35 -34.23 22.77 -9.88
N THR H 36 -33.43 21.83 -9.36
CA THR H 36 -32.79 22.04 -8.07
C THR H 36 -31.81 23.22 -8.12
N ALA H 37 -31.00 23.30 -9.17
CA ALA H 37 -30.04 24.37 -9.33
C ALA H 37 -30.76 25.71 -9.42
N ALA H 38 -31.86 25.74 -10.17
CA ALA H 38 -32.67 26.95 -10.29
C ALA H 38 -33.23 27.38 -8.93
N ALA H 39 -33.69 26.41 -8.13
CA ALA H 39 -34.22 26.69 -6.81
C ALA H 39 -33.12 27.19 -5.83
N LEU H 40 -31.92 26.64 -5.93
CA LEU H 40 -30.81 27.13 -5.12
C LEU H 40 -30.44 28.57 -5.51
N PHE H 41 -30.33 28.84 -6.80
CA PHE H 41 -30.04 30.18 -7.26
C PHE H 41 -31.08 31.18 -6.76
N ALA H 42 -32.35 30.84 -6.88
CA ALA H 42 -33.45 31.71 -6.40
C ALA H 42 -33.39 31.92 -4.88
N ALA H 43 -33.14 30.84 -4.11
CA ALA H 43 -33.02 30.93 -2.65
C ALA H 43 -31.92 31.95 -2.27
N PHE H 44 -30.77 31.87 -2.94
CA PHE H 44 -29.65 32.76 -2.62
C PHE H 44 -29.83 34.18 -3.15
N GLU H 45 -30.52 34.33 -4.29
CA GLU H 45 -30.93 35.65 -4.74
C GLU H 45 -31.81 36.34 -3.70
N GLU H 46 -32.76 35.59 -3.15
CA GLU H 46 -33.71 36.10 -2.16
C GLU H 46 -32.98 36.45 -0.86
N PHE H 47 -32.09 35.57 -0.44
CA PHE H 47 -31.21 35.85 0.71
C PHE H 47 -30.41 37.13 0.54
N ASP H 48 -29.74 37.28 -0.59
CA ASP H 48 -28.87 38.42 -0.82
C ASP H 48 -29.65 39.74 -0.74
N ALA H 49 -30.87 39.74 -1.28
CA ALA H 49 -31.72 40.93 -1.36
C ALA H 49 -32.45 41.24 -0.05
N ASP H 50 -32.54 40.26 0.86
CA ASP H 50 -33.33 40.42 2.06
C ASP H 50 -32.51 41.02 3.18
N ASP H 51 -32.79 42.29 3.52
CA ASP H 51 -32.02 43.01 4.53
C ASP H 51 -32.22 42.47 5.94
N THR H 52 -33.26 41.65 6.16
CA THR H 52 -33.45 41.03 7.46
C THR H 52 -32.70 39.70 7.60
N ALA H 53 -32.03 39.26 6.54
CA ALA H 53 -31.21 38.05 6.61
C ALA H 53 -29.74 38.44 6.59
N SER H 54 -28.99 37.95 7.57
CA SER H 54 -27.57 38.30 7.71
C SER H 54 -26.61 37.23 7.21
N VAL H 55 -26.91 35.97 7.51
CA VAL H 55 -26.01 34.85 7.24
C VAL H 55 -26.86 33.70 6.79
N ALA H 56 -26.36 32.98 5.82
CA ALA H 56 -27.03 31.76 5.34
C ALA H 56 -26.23 30.52 5.71
N VAL H 57 -26.95 29.40 5.82
CA VAL H 57 -26.35 28.09 5.97
C VAL H 57 -26.85 27.23 4.81
N LEU H 58 -25.93 26.58 4.10
CA LEU H 58 -26.27 25.65 3.02
C LEU H 58 -26.04 24.24 3.56
N THR H 59 -27.04 23.38 3.44
CA THR H 59 -26.93 22.03 3.96
C THR H 59 -27.81 21.05 3.18
N GLY H 60 -27.62 19.76 3.42
CA GLY H 60 -28.39 18.72 2.73
C GLY H 60 -29.15 17.91 3.76
N ALA H 61 -30.34 17.46 3.39
CA ALA H 61 -31.11 16.59 4.25
C ALA H 61 -30.69 15.14 4.04
N ASN H 62 -31.29 14.22 4.79
CA ASN H 62 -31.17 12.79 4.53
C ASN H 62 -29.78 12.27 4.88
N GLY H 63 -29.06 12.97 5.73
CA GLY H 63 -27.72 12.54 6.17
C GLY H 63 -26.57 12.70 5.18
N THR H 64 -26.78 13.52 4.14
CA THR H 64 -25.71 13.79 3.20
C THR H 64 -25.80 15.22 2.72
N PHE H 65 -24.75 15.70 2.08
CA PHE H 65 -24.74 17.08 1.62
C PHE H 65 -25.17 17.16 0.15
N CYS H 66 -24.31 16.72 -0.76
CA CYS H 66 -24.61 16.80 -2.17
C CYS H 66 -23.63 15.95 -2.97
N ALA H 67 -24.18 15.01 -3.73
CA ALA H 67 -23.41 14.07 -4.52
C ALA H 67 -22.88 14.66 -5.83
N GLY H 68 -23.25 15.90 -6.13
CA GLY H 68 -22.83 16.52 -7.37
C GLY H 68 -23.99 16.77 -8.31
N ALA H 69 -23.65 17.05 -9.57
CA ALA H 69 -24.67 17.22 -10.60
C ALA H 69 -25.41 15.90 -10.84
N ASP H 70 -26.68 15.98 -11.22
CA ASP H 70 -27.50 14.80 -11.41
C ASP H 70 -27.23 14.23 -12.80
N LEU H 71 -26.27 13.32 -12.88
CA LEU H 71 -25.94 12.66 -14.17
C LEU H 71 -27.10 11.96 -14.83
N LYS H 72 -27.87 11.21 -14.04
CA LYS H 72 -29.07 10.51 -14.50
C LYS H 72 -30.09 11.41 -15.24
N ALA H 73 -30.05 12.71 -14.98
CA ALA H 73 -30.93 13.68 -15.66
C ALA H 73 -30.41 14.18 -17.01
N PHE H 74 -29.16 13.85 -17.36
CA PHE H 74 -28.59 14.28 -18.65
C PHE H 74 -29.48 13.83 -19.78
N GLY H 75 -29.76 14.72 -20.72
CA GLY H 75 -30.62 14.40 -21.84
C GLY H 75 -32.11 14.43 -21.55
N THR H 76 -32.51 14.84 -20.36
CA THR H 76 -33.92 14.94 -19.99
C THR H 76 -34.26 16.44 -19.81
N PRO H 77 -35.56 16.78 -19.66
CA PRO H 77 -35.92 18.18 -19.42
C PRO H 77 -35.37 18.73 -18.11
N GLU H 78 -35.04 17.82 -17.18
CA GLU H 78 -34.55 18.19 -15.87
C GLU H 78 -33.02 18.30 -15.79
N ALA H 79 -32.34 18.20 -16.94
CA ALA H 79 -30.87 18.21 -16.98
C ALA H 79 -30.32 19.52 -16.43
N ASN H 80 -29.11 19.47 -15.89
CA ASN H 80 -28.42 20.69 -15.50
C ASN H 80 -28.26 21.60 -16.70
N GLN H 81 -28.43 22.90 -16.47
CA GLN H 81 -28.28 23.90 -17.50
C GLN H 81 -26.85 24.39 -17.51
N VAL H 82 -26.18 24.20 -18.65
CA VAL H 82 -24.77 24.50 -18.81
C VAL H 82 -24.59 25.61 -19.84
N HIS H 83 -24.41 26.83 -19.37
CA HIS H 83 -24.28 27.99 -20.25
C HIS H 83 -23.18 28.91 -19.75
N ARG H 84 -22.57 29.66 -20.67
CA ARG H 84 -21.52 30.62 -20.30
C ARG H 84 -22.11 31.76 -19.46
N GLU H 85 -23.35 32.14 -19.75
CA GLU H 85 -24.03 33.23 -19.03
C GLU H 85 -24.98 32.67 -17.97
N GLY H 86 -25.35 33.52 -17.02
CA GLY H 86 -26.38 33.20 -16.02
C GLY H 86 -25.84 32.29 -14.94
N PRO H 87 -26.73 31.57 -14.23
CA PRO H 87 -26.30 30.70 -13.15
C PRO H 87 -25.40 29.55 -13.61
N GLY H 88 -24.47 29.16 -12.75
CA GLY H 88 -23.65 27.99 -12.99
C GLY H 88 -24.48 26.73 -12.96
N PRO H 89 -23.91 25.64 -13.50
CA PRO H 89 -24.63 24.35 -13.56
C PRO H 89 -25.21 23.88 -12.23
N MET H 90 -24.52 24.15 -11.11
CA MET H 90 -24.99 23.71 -9.79
C MET H 90 -25.93 24.71 -9.15
N GLY H 91 -26.05 25.90 -9.74
CA GLY H 91 -27.03 26.90 -9.31
C GLY H 91 -26.40 28.20 -8.85
N PRO H 92 -25.96 28.27 -7.58
CA PRO H 92 -25.41 29.52 -7.03
C PRO H 92 -23.89 29.71 -7.19
N SER H 93 -23.23 28.81 -7.91
CA SER H 93 -21.75 28.69 -7.85
C SER H 93 -20.98 29.85 -8.48
N ARG H 94 -21.68 30.68 -9.27
CA ARG H 94 -21.06 31.90 -9.82
C ARG H 94 -21.41 33.17 -9.05
N MET H 95 -22.28 33.07 -8.05
CA MET H 95 -22.78 34.25 -7.37
C MET H 95 -21.72 34.85 -6.46
N ASP H 96 -21.67 36.18 -6.46
CA ASP H 96 -20.87 36.92 -5.53
C ASP H 96 -21.82 37.58 -4.57
N LEU H 97 -22.11 36.92 -3.46
CA LEU H 97 -23.08 37.43 -2.51
C LEU H 97 -22.47 38.54 -1.65
N SER H 98 -23.34 39.41 -1.15
CA SER H 98 -22.91 40.53 -0.31
C SER H 98 -22.78 40.11 1.16
N LYS H 99 -23.18 38.88 1.47
CA LYS H 99 -23.24 38.38 2.84
C LYS H 99 -22.77 36.92 2.84
N PRO H 100 -22.28 36.44 4.00
CA PRO H 100 -21.65 35.09 4.04
C PRO H 100 -22.60 33.90 4.13
N VAL H 101 -22.11 32.75 3.70
CA VAL H 101 -22.81 31.48 3.71
C VAL H 101 -21.88 30.41 4.37
N ILE H 102 -22.43 29.61 5.28
CA ILE H 102 -21.71 28.52 5.92
C ILE H 102 -22.23 27.20 5.37
N ALA H 103 -21.34 26.34 4.87
CA ALA H 103 -21.71 24.98 4.50
C ALA H 103 -21.75 24.09 5.72
N ALA H 104 -22.80 23.30 5.84
CA ALA H 104 -22.94 22.32 6.92
C ALA H 104 -22.99 20.95 6.31
N ILE H 105 -21.88 20.24 6.39
CA ILE H 105 -21.70 19.04 5.63
C ILE H 105 -21.84 17.79 6.49
N SER H 106 -22.85 16.98 6.15
CA SER H 106 -22.97 15.56 6.59
C SER H 106 -22.74 14.65 5.39
N GLY H 107 -22.34 13.42 5.66
CA GLY H 107 -22.16 12.43 4.59
C GLY H 107 -21.21 12.92 3.50
N TYR H 108 -21.66 12.95 2.24
CA TYR H 108 -20.79 13.24 1.11
C TYR H 108 -20.98 14.66 0.60
N ALA H 109 -19.88 15.37 0.39
CA ALA H 109 -19.85 16.57 -0.42
C ALA H 109 -18.81 16.30 -1.52
N VAL H 110 -19.29 15.84 -2.68
CA VAL H 110 -18.41 15.38 -3.72
C VAL H 110 -18.74 15.99 -5.07
N ALA H 111 -17.70 16.13 -5.90
CA ALA H 111 -17.83 16.66 -7.25
C ALA H 111 -18.51 18.02 -7.19
N GLY H 112 -19.60 18.24 -7.92
CA GLY H 112 -20.27 19.53 -7.87
C GLY H 112 -20.69 19.91 -6.47
N GLY H 113 -20.92 18.89 -5.63
CA GLY H 113 -21.29 19.11 -4.24
C GLY H 113 -20.14 19.69 -3.44
N LEU H 114 -18.92 19.21 -3.70
CA LEU H 114 -17.75 19.83 -3.09
C LEU H 114 -17.64 21.26 -3.57
N GLU H 115 -17.87 21.50 -4.86
CA GLU H 115 -17.80 22.85 -5.41
C GLU H 115 -18.76 23.83 -4.72
N LEU H 116 -19.97 23.38 -4.40
CA LEU H 116 -20.88 24.21 -3.63
C LEU H 116 -20.29 24.52 -2.23
N ALA H 117 -19.70 23.52 -1.58
CA ALA H 117 -19.04 23.75 -0.30
C ALA H 117 -17.86 24.73 -0.39
N LEU H 118 -17.09 24.66 -1.47
CA LEU H 118 -15.98 25.62 -1.70
C LEU H 118 -16.44 27.04 -1.95
N TRP H 119 -17.62 27.18 -2.54
CA TRP H 119 -18.22 28.48 -2.82
C TRP H 119 -18.66 29.18 -1.53
N CYS H 120 -19.04 28.38 -0.53
CA CYS H 120 -19.33 28.94 0.79
C CYS H 120 -18.09 29.55 1.46
N ASP H 121 -18.34 30.50 2.37
CA ASP H 121 -17.28 31.13 3.10
C ASP H 121 -16.58 30.21 4.12
N LEU H 122 -17.36 29.36 4.78
CA LEU H 122 -16.84 28.45 5.80
C LEU H 122 -17.49 27.10 5.64
N ARG H 123 -16.80 26.06 6.10
CA ARG H 123 -17.29 24.70 6.06
C ARG H 123 -17.25 24.04 7.44
N VAL H 124 -18.41 23.62 7.92
CA VAL H 124 -18.57 22.90 9.18
C VAL H 124 -18.92 21.47 8.80
N VAL H 125 -18.14 20.50 9.28
CA VAL H 125 -18.22 19.14 8.73
C VAL H 125 -18.38 18.11 9.86
N ASP H 126 -19.25 17.15 9.64
CA ASP H 126 -19.41 16.02 10.55
C ASP H 126 -18.11 15.18 10.56
N GLU H 127 -17.84 14.55 11.69
CA GLU H 127 -16.68 13.70 11.90
C GLU H 127 -16.59 12.60 10.84
N ASP H 128 -17.72 12.09 10.38
CA ASP H 128 -17.75 11.01 9.41
C ASP H 128 -18.03 11.44 7.96
N ALA H 129 -17.98 12.73 7.69
CA ALA H 129 -18.23 13.22 6.34
C ALA H 129 -17.04 12.94 5.41
N THR H 130 -17.32 12.89 4.11
CA THR H 130 -16.32 12.66 3.09
C THR H 130 -16.42 13.76 2.03
N MET H 131 -15.28 14.32 1.65
CA MET H 131 -15.23 15.32 0.59
C MET H 131 -14.30 14.84 -0.50
N GLY H 132 -14.52 15.27 -1.72
CA GLY H 132 -13.58 14.97 -2.79
C GLY H 132 -14.10 15.30 -4.17
N VAL H 133 -13.17 15.29 -5.12
CA VAL H 133 -13.45 15.59 -6.53
C VAL H 133 -13.78 14.26 -7.24
N PHE H 134 -14.91 13.67 -6.87
CA PHE H 134 -15.24 12.33 -7.36
C PHE H 134 -15.61 12.33 -8.86
N CYS H 135 -15.87 13.51 -9.42
CA CYS H 135 -16.11 13.65 -10.86
C CYS H 135 -14.88 13.34 -11.71
N ARG H 136 -13.69 13.35 -11.09
CA ARG H 136 -12.48 12.82 -11.70
C ARG H 136 -12.72 11.40 -12.26
N ARG H 137 -13.31 10.53 -11.44
CA ARG H 137 -13.53 9.12 -11.80
C ARG H 137 -14.54 9.00 -12.96
N TRP H 138 -15.54 9.86 -12.97
CA TRP H 138 -16.62 9.80 -13.98
C TRP H 138 -16.25 10.55 -15.27
N GLY H 139 -15.19 11.37 -15.23
CA GLY H 139 -14.80 12.16 -16.38
C GLY H 139 -15.69 13.37 -16.66
N VAL H 140 -16.25 13.95 -15.61
CA VAL H 140 -17.06 15.17 -15.72
C VAL H 140 -16.21 16.33 -15.19
N PRO H 141 -16.07 17.42 -15.97
CA PRO H 141 -15.16 18.48 -15.54
C PRO H 141 -15.69 19.37 -14.42
N LEU H 142 -14.76 20.01 -13.70
CA LEU H 142 -15.12 20.98 -12.68
C LEU H 142 -15.44 22.29 -13.37
N ILE H 143 -16.72 22.63 -13.40
CA ILE H 143 -17.16 23.87 -14.04
C ILE H 143 -18.06 24.69 -13.13
N ASP H 144 -17.90 24.49 -11.82
CA ASP H 144 -18.60 25.30 -10.83
C ASP H 144 -17.62 25.92 -9.82
N GLY H 145 -16.40 26.18 -10.30
CA GLY H 145 -15.43 26.98 -9.59
C GLY H 145 -14.39 26.21 -8.78
N GLY H 146 -14.47 24.89 -8.79
CA GLY H 146 -13.53 24.07 -8.02
C GLY H 146 -12.05 24.35 -8.34
N THR H 147 -11.73 24.50 -9.62
CA THR H 147 -10.36 24.68 -10.04
C THR H 147 -9.88 26.06 -9.67
N VAL H 148 -10.83 26.98 -9.55
CA VAL H 148 -10.50 28.34 -9.20
C VAL H 148 -10.34 28.46 -7.70
N ARG H 149 -11.28 27.92 -6.96
CA ARG H 149 -11.38 28.21 -5.52
C ARG H 149 -10.50 27.29 -4.66
N LEU H 150 -10.35 26.03 -5.03
CA LEU H 150 -9.55 25.10 -4.19
C LEU H 150 -8.08 25.56 -3.97
N PRO H 151 -7.36 25.94 -5.02
CA PRO H 151 -6.00 26.46 -4.78
C PRO H 151 -5.92 27.73 -3.92
N ARG H 152 -6.89 28.62 -4.07
CA ARG H 152 -6.98 29.81 -3.24
C ARG H 152 -7.27 29.47 -1.76
N LEU H 153 -8.12 28.46 -1.56
CA LEU H 153 -8.57 28.07 -0.23
C LEU H 153 -7.51 27.39 0.60
N ILE H 154 -6.79 26.44 0.00
CA ILE H 154 -5.88 25.57 0.74
C ILE H 154 -4.47 25.51 0.16
N GLY H 155 -4.20 26.33 -0.86
CA GLY H 155 -2.88 26.34 -1.52
C GLY H 155 -2.86 25.43 -2.74
N HIS H 156 -1.92 25.70 -3.64
CA HIS H 156 -1.84 24.97 -4.87
C HIS H 156 -1.47 23.52 -4.68
N SER H 157 -0.56 23.23 -3.76
CA SER H 157 0.00 21.88 -3.65
C SER H 157 -1.10 20.91 -3.28
N ARG H 158 -1.82 21.18 -2.22
CA ARG H 158 -2.89 20.27 -1.80
CA ARG H 158 -2.89 20.27 -1.80
C ARG H 158 -4.08 20.28 -2.76
N ALA H 159 -4.36 21.45 -3.35
CA ALA H 159 -5.44 21.53 -4.34
C ALA H 159 -5.18 20.60 -5.51
N MET H 160 -3.96 20.61 -6.03
CA MET H 160 -3.63 19.79 -7.17
C MET H 160 -3.72 18.28 -6.85
N ASP H 161 -3.32 17.91 -5.62
CA ASP H 161 -3.48 16.52 -5.13
C ASP H 161 -4.94 16.09 -5.27
N LEU H 162 -5.83 16.85 -4.65
CA LEU H 162 -7.24 16.52 -4.64
C LEU H 162 -7.85 16.56 -6.05
N ILE H 163 -7.48 17.55 -6.84
CA ILE H 163 -8.00 17.70 -8.20
C ILE H 163 -7.52 16.57 -9.13
N LEU H 164 -6.22 16.24 -9.10
CA LEU H 164 -5.72 15.21 -10.00
C LEU H 164 -6.24 13.84 -9.61
N THR H 165 -6.09 13.48 -8.33
CA THR H 165 -6.41 12.13 -7.89
C THR H 165 -7.89 11.87 -7.71
N GLY H 166 -8.68 12.90 -7.41
CA GLY H 166 -10.08 12.70 -7.11
C GLY H 166 -10.32 11.94 -5.81
N ARG H 167 -9.31 11.85 -4.97
CA ARG H 167 -9.39 11.04 -3.80
C ARG H 167 -10.34 11.61 -2.73
N ALA H 168 -10.79 10.70 -1.86
CA ALA H 168 -11.66 11.03 -0.74
C ALA H 168 -10.83 11.65 0.37
N VAL H 169 -11.37 12.67 1.01
CA VAL H 169 -10.72 13.35 2.13
C VAL H 169 -11.69 13.21 3.30
N ASP H 170 -11.24 12.59 4.39
CA ASP H 170 -12.09 12.55 5.59
C ASP H 170 -12.04 13.87 6.39
N ALA H 171 -12.86 13.96 7.45
CA ALA H 171 -12.98 15.16 8.21
C ALA H 171 -11.66 15.58 8.90
N ALA H 172 -10.95 14.62 9.50
CA ALA H 172 -9.68 14.91 10.14
C ALA H 172 -8.68 15.54 9.17
N GLU H 173 -8.57 14.98 7.97
CA GLU H 173 -7.63 15.51 7.00
C GLU H 173 -8.12 16.85 6.49
N ALA H 174 -9.42 16.97 6.24
CA ALA H 174 -9.99 18.23 5.80
C ALA H 174 -9.70 19.34 6.80
N TYR H 175 -9.76 19.01 8.08
CA TYR H 175 -9.46 19.95 9.11
C TYR H 175 -7.95 20.31 9.11
N ALA H 176 -7.11 19.30 9.02
CA ALA H 176 -5.65 19.51 9.04
C ALA H 176 -5.18 20.40 7.90
N ILE H 177 -5.85 20.33 6.74
CA ILE H 177 -5.41 21.10 5.56
C ILE H 177 -6.14 22.42 5.34
N GLY H 178 -7.10 22.72 6.22
CA GLY H 178 -7.80 23.97 6.16
C GLY H 178 -9.04 23.99 5.29
N LEU H 179 -9.45 22.83 4.82
CA LEU H 179 -10.65 22.72 4.03
C LEU H 179 -11.90 22.78 4.92
N ALA H 180 -11.91 21.99 6.00
CA ALA H 180 -12.98 22.02 6.98
C ALA H 180 -12.58 23.03 8.03
N ASN H 181 -13.40 24.05 8.28
CA ASN H 181 -13.07 25.04 9.30
C ASN H 181 -13.43 24.55 10.70
N ARG H 182 -14.47 23.73 10.78
CA ARG H 182 -14.86 23.09 12.03
C ARG H 182 -15.22 21.64 11.76
N VAL H 183 -14.97 20.79 12.76
CA VAL H 183 -15.38 19.40 12.72
C VAL H 183 -16.20 19.12 13.97
N VAL H 184 -17.37 18.54 13.79
CA VAL H 184 -18.33 18.28 14.87
C VAL H 184 -18.80 16.82 14.84
N PRO H 185 -19.40 16.33 15.93
CA PRO H 185 -19.91 14.95 15.92
C PRO H 185 -20.99 14.69 14.84
N THR H 186 -21.07 13.43 14.40
CA THR H 186 -21.99 13.03 13.33
C THR H 186 -23.41 13.46 13.67
N GLY H 187 -24.10 14.02 12.68
CA GLY H 187 -25.43 14.56 12.87
C GLY H 187 -25.52 16.00 13.34
N GLN H 188 -24.39 16.64 13.69
CA GLN H 188 -24.41 17.99 14.28
C GLN H 188 -24.00 19.14 13.36
N ALA H 189 -23.63 18.86 12.11
CA ALA H 189 -23.12 19.92 11.23
C ALA H 189 -24.11 21.07 11.09
N ARG H 190 -25.36 20.75 10.79
CA ARG H 190 -26.37 21.82 10.61
C ARG H 190 -26.56 22.69 11.86
N GLN H 191 -26.72 22.06 13.01
CA GLN H 191 -26.88 22.80 14.25
C GLN H 191 -25.64 23.67 14.54
N ALA H 192 -24.45 23.11 14.38
CA ALA H 192 -23.22 23.84 14.68
C ALA H 192 -23.05 25.00 13.72
N ALA H 193 -23.39 24.78 12.46
CA ALA H 193 -23.32 25.87 11.48
C ALA H 193 -24.33 26.97 11.79
N GLU H 194 -25.53 26.59 12.21
CA GLU H 194 -26.57 27.58 12.55
C GLU H 194 -26.18 28.39 13.80
N GLU H 195 -25.54 27.74 14.78
CA GLU H 195 -24.94 28.46 15.92
C GLU H 195 -23.86 29.45 15.51
N LEU H 196 -22.95 29.00 14.65
CA LEU H 196 -21.92 29.85 14.16
C LEU H 196 -22.51 31.02 13.35
N ALA H 197 -23.50 30.74 12.51
CA ALA H 197 -24.18 31.77 11.74
C ALA H 197 -24.80 32.82 12.66
N ALA H 198 -25.38 32.37 13.76
CA ALA H 198 -26.04 33.28 14.71
C ALA H 198 -24.99 34.15 15.41
N ASP H 199 -23.84 33.55 15.75
CA ASP H 199 -22.70 34.29 16.31
C ASP H 199 -22.26 35.38 15.35
N LEU H 200 -22.07 35.02 14.10
CA LEU H 200 -21.72 36.01 13.09
C LEU H 200 -22.80 37.11 12.92
N ALA H 201 -24.08 36.73 12.95
CA ALA H 201 -25.18 37.69 12.84
C ALA H 201 -25.23 38.71 14.00
N ARG H 202 -24.69 38.34 15.17
CA ARG H 202 -24.66 39.21 16.33
C ARG H 202 -23.53 40.24 16.27
N LEU H 203 -22.54 40.07 15.39
CA LEU H 203 -21.45 41.01 15.29
C LEU H 203 -21.86 42.26 14.52
N PRO H 204 -21.07 43.34 14.65
CA PRO H 204 -21.33 44.54 13.83
C PRO H 204 -21.24 44.21 12.33
N GLN H 205 -22.36 44.34 11.64
CA GLN H 205 -22.53 43.76 10.32
C GLN H 205 -21.78 44.47 9.20
N GLN H 206 -21.85 45.80 9.16
CA GLN H 206 -21.29 46.53 8.02
C GLN H 206 -19.80 46.28 7.92
N CYS H 207 -19.16 46.30 9.06
CA CYS H 207 -17.77 46.12 9.16
C CYS H 207 -17.34 44.70 8.75
N MET H 208 -18.00 43.70 9.29
CA MET H 208 -17.71 42.30 8.94
C MET H 208 -17.88 42.08 7.43
N ARG H 209 -18.96 42.61 6.89
CA ARG H 209 -19.26 42.41 5.48
C ARG H 209 -18.25 43.10 4.58
N ALA H 210 -17.80 44.29 4.99
CA ALA H 210 -16.82 45.03 4.19
C ALA H 210 -15.47 44.28 4.22
N ASP H 211 -15.06 43.81 5.40
CA ASP H 211 -13.83 43.03 5.53
C ASP H 211 -13.88 41.76 4.67
N ARG H 212 -14.99 41.02 4.72
CA ARG H 212 -15.18 39.87 3.86
C ARG H 212 -15.01 40.23 2.38
N LEU H 213 -15.68 41.29 1.95
CA LEU H 213 -15.66 41.60 0.52
C LEU H 213 -14.26 41.99 0.06
N SER H 214 -13.48 42.67 0.92
CA SER H 214 -12.11 43.02 0.55
C SER H 214 -11.23 41.76 0.49
N ALA H 215 -11.40 40.84 1.44
CA ALA H 215 -10.64 39.60 1.42
C ALA H 215 -10.96 38.77 0.15
N LEU H 216 -12.19 38.86 -0.35
CA LEU H 216 -12.54 38.22 -1.62
C LEU H 216 -11.98 38.97 -2.81
N HIS H 217 -12.13 40.29 -2.79
CA HIS H 217 -11.78 41.12 -3.93
C HIS H 217 -10.29 41.15 -4.24
N GLN H 218 -9.45 41.00 -3.21
CA GLN H 218 -8.00 41.11 -3.38
C GLN H 218 -7.41 40.01 -4.26
N TRP H 219 -8.08 38.87 -4.39
CA TRP H 219 -7.57 37.76 -5.21
C TRP H 219 -7.36 38.20 -6.66
N GLY H 220 -6.14 38.05 -7.14
CA GLY H 220 -5.74 38.47 -8.48
C GLY H 220 -5.19 39.88 -8.59
N GLU H 221 -5.23 40.63 -7.49
CA GLU H 221 -4.77 42.00 -7.50
C GLU H 221 -3.39 42.17 -6.86
N SER H 222 -2.68 43.19 -7.32
CA SER H 222 -1.42 43.56 -6.69
C SER H 222 -1.70 44.05 -5.27
N GLU H 223 -0.66 44.06 -4.43
CA GLU H 223 -0.79 44.57 -3.09
C GLU H 223 -1.34 46.01 -3.10
N ASN H 224 -0.75 46.87 -3.92
CA ASN H 224 -1.21 48.25 -4.00
C ASN H 224 -2.70 48.39 -4.33
N ALA H 225 -3.15 47.74 -5.39
CA ALA H 225 -4.56 47.83 -5.77
C ALA H 225 -5.49 47.26 -4.69
N ALA H 226 -5.10 46.14 -4.10
CA ALA H 226 -5.90 45.51 -3.08
C ALA H 226 -6.01 46.40 -1.84
N MET H 227 -4.89 47.01 -1.44
CA MET H 227 -4.88 47.95 -0.31
C MET H 227 -5.83 49.14 -0.57
N ASP H 228 -5.76 49.66 -1.79
CA ASP H 228 -6.67 50.76 -2.24
C ASP H 228 -8.14 50.39 -2.08
N PHE H 229 -8.51 49.20 -2.56
CA PHE H 229 -9.87 48.72 -2.39
C PHE H 229 -10.24 48.56 -0.93
N GLU H 230 -9.34 47.98 -0.14
CA GLU H 230 -9.61 47.77 1.28
C GLU H 230 -9.94 49.09 1.99
N PHE H 231 -9.13 50.09 1.71
CA PHE H 231 -9.30 51.36 2.35
C PHE H 231 -10.70 51.95 2.11
N ALA H 232 -11.33 51.67 0.96
CA ALA H 232 -12.74 52.07 0.71
C ALA H 232 -13.78 51.49 1.70
N SER H 233 -13.40 50.49 2.51
CA SER H 233 -14.19 50.08 3.70
C SER H 233 -14.47 51.23 4.71
N ILE H 234 -13.52 52.17 4.87
CA ILE H 234 -13.70 53.39 5.68
C ILE H 234 -14.56 54.43 4.97
N SER I 7 64.06 -12.69 -19.87
CA SER I 7 63.68 -11.35 -19.29
C SER I 7 64.56 -11.02 -18.10
N GLU I 8 64.95 -9.75 -18.02
CA GLU I 8 65.64 -9.15 -16.91
C GLU I 8 64.82 -7.93 -16.38
N PRO I 9 63.92 -8.22 -15.46
CA PRO I 9 62.99 -7.21 -14.98
C PRO I 9 63.61 -6.17 -14.06
N VAL I 10 64.79 -6.46 -13.49
CA VAL I 10 65.54 -5.51 -12.69
C VAL I 10 66.99 -5.49 -13.22
N ARG I 11 67.50 -4.29 -13.53
CA ARG I 11 68.89 -4.11 -13.93
C ARG I 11 69.62 -3.28 -12.87
N ILE I 12 70.88 -3.57 -12.66
CA ILE I 12 71.72 -2.88 -11.71
C ILE I 12 72.87 -2.24 -12.47
N GLU I 13 73.10 -0.94 -12.27
CA GLU I 13 74.24 -0.27 -12.88
C GLU I 13 74.99 0.43 -11.75
N ARG I 14 76.31 0.36 -11.78
CA ARG I 14 77.09 1.04 -10.77
C ARG I 14 78.02 2.06 -11.38
N ASN I 15 78.20 3.16 -10.68
CA ASN I 15 79.13 4.19 -11.07
C ASN I 15 79.82 4.63 -9.78
N GLY I 16 81.01 4.07 -9.58
CA GLY I 16 81.71 4.20 -8.32
C GLY I 16 80.79 3.79 -7.18
N PRO I 17 80.65 4.66 -6.16
CA PRO I 17 79.95 4.28 -4.94
C PRO I 17 78.43 4.48 -5.03
N VAL I 18 77.91 4.79 -6.22
CA VAL I 18 76.47 4.90 -6.43
C VAL I 18 75.95 3.71 -7.26
N THR I 19 74.99 2.98 -6.70
CA THR I 19 74.35 1.85 -7.36
C THR I 19 72.95 2.29 -7.83
N THR I 20 72.65 2.11 -9.11
CA THR I 20 71.32 2.40 -9.62
C THR I 20 70.60 1.07 -9.86
N VAL I 21 69.44 0.92 -9.24
CA VAL I 21 68.57 -0.25 -9.38
C VAL I 21 67.37 0.14 -10.24
N ILE I 22 67.19 -0.55 -11.35
CA ILE I 22 66.26 -0.10 -12.40
C ILE I 22 65.19 -1.17 -12.61
N ILE I 23 63.93 -0.80 -12.37
CA ILE I 23 62.79 -1.65 -12.75
C ILE I 23 62.54 -1.51 -14.21
N ASP I 24 62.46 -2.60 -14.94
CA ASP I 24 62.43 -2.55 -16.41
C ASP I 24 61.50 -3.61 -16.98
N ARG I 25 60.21 -3.27 -16.99
CA ARG I 25 59.20 -4.14 -17.58
C ARG I 25 58.29 -3.28 -18.46
N PRO I 26 58.72 -3.01 -19.70
CA PRO I 26 58.00 -2.15 -20.63
C PRO I 26 56.51 -2.45 -20.80
N GLU I 27 56.17 -3.68 -21.17
CA GLU I 27 54.77 -4.05 -21.48
C GLU I 27 53.88 -3.97 -20.20
N ALA I 28 54.45 -4.25 -19.03
CA ALA I 28 53.74 -4.14 -17.74
C ALA I 28 53.84 -2.74 -17.07
N ARG I 29 54.42 -1.76 -17.76
CA ARG I 29 54.63 -0.41 -17.19
C ARG I 29 55.31 -0.47 -15.82
N ASN I 30 56.31 -1.34 -15.73
CA ASN I 30 57.14 -1.49 -14.53
C ASN I 30 56.37 -1.93 -13.30
N ALA I 31 55.22 -2.57 -13.52
CA ALA I 31 54.56 -3.29 -12.44
C ALA I 31 55.44 -4.39 -11.86
N VAL I 32 55.35 -4.61 -10.57
CA VAL I 32 56.22 -5.54 -9.89
C VAL I 32 55.46 -6.83 -9.60
N ASN I 33 55.90 -7.92 -10.24
CA ASN I 33 55.37 -9.24 -9.95
C ASN I 33 56.31 -9.96 -9.00
N GLY I 34 56.07 -11.25 -8.76
CA GLY I 34 56.90 -12.05 -7.85
C GLY I 34 58.40 -12.06 -8.16
N PRO I 35 58.76 -12.45 -9.39
CA PRO I 35 60.19 -12.47 -9.77
C PRO I 35 60.84 -11.09 -9.71
N THR I 36 60.10 -10.06 -10.10
CA THR I 36 60.60 -8.70 -10.02
C THR I 36 60.87 -8.30 -8.56
N ALA I 37 59.92 -8.61 -7.67
CA ALA I 37 60.09 -8.28 -6.26
C ALA I 37 61.32 -9.00 -5.71
N ALA I 38 61.49 -10.25 -6.09
CA ALA I 38 62.62 -11.05 -5.58
C ALA I 38 63.94 -10.43 -6.07
N ALA I 39 63.93 -9.94 -7.31
CA ALA I 39 65.12 -9.32 -7.89
C ALA I 39 65.45 -7.98 -7.22
N LEU I 40 64.42 -7.22 -6.88
CA LEU I 40 64.62 -5.95 -6.14
C LEU I 40 65.16 -6.21 -4.74
N PHE I 41 64.59 -7.19 -4.05
CA PHE I 41 65.10 -7.57 -2.74
C PHE I 41 66.57 -7.98 -2.79
N ALA I 42 66.91 -8.81 -3.76
CA ALA I 42 68.32 -9.28 -3.90
C ALA I 42 69.25 -8.12 -4.22
N ALA I 43 68.82 -7.22 -5.11
CA ALA I 43 69.62 -6.05 -5.49
C ALA I 43 69.95 -5.21 -4.26
N PHE I 44 68.95 -4.99 -3.42
CA PHE I 44 69.16 -4.17 -2.22
C PHE I 44 69.91 -4.90 -1.09
N GLU I 45 69.76 -6.21 -1.02
CA GLU I 45 70.59 -7.02 -0.12
C GLU I 45 72.06 -6.89 -0.50
N GLU I 46 72.34 -6.99 -1.79
CA GLU I 46 73.71 -6.90 -2.32
C GLU I 46 74.28 -5.50 -2.06
N PHE I 47 73.48 -4.47 -2.33
CA PHE I 47 73.85 -3.08 -2.03
C PHE I 47 74.21 -2.88 -0.56
N ASP I 48 73.36 -3.36 0.34
CA ASP I 48 73.57 -3.17 1.77
C ASP I 48 74.86 -3.81 2.26
N ALA I 49 75.19 -4.98 1.70
CA ALA I 49 76.36 -5.73 2.07
C ALA I 49 77.65 -5.26 1.39
N ASP I 50 77.55 -4.50 0.30
CA ASP I 50 78.71 -4.11 -0.47
C ASP I 50 79.32 -2.84 0.09
N ASP I 51 80.49 -2.96 0.72
CA ASP I 51 81.16 -1.82 1.33
C ASP I 51 81.71 -0.80 0.33
N THR I 52 81.78 -1.14 -0.94
CA THR I 52 82.15 -0.16 -1.97
C THR I 52 80.97 0.61 -2.53
N ALA I 53 79.76 0.30 -2.11
CA ALA I 53 78.57 1.06 -2.50
C ALA I 53 78.10 1.93 -1.33
N SER I 54 77.92 3.22 -1.59
CA SER I 54 77.54 4.17 -0.55
C SER I 54 76.06 4.60 -0.58
N VAL I 55 75.52 4.81 -1.77
CA VAL I 55 74.18 5.35 -1.96
C VAL I 55 73.57 4.66 -3.17
N ALA I 56 72.29 4.32 -3.07
CA ALA I 56 71.56 3.68 -4.15
C ALA I 56 70.50 4.64 -4.69
N VAL I 57 70.20 4.45 -5.96
CA VAL I 57 69.13 5.15 -6.65
C VAL I 57 68.16 4.07 -7.15
N LEU I 58 66.89 4.23 -6.81
CA LEU I 58 65.84 3.33 -7.34
C LEU I 58 65.07 4.08 -8.40
N THR I 59 64.93 3.47 -9.55
CA THR I 59 64.27 4.14 -10.68
C THR I 59 63.60 3.14 -11.61
N GLY I 60 62.78 3.64 -12.52
CA GLY I 60 62.13 2.80 -13.50
C GLY I 60 62.54 3.21 -14.91
N ALA I 61 62.66 2.23 -15.80
CA ALA I 61 62.93 2.50 -17.21
C ALA I 61 61.62 2.81 -17.94
N ASN I 62 61.73 3.12 -19.22
CA ASN I 62 60.54 3.25 -20.08
C ASN I 62 59.66 4.45 -19.74
N GLY I 63 60.24 5.47 -19.13
CA GLY I 63 59.53 6.71 -18.86
C GLY I 63 58.51 6.66 -17.74
N THR I 64 58.59 5.64 -16.92
CA THR I 64 57.73 5.55 -15.75
C THR I 64 58.47 4.91 -14.60
N PHE I 65 57.92 5.03 -13.40
CA PHE I 65 58.58 4.49 -12.21
C PHE I 65 58.05 3.10 -11.89
N CYS I 66 56.81 3.03 -11.41
CA CYS I 66 56.24 1.75 -11.05
C CYS I 66 54.75 1.88 -10.82
N ALA I 67 54.01 1.04 -11.55
CA ALA I 67 52.54 1.07 -11.54
C ALA I 67 51.94 0.31 -10.37
N GLY I 68 52.78 -0.32 -9.57
CA GLY I 68 52.32 -1.09 -8.41
C GLY I 68 52.50 -2.57 -8.60
N ALA I 69 51.81 -3.36 -7.80
CA ALA I 69 51.88 -4.82 -7.91
C ALA I 69 51.23 -5.27 -9.21
N ASP I 70 51.74 -6.36 -9.76
CA ASP I 70 51.28 -6.84 -11.07
C ASP I 70 49.98 -7.63 -10.89
N LEU I 71 48.84 -6.93 -11.01
CA LEU I 71 47.51 -7.53 -10.85
C LEU I 71 47.26 -8.71 -11.82
N LYS I 72 47.63 -8.53 -13.08
CA LYS I 72 47.53 -9.57 -14.09
C LYS I 72 48.23 -10.89 -13.74
N ALA I 73 49.22 -10.83 -12.85
CA ALA I 73 49.94 -12.03 -12.42
C ALA I 73 49.25 -12.79 -11.26
N PHE I 74 48.21 -12.21 -10.65
CA PHE I 74 47.49 -12.89 -9.56
C PHE I 74 47.02 -14.24 -10.04
N GLY I 75 47.23 -15.26 -9.22
CA GLY I 75 46.82 -16.62 -9.56
C GLY I 75 47.73 -17.39 -10.50
N THR I 76 48.89 -16.79 -10.85
CA THR I 76 49.87 -17.45 -11.71
C THR I 76 51.10 -17.77 -10.86
N PRO I 77 52.05 -18.54 -11.40
CA PRO I 77 53.32 -18.75 -10.69
C PRO I 77 54.12 -17.46 -10.46
N GLU I 78 53.86 -16.43 -11.25
CA GLU I 78 54.61 -15.19 -11.21
C GLU I 78 53.96 -14.17 -10.24
N ALA I 79 52.93 -14.60 -9.51
CA ALA I 79 52.18 -13.69 -8.60
C ALA I 79 53.07 -13.14 -7.50
N ASN I 80 52.74 -11.95 -7.00
CA ASN I 80 53.42 -11.41 -5.86
C ASN I 80 53.31 -12.38 -4.71
N GLN I 81 54.38 -12.51 -3.95
CA GLN I 81 54.40 -13.35 -2.75
C GLN I 81 53.99 -12.52 -1.56
N VAL I 82 52.93 -12.94 -0.89
CA VAL I 82 52.33 -12.21 0.21
C VAL I 82 52.42 -13.08 1.47
N HIS I 83 53.40 -12.79 2.33
CA HIS I 83 53.64 -13.56 3.56
C HIS I 83 54.00 -12.64 4.71
N ARG I 84 53.69 -13.06 5.94
CA ARG I 84 54.05 -12.24 7.10
C ARG I 84 55.55 -12.20 7.32
N GLU I 85 56.26 -13.27 6.95
CA GLU I 85 57.72 -13.33 7.05
C GLU I 85 58.41 -13.05 5.72
N GLY I 86 59.69 -12.66 5.79
CA GLY I 86 60.52 -12.46 4.61
C GLY I 86 60.21 -11.14 3.90
N PRO I 87 60.56 -11.06 2.62
CA PRO I 87 60.35 -9.82 1.87
C PRO I 87 58.88 -9.42 1.69
N GLY I 88 58.63 -8.11 1.65
CA GLY I 88 57.30 -7.60 1.39
C GLY I 88 56.86 -7.90 -0.03
N PRO I 89 55.57 -7.81 -0.30
CA PRO I 89 55.02 -8.09 -1.64
C PRO I 89 55.69 -7.34 -2.80
N MET I 90 56.14 -6.10 -2.57
CA MET I 90 56.84 -5.34 -3.61
C MET I 90 58.35 -5.62 -3.65
N GLY I 91 58.87 -6.31 -2.65
CA GLY I 91 60.27 -6.74 -2.65
C GLY I 91 61.09 -6.21 -1.48
N PRO I 92 61.62 -4.99 -1.61
CA PRO I 92 62.46 -4.40 -0.56
C PRO I 92 61.75 -3.55 0.53
N SER I 93 60.42 -3.53 0.51
CA SER I 93 59.62 -2.58 1.27
C SER I 93 59.66 -2.76 2.80
N ARG I 94 60.14 -3.92 3.27
CA ARG I 94 60.33 -4.14 4.69
C ARG I 94 61.79 -3.95 5.16
N MET I 95 62.70 -3.72 4.23
CA MET I 95 64.12 -3.69 4.56
C MET I 95 64.48 -2.42 5.31
N ASP I 96 65.35 -2.58 6.31
CA ASP I 96 65.95 -1.46 7.00
C ASP I 96 67.41 -1.43 6.57
N LEU I 97 67.73 -0.66 5.54
CA LEU I 97 69.08 -0.64 5.02
C LEU I 97 69.98 0.27 5.84
N SER I 98 71.27 -0.02 5.79
CA SER I 98 72.28 0.69 6.57
C SER I 98 72.76 1.95 5.84
N LYS I 99 72.32 2.11 4.59
CA LYS I 99 72.75 3.19 3.72
C LYS I 99 71.54 3.72 2.92
N PRO I 100 71.62 4.99 2.46
CA PRO I 100 70.43 5.63 1.88
C PRO I 100 70.14 5.24 0.44
N VAL I 101 68.87 5.41 0.08
CA VAL I 101 68.38 5.18 -1.28
C VAL I 101 67.59 6.42 -1.73
N ILE I 102 67.85 6.87 -2.95
CA ILE I 102 67.09 7.98 -3.55
C ILE I 102 66.18 7.43 -4.64
N ALA I 103 64.88 7.75 -4.56
CA ALA I 103 63.94 7.45 -5.65
C ALA I 103 64.07 8.47 -6.75
N ALA I 104 64.10 7.99 -8.00
CA ALA I 104 64.11 8.87 -9.17
C ALA I 104 62.88 8.57 -9.98
N ILE I 105 61.89 9.45 -9.87
CA ILE I 105 60.55 9.18 -10.38
C ILE I 105 60.23 9.94 -11.67
N SER I 106 60.00 9.14 -12.73
CA SER I 106 59.39 9.62 -13.99
CA SER I 106 59.38 9.60 -13.96
C SER I 106 58.00 8.98 -14.10
N GLY I 107 57.14 9.60 -14.90
CA GLY I 107 55.80 9.06 -15.12
C GLY I 107 55.01 8.80 -13.85
N TYR I 108 54.54 7.57 -13.66
CA TYR I 108 53.74 7.18 -12.50
C TYR I 108 54.52 6.46 -11.42
N ALA I 109 54.31 6.87 -10.17
CA ALA I 109 54.66 6.10 -9.00
C ALA I 109 53.37 5.96 -8.21
N VAL I 110 52.67 4.86 -8.45
CA VAL I 110 51.32 4.68 -7.91
C VAL I 110 51.14 3.34 -7.21
N ALA I 111 50.27 3.34 -6.22
CA ALA I 111 49.95 2.16 -5.43
C ALA I 111 51.26 1.57 -4.82
N GLY I 112 51.54 0.28 -5.01
CA GLY I 112 52.77 -0.29 -4.50
C GLY I 112 54.01 0.41 -4.99
N GLY I 113 53.91 1.06 -6.17
CA GLY I 113 55.00 1.86 -6.68
C GLY I 113 55.24 3.10 -5.82
N LEU I 114 54.17 3.74 -5.36
CA LEU I 114 54.31 4.88 -4.45
C LEU I 114 54.94 4.40 -3.16
N GLU I 115 54.52 3.23 -2.71
CA GLU I 115 55.08 2.65 -1.49
C GLU I 115 56.61 2.43 -1.59
N LEU I 116 57.08 1.98 -2.74
CA LEU I 116 58.53 1.88 -2.93
C LEU I 116 59.21 3.25 -2.84
N ALA I 117 58.57 4.28 -3.41
CA ALA I 117 59.12 5.63 -3.31
C ALA I 117 59.14 6.17 -1.88
N LEU I 118 58.10 5.86 -1.10
CA LEU I 118 58.06 6.26 0.32
C LEU I 118 59.13 5.56 1.15
N TRP I 119 59.48 4.33 0.75
CA TRP I 119 60.49 3.53 1.47
C TRP I 119 61.88 4.17 1.29
N CYS I 120 62.07 4.84 0.16
CA CYS I 120 63.32 5.53 -0.08
C CYS I 120 63.49 6.72 0.85
N ASP I 121 64.73 7.10 1.08
CA ASP I 121 65.05 8.28 1.91
C ASP I 121 64.64 9.60 1.30
N LEU I 122 64.81 9.74 -0.02
CA LEU I 122 64.52 10.98 -0.71
C LEU I 122 63.91 10.69 -2.06
N ARG I 123 63.12 11.65 -2.57
CA ARG I 123 62.42 11.46 -3.83
C ARG I 123 62.71 12.63 -4.74
N VAL I 124 63.23 12.31 -5.91
CA VAL I 124 63.52 13.27 -6.94
C VAL I 124 62.56 12.98 -8.06
N VAL I 125 61.81 13.99 -8.48
CA VAL I 125 60.63 13.77 -9.29
C VAL I 125 60.61 14.65 -10.55
N ASP I 126 60.28 14.07 -11.70
CA ASP I 126 60.10 14.82 -12.94
C ASP I 126 58.92 15.76 -12.77
N GLU I 127 59.00 16.91 -13.44
CA GLU I 127 57.92 17.91 -13.42
C GLU I 127 56.56 17.36 -13.88
N ASP I 128 56.56 16.35 -14.73
CA ASP I 128 55.32 15.74 -15.23
C ASP I 128 54.94 14.40 -14.58
N ALA I 129 55.64 14.03 -13.52
CA ALA I 129 55.33 12.79 -12.82
C ALA I 129 54.05 12.89 -11.98
N THR I 130 53.44 11.74 -11.75
CA THR I 130 52.20 11.61 -10.96
C THR I 130 52.40 10.55 -9.87
N MET I 131 52.03 10.90 -8.65
CA MET I 131 52.12 9.97 -7.53
C MET I 131 50.72 9.81 -6.91
N GLY I 132 50.47 8.68 -6.28
CA GLY I 132 49.16 8.48 -5.64
C GLY I 132 48.85 7.05 -5.25
N VAL I 133 47.85 6.90 -4.38
CA VAL I 133 47.43 5.61 -3.86
C VAL I 133 46.34 5.05 -4.77
N PHE I 134 46.69 4.72 -6.01
CA PHE I 134 45.70 4.34 -7.01
C PHE I 134 45.06 2.97 -6.72
N CYS I 135 45.66 2.20 -5.82
CA CYS I 135 45.09 0.93 -5.38
C CYS I 135 43.78 1.10 -4.63
N ARG I 136 43.54 2.32 -4.13
CA ARG I 136 42.23 2.68 -3.56
C ARG I 136 41.11 2.34 -4.53
N ARG I 137 41.27 2.74 -5.80
CA ARG I 137 40.26 2.54 -6.82
C ARG I 137 40.05 1.04 -7.11
N TRP I 138 41.13 0.25 -7.08
CA TRP I 138 41.08 -1.18 -7.41
C TRP I 138 40.68 -2.04 -6.21
N GLY I 139 40.70 -1.47 -5.01
CA GLY I 139 40.43 -2.23 -3.80
C GLY I 139 41.54 -3.19 -3.35
N VAL I 140 42.81 -2.83 -3.63
CA VAL I 140 43.98 -3.61 -3.16
C VAL I 140 44.61 -2.83 -2.00
N PRO I 141 44.88 -3.50 -0.88
CA PRO I 141 45.32 -2.75 0.30
C PRO I 141 46.79 -2.35 0.24
N LEU I 142 47.15 -1.31 1.01
CA LEU I 142 48.54 -0.89 1.21
C LEU I 142 49.23 -1.79 2.24
N ILE I 143 50.06 -2.69 1.74
CA ILE I 143 50.68 -3.70 2.57
CA ILE I 143 50.71 -3.69 2.61
C ILE I 143 52.21 -3.70 2.33
N ASP I 144 52.72 -2.58 1.83
CA ASP I 144 54.17 -2.39 1.68
C ASP I 144 54.63 -1.09 2.36
N GLY I 145 53.92 -0.74 3.44
CA GLY I 145 54.36 0.32 4.35
C GLY I 145 53.77 1.71 4.13
N GLY I 146 52.94 1.87 3.11
CA GLY I 146 52.34 3.15 2.81
C GLY I 146 51.59 3.80 3.96
N THR I 147 50.80 2.99 4.68
CA THR I 147 50.00 3.51 5.80
C THR I 147 50.88 3.87 6.99
N VAL I 148 52.05 3.23 7.07
CA VAL I 148 53.01 3.52 8.14
C VAL I 148 53.87 4.74 7.82
N ARG I 149 54.40 4.80 6.61
CA ARG I 149 55.38 5.81 6.25
C ARG I 149 54.77 7.16 5.84
N LEU I 150 53.63 7.15 5.13
CA LEU I 150 53.11 8.43 4.62
C LEU I 150 52.79 9.46 5.72
N PRO I 151 52.18 9.03 6.82
CA PRO I 151 51.90 10.02 7.91
C PRO I 151 53.17 10.54 8.56
N ARG I 152 54.18 9.68 8.64
CA ARG I 152 55.47 10.06 9.19
C ARG I 152 56.23 11.03 8.26
N LEU I 153 56.11 10.80 6.97
CA LEU I 153 56.75 11.63 5.95
C LEU I 153 56.20 13.01 5.80
N ILE I 154 54.88 13.14 5.75
CA ILE I 154 54.22 14.44 5.41
C ILE I 154 53.13 14.90 6.38
N GLY I 155 52.97 14.18 7.49
CA GLY I 155 51.98 14.48 8.49
C GLY I 155 50.73 13.68 8.29
N HIS I 156 49.96 13.50 9.37
CA HIS I 156 48.73 12.72 9.29
C HIS I 156 47.66 13.31 8.39
N SER I 157 47.49 14.62 8.44
CA SER I 157 46.40 15.27 7.69
C SER I 157 46.50 15.01 6.19
N ARG I 158 47.64 15.36 5.59
CA ARG I 158 47.82 15.16 4.15
C ARG I 158 47.94 13.70 3.78
N ALA I 159 48.53 12.88 4.67
CA ALA I 159 48.57 11.45 4.44
C ALA I 159 47.16 10.85 4.33
N MET I 160 46.28 11.21 5.25
CA MET I 160 44.95 10.67 5.23
C MET I 160 44.18 11.09 3.96
N ASP I 161 44.39 12.31 3.52
CA ASP I 161 43.80 12.79 2.23
C ASP I 161 44.19 11.83 1.12
N LEU I 162 45.48 11.67 0.92
CA LEU I 162 45.98 10.81 -0.14
C LEU I 162 45.54 9.33 0.00
N ILE I 163 45.57 8.81 1.22
CA ILE I 163 45.17 7.44 1.48
C ILE I 163 43.69 7.20 1.26
N LEU I 164 42.83 8.06 1.81
CA LEU I 164 41.38 7.87 1.63
C LEU I 164 40.94 8.08 0.19
N THR I 165 41.32 9.19 -0.41
CA THR I 165 40.83 9.55 -1.75
C THR I 165 41.50 8.75 -2.88
N GLY I 166 42.73 8.29 -2.66
CA GLY I 166 43.48 7.67 -3.76
C GLY I 166 43.83 8.64 -4.90
N ARG I 167 43.75 9.95 -4.65
CA ARG I 167 43.88 10.92 -5.72
C ARG I 167 45.33 11.04 -6.21
N ALA I 168 45.43 11.53 -7.44
CA ALA I 168 46.68 11.85 -8.08
C ALA I 168 47.27 13.12 -7.48
N VAL I 169 48.57 13.11 -7.28
CA VAL I 169 49.31 14.26 -6.83
C VAL I 169 50.34 14.58 -7.90
N ASP I 170 50.25 15.75 -8.50
CA ASP I 170 51.27 16.19 -9.46
C ASP I 170 52.54 16.67 -8.75
N ALA I 171 53.58 16.96 -9.54
CA ALA I 171 54.90 17.27 -8.98
C ALA I 171 54.93 18.54 -8.13
N ALA I 172 54.26 19.57 -8.61
CA ALA I 172 54.18 20.82 -7.87
C ALA I 172 53.55 20.61 -6.50
N GLU I 173 52.44 19.91 -6.44
CA GLU I 173 51.80 19.63 -5.14
C GLU I 173 52.68 18.70 -4.27
N ALA I 174 53.25 17.68 -4.88
CA ALA I 174 54.17 16.80 -4.16
C ALA I 174 55.32 17.58 -3.51
N TYR I 175 55.84 18.55 -4.25
CA TYR I 175 56.91 19.41 -3.73
C TYR I 175 56.42 20.33 -2.59
N ALA I 176 55.25 20.93 -2.76
CA ALA I 176 54.66 21.82 -1.75
C ALA I 176 54.38 21.10 -0.43
N ILE I 177 54.04 19.79 -0.50
CA ILE I 177 53.69 19.05 0.74
C ILE I 177 54.83 18.25 1.36
N GLY I 178 55.99 18.29 0.73
CA GLY I 178 57.17 17.62 1.23
C GLY I 178 57.31 16.16 0.79
N LEU I 179 56.47 15.72 -0.14
CA LEU I 179 56.54 14.36 -0.68
C LEU I 179 57.69 14.21 -1.69
N ALA I 180 57.78 15.15 -2.64
CA ALA I 180 58.89 15.24 -3.56
C ALA I 180 59.95 16.17 -2.95
N ASN I 181 61.17 15.67 -2.75
CA ASN I 181 62.22 16.51 -2.18
C ASN I 181 62.87 17.41 -3.25
N ARG I 182 62.88 16.94 -4.48
CA ARG I 182 63.33 17.74 -5.63
C ARG I 182 62.41 17.54 -6.80
N VAL I 183 62.26 18.59 -7.61
CA VAL I 183 61.50 18.51 -8.84
C VAL I 183 62.41 18.99 -9.96
N VAL I 184 62.55 18.18 -10.99
CA VAL I 184 63.44 18.45 -12.11
C VAL I 184 62.70 18.34 -13.45
N PRO I 185 63.31 18.85 -14.55
CA PRO I 185 62.64 18.76 -15.83
C PRO I 185 62.41 17.32 -16.27
N THR I 186 61.38 17.13 -17.09
CA THR I 186 61.00 15.81 -17.56
C THR I 186 62.18 15.09 -18.18
N GLY I 187 62.34 13.81 -17.85
CA GLY I 187 63.46 13.03 -18.35
C GLY I 187 64.74 13.15 -17.53
N GLN I 188 64.78 14.01 -16.51
CA GLN I 188 65.99 14.21 -15.74
C GLN I 188 66.05 13.57 -14.35
N ALA I 189 64.99 12.89 -13.91
CA ALA I 189 64.96 12.42 -12.53
C ALA I 189 66.15 11.52 -12.21
N ARG I 190 66.40 10.54 -13.08
CA ARG I 190 67.50 9.60 -12.84
C ARG I 190 68.86 10.29 -12.75
N GLN I 191 69.15 11.17 -13.69
CA GLN I 191 70.41 11.91 -13.68
C GLN I 191 70.55 12.77 -12.41
N ALA I 192 69.50 13.47 -12.07
CA ALA I 192 69.56 14.37 -10.93
C ALA I 192 69.73 13.56 -9.64
N ALA I 193 69.05 12.42 -9.55
CA ALA I 193 69.17 11.57 -8.38
C ALA I 193 70.59 10.99 -8.29
N GLU I 194 71.16 10.63 -9.42
CA GLU I 194 72.52 10.09 -9.44
C GLU I 194 73.54 11.17 -9.05
N GLU I 195 73.34 12.41 -9.47
CA GLU I 195 74.18 13.54 -9.03
C GLU I 195 74.08 13.77 -7.55
N LEU I 196 72.85 13.78 -7.04
CA LEU I 196 72.66 13.93 -5.62
C LEU I 196 73.30 12.78 -4.84
N ALA I 197 73.17 11.56 -5.36
CA ALA I 197 73.74 10.39 -4.71
C ALA I 197 75.27 10.51 -4.65
N ALA I 198 75.86 11.02 -5.72
CA ALA I 198 77.32 11.19 -5.79
C ALA I 198 77.78 12.27 -4.81
N ASP I 199 76.98 13.35 -4.68
CA ASP I 199 77.24 14.39 -3.66
C ASP I 199 77.24 13.75 -2.28
N LEU I 200 76.21 12.97 -1.98
CA LEU I 200 76.15 12.31 -0.69
C LEU I 200 77.34 11.39 -0.47
N ALA I 201 77.73 10.67 -1.51
CA ALA I 201 78.81 9.69 -1.40
C ALA I 201 80.15 10.37 -1.10
N ARG I 202 80.28 11.65 -1.43
CA ARG I 202 81.50 12.42 -1.18
C ARG I 202 81.61 12.94 0.25
N LEU I 203 80.52 12.90 1.00
CA LEU I 203 80.54 13.39 2.37
C LEU I 203 81.17 12.36 3.32
N PRO I 204 81.56 12.79 4.53
CA PRO I 204 81.99 11.83 5.54
C PRO I 204 80.89 10.81 5.86
N GLN I 205 81.16 9.55 5.53
CA GLN I 205 80.12 8.51 5.47
C GLN I 205 79.60 8.05 6.81
N GLN I 206 80.50 7.72 7.75
CA GLN I 206 80.09 7.10 9.03
C GLN I 206 79.09 8.03 9.74
N CYS I 207 79.43 9.30 9.75
CA CYS I 207 78.64 10.30 10.42
C CYS I 207 77.24 10.48 9.76
N MET I 208 77.21 10.62 8.44
CA MET I 208 75.95 10.75 7.71
C MET I 208 75.06 9.53 7.92
N ARG I 209 75.66 8.34 7.86
CA ARG I 209 74.91 7.12 8.08
C ARG I 209 74.36 6.97 9.50
N ALA I 210 75.13 7.39 10.50
CA ALA I 210 74.67 7.31 11.87
C ALA I 210 73.51 8.27 12.11
N ASP I 211 73.65 9.49 11.61
CA ASP I 211 72.58 10.51 11.73
C ASP I 211 71.29 10.00 11.07
N ARG I 212 71.41 9.43 9.87
CA ARG I 212 70.27 8.83 9.20
C ARG I 212 69.60 7.77 10.05
N LEU I 213 70.40 6.85 10.60
CA LEU I 213 69.82 5.73 11.34
C LEU I 213 69.11 6.19 12.61
N SER I 214 69.62 7.24 13.24
CA SER I 214 68.96 7.77 14.44
C SER I 214 67.64 8.47 14.06
N ALA I 215 67.64 9.23 12.96
CA ALA I 215 66.42 9.88 12.48
C ALA I 215 65.32 8.88 12.09
N LEU I 216 65.73 7.71 11.63
CA LEU I 216 64.80 6.61 11.43
C LEU I 216 64.35 5.93 12.72
N HIS I 217 65.33 5.62 13.57
CA HIS I 217 65.05 4.86 14.76
C HIS I 217 64.12 5.56 15.76
N GLN I 218 64.21 6.88 15.82
CA GLN I 218 63.44 7.63 16.80
C GLN I 218 61.93 7.51 16.66
N TRP I 219 61.43 7.19 15.45
CA TRP I 219 59.99 7.04 15.26
C TRP I 219 59.38 6.01 16.21
N GLY I 220 58.39 6.45 16.98
CA GLY I 220 57.73 5.60 17.96
C GLY I 220 58.36 5.61 19.37
N GLU I 221 59.47 6.34 19.52
CA GLU I 221 60.18 6.40 20.80
C GLU I 221 59.94 7.70 21.52
N SER I 222 60.00 7.64 22.83
CA SER I 222 59.94 8.84 23.65
C SER I 222 61.16 9.68 23.34
N GLU I 223 61.09 10.96 23.65
CA GLU I 223 62.24 11.84 23.52
C GLU I 223 63.46 11.25 24.23
N ASN I 224 63.29 10.86 25.48
CA ASN I 224 64.42 10.32 26.25
C ASN I 224 65.09 9.11 25.56
N ALA I 225 64.31 8.11 25.18
CA ALA I 225 64.87 6.92 24.56
C ALA I 225 65.53 7.25 23.22
N ALA I 226 64.90 8.14 22.45
CA ALA I 226 65.47 8.54 21.17
C ALA I 226 66.78 9.28 21.33
N MET I 227 66.86 10.17 22.33
CA MET I 227 68.11 10.94 22.61
C MET I 227 69.22 10.00 23.01
N ASP I 228 68.89 9.01 23.81
CA ASP I 228 69.86 7.98 24.18
C ASP I 228 70.41 7.24 22.99
N PHE I 229 69.54 6.81 22.07
CA PHE I 229 69.98 6.11 20.87
C PHE I 229 70.87 7.02 20.02
N GLU I 230 70.46 8.26 19.88
CA GLU I 230 71.23 9.25 19.11
C GLU I 230 72.65 9.41 19.65
N PHE I 231 72.77 9.55 20.96
CA PHE I 231 74.07 9.74 21.57
C PHE I 231 75.05 8.61 21.26
N ALA I 232 74.56 7.39 21.08
CA ALA I 232 75.43 6.27 20.62
C ALA I 232 76.14 6.49 19.27
N SER I 233 75.71 7.48 18.48
CA SER I 233 76.47 7.93 17.29
C SER I 233 77.91 8.36 17.58
N ILE I 234 78.14 8.95 18.76
CA ILE I 234 79.48 9.36 19.22
C ILE I 234 80.30 8.16 19.66
N GLU J 8 -16.39 -11.07 -12.72
CA GLU J 8 -17.38 -11.86 -13.50
C GLU J 8 -18.76 -11.83 -12.79
N PRO J 9 -19.72 -11.05 -13.33
CA PRO J 9 -21.04 -10.99 -12.71
C PRO J 9 -21.88 -12.26 -12.93
N VAL J 10 -21.50 -13.10 -13.90
CA VAL J 10 -22.14 -14.39 -14.17
C VAL J 10 -21.08 -15.47 -14.25
N ARG J 11 -21.23 -16.53 -13.46
CA ARG J 11 -20.29 -17.66 -13.47
C ARG J 11 -21.06 -18.91 -13.91
N ILE J 12 -20.37 -19.79 -14.61
CA ILE J 12 -20.96 -21.03 -15.10
C ILE J 12 -20.18 -22.15 -14.46
N GLU J 13 -20.87 -23.10 -13.84
CA GLU J 13 -20.24 -24.33 -13.36
C GLU J 13 -20.98 -25.57 -13.92
N ARG J 14 -20.24 -26.58 -14.33
CA ARG J 14 -20.87 -27.73 -15.00
C ARG J 14 -20.55 -28.97 -14.25
N ASN J 15 -21.49 -29.92 -14.30
CA ASN J 15 -21.22 -31.22 -13.75
C ASN J 15 -21.99 -32.21 -14.64
N GLY J 16 -21.25 -32.81 -15.56
CA GLY J 16 -21.82 -33.65 -16.61
C GLY J 16 -22.85 -32.84 -17.40
N PRO J 17 -24.07 -33.41 -17.55
CA PRO J 17 -25.08 -32.79 -18.37
C PRO J 17 -25.90 -31.69 -17.67
N VAL J 18 -25.52 -31.29 -16.46
CA VAL J 18 -26.17 -30.17 -15.75
C VAL J 18 -25.23 -28.96 -15.73
N THR J 19 -25.70 -27.85 -16.29
CA THR J 19 -25.00 -26.58 -16.27
C THR J 19 -25.64 -25.63 -15.22
N THR J 20 -24.83 -25.08 -14.32
CA THR J 20 -25.32 -24.13 -13.35
C THR J 20 -24.86 -22.73 -13.75
N VAL J 21 -25.80 -21.83 -13.95
CA VAL J 21 -25.56 -20.43 -14.26
C VAL J 21 -25.78 -19.59 -12.99
N ILE J 22 -24.75 -18.86 -12.56
CA ILE J 22 -24.78 -18.18 -11.29
C ILE J 22 -24.64 -16.67 -11.43
N ILE J 23 -25.61 -15.93 -10.92
CA ILE J 23 -25.51 -14.46 -10.85
C ILE J 23 -24.71 -14.14 -9.60
N ASP J 24 -23.67 -13.32 -9.73
CA ASP J 24 -22.75 -13.06 -8.61
C ASP J 24 -22.33 -11.59 -8.55
N ARG J 25 -23.16 -10.78 -7.91
CA ARG J 25 -22.86 -9.34 -7.71
C ARG J 25 -23.18 -8.94 -6.28
N PRO J 26 -22.23 -9.15 -5.37
CA PRO J 26 -22.48 -9.05 -3.94
C PRO J 26 -23.03 -7.67 -3.55
N GLU J 27 -22.35 -6.61 -3.95
CA GLU J 27 -22.77 -5.27 -3.52
C GLU J 27 -24.14 -4.94 -4.04
N ALA J 28 -24.44 -5.41 -5.24
CA ALA J 28 -25.71 -5.08 -5.87
C ALA J 28 -26.81 -6.10 -5.53
N ARG J 29 -26.55 -7.02 -4.62
CA ARG J 29 -27.47 -8.08 -4.26
C ARG J 29 -28.01 -8.83 -5.52
N ASN J 30 -27.10 -9.09 -6.44
CA ASN J 30 -27.38 -9.84 -7.66
C ASN J 30 -28.35 -9.15 -8.60
N ALA J 31 -28.51 -7.83 -8.46
CA ALA J 31 -29.25 -7.07 -9.44
C ALA J 31 -28.58 -7.23 -10.80
N VAL J 32 -29.40 -7.22 -11.83
CA VAL J 32 -28.92 -7.42 -13.16
C VAL J 32 -28.85 -6.08 -13.89
N ASN J 33 -27.64 -5.68 -14.23
CA ASN J 33 -27.43 -4.52 -15.10
C ASN J 33 -27.20 -4.98 -16.52
N GLY J 34 -26.84 -4.05 -17.41
CA GLY J 34 -26.61 -4.37 -18.84
C GLY J 34 -25.60 -5.49 -19.11
N PRO J 35 -24.36 -5.35 -18.61
CA PRO J 35 -23.36 -6.40 -18.79
C PRO J 35 -23.78 -7.74 -18.20
N THR J 36 -24.45 -7.71 -17.05
CA THR J 36 -24.92 -8.95 -16.45
C THR J 36 -25.96 -9.63 -17.32
N ALA J 37 -26.92 -8.85 -17.82
CA ALA J 37 -27.96 -9.40 -18.69
C ALA J 37 -27.33 -10.00 -19.92
N ALA J 38 -26.33 -9.31 -20.49
CA ALA J 38 -25.64 -9.82 -21.69
C ALA J 38 -24.91 -11.13 -21.41
N ALA J 39 -24.28 -11.22 -20.24
CA ALA J 39 -23.63 -12.46 -19.83
C ALA J 39 -24.64 -13.63 -19.59
N LEU J 40 -25.80 -13.33 -19.01
CA LEU J 40 -26.83 -14.35 -18.82
C LEU J 40 -27.37 -14.86 -20.15
N PHE J 41 -27.63 -13.93 -21.05
CA PHE J 41 -28.08 -14.31 -22.38
C PHE J 41 -27.06 -15.21 -23.07
N ALA J 42 -25.79 -14.84 -23.01
CA ALA J 42 -24.72 -15.63 -23.63
C ALA J 42 -24.62 -17.02 -22.99
N ALA J 43 -24.69 -17.08 -21.66
CA ALA J 43 -24.62 -18.36 -20.93
C ALA J 43 -25.72 -19.30 -21.43
N PHE J 44 -26.94 -18.77 -21.58
CA PHE J 44 -28.07 -19.62 -22.00
C PHE J 44 -28.07 -19.94 -23.50
N GLU J 45 -27.52 -19.04 -24.31
CA GLU J 45 -27.26 -19.35 -25.72
C GLU J 45 -26.31 -20.51 -25.85
N GLU J 46 -25.26 -20.48 -25.06
CA GLU J 46 -24.29 -21.58 -25.06
C GLU J 46 -24.90 -22.87 -24.58
N PHE J 47 -25.64 -22.81 -23.47
CA PHE J 47 -26.35 -23.97 -22.94
C PHE J 47 -27.26 -24.61 -24.01
N ASP J 48 -28.07 -23.78 -24.68
CA ASP J 48 -29.00 -24.28 -25.63
C ASP J 48 -28.31 -25.01 -26.79
N ALA J 49 -27.15 -24.49 -27.22
CA ALA J 49 -26.40 -25.03 -28.35
C ALA J 49 -25.51 -26.21 -27.99
N ASP J 50 -25.24 -26.40 -26.71
CA ASP J 50 -24.32 -27.45 -26.27
C ASP J 50 -25.03 -28.79 -26.09
N ASP J 51 -24.77 -29.73 -26.98
CA ASP J 51 -25.46 -31.02 -26.95
C ASP J 51 -25.03 -31.90 -25.79
N THR J 52 -23.95 -31.54 -25.11
CA THR J 52 -23.57 -32.29 -23.91
C THR J 52 -24.24 -31.74 -22.66
N ALA J 53 -25.02 -30.67 -22.78
CA ALA J 53 -25.75 -30.15 -21.64
C ALA J 53 -27.23 -30.46 -21.83
N SER J 54 -27.83 -31.03 -20.79
CA SER J 54 -29.24 -31.44 -20.82
C SER J 54 -30.18 -30.51 -20.04
N VAL J 55 -29.73 -30.04 -18.86
CA VAL J 55 -30.56 -29.27 -17.97
C VAL J 55 -29.70 -28.19 -17.36
N ALA J 56 -30.27 -27.00 -17.21
CA ALA J 56 -29.58 -25.91 -16.55
C ALA J 56 -30.23 -25.58 -15.22
N VAL J 57 -29.43 -25.03 -14.34
CA VAL J 57 -29.90 -24.46 -13.08
C VAL J 57 -29.51 -22.97 -13.09
N LEU J 58 -30.47 -22.09 -12.80
CA LEU J 58 -30.19 -20.67 -12.62
C LEU J 58 -30.25 -20.36 -11.12
N THR J 59 -29.24 -19.68 -10.60
CA THR J 59 -29.16 -19.39 -9.18
C THR J 59 -28.34 -18.12 -8.92
N GLY J 60 -28.42 -17.63 -7.69
CA GLY J 60 -27.64 -16.45 -7.30
C GLY J 60 -26.67 -16.80 -6.18
N ALA J 61 -25.50 -16.18 -6.19
CA ALA J 61 -24.54 -16.33 -5.09
C ALA J 61 -24.90 -15.35 -3.96
N ASN J 62 -24.12 -15.41 -2.89
CA ASN J 62 -24.22 -14.41 -1.81
C ASN J 62 -25.55 -14.55 -1.04
N GLY J 63 -26.20 -15.71 -1.08
CA GLY J 63 -27.41 -15.97 -0.28
C GLY J 63 -28.69 -15.35 -0.81
N THR J 64 -28.69 -14.93 -2.09
CA THR J 64 -29.89 -14.33 -2.66
C THR J 64 -29.96 -14.68 -4.12
N PHE J 65 -31.10 -14.53 -4.73
CA PHE J 65 -31.31 -14.90 -6.12
C PHE J 65 -31.09 -13.72 -7.03
N CYS J 66 -31.99 -12.76 -7.00
CA CYS J 66 -31.87 -11.58 -7.86
C CYS J 66 -32.90 -10.52 -7.45
N ALA J 67 -32.39 -9.30 -7.22
CA ALA J 67 -33.18 -8.19 -6.75
C ALA J 67 -33.89 -7.44 -7.86
N GLY J 68 -33.66 -7.83 -9.10
CA GLY J 68 -34.26 -7.19 -10.21
C GLY J 68 -33.25 -6.45 -11.07
N ALA J 69 -33.76 -5.56 -11.91
CA ALA J 69 -32.92 -4.74 -12.72
C ALA J 69 -32.13 -3.76 -11.83
N ASP J 70 -30.92 -3.41 -12.28
CA ASP J 70 -30.04 -2.58 -11.48
C ASP J 70 -30.42 -1.10 -11.66
N LEU J 71 -31.32 -0.61 -10.80
CA LEU J 71 -31.81 0.79 -10.81
C LEU J 71 -30.70 1.84 -10.76
N LYS J 72 -29.75 1.61 -9.87
CA LYS J 72 -28.54 2.45 -9.73
C LYS J 72 -27.76 2.67 -11.04
N ALA J 73 -27.85 1.73 -11.96
CA ALA J 73 -27.15 1.82 -13.26
C ALA J 73 -27.91 2.63 -14.31
N PHE J 74 -29.16 2.99 -14.06
CA PHE J 74 -29.91 3.79 -15.04
C PHE J 74 -29.13 5.05 -15.37
N GLY J 75 -29.06 5.38 -16.65
CA GLY J 75 -28.36 6.57 -17.10
C GLY J 75 -26.85 6.44 -17.18
N THR J 76 -26.32 5.24 -16.96
CA THR J 76 -24.89 4.98 -17.06
C THR J 76 -24.66 4.08 -18.28
N PRO J 77 -23.40 3.90 -18.68
CA PRO J 77 -23.10 2.90 -19.73
C PRO J 77 -23.50 1.46 -19.37
N GLU J 78 -23.60 1.16 -18.08
CA GLU J 78 -23.92 -0.18 -17.58
C GLU J 78 -25.43 -0.40 -17.44
N ALA J 79 -26.23 0.56 -17.86
CA ALA J 79 -27.70 0.44 -17.71
C ALA J 79 -28.23 -0.81 -18.42
N ASN J 80 -29.36 -1.33 -17.94
CA ASN J 80 -30.09 -2.33 -18.68
C ASN J 80 -30.45 -1.82 -20.07
N GLN J 81 -30.34 -2.72 -21.04
CA GLN J 81 -30.68 -2.40 -22.41
C GLN J 81 -32.14 -2.75 -22.66
N VAL J 82 -32.92 -1.75 -23.05
CA VAL J 82 -34.37 -1.90 -23.21
C VAL J 82 -34.71 -1.67 -24.69
N HIS J 83 -34.91 -2.75 -25.45
CA HIS J 83 -35.17 -2.67 -26.86
C HIS J 83 -36.23 -3.68 -27.27
N ARG J 84 -36.96 -3.41 -28.34
CA ARG J 84 -37.88 -4.39 -28.84
C ARG J 84 -37.19 -5.64 -29.36
N GLU J 85 -36.03 -5.45 -29.99
CA GLU J 85 -35.25 -6.51 -30.60
C GLU J 85 -34.23 -7.04 -29.65
N GLY J 86 -33.87 -8.29 -29.88
CA GLY J 86 -32.81 -8.92 -29.15
C GLY J 86 -33.21 -9.34 -27.75
N PRO J 87 -32.22 -9.53 -26.88
CA PRO J 87 -32.52 -9.96 -25.54
C PRO J 87 -33.42 -9.00 -24.74
N GLY J 88 -34.26 -9.57 -23.87
CA GLY J 88 -34.97 -8.78 -22.88
C GLY J 88 -34.08 -8.05 -21.88
N PRO J 89 -34.63 -7.06 -21.17
CA PRO J 89 -33.85 -6.22 -20.25
C PRO J 89 -33.10 -7.00 -19.19
N MET J 90 -33.65 -8.14 -18.75
CA MET J 90 -32.99 -8.98 -17.76
C MET J 90 -32.02 -10.00 -18.37
N GLY J 91 -32.05 -10.14 -19.68
CA GLY J 91 -31.11 -10.97 -20.40
C GLY J 91 -31.79 -12.13 -21.15
N PRO J 92 -32.06 -13.26 -20.45
CA PRO J 92 -32.62 -14.44 -21.15
C PRO J 92 -34.14 -14.54 -21.20
N SER J 93 -34.84 -13.49 -20.75
CA SER J 93 -36.27 -13.56 -20.45
C SER J 93 -37.18 -13.72 -21.67
N ARG J 94 -36.64 -13.48 -22.86
CA ARG J 94 -37.42 -13.71 -24.10
C ARG J 94 -37.09 -15.04 -24.77
N MET J 95 -36.13 -15.78 -24.22
CA MET J 95 -35.59 -16.94 -24.92
C MET J 95 -36.57 -18.11 -24.80
N ASP J 96 -36.72 -18.84 -25.90
CA ASP J 96 -37.43 -20.09 -25.90
C ASP J 96 -36.41 -21.19 -26.06
N LEU J 97 -35.90 -21.71 -24.95
CA LEU J 97 -34.88 -22.71 -25.00
C LEU J 97 -35.45 -24.08 -25.36
N SER J 98 -34.60 -24.92 -25.94
CA SER J 98 -34.99 -26.24 -26.35
C SER J 98 -34.91 -27.25 -25.20
N LYS J 99 -34.39 -26.81 -24.06
CA LYS J 99 -34.13 -27.67 -22.90
C LYS J 99 -34.48 -26.91 -21.63
N PRO J 100 -34.79 -27.63 -20.55
CA PRO J 100 -35.31 -26.99 -19.35
C PRO J 100 -34.28 -26.36 -18.42
N VAL J 101 -34.77 -25.41 -17.61
CA VAL J 101 -33.98 -24.64 -16.63
C VAL J 101 -34.70 -24.65 -15.32
N ILE J 102 -33.98 -24.99 -14.26
CA ILE J 102 -34.54 -24.98 -12.87
C ILE J 102 -33.97 -23.78 -12.07
N ALA J 103 -34.85 -22.94 -11.52
CA ALA J 103 -34.44 -21.86 -10.68
C ALA J 103 -34.17 -22.43 -9.30
N ALA J 104 -33.06 -22.02 -8.71
CA ALA J 104 -32.72 -22.36 -7.32
C ALA J 104 -32.68 -21.05 -6.54
N ILE J 105 -33.71 -20.81 -5.76
CA ILE J 105 -33.92 -19.50 -5.13
C ILE J 105 -33.63 -19.50 -3.63
N SER J 106 -32.64 -18.69 -3.28
CA SER J 106 -32.34 -18.30 -1.90
CA SER J 106 -32.37 -18.28 -1.92
C SER J 106 -32.67 -16.82 -1.76
N GLY J 107 -32.93 -16.37 -0.53
CA GLY J 107 -33.14 -14.95 -0.27
C GLY J 107 -34.26 -14.39 -1.15
N TYR J 108 -33.97 -13.34 -1.94
CA TYR J 108 -34.99 -12.65 -2.69
C TYR J 108 -34.97 -13.01 -4.14
N ALA J 109 -36.14 -13.29 -4.71
CA ALA J 109 -36.36 -13.27 -6.15
C ALA J 109 -37.49 -12.29 -6.42
N VAL J 110 -37.13 -11.04 -6.68
CA VAL J 110 -38.11 -9.94 -6.73
C VAL J 110 -37.99 -9.12 -8.02
N ALA J 111 -39.11 -8.57 -8.44
CA ALA J 111 -39.20 -7.69 -9.61
C ALA J 111 -38.62 -8.46 -10.78
N GLY J 112 -37.65 -7.91 -11.49
CA GLY J 112 -37.07 -8.61 -12.64
C GLY J 112 -36.48 -9.96 -12.27
N GLY J 113 -36.06 -10.10 -11.00
CA GLY J 113 -35.58 -11.35 -10.48
C GLY J 113 -36.65 -12.41 -10.32
N LEU J 114 -37.85 -12.01 -9.90
CA LEU J 114 -38.99 -12.90 -9.99
C LEU J 114 -39.26 -13.31 -11.44
N GLU J 115 -39.21 -12.35 -12.34
CA GLU J 115 -39.46 -12.64 -13.76
C GLU J 115 -38.49 -13.67 -14.32
N LEU J 116 -37.22 -13.61 -13.93
CA LEU J 116 -36.28 -14.67 -14.31
C LEU J 116 -36.73 -16.04 -13.76
N ALA J 117 -37.22 -16.06 -12.52
CA ALA J 117 -37.67 -17.31 -11.91
C ALA J 117 -38.91 -17.88 -12.63
N LEU J 118 -39.79 -16.99 -13.07
CA LEU J 118 -40.97 -17.39 -13.82
C LEU J 118 -40.65 -17.95 -15.22
N TRP J 119 -39.58 -17.43 -15.81
CA TRP J 119 -39.11 -17.88 -17.14
C TRP J 119 -38.53 -19.28 -17.08
N CYS J 120 -38.01 -19.67 -15.93
CA CYS J 120 -37.59 -21.03 -15.73
C CYS J 120 -38.78 -22.01 -15.70
N ASP J 121 -38.47 -23.26 -16.01
CA ASP J 121 -39.48 -24.33 -15.99
C ASP J 121 -39.97 -24.71 -14.60
N LEU J 122 -39.06 -24.77 -13.63
CA LEU J 122 -39.39 -25.14 -12.28
C LEU J 122 -38.64 -24.25 -11.29
N ARG J 123 -39.20 -24.11 -10.11
CA ARG J 123 -38.62 -23.28 -9.05
C ARG J 123 -38.45 -24.08 -7.77
N VAL J 124 -37.20 -24.16 -7.31
CA VAL J 124 -36.83 -24.82 -6.02
C VAL J 124 -36.44 -23.72 -5.09
N VAL J 125 -37.10 -23.64 -3.94
CA VAL J 125 -37.03 -22.45 -3.12
CA VAL J 125 -37.04 -22.46 -3.11
CA VAL J 125 -37.04 -22.46 -3.11
C VAL J 125 -36.65 -22.78 -1.67
N ASP J 126 -35.71 -22.01 -1.11
CA ASP J 126 -35.36 -22.11 0.32
C ASP J 126 -36.57 -21.75 1.18
N GLU J 127 -36.67 -22.39 2.34
CA GLU J 127 -37.79 -22.14 3.26
C GLU J 127 -37.88 -20.65 3.68
N ASP J 128 -36.77 -19.92 3.69
CA ASP J 128 -36.81 -18.50 4.08
C ASP J 128 -36.76 -17.52 2.90
N ALA J 129 -36.90 -18.02 1.69
CA ALA J 129 -36.86 -17.15 0.51
C ALA J 129 -38.12 -16.33 0.38
N THR J 130 -37.99 -15.19 -0.30
CA THR J 130 -39.10 -14.28 -0.54
C THR J 130 -39.20 -13.97 -2.05
N MET J 131 -40.42 -14.03 -2.57
CA MET J 131 -40.69 -13.72 -3.97
C MET J 131 -41.73 -12.64 -4.05
N GLY J 132 -41.70 -11.85 -5.12
CA GLY J 132 -42.71 -10.81 -5.26
C GLY J 132 -42.41 -9.77 -6.31
N VAL J 133 -43.46 -9.06 -6.70
CA VAL J 133 -43.36 -8.00 -7.71
C VAL J 133 -43.02 -6.67 -7.02
N PHE J 134 -41.83 -6.57 -6.48
CA PHE J 134 -41.42 -5.41 -5.68
C PHE J 134 -41.27 -4.13 -6.51
N CYS J 135 -41.20 -4.28 -7.83
CA CYS J 135 -41.15 -3.14 -8.75
C CYS J 135 -42.42 -2.32 -8.75
N ARG J 136 -43.51 -2.92 -8.27
CA ARG J 136 -44.75 -2.19 -8.00
C ARG J 136 -44.46 -0.94 -7.17
N ARG J 137 -43.69 -1.12 -6.08
CA ARG J 137 -43.41 -0.04 -5.13
C ARG J 137 -42.59 1.07 -5.81
N TRP J 138 -41.65 0.67 -6.67
CA TRP J 138 -40.73 1.61 -7.30
C TRP J 138 -41.33 2.25 -8.56
N GLY J 139 -42.42 1.71 -9.07
CA GLY J 139 -43.01 2.20 -10.31
C GLY J 139 -42.25 1.82 -11.57
N VAL J 140 -41.61 0.65 -11.57
CA VAL J 140 -40.92 0.13 -12.75
C VAL J 140 -41.77 -1.03 -13.32
N PRO J 141 -42.12 -0.99 -14.61
CA PRO J 141 -43.03 -1.99 -15.15
C PRO J 141 -42.41 -3.36 -15.36
N LEU J 142 -43.28 -4.37 -15.40
CA LEU J 142 -42.88 -5.72 -15.72
C LEU J 142 -42.74 -5.85 -17.21
N ILE J 143 -41.51 -5.90 -17.70
CA ILE J 143 -41.27 -6.02 -19.15
C ILE J 143 -40.32 -7.19 -19.48
N ASP J 144 -40.32 -8.19 -18.61
CA ASP J 144 -39.54 -9.41 -18.85
C ASP J 144 -40.41 -10.65 -18.68
N GLY J 145 -41.71 -10.46 -18.97
CA GLY J 145 -42.63 -11.55 -19.09
C GLY J 145 -43.54 -11.84 -17.89
N GLY J 146 -43.38 -11.10 -16.81
CA GLY J 146 -44.12 -11.39 -15.59
C GLY J 146 -45.63 -11.36 -15.75
N THR J 147 -46.12 -10.40 -16.54
CA THR J 147 -47.55 -10.26 -16.73
C THR J 147 -48.07 -11.36 -17.62
N VAL J 148 -47.18 -11.90 -18.46
CA VAL J 148 -47.58 -12.96 -19.39
C VAL J 148 -47.54 -14.30 -18.67
N ARG J 149 -46.46 -14.54 -17.92
CA ARG J 149 -46.21 -15.87 -17.37
C ARG J 149 -46.92 -16.15 -16.05
N LEU J 150 -47.03 -15.15 -15.17
CA LEU J 150 -47.65 -15.40 -13.86
C LEU J 150 -49.11 -15.93 -13.92
N PRO J 151 -49.97 -15.34 -14.78
CA PRO J 151 -51.34 -15.87 -14.83
C PRO J 151 -51.39 -17.30 -15.40
N ARG J 152 -50.48 -17.60 -16.32
CA ARG J 152 -50.38 -18.93 -16.91
C ARG J 152 -49.86 -19.97 -15.91
N LEU J 153 -48.94 -19.53 -15.08
CA LEU J 153 -48.30 -20.40 -14.06
C LEU J 153 -49.20 -20.76 -12.91
N ILE J 154 -49.92 -19.76 -12.34
CA ILE J 154 -50.69 -19.96 -11.11
C ILE J 154 -52.18 -19.51 -11.17
N GLY J 155 -52.64 -19.12 -12.34
CA GLY J 155 -54.00 -18.69 -12.51
C GLY J 155 -54.14 -17.19 -12.40
N HIS J 156 -55.17 -16.64 -13.02
CA HIS J 156 -55.33 -15.21 -13.06
C HIS J 156 -55.54 -14.59 -11.70
N SER J 157 -56.29 -15.26 -10.85
CA SER J 157 -56.73 -14.65 -9.58
C SER J 157 -55.53 -14.34 -8.72
N ARG J 158 -54.71 -15.37 -8.45
CA ARG J 158 -53.55 -15.16 -7.62
C ARG J 158 -52.52 -14.29 -8.31
N ALA J 159 -52.42 -14.41 -9.65
CA ALA J 159 -51.47 -13.57 -10.39
C ALA J 159 -51.79 -12.10 -10.20
N MET J 160 -53.07 -11.76 -10.31
CA MET J 160 -53.50 -10.35 -10.16
C MET J 160 -53.26 -9.80 -8.75
N ASP J 161 -53.47 -10.62 -7.74
CA ASP J 161 -53.10 -10.29 -6.35
C ASP J 161 -51.61 -9.87 -6.25
N LEU J 162 -50.72 -10.75 -6.67
CA LEU J 162 -49.31 -10.47 -6.64
C LEU J 162 -48.92 -9.25 -7.49
N ILE J 163 -49.46 -9.15 -8.70
CA ILE J 163 -49.14 -8.07 -9.60
C ILE J 163 -49.63 -6.72 -9.09
N LEU J 164 -50.90 -6.64 -8.66
CA LEU J 164 -51.44 -5.35 -8.19
C LEU J 164 -50.77 -4.88 -6.87
N THR J 165 -50.70 -5.77 -5.90
CA THR J 165 -50.19 -5.41 -4.58
C THR J 165 -48.66 -5.29 -4.51
N GLY J 166 -47.94 -6.05 -5.32
CA GLY J 166 -46.50 -6.12 -5.17
C GLY J 166 -46.05 -6.80 -3.88
N ARG J 167 -46.92 -7.55 -3.21
CA ARG J 167 -46.60 -8.06 -1.90
C ARG J 167 -45.57 -9.18 -1.96
N ALA J 168 -44.94 -9.39 -0.82
CA ALA J 168 -44.05 -10.49 -0.61
C ALA J 168 -44.82 -11.81 -0.49
N VAL J 169 -44.29 -12.86 -1.09
CA VAL J 169 -44.81 -14.24 -0.93
C VAL J 169 -43.73 -15.11 -0.31
N ASP J 170 -43.99 -15.68 0.85
CA ASP J 170 -42.97 -16.55 1.46
C ASP J 170 -42.99 -17.94 0.80
N ALA J 171 -42.09 -18.82 1.22
CA ALA J 171 -41.94 -20.11 0.58
C ALA J 171 -43.13 -21.04 0.77
N ALA J 172 -43.68 -21.08 1.98
CA ALA J 172 -44.87 -21.87 2.23
C ALA J 172 -46.01 -21.45 1.28
N GLU J 173 -46.24 -20.17 1.15
CA GLU J 173 -47.36 -19.72 0.33
C GLU J 173 -47.04 -20.00 -1.15
N ALA J 174 -45.80 -19.72 -1.56
CA ALA J 174 -45.39 -20.00 -2.90
C ALA J 174 -45.63 -21.46 -3.26
N TYR J 175 -45.35 -22.35 -2.32
CA TYR J 175 -45.60 -23.76 -2.51
C TYR J 175 -47.12 -24.08 -2.59
N ALA J 176 -47.90 -23.53 -1.67
CA ALA J 176 -49.34 -23.75 -1.64
C ALA J 176 -50.01 -23.30 -2.94
N ILE J 177 -49.51 -22.24 -3.57
CA ILE J 177 -50.17 -21.68 -4.77
C ILE J 177 -49.57 -22.15 -6.10
N GLY J 178 -48.54 -22.99 -6.01
CA GLY J 178 -47.92 -23.59 -7.19
C GLY J 178 -46.82 -22.75 -7.83
N LEU J 179 -46.42 -21.67 -7.19
CA LEU J 179 -45.31 -20.86 -7.66
C LEU J 179 -43.95 -21.57 -7.39
N ALA J 180 -43.76 -22.07 -6.18
CA ALA J 180 -42.58 -22.85 -5.83
C ALA J 180 -42.94 -24.31 -6.08
N ASN J 181 -42.16 -25.00 -6.88
CA ASN J 181 -42.42 -26.44 -7.08
C ASN J 181 -41.84 -27.31 -5.94
N ARG J 182 -40.76 -26.86 -5.34
CA ARG J 182 -40.16 -27.53 -4.19
C ARG J 182 -39.75 -26.48 -3.17
N VAL J 183 -39.79 -26.87 -1.90
CA VAL J 183 -39.32 -26.05 -0.81
C VAL J 183 -38.38 -26.88 0.06
N VAL J 184 -37.19 -26.33 0.27
CA VAL J 184 -36.11 -27.03 0.92
C VAL J 184 -35.54 -26.17 2.06
N PRO J 185 -34.76 -26.79 2.97
CA PRO J 185 -34.18 -26.00 4.02
C PRO J 185 -33.24 -24.89 3.54
N THR J 186 -33.15 -23.84 4.35
CA THR J 186 -32.31 -22.69 4.01
C THR J 186 -30.90 -23.10 3.66
N GLY J 187 -30.38 -22.52 2.60
CA GLY J 187 -29.06 -22.89 2.09
C GLY J 187 -29.00 -24.07 1.13
N GLN J 188 -30.09 -24.80 0.97
CA GLN J 188 -30.10 -26.02 0.12
C GLN J 188 -30.75 -25.91 -1.29
N ALA J 189 -31.23 -24.74 -1.68
CA ALA J 189 -31.89 -24.61 -2.98
C ALA J 189 -31.02 -25.07 -4.13
N ARG J 190 -29.81 -24.56 -4.19
CA ARG J 190 -28.93 -24.93 -5.29
C ARG J 190 -28.70 -26.46 -5.38
N GLN J 191 -28.34 -27.07 -4.25
CA GLN J 191 -28.06 -28.50 -4.22
C GLN J 191 -29.28 -29.34 -4.61
N ALA J 192 -30.45 -28.96 -4.09
CA ALA J 192 -31.66 -29.64 -4.41
C ALA J 192 -32.07 -29.45 -5.90
N ALA J 193 -31.86 -28.25 -6.43
CA ALA J 193 -32.09 -28.03 -7.87
C ALA J 193 -31.13 -28.82 -8.74
N GLU J 194 -29.87 -28.91 -8.30
CA GLU J 194 -28.89 -29.67 -9.08
C GLU J 194 -29.21 -31.19 -9.08
N GLU J 195 -29.69 -31.69 -7.94
CA GLU J 195 -30.17 -33.08 -7.84
C GLU J 195 -31.36 -33.34 -8.76
N LEU J 196 -32.32 -32.41 -8.73
CA LEU J 196 -33.48 -32.52 -9.60
C LEU J 196 -33.07 -32.43 -11.08
N ALA J 197 -32.14 -31.54 -11.40
CA ALA J 197 -31.62 -31.43 -12.76
C ALA J 197 -30.95 -32.71 -13.23
N ALA J 198 -30.19 -33.35 -12.34
CA ALA J 198 -29.52 -34.59 -12.68
C ALA J 198 -30.53 -35.73 -12.89
N ASP J 199 -31.58 -35.75 -12.08
CA ASP J 199 -32.68 -36.70 -12.24
C ASP J 199 -33.29 -36.55 -13.61
N LEU J 200 -33.59 -35.30 -13.98
CA LEU J 200 -34.14 -35.06 -15.29
C LEU J 200 -33.19 -35.46 -16.41
N ALA J 201 -31.89 -35.22 -16.23
CA ALA J 201 -30.89 -35.54 -17.24
C ALA J 201 -30.75 -37.06 -17.47
N ARG J 202 -31.12 -37.86 -16.47
CA ARG J 202 -31.11 -39.31 -16.59
C ARG J 202 -32.30 -39.91 -17.33
N LEU J 203 -33.37 -39.13 -17.53
CA LEU J 203 -34.54 -39.62 -18.26
C LEU J 203 -34.32 -39.63 -19.76
N PRO J 204 -35.15 -40.39 -20.49
CA PRO J 204 -35.09 -40.31 -21.95
C PRO J 204 -35.35 -38.91 -22.46
N GLN J 205 -34.35 -38.34 -23.10
CA GLN J 205 -34.30 -36.89 -23.36
C GLN J 205 -35.23 -36.39 -24.43
N GLN J 206 -35.25 -37.06 -25.57
CA GLN J 206 -36.01 -36.51 -26.71
C GLN J 206 -37.48 -36.41 -26.37
N CYS J 207 -37.97 -37.43 -25.70
CA CYS J 207 -39.35 -37.50 -25.33
C CYS J 207 -39.72 -36.41 -24.32
N MET J 208 -38.93 -36.27 -23.27
CA MET J 208 -39.14 -35.23 -22.27
C MET J 208 -39.11 -33.84 -22.87
N ARG J 209 -38.14 -33.61 -23.74
CA ARG J 209 -38.02 -32.31 -24.41
C ARG J 209 -39.20 -32.00 -25.33
N ALA J 210 -39.70 -33.00 -26.05
CA ALA J 210 -40.83 -32.79 -26.95
C ALA J 210 -42.12 -32.49 -26.16
N ASP J 211 -42.34 -33.26 -25.09
CA ASP J 211 -43.49 -33.01 -24.19
C ASP J 211 -43.44 -31.60 -23.59
N ARG J 212 -42.28 -31.20 -23.09
CA ARG J 212 -42.08 -29.83 -22.61
C ARG J 212 -42.44 -28.77 -23.67
N LEU J 213 -41.94 -28.94 -24.88
CA LEU J 213 -42.19 -27.91 -25.92
C LEU J 213 -43.64 -27.81 -26.29
N SER J 214 -44.36 -28.95 -26.31
CA SER J 214 -45.80 -28.93 -26.58
C SER J 214 -46.59 -28.25 -25.45
N ALA J 215 -46.22 -28.52 -24.21
CA ALA J 215 -46.88 -27.89 -23.06
C ALA J 215 -46.66 -26.39 -23.05
N LEU J 216 -45.51 -25.93 -23.57
CA LEU J 216 -45.28 -24.49 -23.74
C LEU J 216 -46.06 -23.93 -24.94
N HIS J 217 -45.99 -24.63 -26.05
CA HIS J 217 -46.57 -24.12 -27.32
C HIS J 217 -48.08 -24.01 -27.29
N GLN J 218 -48.75 -24.87 -26.54
CA GLN J 218 -50.23 -24.85 -26.47
C GLN J 218 -50.86 -23.57 -25.93
N TRP J 219 -50.11 -22.78 -25.15
CA TRP J 219 -50.65 -21.55 -24.56
C TRP J 219 -51.10 -20.60 -25.65
N GLY J 220 -52.38 -20.21 -25.59
CA GLY J 220 -52.97 -19.31 -26.57
C GLY J 220 -53.65 -20.02 -27.73
N GLU J 221 -53.53 -21.33 -27.81
CA GLU J 221 -54.09 -22.09 -28.91
C GLU J 221 -55.39 -22.75 -28.51
N SER J 222 -56.24 -22.95 -29.49
CA SER J 222 -57.42 -23.78 -29.29
C SER J 222 -57.00 -25.21 -28.95
N GLU J 223 -57.92 -25.97 -28.38
CA GLU J 223 -57.67 -27.40 -28.15
C GLU J 223 -57.25 -28.10 -29.44
N ASN J 224 -58.00 -27.91 -30.51
CA ASN J 224 -57.68 -28.58 -31.76
C ASN J 224 -56.27 -28.30 -32.26
N ALA J 225 -55.90 -27.03 -32.34
CA ALA J 225 -54.57 -26.66 -32.84
C ALA J 225 -53.45 -27.20 -31.91
N ALA J 226 -53.68 -27.12 -30.60
CA ALA J 226 -52.71 -27.62 -29.62
C ALA J 226 -52.53 -29.13 -29.71
N MET J 227 -53.63 -29.86 -29.90
CA MET J 227 -53.57 -31.31 -30.08
C MET J 227 -52.81 -31.71 -31.35
N ASP J 228 -53.07 -30.97 -32.43
CA ASP J 228 -52.29 -31.10 -33.68
C ASP J 228 -50.79 -30.96 -33.48
N PHE J 229 -50.38 -29.90 -32.82
CA PHE J 229 -48.96 -29.67 -32.54
C PHE J 229 -48.37 -30.78 -31.65
N GLU J 230 -49.11 -31.17 -30.63
CA GLU J 230 -48.65 -32.24 -29.74
C GLU J 230 -48.37 -33.54 -30.51
N PHE J 231 -49.29 -33.90 -31.39
CA PHE J 231 -49.16 -35.13 -32.14
C PHE J 231 -47.86 -35.18 -32.98
N ALA J 232 -47.37 -34.02 -33.43
CA ALA J 232 -46.03 -33.95 -34.09
C ALA J 232 -44.83 -34.42 -33.23
N SER J 233 -45.00 -34.57 -31.90
CA SER J 233 -44.01 -35.26 -31.03
C SER J 233 -43.68 -36.70 -31.49
N ILE J 234 -44.65 -37.42 -32.07
CA ILE J 234 -44.35 -38.77 -32.60
C ILE J 234 -43.26 -38.75 -33.70
N SER J 235 -43.20 -37.65 -34.47
CA SER J 235 -42.16 -37.43 -35.47
C SER J 235 -40.80 -37.23 -34.82
N PRO K 9 -81.20 1.77 -5.57
CA PRO K 9 -80.66 0.39 -5.49
C PRO K 9 -79.12 0.27 -5.56
N VAL K 10 -78.46 1.31 -6.05
CA VAL K 10 -77.00 1.39 -6.09
C VAL K 10 -76.58 2.74 -5.48
N ARG K 11 -75.72 2.68 -4.47
CA ARG K 11 -75.19 3.88 -3.84
C ARG K 11 -73.71 3.93 -4.12
N ILE K 12 -73.19 5.14 -4.30
CA ILE K 12 -71.77 5.37 -4.55
C ILE K 12 -71.23 6.24 -3.40
N GLU K 13 -70.15 5.79 -2.76
CA GLU K 13 -69.51 6.58 -1.73
C GLU K 13 -68.05 6.70 -2.14
N ARG K 14 -67.49 7.90 -1.98
CA ARG K 14 -66.08 8.09 -2.29
C ARG K 14 -65.30 8.54 -1.07
N ASN K 15 -64.06 8.06 -1.00
CA ASN K 15 -63.14 8.49 0.02
C ASN K 15 -61.80 8.66 -0.69
N GLY K 16 -61.49 9.91 -1.03
CA GLY K 16 -60.36 10.25 -1.87
C GLY K 16 -60.42 9.45 -3.16
N PRO K 17 -59.33 8.77 -3.51
CA PRO K 17 -59.26 8.05 -4.78
C PRO K 17 -59.92 6.67 -4.81
N VAL K 18 -60.62 6.29 -3.74
CA VAL K 18 -61.33 5.01 -3.68
C VAL K 18 -62.83 5.24 -3.76
N THR K 19 -63.46 4.66 -4.77
CA THR K 19 -64.89 4.72 -4.96
C THR K 19 -65.52 3.40 -4.53
N THR K 20 -66.52 3.45 -3.64
CA THR K 20 -67.23 2.24 -3.24
C THR K 20 -68.60 2.24 -3.91
N VAL K 21 -68.88 1.19 -4.68
CA VAL K 21 -70.17 1.00 -5.34
C VAL K 21 -70.95 -0.06 -4.58
N ILE K 22 -72.13 0.33 -4.08
CA ILE K 22 -72.87 -0.50 -3.13
C ILE K 22 -74.20 -0.93 -3.72
N ILE K 23 -74.43 -2.23 -3.84
CA ILE K 23 -75.76 -2.77 -4.17
C ILE K 23 -76.58 -2.79 -2.89
N ASP K 24 -77.78 -2.21 -2.93
CA ASP K 24 -78.56 -2.01 -1.71
C ASP K 24 -80.06 -2.23 -1.95
N ARG K 25 -80.45 -3.50 -1.94
CA ARG K 25 -81.86 -3.89 -2.09
C ARG K 25 -82.20 -4.93 -1.02
N PRO K 26 -82.49 -4.45 0.19
CA PRO K 26 -82.75 -5.30 1.38
C PRO K 26 -83.77 -6.41 1.15
N GLU K 27 -84.96 -6.05 0.68
CA GLU K 27 -86.07 -6.98 0.48
C GLU K 27 -85.68 -8.08 -0.60
N ALA K 28 -84.95 -7.68 -1.64
CA ALA K 28 -84.49 -8.60 -2.71
C ALA K 28 -83.12 -9.26 -2.46
N ARG K 29 -82.57 -9.08 -1.27
CA ARG K 29 -81.26 -9.63 -0.93
C ARG K 29 -80.18 -9.25 -1.96
N ASN K 30 -80.23 -8.00 -2.38
CA ASN K 30 -79.31 -7.42 -3.35
C ASN K 30 -79.31 -8.08 -4.73
N ALA K 31 -80.41 -8.75 -5.07
CA ALA K 31 -80.57 -9.26 -6.42
C ALA K 31 -80.59 -8.08 -7.40
N VAL K 32 -80.06 -8.32 -8.59
CA VAL K 32 -79.90 -7.26 -9.57
C VAL K 32 -80.96 -7.38 -10.63
N ASN K 33 -81.85 -6.40 -10.67
CA ASN K 33 -82.85 -6.30 -11.74
C ASN K 33 -82.37 -5.34 -12.79
N GLY K 34 -83.23 -5.00 -13.75
CA GLY K 34 -82.86 -4.10 -14.84
C GLY K 34 -82.34 -2.73 -14.42
N PRO K 35 -83.14 -1.97 -13.64
CA PRO K 35 -82.67 -0.67 -13.13
C PRO K 35 -81.36 -0.77 -12.32
N THR K 36 -81.23 -1.80 -11.50
CA THR K 36 -80.02 -2.00 -10.70
C THR K 36 -78.80 -2.24 -11.59
N ALA K 37 -78.96 -3.07 -12.61
CA ALA K 37 -77.89 -3.33 -13.56
C ALA K 37 -77.50 -2.05 -14.29
N ALA K 38 -78.48 -1.25 -14.69
CA ALA K 38 -78.20 0.01 -15.37
C ALA K 38 -77.43 0.97 -14.46
N ALA K 39 -77.82 1.02 -13.19
CA ALA K 39 -77.15 1.87 -12.21
C ALA K 39 -75.70 1.40 -11.93
N LEU K 40 -75.47 0.09 -11.91
CA LEU K 40 -74.09 -0.44 -11.75
C LEU K 40 -73.21 -0.12 -12.95
N PHE K 41 -73.76 -0.31 -14.14
CA PHE K 41 -73.05 0.08 -15.34
C PHE K 41 -72.67 1.55 -15.34
N ALA K 42 -73.62 2.42 -15.01
CA ALA K 42 -73.36 3.87 -14.97
C ALA K 42 -72.30 4.23 -13.90
N ALA K 43 -72.40 3.62 -12.72
CA ALA K 43 -71.44 3.85 -11.64
C ALA K 43 -70.02 3.54 -12.12
N PHE K 44 -69.87 2.41 -12.81
CA PHE K 44 -68.53 2.01 -13.29
C PHE K 44 -68.06 2.77 -14.50
N GLU K 45 -68.98 3.19 -15.35
CA GLU K 45 -68.64 4.14 -16.42
C GLU K 45 -68.07 5.45 -15.86
N GLU K 46 -68.73 5.96 -14.82
CA GLU K 46 -68.32 7.22 -14.17
C GLU K 46 -66.96 7.05 -13.48
N PHE K 47 -66.79 5.92 -12.79
CA PHE K 47 -65.49 5.55 -12.19
C PHE K 47 -64.35 5.51 -13.20
N ASP K 48 -64.58 4.81 -14.31
CA ASP K 48 -63.54 4.65 -15.33
C ASP K 48 -63.09 5.97 -15.89
N ALA K 49 -64.05 6.89 -16.10
CA ALA K 49 -63.77 8.19 -16.69
C ALA K 49 -63.23 9.24 -15.71
N ASP K 50 -63.39 9.01 -14.42
CA ASP K 50 -62.98 9.99 -13.41
C ASP K 50 -61.52 9.82 -13.05
N ASP K 51 -60.69 10.77 -13.47
CA ASP K 51 -59.25 10.70 -13.21
C ASP K 51 -58.87 10.87 -11.74
N THR K 52 -59.78 11.33 -10.90
CA THR K 52 -59.52 11.45 -9.47
C THR K 52 -59.90 10.18 -8.73
N ALA K 53 -60.44 9.19 -9.42
CA ALA K 53 -60.71 7.88 -8.80
C ALA K 53 -59.69 6.85 -9.31
N SER K 54 -59.05 6.15 -8.38
CA SER K 54 -57.99 5.19 -8.73
C SER K 54 -58.43 3.72 -8.66
N VAL K 55 -59.23 3.37 -7.64
CA VAL K 55 -59.60 2.00 -7.35
C VAL K 55 -61.03 2.00 -6.86
N ALA K 56 -61.79 1.01 -7.29
CA ALA K 56 -63.19 0.85 -6.87
C ALA K 56 -63.34 -0.39 -6.01
N VAL K 57 -64.33 -0.35 -5.14
CA VAL K 57 -64.75 -1.48 -4.36
C VAL K 57 -66.20 -1.72 -4.72
N LEU K 58 -66.52 -2.97 -5.08
CA LEU K 58 -67.90 -3.38 -5.28
C LEU K 58 -68.36 -4.21 -4.08
N THR K 59 -69.52 -3.85 -3.50
CA THR K 59 -69.99 -4.54 -2.32
C THR K 59 -71.51 -4.48 -2.23
N GLY K 60 -72.07 -5.28 -1.33
CA GLY K 60 -73.50 -5.27 -1.09
C GLY K 60 -73.80 -4.84 0.34
N ALA K 61 -74.91 -4.14 0.53
CA ALA K 61 -75.38 -3.79 1.87
C ALA K 61 -76.23 -4.92 2.47
N ASN K 62 -76.67 -4.72 3.71
CA ASN K 62 -77.60 -5.62 4.40
C ASN K 62 -77.01 -7.02 4.69
N GLY K 63 -75.69 -7.11 4.79
CA GLY K 63 -75.01 -8.37 5.15
C GLY K 63 -74.92 -9.43 4.06
N THR K 64 -75.15 -9.05 2.81
CA THR K 64 -74.97 -9.97 1.72
C THR K 64 -74.40 -9.24 0.51
N PHE K 65 -73.90 -9.99 -0.46
CA PHE K 65 -73.27 -9.38 -1.63
C PHE K 65 -74.31 -9.26 -2.75
N CYS K 66 -74.67 -10.40 -3.35
CA CYS K 66 -75.58 -10.40 -4.46
C CYS K 66 -76.06 -11.81 -4.75
N ALA K 67 -77.38 -11.98 -4.72
CA ALA K 67 -78.03 -13.25 -4.94
C ALA K 67 -78.15 -13.64 -6.42
N GLY K 68 -77.77 -12.74 -7.32
CA GLY K 68 -77.90 -13.00 -8.75
C GLY K 68 -78.93 -12.10 -9.39
N ALA K 69 -79.35 -12.48 -10.58
CA ALA K 69 -80.35 -11.73 -11.32
C ALA K 69 -81.69 -11.85 -10.59
N ASP K 70 -82.51 -10.81 -10.69
CA ASP K 70 -83.78 -10.75 -9.96
C ASP K 70 -84.85 -11.53 -10.71
N LEU K 71 -84.98 -12.81 -10.36
CA LEU K 71 -85.95 -13.70 -10.99
C LEU K 71 -87.39 -13.22 -10.92
N LYS K 72 -87.78 -12.74 -9.74
CA LYS K 72 -89.11 -12.19 -9.52
C LYS K 72 -89.48 -11.06 -10.48
N ALA K 73 -88.48 -10.39 -11.06
CA ALA K 73 -88.72 -9.30 -12.00
C ALA K 73 -88.92 -9.76 -13.45
N PHE K 74 -88.70 -11.04 -13.73
CA PHE K 74 -88.90 -11.56 -15.08
C PHE K 74 -90.31 -11.28 -15.54
N GLY K 75 -90.45 -10.79 -16.77
CA GLY K 75 -91.76 -10.45 -17.32
C GLY K 75 -92.35 -9.12 -16.87
N THR K 76 -91.60 -8.33 -16.11
CA THR K 76 -92.05 -7.00 -15.65
C THR K 76 -91.21 -5.94 -16.35
N PRO K 77 -91.59 -4.66 -16.21
CA PRO K 77 -90.74 -3.59 -16.75
C PRO K 77 -89.34 -3.50 -16.12
N GLU K 78 -89.19 -4.07 -14.92
CA GLU K 78 -87.94 -4.05 -14.17
C GLU K 78 -87.04 -5.23 -14.48
N ALA K 79 -87.43 -6.08 -15.43
CA ALA K 79 -86.67 -7.30 -15.74
C ALA K 79 -85.26 -6.98 -16.19
N ASN K 80 -84.34 -7.91 -15.96
CA ASN K 80 -82.98 -7.78 -16.51
C ASN K 80 -83.06 -7.67 -18.01
N GLN K 81 -82.23 -6.81 -18.57
CA GLN K 81 -82.14 -6.62 -20.00
C GLN K 81 -81.08 -7.58 -20.55
N VAL K 82 -81.51 -8.45 -21.46
CA VAL K 82 -80.67 -9.49 -22.03
C VAL K 82 -80.52 -9.24 -23.53
N HIS K 83 -79.40 -8.66 -23.92
CA HIS K 83 -79.13 -8.32 -25.30
C HIS K 83 -77.69 -8.64 -25.67
N ARG K 84 -77.45 -8.93 -26.94
CA ARG K 84 -76.10 -9.20 -27.41
C ARG K 84 -75.23 -7.94 -27.33
N GLU K 85 -75.83 -6.78 -27.56
CA GLU K 85 -75.16 -5.49 -27.52
C GLU K 85 -75.36 -4.78 -26.17
N GLY K 86 -74.45 -3.86 -25.85
CA GLY K 86 -74.57 -3.02 -24.67
C GLY K 86 -74.20 -3.76 -23.39
N PRO K 87 -74.68 -3.27 -22.23
CA PRO K 87 -74.31 -3.86 -20.95
C PRO K 87 -74.83 -5.29 -20.76
N GLY K 88 -74.08 -6.10 -20.03
CA GLY K 88 -74.50 -7.45 -19.71
C GLY K 88 -75.70 -7.44 -18.79
N PRO K 89 -76.40 -8.58 -18.67
CA PRO K 89 -77.59 -8.68 -17.85
C PRO K 89 -77.41 -8.19 -16.41
N MET K 90 -76.21 -8.42 -15.82
CA MET K 90 -75.92 -7.98 -14.45
C MET K 90 -75.42 -6.55 -14.36
N GLY K 91 -75.11 -5.95 -15.51
CA GLY K 91 -74.75 -4.53 -15.57
C GLY K 91 -73.32 -4.33 -16.11
N PRO K 92 -72.31 -4.41 -15.23
CA PRO K 92 -70.93 -4.07 -15.64
C PRO K 92 -70.10 -5.26 -16.12
N SER K 93 -70.71 -6.43 -16.25
CA SER K 93 -70.01 -7.70 -16.46
C SER K 93 -69.27 -7.84 -17.79
N ARG K 94 -69.57 -6.99 -18.77
CA ARG K 94 -68.84 -6.98 -20.04
C ARG K 94 -67.82 -5.87 -20.13
N MET K 95 -67.74 -5.01 -19.12
CA MET K 95 -66.83 -3.86 -19.17
C MET K 95 -65.36 -4.28 -19.00
N ASP K 96 -64.49 -3.63 -19.75
CA ASP K 96 -63.05 -3.73 -19.56
C ASP K 96 -62.59 -2.41 -19.02
N LEU K 97 -62.48 -2.30 -17.70
CA LEU K 97 -62.11 -1.03 -17.10
C LEU K 97 -60.61 -0.80 -17.14
N SER K 98 -60.22 0.48 -17.13
CA SER K 98 -58.82 0.87 -17.18
C SER K 98 -58.15 0.83 -15.79
N LYS K 99 -58.96 0.62 -14.76
CA LYS K 99 -58.52 0.65 -13.37
C LYS K 99 -59.16 -0.50 -12.61
N PRO K 100 -58.52 -0.95 -11.52
CA PRO K 100 -59.01 -2.12 -10.80
C PRO K 100 -60.24 -1.93 -9.89
N VAL K 101 -60.95 -3.02 -9.70
CA VAL K 101 -62.09 -3.12 -8.78
C VAL K 101 -61.86 -4.30 -7.80
N ILE K 102 -62.09 -4.06 -6.51
CA ILE K 102 -62.04 -5.11 -5.48
C ILE K 102 -63.46 -5.48 -5.01
N ALA K 103 -63.82 -6.76 -5.04
CA ALA K 103 -65.08 -7.22 -4.52
C ALA K 103 -64.98 -7.42 -3.04
N ALA K 104 -65.96 -6.93 -2.30
CA ALA K 104 -66.01 -7.12 -0.84
C ALA K 104 -67.28 -7.93 -0.51
N ILE K 105 -67.08 -9.20 -0.23
CA ILE K 105 -68.17 -10.16 -0.17
C ILE K 105 -68.54 -10.55 1.26
N SER K 106 -69.76 -10.19 1.65
CA SER K 106 -70.44 -10.74 2.83
C SER K 106 -71.58 -11.63 2.37
N GLY K 107 -72.01 -12.54 3.23
CA GLY K 107 -73.15 -13.41 2.94
C GLY K 107 -72.97 -14.18 1.63
N TYR K 108 -73.91 -14.03 0.71
CA TYR K 108 -73.88 -14.80 -0.53
C TYR K 108 -73.39 -13.98 -1.70
N ALA K 109 -72.51 -14.59 -2.49
CA ALA K 109 -72.22 -14.15 -3.86
C ALA K 109 -72.48 -15.37 -4.73
N VAL K 110 -73.68 -15.44 -5.28
CA VAL K 110 -74.13 -16.62 -6.01
C VAL K 110 -74.73 -16.27 -7.37
N ALA K 111 -74.56 -17.22 -8.30
CA ALA K 111 -75.08 -17.11 -9.66
C ALA K 111 -74.56 -15.82 -10.29
N GLY K 112 -75.42 -14.94 -10.80
CA GLY K 112 -74.95 -13.67 -11.38
C GLY K 112 -74.14 -12.83 -10.41
N GLY K 113 -74.41 -12.98 -9.12
CA GLY K 113 -73.63 -12.33 -8.08
C GLY K 113 -72.21 -12.85 -7.98
N LEU K 114 -72.01 -14.16 -8.13
CA LEU K 114 -70.65 -14.73 -8.25
C LEU K 114 -69.97 -14.17 -9.50
N GLU K 115 -70.71 -14.09 -10.60
CA GLU K 115 -70.14 -13.54 -11.82
C GLU K 115 -69.63 -12.11 -11.66
N LEU K 116 -70.35 -11.28 -10.92
CA LEU K 116 -69.88 -9.94 -10.65
C LEU K 116 -68.58 -9.97 -9.85
N ALA K 117 -68.51 -10.88 -8.89
CA ALA K 117 -67.28 -11.08 -8.09
C ALA K 117 -66.08 -11.56 -8.94
N LEU K 118 -66.36 -12.44 -9.92
CA LEU K 118 -65.31 -12.92 -10.84
C LEU K 118 -64.80 -11.85 -11.79
N TRP K 119 -65.69 -10.91 -12.14
CA TRP K 119 -65.36 -9.77 -13.01
C TRP K 119 -64.41 -8.79 -12.31
N CYS K 120 -64.48 -8.72 -10.98
CA CYS K 120 -63.55 -7.90 -10.21
C CYS K 120 -62.12 -8.49 -10.25
N ASP K 121 -61.15 -7.61 -10.03
CA ASP K 121 -59.76 -8.02 -10.01
C ASP K 121 -59.38 -8.88 -8.79
N LEU K 122 -59.94 -8.57 -7.64
CA LEU K 122 -59.62 -9.27 -6.39
C LEU K 122 -60.89 -9.45 -5.61
N ARG K 123 -60.94 -10.48 -4.79
CA ARG K 123 -62.07 -10.75 -3.96
C ARG K 123 -61.64 -10.85 -2.48
N VAL K 124 -62.26 -10.01 -1.65
CA VAL K 124 -62.06 -10.02 -0.21
C VAL K 124 -63.35 -10.55 0.39
N VAL K 125 -63.26 -11.62 1.20
CA VAL K 125 -64.42 -12.39 1.56
C VAL K 125 -64.53 -12.61 3.08
N ASP K 126 -65.74 -12.39 3.61
CA ASP K 126 -66.01 -12.67 5.02
C ASP K 126 -65.85 -14.16 5.31
N GLU K 127 -65.41 -14.49 6.51
CA GLU K 127 -65.20 -15.89 6.89
C GLU K 127 -66.48 -16.74 6.76
N ASP K 128 -67.65 -16.14 6.90
CA ASP K 128 -68.91 -16.88 6.79
C ASP K 128 -69.62 -16.73 5.43
N ALA K 129 -68.95 -16.13 4.44
CA ALA K 129 -69.54 -15.95 3.13
C ALA K 129 -69.61 -17.24 2.33
N THR K 130 -70.55 -17.29 1.41
CA THR K 130 -70.75 -18.45 0.54
C THR K 130 -70.75 -17.99 -0.93
N MET K 131 -70.02 -18.73 -1.76
CA MET K 131 -69.96 -18.44 -3.18
C MET K 131 -70.39 -19.69 -3.95
N GLY K 132 -70.95 -19.50 -5.15
CA GLY K 132 -71.31 -20.65 -5.95
C GLY K 132 -72.19 -20.34 -7.13
N VAL K 133 -72.24 -21.29 -8.04
CA VAL K 133 -73.04 -21.17 -9.27
C VAL K 133 -74.44 -21.73 -9.00
N PHE K 134 -75.19 -21.04 -8.15
CA PHE K 134 -76.50 -21.54 -7.70
C PHE K 134 -77.54 -21.55 -8.82
N CYS K 135 -77.28 -20.83 -9.90
CA CYS K 135 -78.17 -20.82 -11.07
C CYS K 135 -78.22 -22.18 -11.76
N ARG K 136 -77.23 -23.03 -11.50
CA ARG K 136 -77.27 -24.43 -11.93
C ARG K 136 -78.58 -25.09 -11.49
N ARG K 137 -78.95 -24.90 -10.22
CA ARG K 137 -80.15 -25.51 -9.64
C ARG K 137 -81.42 -24.97 -10.33
N TRP K 138 -81.42 -23.68 -10.65
CA TRP K 138 -82.62 -22.99 -11.20
C TRP K 138 -82.71 -23.16 -12.72
N GLY K 139 -81.64 -23.61 -13.36
CA GLY K 139 -81.58 -23.75 -14.81
C GLY K 139 -81.45 -22.44 -15.58
N VAL K 140 -80.78 -21.47 -14.98
CA VAL K 140 -80.53 -20.18 -15.62
C VAL K 140 -79.06 -20.17 -16.03
N PRO K 141 -78.76 -19.87 -17.30
CA PRO K 141 -77.36 -19.98 -17.74
C PRO K 141 -76.44 -18.86 -17.27
N LEU K 142 -75.13 -19.15 -17.25
CA LEU K 142 -74.12 -18.15 -16.95
C LEU K 142 -73.88 -17.33 -18.20
N ILE K 143 -74.38 -16.10 -18.21
CA ILE K 143 -74.23 -15.21 -19.36
C ILE K 143 -73.63 -13.84 -18.98
N ASP K 144 -72.90 -13.83 -17.87
CA ASP K 144 -72.19 -12.62 -17.43
C ASP K 144 -70.72 -12.94 -17.14
N GLY K 145 -70.19 -13.91 -17.89
CA GLY K 145 -68.77 -14.18 -17.98
C GLY K 145 -68.23 -15.27 -17.07
N GLY K 146 -69.10 -15.89 -16.29
CA GLY K 146 -68.65 -16.95 -15.41
C GLY K 146 -67.91 -18.11 -16.07
N THR K 147 -68.40 -18.55 -17.22
CA THR K 147 -67.80 -19.69 -17.91
C THR K 147 -66.46 -19.29 -18.55
N VAL K 148 -66.30 -17.99 -18.80
CA VAL K 148 -65.07 -17.47 -19.38
C VAL K 148 -64.02 -17.25 -18.30
N ARG K 149 -64.43 -16.63 -17.20
CA ARG K 149 -63.49 -16.14 -16.21
C ARG K 149 -63.07 -17.19 -15.21
N LEU K 150 -64.02 -18.05 -14.78
CA LEU K 150 -63.68 -19.02 -13.74
C LEU K 150 -62.48 -19.96 -14.09
N PRO K 151 -62.46 -20.56 -15.28
CA PRO K 151 -61.33 -21.41 -15.64
C PRO K 151 -59.98 -20.64 -15.70
N ARG K 152 -60.04 -19.38 -16.13
CA ARG K 152 -58.86 -18.51 -16.16
C ARG K 152 -58.37 -18.16 -14.74
N LEU K 153 -59.31 -17.93 -13.84
CA LEU K 153 -59.03 -17.53 -12.48
C LEU K 153 -58.43 -18.64 -11.62
N ILE K 154 -58.99 -19.85 -11.68
CA ILE K 154 -58.62 -20.90 -10.74
C ILE K 154 -58.26 -22.22 -11.40
N GLY K 155 -58.25 -22.24 -12.74
CA GLY K 155 -57.89 -23.43 -13.50
C GLY K 155 -59.11 -24.20 -13.94
N HIS K 156 -58.96 -24.98 -15.00
CA HIS K 156 -60.12 -25.64 -15.58
C HIS K 156 -60.74 -26.69 -14.68
N SER K 157 -59.89 -27.45 -13.99
CA SER K 157 -60.37 -28.56 -13.15
C SER K 157 -61.35 -28.10 -12.08
N ARG K 158 -60.94 -27.16 -11.26
CA ARG K 158 -61.84 -26.64 -10.21
C ARG K 158 -62.98 -25.85 -10.76
N ALA K 159 -62.74 -25.12 -11.85
CA ALA K 159 -63.84 -24.35 -12.47
C ALA K 159 -64.96 -25.28 -12.91
N MET K 160 -64.60 -26.40 -13.54
CA MET K 160 -65.61 -27.31 -14.04
C MET K 160 -66.42 -27.97 -12.89
N ASP K 161 -65.76 -28.29 -11.78
CA ASP K 161 -66.42 -28.76 -10.56
C ASP K 161 -67.54 -27.78 -10.16
N LEU K 162 -67.16 -26.53 -9.96
CA LEU K 162 -68.11 -25.50 -9.51
C LEU K 162 -69.21 -25.26 -10.50
N ILE K 163 -68.84 -25.21 -11.77
CA ILE K 163 -69.82 -24.94 -12.84
C ILE K 163 -70.82 -26.10 -12.99
N LEU K 164 -70.32 -27.33 -13.06
CA LEU K 164 -71.24 -28.48 -13.24
C LEU K 164 -72.13 -28.70 -12.03
N THR K 165 -71.54 -28.75 -10.83
CA THR K 165 -72.29 -29.10 -9.63
C THR K 165 -73.16 -27.95 -9.10
N GLY K 166 -72.76 -26.70 -9.36
CA GLY K 166 -73.44 -25.56 -8.72
C GLY K 166 -73.26 -25.52 -7.20
N ARG K 167 -72.28 -26.23 -6.67
CA ARG K 167 -72.16 -26.36 -5.24
C ARG K 167 -71.70 -25.09 -4.55
N ALA K 168 -72.04 -25.00 -3.27
CA ALA K 168 -71.57 -23.93 -2.37
C ALA K 168 -70.09 -24.11 -2.04
N VAL K 169 -69.38 -23.00 -2.00
CA VAL K 169 -67.99 -22.95 -1.63
C VAL K 169 -67.90 -21.99 -0.46
N ASP K 170 -67.44 -22.51 0.67
CA ASP K 170 -67.23 -21.65 1.84
C ASP K 170 -65.89 -20.89 1.74
N ALA K 171 -65.65 -19.97 2.68
CA ALA K 171 -64.54 -19.02 2.56
C ALA K 171 -63.19 -19.75 2.62
N ALA K 172 -63.08 -20.74 3.50
CA ALA K 172 -61.84 -21.49 3.64
C ALA K 172 -61.46 -22.22 2.32
N GLU K 173 -62.44 -22.87 1.69
CA GLU K 173 -62.18 -23.52 0.42
C GLU K 173 -61.92 -22.47 -0.69
N ALA K 174 -62.68 -21.40 -0.72
CA ALA K 174 -62.45 -20.34 -1.71
C ALA K 174 -61.03 -19.81 -1.63
N TYR K 175 -60.53 -19.69 -0.40
CA TYR K 175 -59.19 -19.19 -0.19
C TYR K 175 -58.16 -20.22 -0.64
N ALA K 176 -58.39 -21.47 -0.28
CA ALA K 176 -57.48 -22.55 -0.67
C ALA K 176 -57.32 -22.66 -2.19
N ILE K 177 -58.39 -22.40 -2.94
CA ILE K 177 -58.38 -22.63 -4.40
C ILE K 177 -58.04 -21.37 -5.20
N GLY K 178 -57.88 -20.24 -4.51
CA GLY K 178 -57.51 -19.00 -5.15
C GLY K 178 -58.67 -18.14 -5.62
N LEU K 179 -59.89 -18.51 -5.25
CA LEU K 179 -61.05 -17.75 -5.59
C LEU K 179 -61.19 -16.51 -4.68
N ALA K 180 -61.09 -16.69 -3.39
CA ALA K 180 -61.02 -15.58 -2.43
C ALA K 180 -59.56 -15.20 -2.27
N ASN K 181 -59.21 -13.95 -2.56
CA ASN K 181 -57.82 -13.49 -2.37
C ASN K 181 -57.49 -13.18 -0.90
N ARG K 182 -58.51 -12.71 -0.18
CA ARG K 182 -58.39 -12.47 1.25
C ARG K 182 -59.62 -13.03 1.93
N VAL K 183 -59.43 -13.51 3.15
CA VAL K 183 -60.53 -13.88 4.03
C VAL K 183 -60.39 -13.09 5.34
N VAL K 184 -61.47 -12.42 5.73
CA VAL K 184 -61.50 -11.56 6.91
C VAL K 184 -62.69 -11.90 7.83
N PRO K 185 -62.67 -11.40 9.07
CA PRO K 185 -63.78 -11.74 9.97
C PRO K 185 -65.11 -11.22 9.46
N THR K 186 -66.18 -11.89 9.88
CA THR K 186 -67.51 -11.53 9.46
C THR K 186 -67.79 -10.05 9.71
N GLY K 187 -68.42 -9.39 8.74
CA GLY K 187 -68.70 -7.98 8.82
C GLY K 187 -67.58 -7.06 8.37
N GLN K 188 -66.40 -7.59 8.07
CA GLN K 188 -65.23 -6.74 7.75
CA GLN K 188 -65.25 -6.71 7.79
C GLN K 188 -64.83 -6.65 6.30
N ALA K 189 -65.54 -7.35 5.41
CA ALA K 189 -65.12 -7.38 4.00
C ALA K 189 -64.98 -6.00 3.40
N ARG K 190 -66.01 -5.17 3.58
CA ARG K 190 -66.00 -3.83 3.00
C ARG K 190 -64.83 -2.97 3.50
N GLN K 191 -64.64 -2.94 4.80
CA GLN K 191 -63.54 -2.20 5.38
C GLN K 191 -62.20 -2.70 4.89
N ALA K 192 -62.02 -4.01 4.87
CA ALA K 192 -60.73 -4.59 4.47
C ALA K 192 -60.48 -4.29 3.00
N ALA K 193 -61.52 -4.37 2.18
CA ALA K 193 -61.37 -4.08 0.76
C ALA K 193 -61.05 -2.61 0.53
N GLU K 194 -61.67 -1.73 1.32
CA GLU K 194 -61.38 -0.30 1.21
C GLU K 194 -59.96 0.04 1.65
N GLU K 195 -59.45 -0.64 2.68
CA GLU K 195 -58.06 -0.52 3.09
C GLU K 195 -57.10 -0.96 1.98
N LEU K 196 -57.39 -2.12 1.41
CA LEU K 196 -56.59 -2.64 0.33
C LEU K 196 -56.65 -1.70 -0.89
N ALA K 197 -57.82 -1.17 -1.19
CA ALA K 197 -57.97 -0.22 -2.29
C ALA K 197 -57.13 1.03 -2.05
N ALA K 198 -57.10 1.49 -0.80
CA ALA K 198 -56.34 2.70 -0.46
C ALA K 198 -54.84 2.45 -0.56
N ASP K 199 -54.42 1.26 -0.15
CA ASP K 199 -53.04 0.84 -0.35
C ASP K 199 -52.72 0.89 -1.84
N LEU K 200 -53.54 0.27 -2.67
CA LEU K 200 -53.28 0.26 -4.09
C LEU K 200 -53.23 1.68 -4.69
N ALA K 201 -54.12 2.53 -4.22
CA ALA K 201 -54.18 3.92 -4.69
C ALA K 201 -52.93 4.73 -4.34
N ARG K 202 -52.21 4.33 -3.28
CA ARG K 202 -50.97 5.00 -2.89
C ARG K 202 -49.75 4.58 -3.73
N LEU K 203 -49.84 3.48 -4.48
CA LEU K 203 -48.73 3.04 -5.33
C LEU K 203 -48.60 3.91 -6.61
N PRO K 204 -47.44 3.87 -7.27
CA PRO K 204 -47.33 4.48 -8.60
C PRO K 204 -48.35 3.91 -9.59
N GLN K 205 -49.25 4.77 -10.03
CA GLN K 205 -50.47 4.33 -10.71
C GLN K 205 -50.28 3.85 -12.15
N GLN K 206 -49.52 4.58 -12.95
CA GLN K 206 -49.41 4.30 -14.39
C GLN K 206 -48.82 2.91 -14.60
N CYS K 207 -47.80 2.62 -13.80
CA CYS K 207 -47.15 1.34 -13.84
C CYS K 207 -48.04 0.17 -13.41
N MET K 208 -48.71 0.33 -12.27
CA MET K 208 -49.63 -0.70 -11.80
C MET K 208 -50.71 -0.98 -12.83
N ARG K 209 -51.26 0.09 -13.41
CA ARG K 209 -52.36 -0.06 -14.35
C ARG K 209 -51.93 -0.75 -15.63
N ALA K 210 -50.73 -0.43 -16.08
CA ALA K 210 -50.21 -1.02 -17.31
C ALA K 210 -49.97 -2.53 -17.10
N ASP K 211 -49.37 -2.89 -15.97
CA ASP K 211 -49.13 -4.29 -15.64
C ASP K 211 -50.44 -5.06 -15.58
N ARG K 212 -51.46 -4.48 -14.93
CA ARG K 212 -52.77 -5.10 -14.88
C ARG K 212 -53.32 -5.33 -16.28
N LEU K 213 -53.26 -4.32 -17.13
CA LEU K 213 -53.86 -4.44 -18.45
C LEU K 213 -53.14 -5.48 -19.30
N SER K 214 -51.82 -5.63 -19.12
CA SER K 214 -51.06 -6.66 -19.84
C SER K 214 -51.43 -8.07 -19.35
N ALA K 215 -51.56 -8.23 -18.02
CA ALA K 215 -51.96 -9.52 -17.47
C ALA K 215 -53.38 -9.94 -17.92
N LEU K 216 -54.27 -8.97 -18.12
CA LEU K 216 -55.57 -9.25 -18.72
C LEU K 216 -55.47 -9.56 -20.20
N HIS K 217 -54.72 -8.73 -20.93
CA HIS K 217 -54.69 -8.80 -22.39
C HIS K 217 -54.06 -10.11 -22.92
N GLN K 218 -53.09 -10.67 -22.18
CA GLN K 218 -52.40 -11.84 -22.63
C GLN K 218 -53.26 -13.09 -22.80
N TRP K 219 -54.43 -13.13 -22.15
CA TRP K 219 -55.32 -14.32 -22.25
C TRP K 219 -55.75 -14.53 -23.67
N GLY K 220 -55.47 -15.72 -24.19
CA GLY K 220 -55.79 -16.07 -25.57
C GLY K 220 -54.67 -15.81 -26.57
N GLU K 221 -53.57 -15.19 -26.12
CA GLU K 221 -52.47 -14.84 -27.02
C GLU K 221 -51.29 -15.79 -26.88
N SER K 222 -50.55 -15.94 -27.96
CA SER K 222 -49.31 -16.69 -27.89
C SER K 222 -48.34 -15.95 -26.97
N GLU K 223 -47.32 -16.66 -26.49
CA GLU K 223 -46.26 -16.02 -25.69
C GLU K 223 -45.67 -14.83 -26.44
N ASN K 224 -45.30 -15.02 -27.71
CA ASN K 224 -44.70 -13.93 -28.48
C ASN K 224 -45.58 -12.68 -28.55
N ALA K 225 -46.84 -12.84 -28.93
CA ALA K 225 -47.75 -11.68 -29.06
C ALA K 225 -47.98 -11.02 -27.69
N ALA K 226 -48.12 -11.83 -26.63
CA ALA K 226 -48.33 -11.29 -25.30
C ALA K 226 -47.11 -10.51 -24.82
N MET K 227 -45.92 -11.02 -25.11
CA MET K 227 -44.67 -10.34 -24.71
C MET K 227 -44.53 -9.01 -25.42
N ASP K 228 -44.90 -9.01 -26.71
CA ASP K 228 -44.96 -7.77 -27.51
C ASP K 228 -45.83 -6.70 -26.88
N PHE K 229 -47.03 -7.09 -26.49
CA PHE K 229 -47.96 -6.16 -25.85
C PHE K 229 -47.42 -5.66 -24.50
N GLU K 230 -46.91 -6.59 -23.70
CA GLU K 230 -46.34 -6.23 -22.40
C GLU K 230 -45.25 -5.17 -22.54
N PHE K 231 -44.35 -5.38 -23.49
CA PHE K 231 -43.23 -4.47 -23.66
C PHE K 231 -43.69 -3.04 -23.90
N ALA K 232 -44.84 -2.85 -24.54
CA ALA K 232 -45.40 -1.49 -24.75
C ALA K 232 -45.68 -0.73 -23.44
N SER K 233 -45.67 -1.43 -22.29
CA SER K 233 -45.75 -0.76 -20.96
C SER K 233 -44.64 0.25 -20.71
N ILE K 234 -43.45 -0.02 -21.25
CA ILE K 234 -42.33 0.91 -21.06
C ILE K 234 -42.68 2.33 -21.64
N SER K 235 -43.59 2.38 -22.61
CA SER K 235 -44.09 3.63 -23.19
C SER K 235 -45.22 4.24 -22.36
N ARG K 236 -46.16 3.39 -21.92
CA ARG K 236 -47.34 3.86 -21.17
C ARG K 236 -47.04 4.33 -19.74
N VAL K 237 -45.83 4.08 -19.24
CA VAL K 237 -45.44 4.58 -17.93
C VAL K 237 -44.86 5.99 -18.08
N GLU L 8 82.38 36.98 29.82
CA GLU L 8 81.09 36.25 29.96
C GLU L 8 80.59 35.75 28.59
N PRO L 9 80.77 34.45 28.31
CA PRO L 9 80.30 33.91 27.02
C PRO L 9 78.78 33.80 26.92
N VAL L 10 78.09 33.85 28.07
CA VAL L 10 76.62 33.83 28.13
C VAL L 10 76.18 34.98 29.03
N ARG L 11 75.31 35.84 28.51
CA ARG L 11 74.73 36.92 29.29
C ARG L 11 73.24 36.68 29.43
N ILE L 12 72.69 37.05 30.59
CA ILE L 12 71.27 36.92 30.88
C ILE L 12 70.70 38.32 31.11
N GLU L 13 69.64 38.67 30.40
CA GLU L 13 68.95 39.93 30.63
C GLU L 13 67.49 39.60 30.90
N ARG L 14 66.89 40.27 31.87
CA ARG L 14 65.48 40.06 32.17
C ARG L 14 64.68 41.33 32.01
N ASN L 15 63.44 41.17 31.54
CA ASN L 15 62.51 42.27 31.43
C ASN L 15 61.15 41.72 31.86
N GLY L 16 60.83 41.96 33.13
CA GLY L 16 59.70 41.32 33.78
C GLY L 16 59.79 39.82 33.68
N PRO L 17 58.71 39.18 33.22
CA PRO L 17 58.66 37.72 33.15
C PRO L 17 59.35 37.08 31.92
N VAL L 18 60.06 37.88 31.11
CA VAL L 18 60.82 37.36 29.97
C VAL L 18 62.31 37.42 30.27
N THR L 19 62.96 36.26 30.20
CA THR L 19 64.40 36.14 30.36
C THR L 19 65.06 35.92 28.99
N THR L 20 66.03 36.76 28.65
CA THR L 20 66.79 36.58 27.41
C THR L 20 68.17 36.01 27.74
N VAL L 21 68.48 34.85 27.17
CA VAL L 21 69.77 34.20 27.32
C VAL L 21 70.59 34.42 26.04
N ILE L 22 71.76 35.03 26.18
CA ILE L 22 72.52 35.54 25.01
C ILE L 22 73.88 34.86 24.92
N ILE L 23 74.14 34.16 23.82
CA ILE L 23 75.46 33.62 23.55
C ILE L 23 76.28 34.78 22.98
N ASP L 24 77.46 35.02 23.54
CA ASP L 24 78.25 36.20 23.16
C ASP L 24 79.74 35.90 23.08
N ARG L 25 80.17 35.35 21.94
CA ARG L 25 81.56 35.04 21.68
C ARG L 25 81.91 35.52 20.29
N PRO L 26 82.19 36.81 20.15
CA PRO L 26 82.47 37.47 18.87
C PRO L 26 83.52 36.76 18.01
N GLU L 27 84.71 36.50 18.55
CA GLU L 27 85.78 35.85 17.78
C GLU L 27 85.41 34.46 17.31
N ALA L 28 84.71 33.71 18.15
CA ALA L 28 84.30 32.34 17.83
C ALA L 28 82.95 32.25 17.09
N ARG L 29 82.39 33.40 16.70
CA ARG L 29 81.09 33.45 16.03
C ARG L 29 80.00 32.70 16.82
N ASN L 30 80.03 32.88 18.14
CA ASN L 30 79.10 32.26 19.07
C ASN L 30 79.11 30.73 19.10
N ALA L 31 80.23 30.14 18.68
CA ALA L 31 80.42 28.72 18.87
C ALA L 31 80.40 28.38 20.35
N VAL L 32 79.89 27.20 20.68
CA VAL L 32 79.72 26.82 22.06
C VAL L 32 80.80 25.82 22.45
N ASN L 33 81.66 26.24 23.37
CA ASN L 33 82.65 25.35 23.96
C ASN L 33 82.15 24.83 25.29
N GLY L 34 83.00 24.14 26.05
CA GLY L 34 82.62 23.59 27.34
C GLY L 34 82.05 24.59 28.34
N PRO L 35 82.84 25.64 28.68
CA PRO L 35 82.36 26.68 29.61
C PRO L 35 81.07 27.35 29.14
N THR L 36 80.96 27.60 27.85
CA THR L 36 79.74 28.20 27.28
C THR L 36 78.53 27.27 27.47
N ALA L 37 78.71 25.98 27.20
CA ALA L 37 77.65 25.02 27.37
C ALA L 37 77.22 24.94 28.81
N ALA L 38 78.19 24.95 29.73
CA ALA L 38 77.88 24.92 31.15
C ALA L 38 77.07 26.15 31.56
N ALA L 39 77.46 27.31 31.03
CA ALA L 39 76.77 28.55 31.34
C ALA L 39 75.33 28.56 30.79
N LEU L 40 75.13 28.00 29.60
CA LEU L 40 73.77 27.88 29.01
C LEU L 40 72.90 26.95 29.85
N PHE L 41 73.46 25.82 30.26
CA PHE L 41 72.74 24.90 31.11
C PHE L 41 72.33 25.57 32.42
N ALA L 42 73.25 26.28 33.06
CA ALA L 42 72.96 26.96 34.32
C ALA L 42 71.89 28.07 34.13
N ALA L 43 72.01 28.85 33.07
CA ALA L 43 71.02 29.90 32.75
C ALA L 43 69.61 29.30 32.66
N PHE L 44 69.48 28.16 31.97
CA PHE L 44 68.16 27.54 31.81
C PHE L 44 67.67 26.79 33.04
N GLU L 45 68.60 26.25 33.85
CA GLU L 45 68.25 25.73 35.17
C GLU L 45 67.65 26.81 36.05
N GLU L 46 68.26 27.98 36.04
CA GLU L 46 67.77 29.10 36.84
C GLU L 46 66.44 29.61 36.34
N PHE L 47 66.31 29.73 35.02
CA PHE L 47 65.03 30.10 34.39
C PHE L 47 63.91 29.15 34.81
N ASP L 48 64.15 27.85 34.69
CA ASP L 48 63.13 26.86 34.98
C ASP L 48 62.65 26.95 36.42
N ALA L 49 63.58 27.19 37.34
CA ALA L 49 63.29 27.26 38.77
C ALA L 49 62.72 28.60 39.24
N ASP L 50 62.88 29.66 38.45
CA ASP L 50 62.43 30.97 38.86
C ASP L 50 60.96 31.20 38.51
N ASP L 51 60.11 31.23 39.53
CA ASP L 51 58.66 31.40 39.33
C ASP L 51 58.27 32.78 38.81
N THR L 52 59.17 33.75 38.86
CA THR L 52 58.89 35.08 38.29
C THR L 52 59.29 35.18 36.83
N ALA L 53 59.84 34.11 36.26
CA ALA L 53 60.16 34.09 34.85
C ALA L 53 59.15 33.15 34.14
N SER L 54 58.53 33.65 33.07
CA SER L 54 57.51 32.90 32.35
C SER L 54 57.96 32.31 31.00
N VAL L 55 58.77 33.07 30.25
CA VAL L 55 59.19 32.71 28.92
C VAL L 55 60.63 33.15 28.76
N ALA L 56 61.42 32.32 28.07
CA ALA L 56 62.80 32.66 27.76
C ALA L 56 62.97 32.87 26.26
N VAL L 57 63.96 33.67 25.93
CA VAL L 57 64.41 33.87 24.57
C VAL L 57 65.88 33.47 24.53
N LEU L 58 66.24 32.59 23.59
CA LEU L 58 67.62 32.23 23.35
C LEU L 58 68.09 32.92 22.09
N THR L 59 69.22 33.62 22.16
CA THR L 59 69.72 34.37 21.02
C THR L 59 71.23 34.51 21.06
N GLY L 60 71.81 34.98 19.97
CA GLY L 60 73.24 35.20 19.87
C GLY L 60 73.53 36.66 19.60
N ALA L 61 74.61 37.17 20.18
CA ALA L 61 75.06 38.53 19.90
C ALA L 61 75.91 38.56 18.62
N ASN L 62 76.34 39.76 18.23
CA ASN L 62 77.30 39.96 17.15
C ASN L 62 76.75 39.55 15.78
N GLY L 63 75.42 39.60 15.62
CA GLY L 63 74.79 39.35 14.32
C GLY L 63 74.70 37.90 13.87
N THR L 64 74.92 36.98 14.78
CA THR L 64 74.78 35.57 14.45
C THR L 64 74.20 34.82 15.64
N PHE L 65 73.72 33.60 15.41
CA PHE L 65 73.10 32.83 16.47
C PHE L 65 74.13 31.89 17.09
N CYS L 66 74.51 30.84 16.37
CA CYS L 66 75.45 29.88 16.88
C CYS L 66 75.97 29.01 15.75
N ALA L 67 77.30 28.97 15.62
CA ALA L 67 77.98 28.22 14.60
C ALA L 67 78.14 26.73 14.93
N GLY L 68 77.74 26.33 16.13
CA GLY L 68 77.86 24.94 16.55
C GLY L 68 78.88 24.78 17.65
N ALA L 69 79.30 23.53 17.86
CA ALA L 69 80.28 23.23 18.88
C ALA L 69 81.62 23.84 18.47
N ASP L 70 82.42 24.23 19.47
CA ASP L 70 83.68 24.92 19.22
C ASP L 70 84.77 23.90 18.88
N LEU L 71 84.93 23.63 17.59
CA LEU L 71 85.93 22.66 17.11
C LEU L 71 87.35 22.97 17.54
N LYS L 72 87.74 24.24 17.41
CA LYS L 72 89.06 24.71 17.84
C LYS L 72 89.40 24.38 19.28
N ALA L 73 88.39 24.16 20.13
CA ALA L 73 88.60 23.83 21.54
C ALA L 73 88.83 22.32 21.79
N PHE L 74 88.64 21.48 20.76
CA PHE L 74 88.85 20.03 20.93
C PHE L 74 90.26 19.78 21.42
N GLY L 75 90.39 18.92 22.43
CA GLY L 75 91.68 18.61 23.00
C GLY L 75 92.25 19.63 23.97
N THR L 76 91.47 20.65 24.32
CA THR L 76 91.90 21.65 25.32
C THR L 76 91.03 21.48 26.57
N PRO L 77 91.38 22.16 27.68
CA PRO L 77 90.49 22.16 28.86
C PRO L 77 89.10 22.74 28.60
N GLU L 78 88.97 23.57 27.57
CA GLU L 78 87.73 24.24 27.24
C GLU L 78 86.85 23.44 26.25
N ALA L 79 87.25 22.21 25.94
CA ALA L 79 86.52 21.36 24.98
C ALA L 79 85.09 21.08 25.45
N ASN L 80 84.19 20.84 24.50
CA ASN L 80 82.84 20.42 24.83
C ASN L 80 82.89 19.13 25.61
N GLN L 81 82.02 19.02 26.61
CA GLN L 81 81.94 17.84 27.43
C GLN L 81 80.92 16.88 26.83
N VAL L 82 81.38 15.68 26.48
CA VAL L 82 80.57 14.70 25.79
C VAL L 82 80.41 13.48 26.68
N HIS L 83 79.27 13.39 27.34
CA HIS L 83 78.99 12.28 28.25
C HIS L 83 77.55 11.80 28.07
N ARG L 84 77.32 10.53 28.35
CA ARG L 84 75.98 9.95 28.26
C ARG L 84 75.04 10.55 29.33
N GLU L 85 75.59 10.88 30.50
CA GLU L 85 74.82 11.52 31.59
C GLU L 85 75.05 13.03 31.64
N GLY L 86 74.15 13.71 32.33
CA GLY L 86 74.26 15.15 32.56
C GLY L 86 73.91 15.98 31.33
N PRO L 87 74.37 17.23 31.28
CA PRO L 87 74.05 18.10 30.14
C PRO L 87 74.60 17.61 28.81
N GLY L 88 73.87 17.89 27.75
CA GLY L 88 74.34 17.60 26.39
C GLY L 88 75.55 18.45 26.03
N PRO L 89 76.29 18.05 24.99
CA PRO L 89 77.47 18.75 24.54
C PRO L 89 77.27 20.24 24.32
N MET L 90 76.09 20.65 23.82
CA MET L 90 75.80 22.08 23.59
C MET L 90 75.26 22.79 24.82
N GLY L 91 74.94 22.04 25.87
CA GLY L 91 74.54 22.62 27.15
C GLY L 91 73.12 22.23 27.56
N PRO L 92 72.11 22.97 27.06
CA PRO L 92 70.71 22.73 27.49
C PRO L 92 69.90 21.73 26.64
N SER L 93 70.56 21.08 25.68
CA SER L 93 69.88 20.34 24.61
C SER L 93 69.15 19.08 25.06
N ARG L 94 69.44 18.59 26.27
CA ARG L 94 68.69 17.46 26.84
C ARG L 94 67.62 17.89 27.84
N MET L 95 67.52 19.17 28.12
CA MET L 95 66.60 19.64 29.15
C MET L 95 65.16 19.59 28.71
N ASP L 96 64.29 19.18 29.62
CA ASP L 96 62.86 19.26 29.43
C ASP L 96 62.36 20.34 30.36
N LEU L 97 62.28 21.57 29.87
CA LEU L 97 61.86 22.67 30.72
C LEU L 97 60.35 22.72 30.92
N SER L 98 59.93 23.32 32.01
CA SER L 98 58.52 23.43 32.37
C SER L 98 57.83 24.63 31.68
N LYS L 99 58.64 25.46 31.01
CA LYS L 99 58.19 26.72 30.44
C LYS L 99 58.88 26.90 29.09
N PRO L 100 58.27 27.70 28.20
CA PRO L 100 58.75 27.75 26.82
C PRO L 100 59.95 28.65 26.59
N VAL L 101 60.66 28.36 25.50
CA VAL L 101 61.82 29.14 25.04
C VAL L 101 61.63 29.45 23.56
N ILE L 102 61.84 30.71 23.19
CA ILE L 102 61.81 31.16 21.78
C ILE L 102 63.24 31.41 21.30
N ALA L 103 63.63 30.79 20.20
CA ALA L 103 64.89 31.10 19.53
C ALA L 103 64.74 32.35 18.68
N ALA L 104 65.72 33.25 18.79
CA ALA L 104 65.77 34.45 17.99
C ALA L 104 67.05 34.36 17.16
N ILE L 105 66.88 34.06 15.87
CA ILE L 105 67.99 33.72 15.02
C ILE L 105 68.35 34.84 14.04
N SER L 106 69.58 35.35 14.19
CA SER L 106 70.28 36.17 13.18
C SER L 106 71.46 35.38 12.63
N GLY L 107 71.88 35.72 11.43
CA GLY L 107 73.03 35.09 10.81
C GLY L 107 72.86 33.58 10.72
N TYR L 108 73.81 32.82 11.29
CA TYR L 108 73.84 31.39 11.15
C TYR L 108 73.32 30.69 12.40
N ALA L 109 72.45 29.69 12.19
CA ALA L 109 72.17 28.68 13.19
C ALA L 109 72.45 27.34 12.54
N VAL L 110 73.68 26.84 12.76
CA VAL L 110 74.17 25.67 12.03
C VAL L 110 74.78 24.61 12.96
N ALA L 111 74.64 23.36 12.54
CA ALA L 111 75.16 22.23 13.25
C ALA L 111 74.60 22.25 14.68
N GLY L 112 75.45 22.20 15.72
CA GLY L 112 74.95 22.23 17.09
C GLY L 112 74.10 23.46 17.38
N GLY L 113 74.38 24.55 16.67
CA GLY L 113 73.58 25.76 16.77
C GLY L 113 72.16 25.57 16.24
N LEU L 114 72.01 24.83 15.14
CA LEU L 114 70.66 24.46 14.66
C LEU L 114 69.97 23.60 15.71
N GLU L 115 70.70 22.68 16.29
CA GLU L 115 70.15 21.81 17.31
C GLU L 115 69.61 22.59 18.52
N LEU L 116 70.31 23.64 18.94
CA LEU L 116 69.78 24.50 20.00
C LEU L 116 68.47 25.19 19.57
N ALA L 117 68.41 25.64 18.32
CA ALA L 117 67.17 26.23 17.77
C ALA L 117 66.00 25.24 17.67
N LEU L 118 66.30 23.99 17.35
CA LEU L 118 65.27 22.93 17.31
C LEU L 118 64.74 22.58 18.70
N TRP L 119 65.62 22.70 19.70
CA TRP L 119 65.26 22.43 21.09
C TRP L 119 64.27 23.47 21.64
N CYS L 120 64.36 24.69 21.14
CA CYS L 120 63.39 25.71 21.49
C CYS L 120 61.99 25.39 20.96
N ASP L 121 60.98 25.95 21.62
CA ASP L 121 59.61 25.78 21.21
C ASP L 121 59.24 26.46 19.89
N LEU L 122 59.78 27.65 19.65
CA LEU L 122 59.48 28.42 18.44
C LEU L 122 60.75 29.07 17.96
N ARG L 123 60.78 29.35 16.65
CA ARG L 123 61.95 29.98 16.05
C ARG L 123 61.52 31.23 15.28
N VAL L 124 62.12 32.36 15.67
CA VAL L 124 61.89 33.64 15.01
C VAL L 124 63.18 33.96 14.30
N VAL L 125 63.11 34.19 12.98
CA VAL L 125 64.28 34.18 12.16
C VAL L 125 64.38 35.46 11.31
N ASP L 126 65.59 36.05 11.27
CA ASP L 126 65.87 37.18 10.37
C ASP L 126 65.75 36.75 8.90
N GLU L 127 65.32 37.66 8.05
CA GLU L 127 65.14 37.40 6.62
C GLU L 127 66.42 36.88 5.96
N ASP L 128 67.59 37.27 6.46
CA ASP L 128 68.86 36.85 5.87
C ASP L 128 69.57 35.72 6.62
N ALA L 129 68.89 35.12 7.59
CA ALA L 129 69.49 34.06 8.37
C ALA L 129 69.60 32.77 7.57
N THR L 130 70.54 31.92 7.97
CA THR L 130 70.78 30.63 7.33
C THR L 130 70.79 29.54 8.40
N MET L 131 70.10 28.44 8.11
CA MET L 131 70.03 27.31 9.01
C MET L 131 70.50 26.07 8.28
N GLY L 132 71.06 25.11 8.98
CA GLY L 132 71.46 23.86 8.33
C GLY L 132 72.34 22.97 9.15
N VAL L 133 72.45 21.72 8.73
CA VAL L 133 73.23 20.70 9.40
C VAL L 133 74.64 20.71 8.81
N PHE L 134 75.37 21.79 9.07
CA PHE L 134 76.67 21.99 8.44
C PHE L 134 77.72 21.01 8.94
N CYS L 135 77.45 20.38 10.08
CA CYS L 135 78.35 19.35 10.64
C CYS L 135 78.45 18.11 9.75
N ARG L 136 77.46 17.94 8.86
CA ARG L 136 77.57 16.94 7.79
C ARG L 136 78.90 17.05 7.05
N ARG L 137 79.24 18.27 6.65
CA ARG L 137 80.44 18.52 5.85
C ARG L 137 81.72 18.23 6.67
N TRP L 138 81.68 18.51 7.97
CA TRP L 138 82.86 18.34 8.86
C TRP L 138 82.96 16.92 9.41
N GLY L 139 81.90 16.12 9.27
CA GLY L 139 81.88 14.77 9.80
C GLY L 139 81.75 14.68 11.32
N VAL L 140 81.03 15.63 11.91
CA VAL L 140 80.74 15.65 13.33
C VAL L 140 79.26 15.26 13.49
N PRO L 141 78.96 14.27 14.34
CA PRO L 141 77.57 13.79 14.40
C PRO L 141 76.63 14.71 15.15
N LEU L 142 75.34 14.57 14.85
CA LEU L 142 74.29 15.24 15.60
C LEU L 142 74.05 14.47 16.90
N ILE L 143 74.52 15.03 18.01
CA ILE L 143 74.33 14.41 19.31
C ILE L 143 73.72 15.39 20.33
N ASP L 144 72.97 16.37 19.84
CA ASP L 144 72.21 17.29 20.69
C ASP L 144 70.73 17.38 20.25
N GLY L 145 70.24 16.28 19.69
CA GLY L 145 68.83 16.06 19.48
C GLY L 145 68.31 16.36 18.08
N GLY L 146 69.19 16.79 17.18
CA GLY L 146 68.77 17.08 15.83
C GLY L 146 68.06 15.97 15.07
N THR L 147 68.55 14.74 15.23
CA THR L 147 67.98 13.59 14.54
C THR L 147 66.63 13.20 15.15
N VAL L 148 66.45 13.55 16.41
CA VAL L 148 65.22 13.25 17.10
C VAL L 148 64.17 14.30 16.80
N ARG L 149 64.56 15.58 16.88
CA ARG L 149 63.59 16.66 16.85
C ARG L 149 63.20 17.07 15.44
N LEU L 150 64.15 17.06 14.50
CA LEU L 150 63.83 17.55 13.16
C LEU L 150 62.68 16.79 12.45
N PRO L 151 62.67 15.44 12.46
CA PRO L 151 61.56 14.74 11.88
C PRO L 151 60.21 15.02 12.57
N ARG L 152 60.22 15.21 13.88
CA ARG L 152 59.04 15.53 14.64
C ARG L 152 58.53 16.95 14.29
N LEU L 153 59.47 17.87 14.09
CA LEU L 153 59.16 19.26 13.84
C LEU L 153 58.56 19.51 12.46
N ILE L 154 59.16 18.91 11.42
CA ILE L 154 58.83 19.28 10.04
C ILE L 154 58.50 18.07 9.15
N GLY L 155 58.49 16.86 9.76
CA GLY L 155 58.16 15.62 9.05
C GLY L 155 59.41 14.92 8.59
N HIS L 156 59.29 13.61 8.34
CA HIS L 156 60.46 12.84 8.01
C HIS L 156 61.11 13.17 6.69
N SER L 157 60.27 13.46 5.68
CA SER L 157 60.79 13.69 4.33
C SER L 157 61.73 14.87 4.28
N ARG L 158 61.27 16.03 4.73
CA ARG L 158 62.14 17.21 4.74
C ARG L 158 63.28 17.11 5.73
N ALA L 159 63.05 16.44 6.86
CA ALA L 159 64.13 16.26 7.86
C ALA L 159 65.27 15.47 7.26
N MET L 160 64.96 14.36 6.59
CA MET L 160 66.01 13.54 6.00
C MET L 160 66.81 14.29 4.92
N ASP L 161 66.14 15.12 4.13
CA ASP L 161 66.80 15.98 3.14
C ASP L 161 67.90 16.80 3.84
N LEU L 162 67.49 17.56 4.83
CA LEU L 162 68.40 18.44 5.55
C LEU L 162 69.50 17.68 6.25
N ILE L 163 69.15 16.55 6.87
CA ILE L 163 70.14 15.74 7.61
C ILE L 163 71.16 15.09 6.70
N LEU L 164 70.69 14.45 5.61
CA LEU L 164 71.63 13.82 4.66
C LEU L 164 72.53 14.85 3.96
N THR L 165 71.92 15.86 3.36
CA THR L 165 72.68 16.78 2.51
C THR L 165 73.53 17.79 3.30
N GLY L 166 73.11 18.12 4.53
CA GLY L 166 73.73 19.22 5.25
C GLY L 166 73.54 20.58 4.60
N ARG L 167 72.56 20.71 3.69
CA ARG L 167 72.43 21.95 2.92
C ARG L 167 71.91 23.13 3.74
N ALA L 168 72.22 24.32 3.24
CA ALA L 168 71.75 25.57 3.80
C ALA L 168 70.29 25.79 3.48
N VAL L 169 69.54 26.30 4.44
CA VAL L 169 68.13 26.62 4.27
C VAL L 169 68.01 28.10 4.59
N ASP L 170 67.57 28.88 3.60
CA ASP L 170 67.31 30.29 3.83
C ASP L 170 65.97 30.52 4.54
N ALA L 171 65.71 31.77 4.94
CA ALA L 171 64.55 32.06 5.79
C ALA L 171 63.22 31.74 5.09
N ALA L 172 63.11 32.08 3.81
CA ALA L 172 61.90 31.85 3.06
C ALA L 172 61.57 30.34 3.03
N GLU L 173 62.57 29.49 2.75
CA GLU L 173 62.35 28.07 2.74
C GLU L 173 62.06 27.55 4.16
N ALA L 174 62.79 28.05 5.15
CA ALA L 174 62.54 27.65 6.52
C ALA L 174 61.10 27.94 6.91
N TYR L 175 60.57 29.08 6.47
CA TYR L 175 59.22 29.47 6.79
C TYR L 175 58.22 28.57 6.06
N ALA L 176 58.48 28.33 4.79
CA ALA L 176 57.60 27.47 3.97
C ALA L 176 57.47 26.05 4.54
N ILE L 177 58.54 25.52 5.13
CA ILE L 177 58.55 24.12 5.60
C ILE L 177 58.19 23.97 7.09
N GLY L 178 57.98 25.10 7.76
CA GLY L 178 57.60 25.08 9.18
C GLY L 178 58.72 25.06 10.17
N LEU L 179 59.96 25.26 9.69
CA LEU L 179 61.13 25.34 10.57
C LEU L 179 61.23 26.70 11.26
N ALA L 180 61.10 27.77 10.51
CA ALA L 180 60.99 29.12 11.06
C ALA L 180 59.52 29.42 11.31
N ASN L 181 59.12 29.72 12.54
CA ASN L 181 57.72 30.06 12.83
C ASN L 181 57.38 31.50 12.44
N ARG L 182 58.38 32.38 12.53
CA ARG L 182 58.24 33.77 12.10
C ARG L 182 59.49 34.17 11.34
N VAL L 183 59.33 35.05 10.36
CA VAL L 183 60.42 35.67 9.66
C VAL L 183 60.24 37.18 9.78
N VAL L 184 61.31 37.85 10.17
CA VAL L 184 61.31 39.29 10.41
C VAL L 184 62.50 39.96 9.72
N PRO L 185 62.48 41.30 9.61
CA PRO L 185 63.59 41.96 8.91
C PRO L 185 64.92 41.76 9.63
N THR L 186 65.99 41.84 8.87
CA THR L 186 67.33 41.65 9.40
C THR L 186 67.58 42.55 10.61
N GLY L 187 68.19 41.99 11.65
CA GLY L 187 68.44 42.70 12.90
C GLY L 187 67.29 42.68 13.91
N GLN L 188 66.12 42.14 13.54
CA GLN L 188 64.95 42.24 14.41
C GLN L 188 64.56 40.99 15.15
N ALA L 189 65.27 39.89 14.94
CA ALA L 189 64.84 38.62 15.51
C ALA L 189 64.69 38.71 17.01
N ARG L 190 65.69 39.28 17.69
CA ARG L 190 65.64 39.37 19.15
C ARG L 190 64.44 40.18 19.65
N GLN L 191 64.23 41.36 19.07
CA GLN L 191 63.13 42.20 19.47
C GLN L 191 61.80 41.53 19.22
N ALA L 192 61.65 40.91 18.05
CA ALA L 192 60.40 40.25 17.72
C ALA L 192 60.15 39.05 18.65
N ALA L 193 61.20 38.31 18.97
CA ALA L 193 61.06 37.17 19.87
C ALA L 193 60.71 37.62 21.28
N GLU L 194 61.30 38.73 21.71
CA GLU L 194 60.97 39.30 23.03
C GLU L 194 59.55 39.83 23.11
N GLU L 195 59.05 40.43 22.03
CA GLU L 195 57.67 40.79 21.96
C GLU L 195 56.72 39.60 22.04
N LEU L 196 57.04 38.56 21.27
CA LEU L 196 56.24 37.36 21.26
C LEU L 196 56.27 36.73 22.64
N ALA L 197 57.44 36.71 23.29
CA ALA L 197 57.57 36.16 24.63
C ALA L 197 56.70 36.92 25.61
N ALA L 198 56.64 38.24 25.46
CA ALA L 198 55.84 39.08 26.36
C ALA L 198 54.35 38.87 26.13
N ASP L 199 53.94 38.69 24.88
CA ASP L 199 52.58 38.26 24.56
C ASP L 199 52.24 36.96 25.27
N LEU L 200 53.11 35.96 25.13
CA LEU L 200 52.87 34.68 25.77
C LEU L 200 52.79 34.81 27.30
N ALA L 201 53.64 35.66 27.86
CA ALA L 201 53.69 35.85 29.32
C ALA L 201 52.42 36.49 29.87
N ARG L 202 51.69 37.21 29.02
CA ARG L 202 50.41 37.82 29.42
C ARG L 202 49.23 36.85 29.42
N LEU L 203 49.36 35.69 28.79
CA LEU L 203 48.27 34.74 28.72
C LEU L 203 48.12 33.98 30.05
N PRO L 204 46.97 33.34 30.27
CA PRO L 204 46.84 32.47 31.44
C PRO L 204 47.89 31.35 31.41
N GLN L 205 48.79 31.37 32.39
CA GLN L 205 50.01 30.60 32.35
C GLN L 205 49.84 29.11 32.56
N GLN L 206 49.08 28.71 33.57
CA GLN L 206 49.00 27.31 33.97
C GLN L 206 48.44 26.47 32.82
N CYS L 207 47.43 27.02 32.18
CA CYS L 207 46.80 26.39 31.06
C CYS L 207 47.73 26.25 29.82
N MET L 208 48.39 27.35 29.45
CA MET L 208 49.32 27.33 28.34
C MET L 208 50.45 26.32 28.57
N ARG L 209 50.97 26.30 29.80
CA ARG L 209 52.07 25.41 30.14
C ARG L 209 51.65 23.95 30.12
N ALA L 210 50.47 23.65 30.60
CA ALA L 210 49.98 22.28 30.60
C ALA L 210 49.75 21.78 29.15
N ASP L 211 49.13 22.62 28.30
CA ASP L 211 48.93 22.27 26.89
C ASP L 211 50.27 22.01 26.20
N ARG L 212 51.25 22.88 26.43
CA ARG L 212 52.60 22.65 25.91
C ARG L 212 53.17 21.32 26.33
N LEU L 213 53.10 21.02 27.63
CA LEU L 213 53.71 19.80 28.12
C LEU L 213 53.03 18.55 27.56
N SER L 214 51.72 18.59 27.37
CA SER L 214 51.03 17.47 26.76
C SER L 214 51.45 17.29 25.30
N ALA L 215 51.55 18.39 24.56
CA ALA L 215 51.96 18.33 23.12
C ALA L 215 53.38 17.78 22.97
N LEU L 216 54.24 18.03 23.95
CA LEU L 216 55.56 17.41 23.99
C LEU L 216 55.48 15.94 24.39
N HIS L 217 54.73 15.65 25.45
CA HIS L 217 54.73 14.31 26.05
C HIS L 217 54.14 13.24 25.13
N GLN L 218 53.18 13.62 24.28
CA GLN L 218 52.51 12.68 23.42
C GLN L 218 53.41 11.98 22.41
N TRP L 219 54.57 12.56 22.12
CA TRP L 219 55.49 11.95 21.11
C TRP L 219 55.94 10.58 21.56
N GLY L 220 55.70 9.58 20.73
CA GLY L 220 56.02 8.20 21.02
C GLY L 220 54.92 7.40 21.70
N GLU L 221 53.80 8.06 22.03
CA GLU L 221 52.72 7.40 22.73
C GLU L 221 51.56 7.07 21.78
N SER L 222 50.83 6.03 22.12
CA SER L 222 49.59 5.72 21.44
C SER L 222 48.61 6.84 21.66
N GLU L 223 47.59 6.93 20.81
CA GLU L 223 46.50 7.88 21.02
C GLU L 223 45.90 7.75 22.44
N ASN L 224 45.55 6.52 22.84
CA ASN L 224 44.93 6.25 24.16
C ASN L 224 45.79 6.83 25.31
N ALA L 225 47.07 6.47 25.35
CA ALA L 225 47.97 6.92 26.42
C ALA L 225 48.19 8.45 26.39
N ALA L 226 48.29 9.03 25.18
CA ALA L 226 48.46 10.48 25.05
C ALA L 226 47.22 11.24 25.50
N MET L 227 46.04 10.75 25.15
CA MET L 227 44.76 11.35 25.58
C MET L 227 44.62 11.32 27.10
N ASP L 228 44.99 10.19 27.70
CA ASP L 228 45.04 10.03 29.17
C ASP L 228 45.89 11.09 29.84
N PHE L 229 47.11 11.27 29.32
CA PHE L 229 48.01 12.29 29.86
C PHE L 229 47.44 13.68 29.69
N GLU L 230 46.91 13.97 28.51
CA GLU L 230 46.33 15.28 28.26
C GLU L 230 45.24 15.61 29.26
N PHE L 231 44.35 14.66 29.47
CA PHE L 231 43.22 14.91 30.37
C PHE L 231 43.66 15.32 31.78
N ALA L 232 44.83 14.87 32.24
CA ALA L 232 45.39 15.33 33.52
C ALA L 232 45.67 16.85 33.61
N SER L 233 45.65 17.57 32.48
CA SER L 233 45.66 19.05 32.46
C SER L 233 44.51 19.68 33.26
N ILE L 234 43.37 19.02 33.30
CA ILE L 234 42.26 19.47 34.16
C ILE L 234 42.69 19.71 35.64
N SER L 235 43.67 18.93 36.09
CA SER L 235 44.33 19.13 37.38
C SER L 235 45.41 20.24 37.38
N ARG L 236 46.27 20.24 36.36
CA ARG L 236 47.45 21.12 36.31
C ARG L 236 47.16 22.61 36.02
C1 EDO M . 1.19 3.70 -2.35
O1 EDO M . 1.89 2.48 -2.73
C2 EDO M . 1.87 4.96 -2.87
O2 EDO M . 1.10 5.56 -3.95
C1 EDO N . -9.55 15.53 13.96
O1 EDO N . -9.97 14.20 14.32
C2 EDO N . -10.74 16.48 13.82
O2 EDO N . -10.47 17.70 14.53
C1 EDO O . -7.74 -12.05 15.32
O1 EDO O . -8.23 -13.17 16.02
C2 EDO O . -8.44 -11.78 14.00
O2 EDO O . -8.56 -12.93 13.18
C1 EDO P . -7.68 -3.57 -10.80
O1 EDO P . -6.42 -4.18 -11.14
C2 EDO P . -8.06 -4.05 -9.44
O2 EDO P . -9.35 -4.65 -9.51
NA NA Q . 3.90 -28.70 18.08
C1 EOH R . 1.80 27.09 -9.04
C2 EOH R . 2.87 26.09 -8.67
O EOH R . 2.49 28.27 -9.56
C1 EDO S . -14.62 39.95 -9.88
O1 EDO S . -14.09 38.62 -9.81
C2 EDO S . -13.65 40.91 -10.60
O2 EDO S . -13.93 40.99 -12.01
C1 EDO T . 4.79 21.78 -15.67
O1 EDO T . 3.59 21.90 -16.41
C2 EDO T . 4.80 20.46 -14.90
O2 EDO T . 3.59 20.34 -14.17
P PO4 U . -1.84 27.36 2.63
O1 PO4 U . -0.93 28.06 3.60
O2 PO4 U . -1.22 26.00 2.34
O3 PO4 U . -3.19 27.15 3.29
O4 PO4 U . -2.01 28.23 1.40
NA NA V . -3.71 39.87 -11.62
C1 EDO W . -41.90 -33.85 -4.32
O1 EDO W . -41.90 -34.88 -3.31
C2 EDO W . -43.32 -33.39 -4.62
O2 EDO W . -43.77 -32.42 -3.67
C1 EDO X . -54.87 -23.66 -11.46
O1 EDO X . -54.21 -22.96 -10.42
C2 EDO X . -54.64 -22.86 -12.74
O2 EDO X . -53.42 -22.11 -12.63
C1 EDO Y . -10.77 -16.62 -9.57
O1 EDO Y . -10.37 -16.10 -10.84
C2 EDO Y . -9.97 -15.91 -8.49
O2 EDO Y . -10.81 -15.64 -7.35
P PO4 Z . 1.92 -22.23 1.11
O1 PO4 Z . 1.43 -20.97 1.79
O2 PO4 Z . 1.13 -23.38 1.76
O3 PO4 Z . 1.73 -22.20 -0.38
O4 PO4 Z . 3.40 -22.36 1.42
C1 EDO AA . 8.28 44.18 5.73
O1 EDO AA . 8.24 42.97 4.94
C2 EDO AA . 7.52 45.30 5.03
O2 EDO AA . 7.90 45.42 3.67
C1 EDO BA . 10.50 -9.07 -6.89
O1 EDO BA . 11.92 -8.91 -6.74
C2 EDO BA . 10.25 -10.57 -6.81
O2 EDO BA . 11.34 -11.21 -7.49
C1 EDO CA . 15.32 -12.71 -16.23
O1 EDO CA . 14.60 -12.10 -15.16
C2 EDO CA . 15.49 -14.17 -15.85
O2 EDO CA . 16.01 -14.84 -16.96
C1 EDO DA . 23.98 20.39 1.19
O1 EDO DA . 23.97 21.56 0.36
C2 EDO DA . 23.05 19.27 0.66
O2 EDO DA . 22.93 19.26 -0.77
C1 EDO EA . 21.93 24.42 6.65
O1 EDO EA . 20.67 24.64 7.32
C2 EDO EA . 21.65 24.07 5.18
O2 EDO EA . 22.49 24.82 4.28
P PO4 FA . 54.56 17.73 8.69
O1 PO4 FA . 53.05 17.68 8.78
O2 PO4 FA . 55.09 16.59 9.53
O3 PO4 FA . 54.96 17.62 7.23
O4 PO4 FA . 55.08 19.07 9.20
C1 EDO GA . 36.63 9.15 13.77
O1 EDO GA . 37.57 8.45 14.60
C2 EDO GA . 37.22 10.22 12.89
O2 EDO GA . 38.25 9.61 12.13
NA NA HA . 55.97 4.30 21.35
P PO4 IA . -11.92 26.06 16.46
O1 PO4 IA . -13.05 26.91 15.94
O2 PO4 IA . -12.18 25.76 17.93
O3 PO4 IA . -11.82 24.77 15.68
O4 PO4 IA . -10.61 26.78 16.32
C1 EOH JA . 63.71 -14.54 -9.34
C2 EOH JA . 62.40 -15.26 -9.12
O EOH JA . 63.53 -13.15 -9.63
C1 EDO KA . 55.72 4.18 -22.89
O1 EDO KA . 56.83 3.28 -23.00
C2 EDO KA . 56.17 5.48 -22.24
O2 EDO KA . 57.32 6.00 -22.92
C1 EDO LA . 65.39 1.65 3.59
O1 EDO LA . 66.40 1.51 4.60
C2 EDO LA . 65.84 2.66 2.55
O2 EDO LA . 66.02 3.93 3.17
C1 EDO MA . 44.36 19.10 -5.73
O1 EDO MA . 44.25 18.33 -6.92
C2 EDO MA . 42.94 19.48 -5.30
O2 EDO MA . 42.81 19.01 -3.97
C1 EDO NA . 62.62 22.89 -7.37
O1 EDO NA . 62.43 22.35 -8.68
C2 EDO NA . 62.95 21.79 -6.36
O2 EDO NA . 64.03 20.90 -6.72
C1 EDO OA . 59.66 6.87 8.28
O1 EDO OA . 59.21 5.53 8.54
C2 EDO OA . 59.20 7.23 6.88
O2 EDO OA . 59.79 6.37 5.88
C1 EDO PA . 57.50 -6.68 -19.47
O1 EDO PA . 56.23 -6.11 -19.20
C2 EDO PA . 57.51 -7.03 -20.94
O2 EDO PA . 57.94 -5.95 -21.76
C1 EDO QA . -33.58 -7.90 -2.66
O1 EDO QA . -32.18 -7.63 -2.51
C2 EDO QA . -34.41 -6.65 -2.46
O2 EDO QA . -35.26 -6.88 -1.34
C1 EDO RA . -36.76 -22.06 -19.95
O1 EDO RA . -37.92 -22.90 -19.93
C2 EDO RA . -36.67 -21.11 -21.14
O2 EDO RA . -37.17 -21.62 -22.36
C1 EDO SA . -53.90 -15.95 -1.18
O1 EDO SA . -54.26 -16.53 -2.45
C2 EDO SA . -53.39 -17.05 -0.23
O2 EDO SA . -52.49 -17.96 -0.87
C1 EDO TA . -45.76 -20.15 -19.59
O1 EDO TA . -45.53 -19.00 -20.42
C2 EDO TA . -45.28 -19.83 -18.17
O2 EDO TA . -43.95 -19.34 -18.20
NA NA UA . -55.65 -17.66 -29.15
C1 EDO VA . -22.98 -28.62 -6.17
O1 EDO VA . -22.43 -29.52 -5.18
C2 EDO VA . -23.42 -27.28 -5.58
O2 EDO VA . -24.20 -27.36 -4.36
C1 EDO WA . -37.78 -34.21 -5.97
O1 EDO WA . -37.00 -33.08 -6.38
C2 EDO WA . -38.09 -35.08 -7.17
O2 EDO WA . -39.07 -34.52 -8.08
C1 EDO XA . -72.67 2.63 5.20
O1 EDO XA . -73.51 3.40 4.33
C2 EDO XA . -73.07 1.16 5.20
O2 EDO XA . -73.92 0.80 4.09
C1 EDO YA . -63.27 -4.86 -14.67
O1 EDO YA . -62.35 -4.46 -15.67
C2 EDO YA . -62.54 -4.69 -13.37
O2 EDO YA . -61.39 -5.56 -13.43
C1 EDO ZA . -60.45 -13.59 -15.47
O1 EDO ZA . -61.14 -12.48 -14.87
C2 EDO ZA . -59.43 -13.09 -16.47
O2 EDO ZA . -60.12 -12.79 -17.68
C1 EDO AB . 60.68 18.30 18.70
O1 EDO AB . 61.33 19.39 19.35
C2 EDO AB . 60.61 17.13 19.65
O2 EDO AB . 59.31 17.17 20.22
C1 EDO BB . 62.94 23.14 26.19
O1 EDO BB . 62.24 22.28 27.10
C2 EDO BB . 62.09 24.31 25.77
O2 EDO BB . 61.00 23.84 24.96
#